data_3ABZ
#
_entry.id   3ABZ
#
_cell.length_a   245.678
_cell.length_b   148.639
_cell.length_c   119.779
_cell.angle_alpha   90.00
_cell.angle_beta   112.95
_cell.angle_gamma   90.00
#
_symmetry.space_group_name_H-M   'C 1 2 1'
#
loop_
_entity.id
_entity.type
_entity.pdbx_description
1 polymer 'Beta-glucosidase I'
2 non-polymer GLYCEROL
3 water water
#
_entity_poly.entity_id   1
_entity_poly.type   'polypeptide(L)'
_entity_poly.pdbx_seq_one_letter_code
;(MSE)SKFDVEQLLSELNQDEKISLLSAVDFWHTKKIERLGIPAVRVSDGPNGIRGTKFFDGVPSGCFPNGTGLASTFDR
DLLETAGKL(MSE)AKESIAKNAAVILGPTTN(MSE)QRGPLGGRGFESFSEDPYLAG(MSE)ATSSVVKG(MSE)QGEG
IAATVKHFVCNDLEDQRFSSNSIVSERALREIYLEPFRLAVKHANPVCI(MSE)TAYNKVNGEHCSQSKKLLIDILRDEW
KWDG(MSE)L(MSE)SDWFGTYTTAAAIKNGLDIEFPGPTRWRTRALVSHSLNSREQITTEDVDDRVRQVLK(MSE)IKF
VVDNLEKTGIVENGPESTSNNTKETSDLLRKIAADSIVLLKNKNNILPLKKEDNIIVIGPNAKAKTSSGGGSAS(MSE)N
SYYVVSPYEGIVNKLGKEVDYTVGAYSHKSIGGLAESSLIDAAKPADAENSGLIAKFYSNPVEERSDDEEPFHVTKVNRS
NVHLFDFKHEKVDPKNPYFFVTLTGQYVPQEDGDYIFSLQVYGSGLFYLNDELIIDQKHNQERGSFCFGAGTKERTKKLT
LKKGQVYNVRVEYGSGPTSGLVGEFGAGGFQAGVIKAIDDDEEIRNAAELAAKHDKAVLIIGLNGEWETEGYDREN
(MSE)DLPKRTNELVRAVLKANPNTVIVNQSGTPVEFPWLEDANALVQAWYGGNELGNAIADVLYGDVVPNGKLSLSWPF
KLQDNPAFLNFKTEFGRVIYGEDIFVGYRYYEKLQRKVAFPFGYGLSYTTFELDISDFKVTDDKIAISVDVKNTGDKFAG
SEVVQVYFSALNSKVSRPVKELKGFEKVHLEPGEKKTVNIDLELKDAISYFNEELGKWHVEAGEYLVSVGTSSDDILSVK
EFKVEKELYWKGL
;
_entity_poly.pdbx_strand_id   A,B,C,D
#
loop_
_chem_comp.id
_chem_comp.type
_chem_comp.name
_chem_comp.formula
GOL non-polymer GLYCEROL 'C3 H8 O3'
#
# COMPACT_ATOMS: atom_id res chain seq x y z
N SER A 2 19.32 40.99 -8.65
CA SER A 2 19.89 40.98 -10.02
C SER A 2 18.86 40.54 -11.07
N LYS A 3 19.30 40.45 -12.32
CA LYS A 3 18.48 40.08 -13.45
C LYS A 3 18.37 38.54 -13.66
N PHE A 4 19.13 37.75 -12.90
CA PHE A 4 18.96 36.28 -12.84
C PHE A 4 17.52 35.92 -12.61
N ASP A 5 16.90 35.31 -13.60
CA ASP A 5 15.45 35.13 -13.54
C ASP A 5 15.10 33.61 -13.58
N VAL A 6 14.55 33.12 -12.46
CA VAL A 6 14.41 31.66 -12.28
C VAL A 6 13.48 31.05 -13.33
N GLU A 7 12.31 31.66 -13.49
CA GLU A 7 11.32 31.10 -14.42
C GLU A 7 11.71 31.22 -15.90
N GLN A 8 12.34 32.34 -16.27
CA GLN A 8 12.79 32.49 -17.64
C GLN A 8 13.82 31.43 -17.90
N LEU A 9 14.73 31.21 -16.96
CA LEU A 9 15.82 30.26 -17.24
C LEU A 9 15.24 28.85 -17.33
N LEU A 10 14.30 28.53 -16.44
CA LEU A 10 13.64 27.22 -16.44
C LEU A 10 13.00 26.94 -17.80
N SER A 11 12.54 28.00 -18.46
CA SER A 11 11.77 27.87 -19.71
C SER A 11 12.72 27.74 -20.86
N GLU A 12 13.95 28.16 -20.64
CA GLU A 12 14.99 28.13 -21.67
C GLU A 12 15.90 26.89 -21.60
N LEU A 13 16.04 26.27 -20.43
CA LEU A 13 16.89 25.06 -20.29
C LEU A 13 16.34 23.91 -21.14
N ASN A 14 17.18 23.19 -21.87
CA ASN A 14 16.67 21.97 -22.49
C ASN A 14 16.69 20.83 -21.40
N GLN A 15 16.17 19.66 -21.74
CA GLN A 15 16.06 18.58 -20.78
C GLN A 15 17.41 18.05 -20.31
N ASP A 16 18.42 18.04 -21.16
CA ASP A 16 19.73 17.59 -20.71
C ASP A 16 20.38 18.58 -19.70
N GLU A 17 20.29 19.87 -19.96
CA GLU A 17 20.85 20.89 -19.07
C GLU A 17 20.13 20.80 -17.71
N LYS A 18 18.79 20.63 -17.74
CA LYS A 18 17.97 20.42 -16.56
C LYS A 18 18.45 19.20 -15.76
N ILE A 19 18.58 18.06 -16.42
CA ILE A 19 19.14 16.90 -15.69
C ILE A 19 20.51 17.25 -15.12
N SER A 20 21.33 17.98 -15.88
CA SER A 20 22.70 18.21 -15.44
C SER A 20 22.69 19.19 -14.22
N LEU A 21 21.60 19.92 -13.97
CA LEU A 21 21.54 20.76 -12.75
C LEU A 21 21.19 20.01 -11.47
N LEU A 22 20.65 18.79 -11.59
CA LEU A 22 20.22 17.95 -10.43
C LEU A 22 21.36 17.20 -9.72
N SER A 23 22.59 17.38 -10.18
CA SER A 23 23.75 16.76 -9.51
C SER A 23 24.96 17.71 -9.55
N ALA A 24 25.80 17.64 -8.51
CA ALA A 24 27.08 18.37 -8.52
C ALA A 24 27.95 17.82 -9.65
N VAL A 25 28.85 18.63 -10.15
CA VAL A 25 29.91 18.27 -11.06
C VAL A 25 31.08 17.50 -10.44
N ASP A 26 31.47 17.90 -9.26
CA ASP A 26 32.60 17.39 -8.55
C ASP A 26 32.26 17.40 -7.06
N PHE A 27 33.25 17.28 -6.20
CA PHE A 27 32.95 17.30 -4.78
C PHE A 27 32.29 18.56 -4.25
N TRP A 28 32.44 19.70 -4.89
CA TRP A 28 32.16 20.96 -4.25
C TRP A 28 31.46 21.99 -5.11
N HIS A 29 31.16 21.66 -6.39
CA HIS A 29 30.66 22.67 -7.35
C HIS A 29 29.43 22.23 -8.11
N THR A 30 28.48 23.14 -8.28
CA THR A 30 27.32 22.86 -9.15
C THR A 30 27.69 23.07 -10.63
N LYS A 31 26.74 22.69 -11.49
CA LYS A 31 26.90 22.74 -12.93
C LYS A 31 26.80 24.14 -13.53
N LYS A 32 27.89 24.58 -14.18
CA LYS A 32 27.86 25.81 -15.00
C LYS A 32 27.04 25.59 -16.26
N ILE A 33 26.16 26.52 -16.63
CA ILE A 33 25.54 26.46 -17.96
C ILE A 33 25.86 27.80 -18.67
N GLU A 34 26.94 27.83 -19.44
CA GLU A 34 27.46 29.06 -20.01
C GLU A 34 26.46 29.79 -20.91
N ARG A 35 25.82 29.11 -21.85
CA ARG A 35 24.93 29.84 -22.77
C ARG A 35 23.80 30.61 -22.09
N LEU A 36 23.55 30.34 -20.81
CA LEU A 36 22.45 31.00 -20.15
C LEU A 36 22.93 31.87 -18.99
N GLY A 37 24.26 31.98 -18.82
CA GLY A 37 24.80 32.68 -17.69
C GLY A 37 24.61 32.15 -16.30
N ILE A 38 24.39 30.83 -16.17
CA ILE A 38 24.30 30.17 -14.86
C ILE A 38 25.73 29.76 -14.46
N PRO A 39 26.28 30.37 -13.40
CA PRO A 39 27.63 30.02 -13.00
C PRO A 39 27.61 28.72 -12.19
N ALA A 40 28.75 28.03 -12.13
CA ALA A 40 28.98 26.96 -11.19
C ALA A 40 29.07 27.59 -9.80
N VAL A 41 28.39 27.01 -8.81
CA VAL A 41 28.46 27.55 -7.43
C VAL A 41 29.37 26.67 -6.60
N ARG A 42 30.26 27.26 -5.83
CA ARG A 42 31.13 26.47 -4.89
C ARG A 42 30.52 26.42 -3.50
N VAL A 43 30.44 25.22 -2.89
CA VAL A 43 30.01 25.08 -1.54
C VAL A 43 31.19 24.59 -0.75
N SER A 44 31.20 24.85 0.57
CA SER A 44 32.32 24.29 1.39
C SER A 44 31.87 23.90 2.80
N ASP A 45 32.39 22.83 3.34
CA ASP A 45 32.32 22.55 4.74
C ASP A 45 32.99 23.70 5.46
N GLY A 46 32.61 24.01 6.69
CA GLY A 46 31.60 23.26 7.43
C GLY A 46 31.05 24.13 8.53
N PRO A 47 30.69 23.53 9.68
CA PRO A 47 29.92 24.34 10.67
C PRO A 47 30.80 25.07 11.70
N ASN A 48 32.09 24.79 11.70
CA ASN A 48 32.96 25.49 12.59
C ASN A 48 34.19 26.01 11.84
N GLY A 49 33.95 26.60 10.66
CA GLY A 49 35.03 27.12 9.81
C GLY A 49 35.09 26.48 8.44
N ILE A 50 35.73 27.18 7.49
CA ILE A 50 35.64 26.81 6.07
C ILE A 50 36.90 26.09 5.59
N ARG A 51 36.79 24.80 5.23
CA ARG A 51 37.95 24.07 4.79
C ARG A 51 38.35 24.46 3.38
N GLY A 52 37.35 24.68 2.53
CA GLY A 52 37.59 24.86 1.10
C GLY A 52 37.59 23.60 0.29
N THR A 53 38.21 23.66 -0.90
CA THR A 53 38.02 22.62 -1.89
C THR A 53 38.85 21.32 -1.75
N LYS A 54 39.68 21.24 -0.73
CA LYS A 54 40.42 20.01 -0.53
C LYS A 54 40.84 19.76 0.86
N PHE A 55 40.97 18.48 1.13
CA PHE A 55 41.45 18.05 2.41
C PHE A 55 43.01 18.06 2.28
N PHE A 56 43.54 17.24 1.39
CA PHE A 56 45.01 17.13 1.25
C PHE A 56 45.57 18.41 0.64
N ASP A 57 46.61 18.95 1.27
CA ASP A 57 47.26 20.20 0.76
C ASP A 57 46.30 21.40 0.73
N GLY A 58 45.29 21.40 1.60
CA GLY A 58 44.31 22.48 1.64
C GLY A 58 44.89 23.79 2.17
N VAL A 59 44.24 24.86 1.76
CA VAL A 59 44.58 26.20 2.15
C VAL A 59 44.18 26.40 3.61
N PRO A 60 45.14 26.93 4.43
CA PRO A 60 44.85 27.14 5.86
C PRO A 60 43.61 28.03 6.05
N SER A 61 42.95 27.92 7.22
CA SER A 61 41.70 28.62 7.42
C SER A 61 41.50 28.89 8.87
N GLY A 62 40.40 29.56 9.20
CA GLY A 62 40.13 29.81 10.62
C GLY A 62 39.13 28.82 11.23
N CYS A 63 39.61 28.00 12.15
CA CYS A 63 38.80 26.99 12.81
C CYS A 63 38.14 27.60 14.02
N PHE A 64 36.82 27.46 14.15
CA PHE A 64 36.09 28.00 15.29
C PHE A 64 35.98 26.91 16.30
N PRO A 65 35.51 27.25 17.50
CA PRO A 65 35.19 26.21 18.45
C PRO A 65 34.10 25.32 17.89
N ASN A 66 34.09 24.07 18.36
CA ASN A 66 33.07 23.10 17.94
C ASN A 66 31.68 23.48 18.50
N GLY A 67 30.66 22.99 17.81
CA GLY A 67 29.28 23.31 18.11
C GLY A 67 28.79 23.21 19.56
N THR A 68 29.13 22.16 20.30
CA THR A 68 28.60 22.11 21.64
C THR A 68 29.30 23.22 22.51
N GLY A 69 30.51 23.63 22.13
CA GLY A 69 31.22 24.79 22.70
C GLY A 69 30.56 26.10 22.34
N LEU A 70 30.35 26.31 21.04
CA LEU A 70 29.54 27.43 20.62
C LEU A 70 28.24 27.59 21.36
N ALA A 71 27.47 26.50 21.56
CA ALA A 71 26.10 26.70 22.09
C ALA A 71 26.22 27.00 23.58
N SER A 72 27.33 26.60 24.17
CA SER A 72 27.54 26.74 25.61
C SER A 72 27.76 28.24 25.94
N THR A 73 28.05 29.07 24.91
CA THR A 73 28.11 30.54 25.11
C THR A 73 26.73 31.05 25.49
N PHE A 74 25.70 30.32 25.09
CA PHE A 74 24.30 30.81 25.25
C PHE A 74 24.19 32.28 24.83
N ASP A 75 24.87 32.65 23.76
CA ASP A 75 24.94 34.07 23.37
C ASP A 75 24.61 34.22 21.91
N ARG A 76 23.36 34.52 21.61
CA ARG A 76 22.89 34.75 20.22
C ARG A 76 23.62 35.83 19.47
N ASP A 77 23.94 36.97 20.14
CA ASP A 77 24.62 38.05 19.42
C ASP A 77 25.99 37.60 19.01
N LEU A 78 26.71 37.00 19.94
CA LEU A 78 28.02 36.46 19.63
C LEU A 78 27.94 35.33 18.56
N LEU A 79 26.94 34.48 18.62
CA LEU A 79 26.80 33.40 17.61
C LEU A 79 26.51 33.97 16.22
N GLU A 80 25.75 35.04 16.17
CA GLU A 80 25.51 35.74 14.93
C GLU A 80 26.79 36.42 14.39
N THR A 81 27.56 36.99 15.31
CA THR A 81 28.88 37.55 14.98
C THR A 81 29.76 36.42 14.44
N ALA A 82 29.73 35.26 15.09
CA ALA A 82 30.49 34.08 14.56
C ALA A 82 30.03 33.71 13.14
N GLY A 83 28.74 33.76 12.85
CA GLY A 83 28.28 33.41 11.49
C GLY A 83 28.80 34.41 10.45
N LYS A 84 28.85 35.71 10.82
CA LYS A 84 29.45 36.73 9.93
C LYS A 84 30.91 36.46 9.62
N LEU A 85 31.67 36.10 10.65
CA LEU A 85 33.06 35.82 10.44
C LEU A 85 33.24 34.58 9.55
N MSE A 86 32.30 33.62 9.68
CA MSE A 86 32.36 32.38 8.87
C MSE A 86 32.07 32.73 7.44
O MSE A 86 32.70 32.23 6.53
CB MSE A 86 31.32 31.36 9.38
CG MSE A 86 31.57 30.85 10.80
SE MSE A 86 30.08 29.67 11.40
CE MSE A 86 30.86 28.98 13.02
N ALA A 87 31.14 33.66 7.26
CA ALA A 87 30.91 34.19 5.92
C ALA A 87 32.17 34.88 5.35
N LYS A 88 32.87 35.65 6.16
CA LYS A 88 34.09 36.31 5.67
C LYS A 88 35.13 35.29 5.34
N GLU A 89 35.21 34.24 6.17
CA GLU A 89 36.10 33.11 5.91
C GLU A 89 35.77 32.38 4.59
N SER A 90 34.48 32.27 4.30
CA SER A 90 34.01 31.55 3.15
C SER A 90 34.34 32.37 1.92
N ILE A 91 34.14 33.67 2.01
CA ILE A 91 34.45 34.56 0.87
C ILE A 91 35.93 34.46 0.52
N ALA A 92 36.79 34.36 1.52
CA ALA A 92 38.22 34.16 1.23
C ALA A 92 38.55 32.83 0.47
N LYS A 93 37.70 31.80 0.66
CA LYS A 93 37.87 30.52 -0.06
C LYS A 93 37.04 30.57 -1.34
N ASN A 94 36.45 31.74 -1.63
CA ASN A 94 35.51 31.89 -2.75
C ASN A 94 34.36 30.83 -2.74
N ALA A 95 33.94 30.42 -1.55
CA ALA A 95 32.75 29.55 -1.41
C ALA A 95 31.49 30.35 -1.09
N ALA A 96 30.48 30.18 -1.94
CA ALA A 96 29.27 30.97 -1.88
C ALA A 96 28.25 30.37 -0.93
N VAL A 97 28.50 29.11 -0.55
CA VAL A 97 27.55 28.36 0.27
C VAL A 97 28.34 27.65 1.35
N ILE A 98 27.96 27.80 2.56
CA ILE A 98 28.60 27.00 3.61
C ILE A 98 27.80 25.75 4.01
N LEU A 99 28.51 24.63 4.20
CA LEU A 99 27.82 23.40 4.61
C LEU A 99 27.71 23.31 6.11
N GLY A 100 26.81 24.13 6.65
CA GLY A 100 26.54 24.13 8.10
C GLY A 100 25.63 25.31 8.40
N PRO A 101 25.18 25.42 9.66
CA PRO A 101 25.54 24.67 10.85
C PRO A 101 24.95 23.21 10.94
N THR A 102 25.47 22.43 11.87
CA THR A 102 25.00 21.09 12.10
C THR A 102 24.15 21.11 13.34
N THR A 103 22.97 20.51 13.27
CA THR A 103 22.13 20.52 14.48
C THR A 103 21.29 19.18 14.62
N ASN A 104 21.97 18.04 14.48
CA ASN A 104 21.46 16.77 15.04
C ASN A 104 21.49 16.82 16.55
N MSE A 105 20.91 15.82 17.24
CA MSE A 105 20.67 15.96 18.68
C MSE A 105 21.44 14.86 19.42
O MSE A 105 21.39 13.66 19.02
CB MSE A 105 19.16 15.83 18.99
CG MSE A 105 18.27 16.84 18.20
SE MSE A 105 18.95 18.74 18.55
CE MSE A 105 17.86 19.04 20.13
N GLN A 106 22.12 15.24 20.51
CA GLN A 106 22.80 14.27 21.34
C GLN A 106 21.85 13.57 22.30
N ARG A 107 21.08 12.63 21.76
CA ARG A 107 20.11 11.93 22.55
C ARG A 107 20.86 11.02 23.51
N GLY A 108 22.04 10.58 23.13
CA GLY A 108 22.94 9.94 24.07
C GLY A 108 24.29 10.66 23.94
N PRO A 109 25.22 10.48 24.88
CA PRO A 109 26.48 11.21 24.77
C PRO A 109 27.56 10.67 23.79
N LEU A 110 27.40 9.44 23.27
CA LEU A 110 28.50 8.72 22.57
C LEU A 110 28.61 8.94 21.08
N GLY A 111 27.75 9.78 20.54
CA GLY A 111 27.76 9.99 19.10
C GLY A 111 29.03 10.54 18.57
N GLY A 112 29.47 10.00 17.45
CA GLY A 112 30.79 10.42 16.91
C GLY A 112 30.76 11.86 16.47
N ARG A 113 29.59 12.34 16.04
CA ARG A 113 29.42 13.77 15.66
C ARG A 113 28.70 14.59 16.76
N GLY A 114 28.62 14.06 17.96
CA GLY A 114 28.03 14.83 19.08
C GLY A 114 28.72 16.20 19.29
N PHE A 115 30.06 16.25 19.10
CA PHE A 115 30.81 17.50 19.26
C PHE A 115 30.32 18.56 18.30
N GLU A 116 29.78 18.13 17.16
CA GLU A 116 29.63 19.01 16.00
C GLU A 116 28.32 19.79 16.06
N SER A 117 27.33 19.21 16.68
CA SER A 117 26.02 19.85 16.71
C SER A 117 26.00 20.76 17.96
N PHE A 118 24.85 21.34 18.27
CA PHE A 118 24.84 22.38 19.30
C PHE A 118 24.44 21.90 20.71
N SER A 119 23.32 21.15 20.82
CA SER A 119 22.70 20.93 22.11
C SER A 119 21.63 19.87 22.14
N GLU A 120 21.54 19.15 23.24
CA GLU A 120 20.41 18.21 23.53
C GLU A 120 19.07 18.93 23.69
N ASP A 121 19.13 20.25 23.93
CA ASP A 121 17.92 21.05 24.06
C ASP A 121 17.49 21.67 22.73
N PRO A 122 16.26 21.41 22.29
CA PRO A 122 15.91 21.82 20.92
C PRO A 122 15.79 23.33 20.74
N TYR A 123 15.44 24.04 21.80
CA TYR A 123 15.38 25.50 21.76
C TYR A 123 16.79 26.08 21.70
N LEU A 124 17.73 25.64 22.53
CA LEU A 124 19.05 26.19 22.45
C LEU A 124 19.62 25.82 21.08
N ALA A 125 19.34 24.57 20.63
CA ALA A 125 19.93 24.16 19.33
C ALA A 125 19.32 25.03 18.22
N GLY A 126 18.01 25.24 18.24
CA GLY A 126 17.39 26.01 17.18
C GLY A 126 17.82 27.48 17.14
N MSE A 127 17.97 28.12 18.29
CA MSE A 127 18.37 29.54 18.35
C MSE A 127 19.86 29.66 18.04
O MSE A 127 20.29 30.63 17.43
CB MSE A 127 18.10 30.08 19.78
CG MSE A 127 16.60 30.23 20.16
SE MSE A 127 15.41 30.80 18.66
CE MSE A 127 16.05 32.65 18.77
N ALA A 128 20.70 28.70 18.45
CA ALA A 128 22.06 28.79 17.96
C ALA A 128 22.15 28.65 16.44
N THR A 129 21.44 27.64 15.91
CA THR A 129 21.44 27.49 14.43
C THR A 129 20.93 28.77 13.79
N SER A 130 19.80 29.28 14.27
CA SER A 130 19.24 30.48 13.68
C SER A 130 20.21 31.72 13.72
N SER A 131 20.94 31.90 14.84
CA SER A 131 21.93 33.00 14.98
C SER A 131 23.11 32.82 14.04
N VAL A 132 23.64 31.59 13.97
CA VAL A 132 24.70 31.35 12.99
C VAL A 132 24.22 31.65 11.54
N VAL A 133 23.07 31.08 11.14
CA VAL A 133 22.51 31.34 9.78
C VAL A 133 22.30 32.84 9.42
N LYS A 134 21.68 33.59 10.34
CA LYS A 134 21.54 35.05 10.20
C LYS A 134 22.87 35.75 9.94
N GLY A 135 23.91 35.35 10.66
CA GLY A 135 25.24 35.93 10.55
C GLY A 135 25.85 35.66 9.18
N MSE A 136 25.85 34.40 8.73
CA MSE A 136 26.28 34.05 7.38
C MSE A 136 25.47 34.74 6.31
O MSE A 136 26.02 35.33 5.38
CB MSE A 136 26.11 32.52 7.18
CG MSE A 136 26.94 31.68 8.17
SE MSE A 136 26.27 29.74 7.89
CE MSE A 136 27.79 28.91 8.72
N GLN A 137 24.16 34.65 6.42
CA GLN A 137 23.33 35.11 5.32
C GLN A 137 23.21 36.67 5.21
N GLY A 138 23.32 37.35 6.37
CA GLY A 138 23.42 38.84 6.40
C GLY A 138 24.63 39.25 5.60
N GLU A 139 25.69 38.41 5.53
CA GLU A 139 26.83 38.80 4.68
C GLU A 139 26.66 38.37 3.19
N GLY A 140 25.53 37.78 2.79
CA GLY A 140 25.38 37.34 1.40
C GLY A 140 25.80 35.90 1.13
N ILE A 141 26.17 35.17 2.18
CA ILE A 141 26.65 33.77 2.03
C ILE A 141 25.57 32.77 2.52
N ALA A 142 25.22 31.81 1.67
CA ALA A 142 24.11 30.85 1.92
C ALA A 142 24.51 29.84 3.02
N ALA A 143 23.61 29.58 3.98
CA ALA A 143 23.87 28.51 4.99
C ALA A 143 23.26 27.21 4.47
N THR A 144 23.65 26.07 5.08
CA THR A 144 23.05 24.74 4.77
C THR A 144 22.88 24.05 6.12
N VAL A 145 21.71 24.15 6.71
CA VAL A 145 21.51 23.46 7.97
C VAL A 145 21.45 21.94 7.71
N LYS A 146 22.20 21.16 8.49
CA LYS A 146 22.30 19.69 8.26
C LYS A 146 22.24 18.99 9.64
N HIS A 147 21.98 17.67 9.69
CA HIS A 147 21.55 16.84 8.60
C HIS A 147 20.08 16.48 8.84
N PHE A 148 19.24 16.74 7.84
CA PHE A 148 17.79 16.59 8.05
C PHE A 148 17.35 15.12 7.73
N VAL A 149 16.98 14.29 8.70
CA VAL A 149 16.92 14.55 10.12
C VAL A 149 17.20 13.21 10.82
N CYS A 150 17.49 13.29 12.13
CA CYS A 150 17.69 12.14 12.96
C CYS A 150 18.92 11.34 12.64
N ASN A 151 19.96 12.03 12.15
CA ASN A 151 21.31 11.43 12.05
C ASN A 151 22.00 11.64 13.39
N ASP A 152 21.52 10.93 14.40
CA ASP A 152 21.92 11.16 15.77
C ASP A 152 22.97 10.14 16.29
N LEU A 153 23.49 9.28 15.39
CA LEU A 153 24.69 8.49 15.67
C LEU A 153 25.29 8.08 14.35
N GLU A 154 26.54 7.65 14.39
CA GLU A 154 27.33 7.33 13.15
C GLU A 154 27.31 5.86 12.78
N ASP A 155 27.08 4.98 13.75
CA ASP A 155 27.09 3.52 13.45
C ASP A 155 26.14 3.19 12.29
N GLN A 156 26.72 2.75 11.18
CA GLN A 156 25.96 2.28 10.01
C GLN A 156 24.98 3.36 9.46
N ARG A 157 25.41 4.63 9.50
CA ARG A 157 24.55 5.77 9.20
C ARG A 157 23.97 5.70 7.83
N PHE A 158 24.64 5.09 6.84
CA PHE A 158 24.06 5.02 5.49
C PHE A 158 22.80 4.12 5.41
N SER A 159 22.64 3.19 6.36
CA SER A 159 21.45 2.30 6.35
C SER A 159 20.61 2.38 7.62
N SER A 160 21.09 3.09 8.66
CA SER A 160 20.51 3.12 9.97
C SER A 160 19.08 3.68 9.98
N ASN A 161 18.11 2.91 10.50
CA ASN A 161 16.73 3.35 10.54
C ASN A 161 16.37 3.95 11.91
N SER A 162 16.26 5.28 11.99
CA SER A 162 15.85 5.91 13.24
C SER A 162 14.31 5.76 13.42
N ILE A 163 13.91 5.00 14.42
CA ILE A 163 12.53 4.71 14.68
C ILE A 163 12.07 5.59 15.84
N VAL A 164 11.23 6.54 15.52
CA VAL A 164 10.97 7.66 16.43
C VAL A 164 9.49 8.04 16.28
N SER A 165 8.82 8.33 17.39
CA SER A 165 7.36 8.69 17.33
C SER A 165 7.28 10.08 16.69
N GLU A 166 6.11 10.41 16.16
CA GLU A 166 5.88 11.73 15.64
C GLU A 166 6.02 12.81 16.71
N ARG A 167 5.61 12.56 17.94
CA ARG A 167 5.77 13.57 18.99
C ARG A 167 7.24 13.94 19.21
N ALA A 168 8.09 12.92 19.37
CA ALA A 168 9.52 13.14 19.70
C ALA A 168 10.19 13.72 18.43
N LEU A 169 9.80 13.20 17.24
CA LEU A 169 10.32 13.72 15.95
C LEU A 169 10.04 15.24 15.95
N ARG A 170 8.82 15.62 16.31
CA ARG A 170 8.41 16.99 16.24
C ARG A 170 9.03 17.85 17.36
N GLU A 171 9.00 17.42 18.63
CA GLU A 171 9.48 18.26 19.76
C GLU A 171 10.95 18.35 19.90
N ILE A 172 11.67 17.33 19.42
CA ILE A 172 13.12 17.30 19.68
C ILE A 172 13.98 17.46 18.41
N TYR A 173 13.69 16.67 17.36
CA TYR A 173 14.59 16.48 16.26
C TYR A 173 14.28 17.47 15.14
N LEU A 174 13.01 17.60 14.77
CA LEU A 174 12.63 18.56 13.72
C LEU A 174 12.72 20.00 14.27
N GLU A 175 12.60 20.14 15.58
CA GLU A 175 12.37 21.47 16.18
C GLU A 175 13.51 22.48 15.91
N PRO A 176 14.79 22.06 15.99
CA PRO A 176 15.81 23.10 15.68
C PRO A 176 15.80 23.56 14.23
N PHE A 177 15.30 22.69 13.33
CA PHE A 177 15.11 23.04 11.90
C PHE A 177 13.88 23.92 11.76
N ARG A 178 12.76 23.58 12.41
CA ARG A 178 11.60 24.53 12.37
C ARG A 178 12.03 25.96 12.84
N LEU A 179 12.77 26.01 13.93
CA LEU A 179 13.20 27.32 14.47
C LEU A 179 14.11 28.04 13.49
N ALA A 180 15.10 27.33 12.93
CA ALA A 180 15.97 27.94 11.91
C ALA A 180 15.19 28.43 10.70
N VAL A 181 14.31 27.61 10.21
CA VAL A 181 13.48 28.00 9.09
C VAL A 181 12.64 29.26 9.46
N LYS A 182 11.96 29.22 10.60
CA LYS A 182 11.11 30.31 11.07
C LYS A 182 11.85 31.66 11.22
N HIS A 183 13.02 31.65 11.85
CA HIS A 183 13.75 32.85 12.22
C HIS A 183 14.85 33.27 11.23
N ALA A 184 15.42 32.31 10.49
CA ALA A 184 16.57 32.62 9.64
C ALA A 184 16.43 32.21 8.17
N ASN A 185 15.52 31.33 7.82
CA ASN A 185 15.31 31.02 6.39
C ASN A 185 16.60 30.62 5.68
N PRO A 186 17.23 29.52 6.09
CA PRO A 186 18.46 29.15 5.39
C PRO A 186 18.19 28.89 3.90
N VAL A 187 19.17 29.22 3.07
CA VAL A 187 19.07 29.02 1.66
C VAL A 187 19.02 27.55 1.30
N CYS A 188 19.77 26.74 2.06
CA CYS A 188 19.91 25.28 1.78
C CYS A 188 19.67 24.44 3.04
N ILE A 189 19.30 23.18 2.84
CA ILE A 189 19.27 22.21 3.91
C ILE A 189 19.86 20.94 3.32
N MSE A 190 20.65 20.22 4.11
CA MSE A 190 21.21 18.97 3.60
C MSE A 190 20.49 17.82 4.30
O MSE A 190 20.34 17.82 5.53
CB MSE A 190 22.69 18.92 3.93
CG MSE A 190 23.43 17.58 3.46
SE MSE A 190 25.28 17.46 4.09
CE MSE A 190 26.01 19.17 3.52
N THR A 191 20.11 16.82 3.53
CA THR A 191 19.44 15.65 4.05
C THR A 191 20.42 14.74 4.72
N ALA A 192 19.92 13.92 5.67
CA ALA A 192 20.79 12.97 6.38
C ALA A 192 21.08 11.71 5.56
N TYR A 193 22.08 10.95 5.98
CA TYR A 193 22.34 9.64 5.40
C TYR A 193 21.34 8.56 5.77
N ASN A 194 20.83 8.65 7.01
CA ASN A 194 20.00 7.61 7.59
C ASN A 194 18.56 7.54 7.08
N LYS A 195 17.82 6.53 7.56
CA LYS A 195 16.39 6.49 7.36
C LYS A 195 15.68 7.05 8.59
N VAL A 196 14.42 7.49 8.39
CA VAL A 196 13.54 7.78 9.54
C VAL A 196 12.28 6.93 9.32
N ASN A 197 11.94 6.09 10.30
CA ASN A 197 10.75 5.21 10.22
C ASN A 197 10.69 4.47 8.94
N GLY A 198 11.82 3.93 8.50
CA GLY A 198 11.86 3.06 7.34
C GLY A 198 12.18 3.69 6.02
N GLU A 199 12.23 5.00 5.93
CA GLU A 199 12.52 5.59 4.61
C GLU A 199 13.78 6.48 4.66
N HIS A 200 14.71 6.30 3.75
CA HIS A 200 15.87 7.21 3.64
C HIS A 200 15.38 8.65 3.58
N CYS A 201 15.88 9.53 4.45
CA CYS A 201 15.54 10.97 4.42
C CYS A 201 15.68 11.56 3.07
N SER A 202 16.72 11.14 2.33
CA SER A 202 17.00 11.78 1.03
C SER A 202 15.94 11.39 -0.06
N GLN A 203 14.98 10.51 0.27
CA GLN A 203 13.86 10.28 -0.66
C GLN A 203 12.51 10.21 0.09
N SER A 204 12.42 10.95 1.19
CA SER A 204 11.22 10.80 2.02
C SER A 204 10.25 11.91 1.69
N LYS A 205 9.16 11.57 1.02
CA LYS A 205 8.18 12.62 0.69
C LYS A 205 7.68 13.34 1.92
N LYS A 206 7.45 12.60 2.98
CA LYS A 206 6.99 13.22 4.25
C LYS A 206 7.94 14.32 4.76
N LEU A 207 9.25 14.03 4.81
CA LEU A 207 10.20 15.00 5.31
C LEU A 207 10.37 16.12 4.29
N LEU A 208 10.68 15.77 3.02
CA LEU A 208 11.19 16.74 2.03
C LEU A 208 10.12 17.63 1.43
N ILE A 209 8.88 17.14 1.44
CA ILE A 209 7.79 17.84 0.75
C ILE A 209 6.69 18.13 1.71
N ASP A 210 6.05 17.11 2.30
CA ASP A 210 4.93 17.39 3.22
C ASP A 210 5.30 18.37 4.36
N ILE A 211 6.40 18.13 5.05
CA ILE A 211 6.74 19.05 6.16
C ILE A 211 7.42 20.33 5.57
N LEU A 212 8.58 20.14 4.91
CA LEU A 212 9.37 21.31 4.48
C LEU A 212 8.61 22.22 3.57
N ARG A 213 7.87 21.66 2.61
CA ARG A 213 7.29 22.49 1.61
C ARG A 213 5.84 22.81 1.99
N ASP A 214 4.98 21.81 2.08
CA ASP A 214 3.54 22.09 2.22
C ASP A 214 3.21 22.68 3.59
N GLU A 215 3.86 22.17 4.66
CA GLU A 215 3.59 22.69 6.01
C GLU A 215 4.33 23.97 6.35
N TRP A 216 5.64 23.97 6.17
CA TRP A 216 6.45 25.07 6.62
C TRP A 216 6.64 26.16 5.54
N LYS A 217 6.33 25.85 4.27
CA LYS A 217 6.49 26.79 3.12
C LYS A 217 7.94 27.23 2.92
N TRP A 218 8.89 26.38 3.30
CA TRP A 218 10.26 26.78 3.12
C TRP A 218 10.58 26.61 1.64
N ASP A 219 11.34 27.55 1.09
CA ASP A 219 11.56 27.60 -0.37
C ASP A 219 13.01 27.50 -0.76
N GLY A 220 13.85 26.91 0.09
CA GLY A 220 15.29 26.81 -0.19
C GLY A 220 15.57 25.49 -0.97
N MSE A 221 16.85 25.09 -1.05
CA MSE A 221 17.22 23.95 -1.85
C MSE A 221 17.69 22.79 -0.95
O MSE A 221 18.52 22.99 -0.05
CB MSE A 221 18.39 24.36 -2.72
CG MSE A 221 18.77 23.29 -3.74
SE MSE A 221 20.52 23.65 -4.59
CE MSE A 221 21.69 23.19 -3.07
N LEU A 222 17.25 21.57 -1.25
CA LEU A 222 17.76 20.38 -0.53
C LEU A 222 18.90 19.71 -1.27
N MSE A 223 19.99 19.46 -0.59
CA MSE A 223 21.05 18.69 -1.22
C MSE A 223 21.25 17.43 -0.43
O MSE A 223 20.96 17.37 0.74
CB MSE A 223 22.38 19.51 -1.24
CG MSE A 223 22.85 19.88 0.18
SE MSE A 223 24.65 20.77 0.01
CE MSE A 223 23.98 22.55 -0.42
N SER A 224 21.79 16.41 -1.06
CA SER A 224 21.99 15.17 -0.35
C SER A 224 23.21 15.36 0.46
N ASP A 225 23.38 14.55 1.51
CA ASP A 225 24.70 14.30 2.06
C ASP A 225 25.58 13.56 0.99
N TRP A 226 26.89 13.55 1.19
CA TRP A 226 27.77 13.12 0.10
C TRP A 226 27.68 11.60 -0.18
N PHE A 227 27.17 11.25 -1.35
CA PHE A 227 26.78 9.87 -1.67
C PHE A 227 25.49 9.47 -1.03
N GLY A 228 24.86 10.39 -0.28
CA GLY A 228 23.63 10.09 0.45
C GLY A 228 22.33 10.02 -0.37
N THR A 229 22.41 9.40 -1.55
CA THR A 229 21.29 9.29 -2.50
C THR A 229 21.23 7.81 -2.84
N TYR A 230 20.01 7.26 -2.90
CA TYR A 230 19.89 5.81 -2.93
C TYR A 230 19.01 5.26 -4.03
N THR A 231 18.35 6.13 -4.80
CA THR A 231 17.58 5.74 -5.99
C THR A 231 17.74 6.81 -7.06
N THR A 232 17.28 6.50 -8.28
CA THR A 232 17.18 7.48 -9.32
C THR A 232 15.84 8.23 -9.25
N ALA A 233 14.73 7.53 -9.31
CA ALA A 233 13.48 8.29 -9.54
C ALA A 233 12.82 8.71 -8.22
N ALA A 234 12.80 7.88 -7.21
CA ALA A 234 12.07 8.26 -5.98
C ALA A 234 12.67 9.52 -5.32
N ALA A 235 14.00 9.64 -5.26
CA ALA A 235 14.68 10.85 -4.67
C ALA A 235 14.25 12.08 -5.49
N ILE A 236 14.16 11.92 -6.80
CA ILE A 236 13.70 13.05 -7.63
C ILE A 236 12.18 13.36 -7.42
N LYS A 237 11.35 12.33 -7.36
CA LYS A 237 9.91 12.52 -7.13
C LYS A 237 9.65 13.14 -5.74
N ASN A 238 10.40 12.68 -4.75
CA ASN A 238 10.07 12.85 -3.35
C ASN A 238 10.76 14.08 -2.73
N GLY A 239 11.43 14.88 -3.57
CA GLY A 239 11.82 16.22 -3.16
C GLY A 239 13.29 16.49 -3.01
N LEU A 240 14.19 15.57 -3.42
CA LEU A 240 15.63 15.85 -3.28
C LEU A 240 16.16 16.70 -4.44
N ASP A 241 16.51 17.98 -4.19
CA ASP A 241 16.80 18.84 -5.36
C ASP A 241 18.15 18.51 -6.02
N ILE A 242 19.20 18.29 -5.22
CA ILE A 242 20.49 18.04 -5.85
C ILE A 242 21.29 16.96 -5.14
N GLU A 243 21.92 16.10 -5.94
CA GLU A 243 22.79 15.01 -5.50
C GLU A 243 24.29 15.47 -5.51
N PHE A 244 24.98 15.29 -4.37
CA PHE A 244 26.43 15.58 -4.24
C PHE A 244 27.08 14.27 -3.85
N PRO A 245 28.36 14.04 -4.23
CA PRO A 245 29.22 14.85 -5.07
C PRO A 245 28.98 14.41 -6.52
N GLY A 246 29.56 15.14 -7.47
CA GLY A 246 29.69 14.64 -8.82
C GLY A 246 31.01 13.84 -8.92
N PRO A 247 31.17 13.03 -9.97
CA PRO A 247 30.18 12.83 -11.04
C PRO A 247 28.96 12.02 -10.51
N THR A 248 27.78 12.39 -10.98
CA THR A 248 26.55 11.76 -10.58
C THR A 248 26.64 10.24 -10.72
N ARG A 249 26.09 9.53 -9.75
CA ARG A 249 25.76 8.09 -9.85
C ARG A 249 24.30 7.87 -10.23
N TRP A 250 23.37 8.53 -9.55
CA TRP A 250 21.97 8.17 -9.64
C TRP A 250 21.27 8.95 -10.70
N ARG A 251 21.92 10.00 -11.22
CA ARG A 251 21.20 10.98 -12.07
C ARG A 251 21.95 11.32 -13.36
N THR A 252 22.55 10.30 -13.95
CA THR A 252 23.10 10.48 -15.32
C THR A 252 21.94 10.85 -16.23
N ARG A 253 22.30 11.47 -17.33
CA ARG A 253 21.37 11.77 -18.36
C ARG A 253 20.63 10.48 -18.77
N ALA A 254 21.34 9.39 -19.02
CA ALA A 254 20.71 8.10 -19.39
C ALA A 254 19.69 7.59 -18.35
N LEU A 255 20.06 7.63 -17.07
CA LEU A 255 19.16 7.10 -16.01
C LEU A 255 17.88 7.91 -15.88
N VAL A 256 18.02 9.23 -15.88
CA VAL A 256 16.84 10.06 -15.63
C VAL A 256 16.00 10.12 -16.91
N SER A 257 16.61 10.34 -18.07
CA SER A 257 15.75 10.42 -19.27
C SER A 257 15.05 9.06 -19.61
N HIS A 258 15.73 7.94 -19.34
CA HIS A 258 15.13 6.61 -19.52
C HIS A 258 13.93 6.45 -18.58
N SER A 259 14.06 6.90 -17.34
CA SER A 259 12.99 6.85 -16.37
C SER A 259 11.81 7.71 -16.92
N LEU A 260 12.14 8.90 -17.44
CA LEU A 260 11.10 9.82 -17.93
C LEU A 260 10.41 9.17 -19.15
N ASN A 261 11.22 8.67 -20.06
CA ASN A 261 10.69 8.14 -21.31
C ASN A 261 9.92 6.86 -21.16
N SER A 262 10.21 6.11 -20.11
CA SER A 262 9.55 4.84 -19.84
C SER A 262 8.39 4.98 -18.87
N ARG A 263 8.03 6.21 -18.50
CA ARG A 263 7.06 6.43 -17.41
C ARG A 263 7.35 5.60 -16.17
N GLU A 264 8.60 5.57 -15.77
CA GLU A 264 8.94 4.94 -14.53
C GLU A 264 9.04 5.97 -13.40
N GLN A 265 7.99 6.05 -12.61
CA GLN A 265 7.96 6.84 -11.37
C GLN A 265 7.91 8.38 -11.48
N ILE A 266 8.82 8.99 -12.21
CA ILE A 266 8.88 10.44 -12.36
C ILE A 266 8.29 11.00 -13.66
N THR A 267 7.89 12.27 -13.61
CA THR A 267 7.46 13.05 -14.81
C THR A 267 8.38 14.24 -15.00
N THR A 268 8.27 14.91 -16.14
CA THR A 268 9.07 16.07 -16.43
C THR A 268 8.75 17.17 -15.41
N GLU A 269 7.52 17.15 -14.92
CA GLU A 269 7.14 18.03 -13.85
C GLU A 269 7.92 17.87 -12.52
N ASP A 270 8.16 16.62 -12.08
CA ASP A 270 9.02 16.36 -10.94
C ASP A 270 10.45 16.92 -11.16
N VAL A 271 11.04 16.63 -12.32
CA VAL A 271 12.34 17.20 -12.72
C VAL A 271 12.35 18.77 -12.70
N ASP A 272 11.34 19.40 -13.32
CA ASP A 272 11.24 20.87 -13.30
C ASP A 272 11.17 21.40 -11.87
N ASP A 273 10.40 20.74 -10.99
CA ASP A 273 10.26 21.17 -9.58
C ASP A 273 11.61 21.11 -8.85
N ARG A 274 12.44 20.09 -9.11
CA ARG A 274 13.79 20.05 -8.52
C ARG A 274 14.70 21.13 -9.13
N VAL A 275 14.67 21.25 -10.44
CA VAL A 275 15.48 22.23 -11.11
C VAL A 275 15.15 23.67 -10.64
N ARG A 276 13.86 24.00 -10.54
CA ARG A 276 13.47 25.31 -10.03
C ARG A 276 14.07 25.59 -8.66
N GLN A 277 14.15 24.61 -7.76
CA GLN A 277 14.75 24.90 -6.47
C GLN A 277 16.26 25.11 -6.50
N VAL A 278 16.96 24.38 -7.37
CA VAL A 278 18.41 24.62 -7.62
C VAL A 278 18.64 26.05 -8.19
N LEU A 279 17.85 26.42 -9.20
CA LEU A 279 17.88 27.81 -9.77
C LEU A 279 17.66 28.90 -8.70
N LYS A 280 16.75 28.67 -7.73
CA LYS A 280 16.55 29.63 -6.63
C LYS A 280 17.75 29.75 -5.77
N MSE A 281 18.42 28.64 -5.46
CA MSE A 281 19.69 28.75 -4.75
C MSE A 281 20.72 29.57 -5.57
O MSE A 281 21.36 30.49 -5.05
CB MSE A 281 20.29 27.36 -4.40
CG MSE A 281 21.59 27.42 -3.57
SE MSE A 281 23.19 27.66 -4.73
CE MSE A 281 23.02 25.91 -5.75
N ILE A 282 20.86 29.25 -6.85
CA ILE A 282 21.86 29.91 -7.66
C ILE A 282 21.51 31.47 -7.76
N LYS A 283 20.22 31.78 -7.82
CA LYS A 283 19.77 33.17 -7.82
C LYS A 283 20.17 33.90 -6.52
N PHE A 284 20.15 33.20 -5.38
CA PHE A 284 20.63 33.82 -4.16
C PHE A 284 22.11 34.19 -4.29
N VAL A 285 22.87 33.25 -4.83
CA VAL A 285 24.29 33.45 -5.00
C VAL A 285 24.61 34.64 -5.95
N VAL A 286 23.94 34.67 -7.10
CA VAL A 286 24.13 35.66 -8.14
C VAL A 286 23.59 37.03 -7.69
N ASP A 287 22.41 37.05 -7.05
CA ASP A 287 21.92 38.26 -6.44
C ASP A 287 22.94 38.85 -5.48
N ASN A 288 23.79 38.04 -4.87
CA ASN A 288 24.64 38.54 -3.83
C ASN A 288 26.07 38.72 -4.29
N LEU A 289 26.34 38.42 -5.55
CA LEU A 289 27.72 38.52 -6.07
C LEU A 289 28.40 39.89 -5.90
N GLU A 290 27.65 40.98 -6.03
CA GLU A 290 28.30 42.28 -5.99
C GLU A 290 28.70 42.62 -4.54
N LYS A 291 27.83 42.27 -3.60
CA LYS A 291 28.11 42.24 -2.19
C LYS A 291 29.25 41.31 -1.64
N THR A 292 29.27 40.04 -2.05
CA THR A 292 30.32 39.11 -1.60
C THR A 292 31.66 39.22 -2.38
N GLY A 293 31.60 39.63 -3.65
CA GLY A 293 32.78 39.56 -4.52
C GLY A 293 33.24 38.15 -4.92
N ILE A 294 32.42 37.13 -4.64
CA ILE A 294 32.78 35.77 -5.08
C ILE A 294 33.10 35.63 -6.58
N VAL A 295 34.19 34.92 -6.87
CA VAL A 295 34.66 34.65 -8.19
C VAL A 295 34.37 33.19 -8.51
N GLU A 296 33.62 32.96 -9.58
CA GLU A 296 33.29 31.62 -10.02
C GLU A 296 34.60 30.80 -10.17
N ASN A 297 34.60 29.57 -9.67
CA ASN A 297 35.80 28.76 -9.65
C ASN A 297 37.02 29.54 -9.24
N GLY A 298 36.86 30.45 -8.28
CA GLY A 298 37.91 31.36 -7.92
C GLY A 298 39.03 30.76 -7.14
N PRO A 299 40.12 31.53 -6.94
CA PRO A 299 41.19 31.00 -6.06
C PRO A 299 40.78 30.99 -4.56
N GLU A 300 41.54 30.27 -3.74
CA GLU A 300 41.37 30.19 -2.28
C GLU A 300 42.53 30.85 -1.56
N SER A 301 42.26 31.72 -0.60
CA SER A 301 43.38 32.42 0.01
C SER A 301 43.31 32.31 1.49
N THR A 302 44.34 32.84 2.16
CA THR A 302 44.33 33.00 3.62
C THR A 302 44.13 34.46 3.97
N SER A 303 43.45 35.19 3.09
CA SER A 303 43.38 36.65 3.20
C SER A 303 42.68 37.06 4.52
N ASN A 304 41.91 36.12 5.10
CA ASN A 304 41.20 36.46 6.33
C ASN A 304 42.00 36.20 7.57
N ASN A 305 43.23 35.73 7.43
CA ASN A 305 44.05 35.48 8.63
C ASN A 305 44.61 36.75 9.22
N THR A 306 43.85 37.45 10.06
CA THR A 306 44.21 38.81 10.47
C THR A 306 44.08 38.85 11.99
N LYS A 307 44.55 39.95 12.61
CA LYS A 307 44.46 40.15 14.05
C LYS A 307 42.99 40.22 14.50
N GLU A 308 42.17 40.88 13.70
CA GLU A 308 40.74 40.97 13.93
C GLU A 308 40.10 39.54 14.00
N THR A 309 40.54 38.63 13.14
CA THR A 309 39.95 37.29 13.12
C THR A 309 40.44 36.51 14.33
N SER A 310 41.74 36.58 14.63
CA SER A 310 42.36 35.96 15.81
C SER A 310 41.71 36.39 17.09
N ASP A 311 41.50 37.69 17.24
CA ASP A 311 40.87 38.26 18.41
C ASP A 311 39.45 37.69 18.57
N LEU A 312 38.72 37.67 17.45
CA LEU A 312 37.31 37.23 17.48
C LEU A 312 37.24 35.70 17.77
N LEU A 313 38.13 34.90 17.17
CA LEU A 313 38.16 33.44 17.45
C LEU A 313 38.53 33.17 18.90
N ARG A 314 39.46 33.98 19.43
CA ARG A 314 39.90 33.87 20.80
C ARG A 314 38.80 34.21 21.77
N LYS A 315 38.07 35.28 21.50
CA LYS A 315 36.91 35.62 22.32
C LYS A 315 35.82 34.51 22.31
N ILE A 316 35.44 34.08 21.11
CA ILE A 316 34.40 33.05 20.99
C ILE A 316 34.80 31.79 21.77
N ALA A 317 36.05 31.34 21.61
CA ALA A 317 36.52 30.22 22.37
C ALA A 317 36.55 30.44 23.87
N ALA A 318 36.89 31.65 24.30
CA ALA A 318 37.02 31.89 25.76
C ALA A 318 35.60 31.85 26.36
N ASP A 319 34.65 32.46 25.63
CA ASP A 319 33.28 32.48 26.10
C ASP A 319 32.54 31.10 26.00
N SER A 320 33.11 30.15 25.24
CA SER A 320 32.55 28.77 25.15
C SER A 320 32.93 27.99 26.41
N ILE A 321 34.02 28.41 27.06
CA ILE A 321 34.55 27.65 28.17
C ILE A 321 33.61 27.64 29.36
N VAL A 322 33.42 26.46 29.96
CA VAL A 322 32.52 26.35 31.12
C VAL A 322 33.38 26.00 32.35
N LEU A 323 33.26 26.81 33.40
CA LEU A 323 33.96 26.43 34.64
C LEU A 323 33.02 25.48 35.44
N LEU A 324 33.50 24.28 35.74
CA LEU A 324 32.66 23.27 36.39
C LEU A 324 32.85 23.17 37.93
N LYS A 325 34.08 23.33 38.40
CA LYS A 325 34.34 23.34 39.84
C LYS A 325 35.43 24.35 40.15
N ASN A 326 35.31 25.03 41.27
CA ASN A 326 36.41 25.90 41.68
C ASN A 326 36.42 26.19 43.18
N LYS A 327 36.98 25.27 43.95
CA LYS A 327 37.04 25.40 45.40
C LYS A 327 38.43 25.86 45.80
N ASN A 328 38.52 26.35 47.04
CA ASN A 328 39.80 26.74 47.66
C ASN A 328 40.59 27.78 46.91
N ASN A 329 39.89 28.62 46.13
CA ASN A 329 40.54 29.66 45.28
C ASN A 329 41.71 29.20 44.38
N ILE A 330 41.62 27.98 43.83
CA ILE A 330 42.68 27.55 42.95
C ILE A 330 42.71 28.55 41.79
N LEU A 331 41.54 29.00 41.35
CA LEU A 331 41.43 29.84 40.17
C LEU A 331 40.81 31.12 40.62
N PRO A 332 41.20 32.24 39.98
CA PRO A 332 42.13 32.31 38.84
C PRO A 332 43.61 32.11 39.23
N LEU A 333 44.39 31.53 38.32
CA LEU A 333 45.82 31.45 38.46
C LEU A 333 46.42 32.89 38.50
N LYS A 334 47.62 33.04 39.06
CA LYS A 334 48.36 34.32 38.99
C LYS A 334 49.85 34.11 38.65
N LYS A 335 50.48 35.15 38.11
CA LYS A 335 51.89 35.11 37.66
C LYS A 335 52.81 34.55 38.72
N GLU A 336 52.47 34.78 39.99
CA GLU A 336 53.31 34.38 41.13
C GLU A 336 53.25 32.89 41.43
N ASP A 337 52.13 32.23 41.14
CA ASP A 337 52.07 30.77 41.34
C ASP A 337 53.19 30.09 40.61
N ASN A 338 53.93 29.23 41.32
CA ASN A 338 54.88 28.31 40.68
C ASN A 338 54.04 27.16 40.11
N ILE A 339 53.95 27.06 38.79
CA ILE A 339 53.03 26.06 38.18
C ILE A 339 53.81 25.08 37.32
N ILE A 340 53.32 23.84 37.28
CA ILE A 340 53.76 22.93 36.24
C ILE A 340 52.53 22.56 35.37
N VAL A 341 52.72 22.45 34.06
CA VAL A 341 51.65 22.12 33.16
C VAL A 341 51.89 20.67 32.82
N ILE A 342 50.88 19.84 32.98
CA ILE A 342 51.03 18.38 32.76
C ILE A 342 49.89 17.86 31.84
N GLY A 343 50.17 16.83 31.03
CA GLY A 343 49.05 16.09 30.45
C GLY A 343 49.11 15.90 28.95
N PRO A 344 48.41 14.86 28.44
CA PRO A 344 48.44 14.51 27.04
C PRO A 344 47.89 15.58 26.10
N ASN A 345 47.02 16.48 26.59
CA ASN A 345 46.41 17.49 25.74
C ASN A 345 47.13 18.85 25.87
N ALA A 346 48.10 18.92 26.79
CA ALA A 346 48.79 20.20 27.10
C ALA A 346 49.53 20.75 25.92
N LYS A 347 50.30 19.95 25.23
CA LYS A 347 50.94 20.41 24.02
C LYS A 347 50.21 19.94 22.75
N ALA A 348 49.06 19.27 22.91
CA ALA A 348 48.31 18.86 21.71
C ALA A 348 47.60 20.09 21.12
N LYS A 349 47.20 19.96 19.86
CA LYS A 349 46.46 20.98 19.16
C LYS A 349 45.08 20.43 18.78
N THR A 350 44.25 20.18 19.78
CA THR A 350 42.96 19.54 19.52
C THR A 350 41.97 20.62 19.24
N SER A 351 42.06 21.18 18.01
CA SER A 351 41.23 22.30 17.59
C SER A 351 39.76 21.99 17.28
N SER A 352 39.50 20.74 16.86
CA SER A 352 38.14 20.36 16.37
C SER A 352 37.89 18.85 16.50
N GLY A 353 36.63 18.42 16.33
CA GLY A 353 36.32 16.98 16.16
C GLY A 353 36.83 16.45 14.84
N GLY A 354 36.64 15.14 14.56
CA GLY A 354 37.08 14.61 13.30
C GLY A 354 36.05 14.68 12.18
N GLY A 355 36.56 14.71 10.94
CA GLY A 355 35.72 14.47 9.74
C GLY A 355 35.49 15.72 8.95
N SER A 356 34.31 15.82 8.40
CA SER A 356 33.97 16.88 7.48
C SER A 356 33.99 18.26 8.16
N ALA A 357 33.92 18.29 9.48
CA ALA A 357 33.97 19.58 10.19
C ALA A 357 35.41 20.09 10.38
N SER A 358 36.40 19.24 10.10
CA SER A 358 37.79 19.61 10.42
C SER A 358 38.38 20.33 9.18
N MSE A 359 39.63 20.82 9.33
CA MSE A 359 40.25 21.68 8.31
C MSE A 359 41.77 21.84 8.54
O MSE A 359 42.29 21.35 9.52
CB MSE A 359 39.56 23.04 8.21
CG MSE A 359 39.96 23.97 9.42
SE MSE A 359 38.59 25.33 9.51
CE MSE A 359 37.07 24.04 9.98
N ASN A 360 42.47 22.44 7.59
CA ASN A 360 43.87 22.85 7.86
C ASN A 360 43.77 24.28 8.48
N SER A 361 44.24 24.50 9.71
CA SER A 361 44.19 25.83 10.35
C SER A 361 45.39 26.74 10.03
N TYR A 362 45.17 28.06 10.01
CA TYR A 362 46.32 29.04 9.99
C TYR A 362 47.44 28.60 10.93
N TYR A 363 47.03 28.32 12.18
CA TYR A 363 47.91 27.84 13.28
C TYR A 363 46.90 27.38 14.33
N VAL A 364 47.38 26.62 15.30
CA VAL A 364 46.56 26.38 16.50
C VAL A 364 47.42 26.56 17.72
N VAL A 365 46.94 27.36 18.67
CA VAL A 365 47.63 27.58 19.91
C VAL A 365 47.34 26.50 20.95
N SER A 366 48.34 25.70 21.26
CA SER A 366 48.15 24.62 22.22
C SER A 366 47.89 25.21 23.60
N PRO A 367 47.26 24.43 24.49
CA PRO A 367 47.02 25.06 25.83
C PRO A 367 48.33 25.43 26.57
N TYR A 368 49.38 24.60 26.41
CA TYR A 368 50.73 24.92 26.92
C TYR A 368 51.20 26.29 26.38
N GLU A 369 51.20 26.46 25.05
CA GLU A 369 51.57 27.72 24.42
C GLU A 369 50.75 28.88 24.93
N GLY A 370 49.45 28.68 25.10
CA GLY A 370 48.65 29.77 25.63
C GLY A 370 49.18 30.30 26.96
N ILE A 371 49.52 29.37 27.83
CA ILE A 371 49.96 29.69 29.19
C ILE A 371 51.34 30.39 29.17
N VAL A 372 52.25 29.89 28.33
CA VAL A 372 53.54 30.52 28.05
C VAL A 372 53.38 31.94 27.51
N ASN A 373 52.48 32.12 26.53
CA ASN A 373 52.12 33.45 26.02
C ASN A 373 51.65 34.39 27.11
N LYS A 374 50.83 33.89 28.03
CA LYS A 374 50.29 34.69 29.12
C LYS A 374 51.41 35.10 30.11
N LEU A 375 52.29 34.18 30.49
CA LEU A 375 53.32 34.47 31.52
C LEU A 375 54.63 35.13 31.01
N GLY A 376 54.84 35.10 29.69
CA GLY A 376 56.02 35.70 29.04
C GLY A 376 57.29 34.94 29.27
N LYS A 377 57.18 33.63 29.49
CA LYS A 377 58.36 32.82 29.79
C LYS A 377 58.06 31.34 29.73
N GLU A 378 59.09 30.53 29.86
CA GLU A 378 58.93 29.10 29.74
C GLU A 378 58.27 28.63 31.04
N VAL A 379 57.45 27.59 30.88
CA VAL A 379 56.70 27.03 31.96
C VAL A 379 57.14 25.57 32.09
N ASP A 380 57.29 25.08 33.30
CA ASP A 380 57.64 23.69 33.49
C ASP A 380 56.54 22.79 32.91
N TYR A 381 56.95 21.69 32.32
CA TYR A 381 56.04 20.78 31.69
C TYR A 381 56.47 19.35 31.83
N THR A 382 55.52 18.45 31.91
CA THR A 382 55.76 17.04 31.71
C THR A 382 54.54 16.40 31.02
N VAL A 383 54.72 15.39 30.18
CA VAL A 383 53.54 14.88 29.41
C VAL A 383 52.56 14.15 30.30
N GLY A 384 53.07 13.41 31.28
CA GLY A 384 52.22 12.71 32.24
C GLY A 384 51.77 11.34 31.76
N ALA A 385 51.17 11.31 30.58
CA ALA A 385 50.66 10.08 29.94
C ALA A 385 50.31 10.38 28.51
N TYR A 386 50.32 9.35 27.66
CA TYR A 386 49.88 9.51 26.28
C TYR A 386 48.37 9.19 26.16
N SER A 387 47.61 9.87 25.32
CA SER A 387 46.22 9.45 25.08
C SER A 387 45.81 9.35 23.61
N HIS A 388 46.78 9.26 22.71
CA HIS A 388 46.44 9.25 21.27
C HIS A 388 45.74 7.93 20.95
N LYS A 389 44.83 7.97 19.98
CA LYS A 389 44.19 6.80 19.49
C LYS A 389 45.15 6.12 18.50
N SER A 390 45.74 6.89 17.61
CA SER A 390 46.72 6.29 16.71
C SER A 390 48.01 7.17 16.66
N ILE A 391 49.07 6.66 16.05
CA ILE A 391 50.35 7.37 15.95
C ILE A 391 50.49 8.19 14.64
N GLY A 392 50.60 9.52 14.78
CA GLY A 392 50.93 10.39 13.67
C GLY A 392 52.33 10.98 13.91
N GLY A 393 52.42 12.30 13.70
CA GLY A 393 53.64 13.09 13.92
C GLY A 393 54.92 12.82 13.09
N LEU A 394 54.83 12.10 11.98
CA LEU A 394 56.00 11.83 11.14
C LEU A 394 56.31 13.01 10.23
N ALA A 395 55.31 13.49 9.50
CA ALA A 395 55.51 14.62 8.60
C ALA A 395 55.83 15.91 9.38
N GLU A 396 55.33 15.99 10.61
CA GLU A 396 55.40 17.18 11.41
C GLU A 396 56.82 17.32 12.02
N SER A 397 57.67 16.31 11.87
CA SER A 397 59.00 16.34 12.47
C SER A 397 60.09 15.72 11.60
N SER A 398 59.92 15.79 10.30
CA SER A 398 60.87 15.26 9.34
C SER A 398 61.35 16.40 8.47
N LEU A 399 62.43 16.16 7.74
CA LEU A 399 62.93 17.15 6.83
C LEU A 399 63.06 16.46 5.49
N ILE A 400 62.86 17.21 4.42
CA ILE A 400 63.20 16.74 3.09
C ILE A 400 64.70 16.40 3.06
N ASP A 401 65.55 17.41 3.35
CA ASP A 401 67.02 17.25 3.40
C ASP A 401 67.52 17.54 4.83
N ALA A 402 67.95 16.49 5.52
CA ALA A 402 68.40 16.63 6.88
C ALA A 402 69.64 17.57 7.05
N ALA A 403 70.57 17.56 6.09
CA ALA A 403 71.74 18.47 6.13
C ALA A 403 71.43 19.98 5.93
N LYS A 404 70.17 20.32 5.62
CA LYS A 404 69.75 21.73 5.55
C LYS A 404 69.01 22.07 6.84
N PRO A 405 68.87 23.34 7.14
CA PRO A 405 68.20 23.78 8.35
C PRO A 405 66.71 23.46 8.39
N ALA A 406 66.15 23.40 9.57
CA ALA A 406 64.76 23.05 9.72
C ALA A 406 63.98 24.29 9.48
N ASP A 407 63.95 24.58 8.20
CA ASP A 407 63.33 25.66 7.47
C ASP A 407 61.84 25.41 7.22
N ALA A 408 61.14 26.38 6.66
CA ALA A 408 59.74 26.14 6.26
C ALA A 408 59.79 25.24 5.03
N GLU A 409 60.50 25.70 4.01
CA GLU A 409 60.69 24.97 2.76
C GLU A 409 61.26 23.54 2.92
N ASN A 410 61.98 23.29 4.01
CA ASN A 410 62.66 22.02 4.17
C ASN A 410 62.01 21.07 5.17
N SER A 411 61.01 21.57 5.89
CA SER A 411 60.32 20.78 6.90
C SER A 411 59.17 19.99 6.23
N GLY A 412 59.03 18.72 6.61
CA GLY A 412 57.95 17.87 6.10
C GLY A 412 58.51 16.73 5.26
N LEU A 413 57.72 16.34 4.24
CA LEU A 413 58.01 15.19 3.39
C LEU A 413 57.61 15.58 2.01
N ILE A 414 58.00 14.78 1.02
CA ILE A 414 57.60 15.05 -0.32
C ILE A 414 56.68 13.91 -0.80
N ALA A 415 55.50 14.28 -1.25
CA ALA A 415 54.57 13.38 -1.90
C ALA A 415 54.73 13.47 -3.42
N LYS A 416 55.07 12.35 -4.02
CA LYS A 416 55.05 12.29 -5.46
C LYS A 416 53.98 11.34 -5.98
N PHE A 417 53.13 11.86 -6.87
CA PHE A 417 51.96 11.10 -7.40
C PHE A 417 52.24 10.47 -8.77
N TYR A 418 51.94 9.18 -8.91
CA TYR A 418 52.15 8.45 -10.18
C TYR A 418 50.87 7.76 -10.68
N SER A 419 50.73 7.60 -12.00
CA SER A 419 49.69 6.74 -12.56
C SER A 419 49.97 5.26 -12.38
N ASN A 420 51.24 4.90 -12.14
CA ASN A 420 51.62 3.48 -12.03
C ASN A 420 52.41 3.19 -10.76
N PRO A 421 52.28 1.98 -10.21
CA PRO A 421 52.96 1.65 -8.95
C PRO A 421 54.50 1.48 -9.16
N VAL A 422 55.26 1.57 -8.07
CA VAL A 422 56.71 1.72 -8.13
C VAL A 422 57.35 0.43 -8.63
N GLU A 423 56.65 -0.68 -8.40
CA GLU A 423 57.04 -2.02 -8.78
C GLU A 423 56.95 -2.20 -10.28
N GLU A 424 56.41 -1.21 -10.99
CA GLU A 424 56.05 -1.40 -12.41
C GLU A 424 56.56 -0.32 -13.30
N ARG A 425 56.67 0.89 -12.79
CA ARG A 425 56.90 2.00 -13.70
C ARG A 425 58.32 2.03 -14.26
N SER A 426 58.45 2.60 -15.47
CA SER A 426 59.77 2.93 -16.04
C SER A 426 60.46 3.87 -15.04
N ASP A 427 61.78 3.85 -14.98
CA ASP A 427 62.45 4.78 -14.10
C ASP A 427 62.39 6.21 -14.64
N ASP A 428 61.91 6.34 -15.85
CA ASP A 428 61.71 7.65 -16.40
C ASP A 428 60.27 8.13 -16.38
N GLU A 429 59.40 7.43 -15.68
CA GLU A 429 58.05 7.92 -15.49
C GLU A 429 58.17 9.05 -14.48
N GLU A 430 57.61 10.18 -14.86
CA GLU A 430 57.60 11.39 -14.10
C GLU A 430 56.37 11.42 -13.18
N PRO A 431 56.50 11.97 -11.96
CA PRO A 431 55.25 12.06 -11.19
C PRO A 431 54.29 13.04 -11.87
N PHE A 432 52.97 12.84 -11.74
CA PHE A 432 52.08 13.80 -12.36
C PHE A 432 51.81 14.98 -11.42
N HIS A 433 52.14 14.80 -10.14
CA HIS A 433 51.92 15.86 -9.17
C HIS A 433 52.93 15.67 -8.08
N VAL A 434 53.41 16.78 -7.52
CA VAL A 434 54.40 16.75 -6.41
C VAL A 434 54.00 17.79 -5.37
N THR A 435 54.00 17.42 -4.09
CA THR A 435 53.45 18.26 -3.07
C THR A 435 54.24 18.09 -1.82
N LYS A 436 54.55 19.20 -1.15
CA LYS A 436 55.17 19.12 0.17
C LYS A 436 54.11 18.84 1.25
N VAL A 437 54.36 17.86 2.12
CA VAL A 437 53.38 17.40 3.10
C VAL A 437 53.80 17.82 4.51
N ASN A 438 52.90 18.52 5.21
CA ASN A 438 53.11 19.01 6.54
C ASN A 438 52.41 18.20 7.62
N ARG A 439 51.32 17.53 7.26
CA ARG A 439 50.58 16.77 8.27
C ARG A 439 50.65 15.33 7.86
N SER A 440 50.84 14.42 8.82
CA SER A 440 50.98 12.99 8.54
C SER A 440 49.72 12.30 7.97
N ASN A 441 48.52 12.72 8.40
CA ASN A 441 47.29 12.20 7.80
C ASN A 441 47.08 12.72 6.37
N VAL A 442 47.39 11.90 5.36
CA VAL A 442 47.20 12.29 3.96
C VAL A 442 45.82 11.85 3.55
N HIS A 443 44.91 12.82 3.46
CA HIS A 443 43.50 12.52 3.35
C HIS A 443 43.06 12.83 1.93
N LEU A 444 42.89 11.79 1.10
CA LEU A 444 42.72 11.99 -0.33
C LEU A 444 41.30 11.89 -0.90
N PHE A 445 40.31 11.89 -0.02
CA PHE A 445 38.87 11.87 -0.34
C PHE A 445 38.58 12.70 -1.58
N ASP A 446 38.97 13.98 -1.56
CA ASP A 446 38.55 14.88 -2.63
C ASP A 446 39.71 15.30 -3.50
N PHE A 447 40.75 14.49 -3.49
CA PHE A 447 41.91 14.83 -4.32
C PHE A 447 41.51 14.82 -5.78
N LYS A 448 41.98 15.82 -6.52
CA LYS A 448 41.53 16.01 -7.87
C LYS A 448 42.71 16.32 -8.81
N HIS A 449 42.74 15.67 -9.97
CA HIS A 449 43.83 15.95 -10.91
C HIS A 449 43.37 15.41 -12.27
N GLU A 450 43.82 16.03 -13.36
CA GLU A 450 43.47 15.43 -14.67
C GLU A 450 43.92 13.96 -14.86
N LYS A 451 44.96 13.52 -14.14
CA LYS A 451 45.40 12.09 -14.16
C LYS A 451 44.62 11.10 -13.28
N VAL A 452 43.60 11.59 -12.60
CA VAL A 452 42.87 10.78 -11.63
C VAL A 452 41.41 10.83 -12.05
N ASP A 453 40.88 9.64 -12.34
CA ASP A 453 39.53 9.47 -12.84
C ASP A 453 38.57 9.55 -11.66
N PRO A 454 37.66 10.55 -11.65
CA PRO A 454 36.72 10.63 -10.50
C PRO A 454 35.81 9.43 -10.34
N LYS A 455 35.54 8.69 -11.41
CA LYS A 455 34.71 7.46 -11.29
C LYS A 455 35.54 6.25 -10.88
N ASN A 456 36.86 6.41 -10.88
CA ASN A 456 37.71 5.31 -10.46
C ASN A 456 39.10 5.84 -10.13
N PRO A 457 39.22 6.48 -8.93
CA PRO A 457 40.38 7.35 -8.63
C PRO A 457 41.60 6.47 -8.27
N TYR A 458 42.33 6.12 -9.32
CA TYR A 458 43.27 5.01 -9.34
C TYR A 458 44.65 5.62 -9.53
N PHE A 459 45.46 5.60 -8.47
CA PHE A 459 46.80 6.25 -8.55
C PHE A 459 47.66 5.85 -7.37
N PHE A 460 48.93 6.27 -7.40
CA PHE A 460 49.94 5.88 -6.37
C PHE A 460 50.70 7.08 -5.86
N VAL A 461 51.20 6.99 -4.64
CA VAL A 461 51.92 8.10 -4.11
C VAL A 461 53.22 7.50 -3.53
N THR A 462 54.36 8.13 -3.84
CA THR A 462 55.57 7.79 -3.13
C THR A 462 55.89 8.90 -2.15
N LEU A 463 55.92 8.62 -0.85
CA LEU A 463 56.14 9.66 0.16
C LEU A 463 57.56 9.52 0.78
N THR A 464 58.35 10.60 0.73
CA THR A 464 59.79 10.53 1.12
C THR A 464 60.27 11.69 1.99
N GLY A 465 61.17 11.34 2.91
CA GLY A 465 61.95 12.32 3.63
C GLY A 465 62.94 11.70 4.60
N GLN A 466 63.45 12.58 5.47
CA GLN A 466 64.45 12.16 6.41
C GLN A 466 64.05 12.51 7.81
N TYR A 467 64.19 11.52 8.65
CA TYR A 467 63.81 11.62 10.03
C TYR A 467 65.07 11.58 10.89
N VAL A 468 65.20 12.56 11.77
CA VAL A 468 66.35 12.66 12.71
C VAL A 468 65.89 12.67 14.16
N PRO A 469 65.99 11.51 14.84
CA PRO A 469 65.56 11.36 16.22
C PRO A 469 66.30 12.30 17.21
N GLN A 470 65.58 12.77 18.22
CA GLN A 470 66.08 13.74 19.19
C GLN A 470 66.37 13.13 20.57
N GLU A 471 66.54 11.81 20.61
CA GLU A 471 66.73 11.05 21.85
C GLU A 471 67.12 9.66 21.41
N ASP A 472 68.10 9.03 22.07
CA ASP A 472 68.40 7.62 21.76
C ASP A 472 67.31 6.76 22.34
N GLY A 473 67.02 5.64 21.67
CA GLY A 473 66.01 4.69 22.16
C GLY A 473 65.03 4.09 21.15
N ASP A 474 63.92 3.61 21.69
CA ASP A 474 62.93 2.88 20.92
C ASP A 474 61.88 3.81 20.35
N TYR A 475 61.63 3.67 19.06
CA TYR A 475 60.59 4.48 18.41
C TYR A 475 59.56 3.60 17.74
N ILE A 476 58.30 4.01 17.84
CA ILE A 476 57.23 3.25 17.21
C ILE A 476 56.80 3.97 15.96
N PHE A 477 56.95 3.32 14.82
CA PHE A 477 56.50 3.84 13.51
C PHE A 477 55.11 3.21 13.24
N SER A 478 54.27 3.84 12.42
CA SER A 478 52.94 3.25 12.17
C SER A 478 52.48 3.55 10.79
N LEU A 479 51.59 2.72 10.27
CA LEU A 479 51.00 2.93 8.98
C LEU A 479 49.51 2.54 9.07
N GLN A 480 48.66 3.41 8.56
CA GLN A 480 47.26 3.16 8.38
C GLN A 480 46.96 3.58 6.97
N VAL A 481 46.09 2.86 6.32
CA VAL A 481 45.69 3.13 4.97
C VAL A 481 44.22 2.88 4.67
N TYR A 482 43.70 3.57 3.67
CA TYR A 482 42.55 3.21 2.92
C TYR A 482 43.09 3.16 1.52
N GLY A 483 43.13 1.98 0.95
CA GLY A 483 43.89 1.74 -0.28
C GLY A 483 44.94 0.69 0.07
N SER A 484 46.21 1.00 -0.16
CA SER A 484 47.32 0.05 0.04
C SER A 484 48.63 0.78 0.38
N GLY A 485 49.43 0.28 1.34
CA GLY A 485 50.69 0.97 1.66
C GLY A 485 51.82 0.09 2.20
N LEU A 486 53.06 0.54 2.00
CA LEU A 486 54.26 -0.16 2.47
C LEU A 486 55.17 0.91 3.05
N PHE A 487 55.59 0.73 4.30
CA PHE A 487 56.42 1.73 4.95
C PHE A 487 57.88 1.19 4.99
N TYR A 488 58.78 1.91 4.33
CA TYR A 488 60.20 1.56 4.28
C TYR A 488 60.99 2.50 5.16
N LEU A 489 61.90 1.92 5.95
CA LEU A 489 62.96 2.68 6.64
C LEU A 489 64.37 2.25 6.11
N ASN A 490 65.17 3.21 5.65
CA ASN A 490 66.45 2.91 5.00
C ASN A 490 66.29 1.75 4.05
N ASP A 491 65.25 1.87 3.24
CA ASP A 491 64.96 0.96 2.15
C ASP A 491 64.66 -0.44 2.56
N GLU A 492 64.48 -0.62 3.86
CA GLU A 492 63.99 -1.89 4.40
C GLU A 492 62.50 -1.77 4.77
N LEU A 493 61.70 -2.72 4.25
CA LEU A 493 60.28 -2.79 4.57
C LEU A 493 60.08 -3.00 6.06
N ILE A 494 59.61 -1.97 6.75
CA ILE A 494 59.20 -2.18 8.15
C ILE A 494 57.70 -2.43 8.43
N ILE A 495 56.75 -1.94 7.62
CA ILE A 495 55.36 -2.19 7.92
C ILE A 495 54.60 -2.50 6.64
N ASP A 496 53.88 -3.62 6.63
CA ASP A 496 53.15 -4.08 5.45
C ASP A 496 51.62 -3.87 5.63
N GLN A 497 51.08 -2.90 4.90
CA GLN A 497 49.62 -2.65 4.87
C GLN A 497 49.12 -2.91 3.46
N LYS A 498 49.63 -3.99 2.88
CA LYS A 498 49.29 -4.34 1.51
C LYS A 498 48.59 -5.69 1.57
N HIS A 499 49.15 -6.59 2.40
CA HIS A 499 48.73 -8.02 2.52
C HIS A 499 47.88 -8.20 3.78
N ASN A 500 46.78 -8.98 3.67
CA ASN A 500 45.98 -9.37 4.83
C ASN A 500 45.49 -8.18 5.66
N GLN A 501 45.03 -7.14 4.97
CA GLN A 501 44.47 -5.95 5.63
C GLN A 501 43.31 -6.30 6.55
N GLU A 502 43.26 -5.65 7.69
CA GLU A 502 42.14 -5.77 8.62
C GLU A 502 41.45 -4.42 8.79
N ARG A 503 40.12 -4.42 8.75
CA ARG A 503 39.36 -3.19 8.89
C ARG A 503 39.47 -2.58 10.29
N GLY A 504 39.63 -1.26 10.35
CA GLY A 504 39.76 -0.54 11.61
C GLY A 504 39.14 0.86 11.54
N SER A 505 39.64 1.76 12.38
CA SER A 505 39.14 3.13 12.54
C SER A 505 39.52 4.12 11.45
N PHE A 506 40.64 3.85 10.76
CA PHE A 506 41.20 4.88 9.90
C PHE A 506 40.19 5.26 8.82
N CYS A 507 40.17 6.55 8.50
CA CYS A 507 39.35 7.03 7.42
C CYS A 507 37.87 6.72 7.72
N PHE A 508 37.35 7.31 8.82
CA PHE A 508 35.87 7.34 9.10
C PHE A 508 35.46 5.94 9.36
N GLY A 509 36.39 5.15 9.91
CA GLY A 509 36.17 3.73 10.11
C GLY A 509 36.13 2.82 8.90
N ALA A 510 36.51 3.29 7.72
CA ALA A 510 36.51 2.44 6.50
C ALA A 510 37.87 1.87 6.11
N GLY A 511 38.94 2.30 6.77
CA GLY A 511 40.30 1.85 6.34
C GLY A 511 40.76 0.71 7.21
N THR A 512 42.08 0.58 7.38
CA THR A 512 42.68 -0.54 8.07
C THR A 512 42.90 -0.20 9.51
N LYS A 513 43.17 -1.22 10.34
CA LYS A 513 43.71 -0.96 11.68
C LYS A 513 45.13 -0.42 11.52
N GLU A 514 45.70 0.03 12.61
CA GLU A 514 47.03 0.54 12.64
C GLU A 514 48.00 -0.64 12.76
N ARG A 515 49.00 -0.69 11.89
CA ARG A 515 50.13 -1.60 12.11
C ARG A 515 51.35 -0.75 12.44
N THR A 516 52.21 -1.27 13.32
CA THR A 516 53.33 -0.51 13.82
C THR A 516 54.58 -1.38 13.86
N LYS A 517 55.73 -0.71 13.95
CA LYS A 517 57.01 -1.40 14.14
C LYS A 517 57.89 -0.57 15.09
N LYS A 518 58.26 -1.13 16.25
CA LYS A 518 59.20 -0.48 17.18
C LYS A 518 60.64 -0.86 16.87
N LEU A 519 61.46 0.14 16.60
CA LEU A 519 62.85 -0.08 16.29
C LEU A 519 63.71 0.77 17.21
N THR A 520 64.88 0.19 17.55
CA THR A 520 65.87 0.88 18.35
C THR A 520 66.64 1.84 17.45
N LEU A 521 66.55 3.11 17.81
CA LEU A 521 67.09 4.19 17.02
C LEU A 521 68.17 4.93 17.76
N LYS A 522 69.01 5.62 16.99
CA LYS A 522 70.20 6.30 17.48
C LYS A 522 70.06 7.81 17.23
N LYS A 523 70.21 8.61 18.28
CA LYS A 523 70.14 10.07 18.23
C LYS A 523 70.91 10.71 17.05
N GLY A 524 70.37 11.78 16.47
CA GLY A 524 71.08 12.54 15.42
C GLY A 524 71.38 11.76 14.14
N GLN A 525 71.35 10.43 14.20
CA GLN A 525 71.46 9.62 12.97
C GLN A 525 70.28 9.86 12.00
N VAL A 526 70.59 9.98 10.72
CA VAL A 526 69.63 10.33 9.69
C VAL A 526 69.04 9.06 9.14
N TYR A 527 67.71 8.97 9.11
CA TYR A 527 67.03 7.78 8.57
C TYR A 527 66.15 8.20 7.40
N ASN A 528 66.15 7.39 6.36
CA ASN A 528 65.34 7.69 5.18
C ASN A 528 63.96 7.04 5.35
N VAL A 529 62.93 7.87 5.48
CA VAL A 529 61.57 7.34 5.53
C VAL A 529 60.94 7.37 4.14
N ARG A 530 60.37 6.23 3.71
CA ARG A 530 59.67 6.18 2.45
C ARG A 530 58.33 5.37 2.56
N VAL A 531 57.25 5.94 2.05
CA VAL A 531 55.99 5.21 1.98
C VAL A 531 55.59 5.04 0.56
N GLU A 532 55.32 3.79 0.19
CA GLU A 532 54.70 3.58 -1.12
C GLU A 532 53.20 3.29 -0.88
N TYR A 533 52.36 4.01 -1.59
CA TYR A 533 50.90 3.96 -1.37
C TYR A 533 50.13 3.80 -2.69
N GLY A 534 49.08 2.97 -2.68
CA GLY A 534 48.08 2.91 -3.79
C GLY A 534 46.70 3.39 -3.27
N SER A 535 45.93 4.13 -4.05
CA SER A 535 44.64 4.69 -3.57
C SER A 535 43.58 3.59 -3.45
N GLY A 536 42.40 3.89 -2.93
CA GLY A 536 41.36 2.84 -2.77
C GLY A 536 41.20 1.84 -3.91
N PRO A 537 41.00 2.31 -5.13
CA PRO A 537 40.71 1.35 -6.18
C PRO A 537 41.90 0.48 -6.59
N THR A 538 43.10 0.84 -6.15
CA THR A 538 44.30 0.09 -6.56
C THR A 538 44.29 -1.24 -5.87
N SER A 539 44.19 -1.19 -4.57
CA SER A 539 44.29 -2.35 -3.77
C SER A 539 43.23 -3.31 -4.18
N GLY A 540 43.64 -4.56 -4.32
CA GLY A 540 42.72 -5.58 -4.75
C GLY A 540 41.92 -6.12 -3.61
N LEU A 541 41.10 -5.24 -3.04
CA LEU A 541 40.19 -5.60 -2.00
C LEU A 541 38.84 -5.43 -2.68
N VAL A 542 37.99 -6.43 -2.59
CA VAL A 542 36.72 -6.39 -3.34
C VAL A 542 35.76 -5.23 -2.95
N GLY A 543 35.23 -4.55 -3.97
CA GLY A 543 34.23 -3.48 -3.76
C GLY A 543 34.50 -2.15 -4.47
N GLU A 544 33.57 -1.21 -4.31
CA GLU A 544 33.68 0.12 -4.91
C GLU A 544 34.37 1.07 -3.91
N PHE A 545 35.54 1.59 -4.27
CA PHE A 545 36.29 2.43 -3.32
C PHE A 545 36.44 3.95 -3.69
N GLY A 546 36.53 4.83 -2.66
CA GLY A 546 36.95 6.24 -2.87
C GLY A 546 38.47 6.33 -3.02
N ALA A 547 39.05 7.53 -3.20
CA ALA A 547 40.55 7.60 -3.25
C ALA A 547 41.17 7.18 -1.92
N GLY A 548 40.58 7.57 -0.79
CA GLY A 548 41.05 7.05 0.48
C GLY A 548 42.04 8.00 1.10
N GLY A 549 43.13 7.45 1.65
CA GLY A 549 44.14 8.24 2.34
C GLY A 549 45.10 7.27 3.04
N PHE A 550 46.09 7.85 3.73
CA PHE A 550 47.03 7.07 4.51
C PHE A 550 47.69 7.93 5.56
N GLN A 551 48.12 7.27 6.62
CA GLN A 551 48.84 7.97 7.67
C GLN A 551 50.07 7.14 8.08
N ALA A 552 51.25 7.73 7.85
CA ALA A 552 52.53 7.20 8.38
C ALA A 552 52.88 8.06 9.58
N GLY A 553 53.29 7.44 10.67
CA GLY A 553 53.48 8.14 11.95
C GLY A 553 54.76 7.63 12.62
N VAL A 554 55.30 8.41 13.56
CA VAL A 554 56.33 7.92 14.48
C VAL A 554 56.17 8.55 15.85
N ILE A 555 56.46 7.78 16.89
CA ILE A 555 56.43 8.33 18.26
C ILE A 555 57.52 7.71 19.16
N LYS A 556 58.05 8.54 20.07
CA LYS A 556 59.09 8.12 21.01
C LYS A 556 58.40 7.25 22.05
N ALA A 557 58.81 5.99 22.16
CA ALA A 557 58.30 5.13 23.23
C ALA A 557 58.63 5.74 24.60
N ILE A 558 57.83 5.48 25.62
CA ILE A 558 58.26 5.94 26.95
C ILE A 558 58.08 4.83 27.98
N ASP A 559 58.65 5.00 29.17
CA ASP A 559 58.24 4.19 30.32
C ASP A 559 56.98 4.85 30.89
N ASP A 560 55.82 4.30 30.55
CA ASP A 560 54.56 4.87 30.98
C ASP A 560 54.39 4.99 32.51
N ASP A 561 54.67 3.90 33.25
CA ASP A 561 54.67 3.93 34.76
C ASP A 561 55.60 5.02 35.32
N GLU A 562 56.88 4.98 34.91
CA GLU A 562 57.82 6.02 35.33
C GLU A 562 57.26 7.42 35.05
N GLU A 563 56.69 7.64 33.87
CA GLU A 563 56.21 8.98 33.59
C GLU A 563 55.06 9.45 34.51
N ILE A 564 54.21 8.53 34.96
CA ILE A 564 53.17 8.89 35.92
C ILE A 564 53.75 9.28 37.30
N ARG A 565 54.74 8.50 37.76
CA ARG A 565 55.45 8.74 39.04
C ARG A 565 56.09 10.11 38.94
N ASN A 566 56.78 10.32 37.81
CA ASN A 566 57.48 11.56 37.58
C ASN A 566 56.51 12.73 37.66
N ALA A 567 55.35 12.58 36.99
CA ALA A 567 54.36 13.64 36.95
C ALA A 567 53.96 14.00 38.35
N ALA A 568 53.64 13.00 39.15
CA ALA A 568 53.22 13.19 40.55
C ALA A 568 54.32 13.82 41.42
N GLU A 569 55.57 13.37 41.25
CA GLU A 569 56.68 14.00 42.02
C GLU A 569 56.85 15.48 41.67
N LEU A 570 56.80 15.81 40.37
CA LEU A 570 56.94 17.20 39.97
C LEU A 570 55.77 18.09 40.42
N ALA A 571 54.58 17.49 40.51
CA ALA A 571 53.37 18.24 40.88
C ALA A 571 53.44 18.64 42.36
N ALA A 572 53.97 17.74 43.20
CA ALA A 572 54.17 18.03 44.64
C ALA A 572 55.17 19.19 44.89
N LYS A 573 56.15 19.34 44.00
CA LYS A 573 57.16 20.39 44.10
C LYS A 573 56.72 21.74 43.52
N HIS A 574 55.52 21.85 42.97
CA HIS A 574 55.04 23.14 42.50
C HIS A 574 53.89 23.63 43.36
N ASP A 575 53.59 24.93 43.36
CA ASP A 575 52.42 25.41 44.13
C ASP A 575 51.10 24.80 43.54
N LYS A 576 50.99 24.78 42.22
CA LYS A 576 49.79 24.35 41.48
C LYS A 576 50.22 23.57 40.27
N ALA A 577 49.39 22.61 39.88
CA ALA A 577 49.59 21.92 38.63
C ALA A 577 48.39 22.23 37.73
N VAL A 578 48.62 22.32 36.45
CA VAL A 578 47.55 22.56 35.49
C VAL A 578 47.54 21.31 34.65
N LEU A 579 46.51 20.50 34.86
CA LEU A 579 46.48 19.20 34.19
C LEU A 579 45.57 19.25 32.97
N ILE A 580 46.10 18.96 31.79
CA ILE A 580 45.32 19.16 30.57
C ILE A 580 45.02 17.79 29.91
N ILE A 581 43.73 17.41 29.89
CA ILE A 581 43.35 16.03 29.54
C ILE A 581 42.22 16.05 28.48
N GLY A 582 41.69 14.88 28.10
CA GLY A 582 40.45 14.83 27.31
C GLY A 582 40.55 13.88 26.14
N LEU A 583 39.73 14.13 25.13
CA LEU A 583 39.69 13.26 23.96
C LEU A 583 40.37 14.06 22.85
N ASN A 584 40.12 13.68 21.59
CA ASN A 584 40.58 14.42 20.44
C ASN A 584 39.73 14.02 19.25
N GLY A 585 40.14 14.47 18.07
CA GLY A 585 39.40 14.31 16.86
C GLY A 585 39.52 12.95 16.24
N GLU A 586 40.19 12.03 16.90
CA GLU A 586 40.17 10.65 16.49
C GLU A 586 39.27 9.84 17.38
N TRP A 587 39.22 10.19 18.67
CA TRP A 587 38.23 9.59 19.57
C TRP A 587 36.79 10.05 19.18
N GLU A 588 36.62 11.33 18.79
CA GLU A 588 35.29 11.93 18.45
C GLU A 588 35.37 12.37 17.03
N THR A 589 34.72 11.62 16.12
CA THR A 589 34.83 11.90 14.69
C THR A 589 33.57 11.34 13.94
N GLU A 590 33.19 12.01 12.86
CA GLU A 590 32.37 11.43 11.87
C GLU A 590 32.82 10.03 11.53
N GLY A 591 31.89 9.10 11.37
CA GLY A 591 32.31 7.80 10.91
C GLY A 591 32.03 6.68 11.85
N TYR A 592 32.17 6.92 13.16
CA TYR A 592 31.87 5.93 14.15
C TYR A 592 31.61 6.61 15.47
N ASP A 593 30.99 5.93 16.40
CA ASP A 593 30.60 6.48 17.67
C ASP A 593 31.63 6.06 18.67
N ARG A 594 31.70 6.74 19.81
CA ARG A 594 32.53 6.29 20.93
C ARG A 594 31.93 4.97 21.47
N GLU A 595 32.80 4.09 21.97
CA GLU A 595 32.43 2.84 22.56
C GLU A 595 32.01 3.00 24.01
N ASN A 596 32.52 4.02 24.68
CA ASN A 596 32.16 4.23 26.09
C ASN A 596 32.47 5.67 26.42
N MSE A 597 32.15 6.11 27.64
CA MSE A 597 32.40 7.46 28.10
C MSE A 597 33.79 7.67 28.77
O MSE A 597 33.97 8.65 29.43
CB MSE A 597 31.30 7.87 29.07
CG MSE A 597 30.37 8.87 28.54
SE MSE A 597 28.87 9.33 29.72
CE MSE A 597 29.89 10.17 31.22
N ASP A 598 34.72 6.72 28.61
CA ASP A 598 35.97 6.78 29.40
C ASP A 598 37.00 7.77 28.80
N LEU A 599 37.76 8.41 29.67
CA LEU A 599 38.99 9.07 29.22
C LEU A 599 39.95 7.97 28.84
N PRO A 600 40.82 8.23 27.85
CA PRO A 600 41.62 7.14 27.28
C PRO A 600 42.90 6.72 28.04
N LYS A 601 43.24 5.45 27.87
CA LYS A 601 44.55 4.91 28.26
C LYS A 601 44.84 5.21 29.75
N ARG A 602 46.00 5.77 30.06
CA ARG A 602 46.36 5.91 31.49
C ARG A 602 45.99 7.26 32.07
N THR A 603 45.10 7.96 31.35
CA THR A 603 44.69 9.31 31.76
C THR A 603 44.21 9.35 33.23
N ASN A 604 43.32 8.42 33.57
CA ASN A 604 42.72 8.50 34.89
C ASN A 604 43.75 8.19 36.00
N GLU A 605 44.63 7.24 35.71
CA GLU A 605 45.71 6.86 36.58
C GLU A 605 46.61 8.08 36.81
N LEU A 606 46.95 8.78 35.73
CA LEU A 606 47.69 10.02 35.83
C LEU A 606 46.97 11.08 36.68
N VAL A 607 45.67 11.34 36.41
CA VAL A 607 44.96 12.35 37.20
C VAL A 607 44.94 11.94 38.70
N ARG A 608 44.67 10.67 39.00
CA ARG A 608 44.58 10.25 40.41
C ARG A 608 45.98 10.49 41.09
N ALA A 609 47.05 10.12 40.38
CA ALA A 609 48.39 10.33 40.91
C ALA A 609 48.66 11.83 41.14
N VAL A 610 48.32 12.68 40.16
CA VAL A 610 48.52 14.14 40.33
C VAL A 610 47.69 14.75 41.43
N LEU A 611 46.42 14.37 41.53
CA LEU A 611 45.59 14.89 42.62
C LEU A 611 46.08 14.44 44.01
N LYS A 612 46.60 13.23 44.12
CA LYS A 612 47.20 12.80 45.38
C LYS A 612 48.43 13.67 45.71
N ALA A 613 49.39 13.74 44.78
CA ALA A 613 50.63 14.51 45.02
C ALA A 613 50.36 15.98 45.32
N ASN A 614 49.30 16.56 44.72
CA ASN A 614 48.99 17.99 44.93
C ASN A 614 47.50 18.32 44.69
N PRO A 615 46.74 18.56 45.78
CA PRO A 615 45.32 18.86 45.64
C PRO A 615 45.01 20.22 45.04
N ASN A 616 46.01 21.08 44.92
CA ASN A 616 45.78 22.36 44.24
C ASN A 616 46.12 22.26 42.76
N THR A 617 45.32 21.43 42.07
CA THR A 617 45.47 21.16 40.68
C THR A 617 44.21 21.65 40.01
N VAL A 618 44.39 22.38 38.93
CA VAL A 618 43.27 22.68 38.04
C VAL A 618 43.29 21.68 36.86
N ILE A 619 42.12 21.07 36.60
CA ILE A 619 42.02 20.16 35.44
C ILE A 619 41.32 20.85 34.30
N VAL A 620 41.90 20.82 33.11
CA VAL A 620 41.24 21.38 31.95
C VAL A 620 41.01 20.23 31.05
N ASN A 621 39.73 20.02 30.73
CA ASN A 621 39.28 18.90 29.82
C ASN A 621 38.84 19.38 28.47
N GLN A 622 39.41 18.80 27.43
CA GLN A 622 38.96 19.06 26.07
C GLN A 622 38.17 17.85 25.54
N SER A 623 36.89 18.01 25.28
CA SER A 623 36.11 16.97 24.59
C SER A 623 34.88 17.69 24.02
N GLY A 624 34.19 17.07 23.05
CA GLY A 624 32.97 17.67 22.53
C GLY A 624 31.72 17.20 23.26
N THR A 625 31.85 16.08 23.98
CA THR A 625 30.70 15.46 24.67
C THR A 625 31.20 14.91 26.02
N PRO A 626 30.29 14.47 26.92
CA PRO A 626 30.68 14.09 28.26
C PRO A 626 31.68 12.93 28.37
N VAL A 627 32.59 13.07 29.35
CA VAL A 627 33.45 11.98 29.76
C VAL A 627 33.18 11.72 31.21
N GLU A 628 33.36 10.47 31.62
CA GLU A 628 33.29 10.18 33.01
C GLU A 628 34.60 10.69 33.70
N PHE A 629 34.44 11.40 34.79
CA PHE A 629 35.56 11.79 35.66
C PHE A 629 35.48 10.96 36.96
N PRO A 630 36.11 9.76 37.01
CA PRO A 630 35.83 8.92 38.19
C PRO A 630 36.32 9.51 39.50
N TRP A 631 37.38 10.30 39.42
CA TRP A 631 38.06 10.92 40.55
C TRP A 631 37.50 12.30 40.88
N LEU A 632 36.30 12.59 40.34
CA LEU A 632 35.68 13.90 40.41
C LEU A 632 35.70 14.50 41.82
N GLU A 633 35.46 13.68 42.85
CA GLU A 633 35.31 14.22 44.21
C GLU A 633 36.63 14.86 44.70
N ASP A 634 37.76 14.37 44.20
CA ASP A 634 39.05 14.90 44.58
C ASP A 634 39.54 16.06 43.69
N ALA A 635 38.83 16.36 42.59
CA ALA A 635 39.20 17.45 41.67
C ALA A 635 38.58 18.73 42.15
N ASN A 636 39.39 19.62 42.74
CA ASN A 636 38.89 20.89 43.30
C ASN A 636 38.66 22.01 42.26
N ALA A 637 39.37 21.92 41.13
CA ALA A 637 39.23 22.93 40.08
C ALA A 637 39.06 22.24 38.71
N LEU A 638 37.91 22.48 38.06
CA LEU A 638 37.58 21.75 36.82
C LEU A 638 37.02 22.69 35.75
N VAL A 639 37.67 22.70 34.59
CA VAL A 639 37.29 23.54 33.47
C VAL A 639 36.99 22.70 32.20
N GLN A 640 35.86 22.95 31.56
CA GLN A 640 35.53 22.23 30.28
C GLN A 640 35.76 23.23 29.14
N ALA A 641 36.79 22.98 28.36
CA ALA A 641 37.21 23.83 27.29
C ALA A 641 36.78 23.47 25.90
N TRP A 642 36.20 22.30 25.70
CA TRP A 642 35.75 21.85 24.41
C TRP A 642 36.90 21.77 23.40
N TYR A 643 36.64 22.02 22.15
CA TYR A 643 37.68 22.04 21.14
C TYR A 643 37.65 23.43 20.59
N GLY A 644 38.48 24.30 21.12
CA GLY A 644 38.35 25.78 20.94
C GLY A 644 38.86 26.38 19.66
N GLY A 645 39.25 25.54 18.68
CA GLY A 645 39.65 26.06 17.34
C GLY A 645 41.07 26.75 17.36
N ASN A 646 41.33 27.70 16.46
CA ASN A 646 42.73 28.18 16.26
C ASN A 646 43.27 28.79 17.55
N GLU A 647 42.44 29.58 18.24
CA GLU A 647 42.90 30.32 19.47
C GLU A 647 42.68 29.56 20.81
N LEU A 648 42.46 28.24 20.71
CA LEU A 648 42.02 27.47 21.85
C LEU A 648 42.94 27.71 23.07
N GLY A 649 44.26 27.69 22.85
CA GLY A 649 45.23 27.80 23.91
C GLY A 649 45.23 29.18 24.59
N ASN A 650 45.13 30.27 23.84
CA ASN A 650 44.99 31.59 24.43
C ASN A 650 43.67 31.78 25.17
N ALA A 651 42.62 31.14 24.65
CA ALA A 651 41.28 31.26 25.24
C ALA A 651 41.32 30.56 26.63
N ILE A 652 42.02 29.42 26.69
CA ILE A 652 42.16 28.70 27.94
C ILE A 652 42.98 29.54 28.95
N ALA A 653 44.16 30.00 28.53
CA ALA A 653 44.94 30.92 29.41
C ALA A 653 44.11 32.13 29.84
N ASP A 654 43.39 32.78 28.94
CA ASP A 654 42.53 33.90 29.35
C ASP A 654 41.60 33.54 30.53
N VAL A 655 41.05 32.33 30.51
CA VAL A 655 40.09 31.96 31.54
C VAL A 655 40.81 31.54 32.81
N LEU A 656 41.87 30.75 32.66
CA LEU A 656 42.62 30.34 33.82
C LEU A 656 43.17 31.57 34.65
N TYR A 657 43.51 32.69 34.00
CA TYR A 657 44.10 33.85 34.68
C TYR A 657 43.11 34.96 34.91
N GLY A 658 41.85 34.75 34.47
CA GLY A 658 40.80 35.72 34.74
C GLY A 658 40.76 36.93 33.82
N ASP A 659 41.54 36.94 32.74
CA ASP A 659 41.39 38.00 31.72
C ASP A 659 40.08 37.90 31.00
N VAL A 660 39.52 36.68 30.94
CA VAL A 660 38.12 36.53 30.59
C VAL A 660 37.59 35.74 31.81
N VAL A 661 36.51 36.22 32.38
CA VAL A 661 35.86 35.61 33.51
C VAL A 661 34.88 34.55 33.01
N PRO A 662 35.08 33.30 33.40
CA PRO A 662 34.32 32.18 32.77
C PRO A 662 32.82 32.45 32.79
N ASN A 663 32.21 32.27 31.63
CA ASN A 663 30.83 32.70 31.43
C ASN A 663 30.05 31.70 30.57
N GLY A 664 30.66 30.57 30.21
CA GLY A 664 29.91 29.54 29.46
C GLY A 664 29.00 28.71 30.37
N LYS A 665 27.96 28.09 29.80
CA LYS A 665 27.07 27.16 30.50
C LYS A 665 26.92 25.90 29.65
N LEU A 666 26.85 24.74 30.28
CA LEU A 666 26.93 23.47 29.60
C LEU A 666 25.77 23.38 28.62
N SER A 667 26.06 23.08 27.38
CA SER A 667 24.95 22.84 26.43
C SER A 667 24.46 21.39 26.48
N LEU A 668 25.06 20.54 27.33
CA LEU A 668 24.70 19.10 27.38
C LEU A 668 24.65 18.67 28.87
N SER A 669 23.83 17.68 29.20
CA SER A 669 23.81 17.07 30.50
C SER A 669 25.09 16.26 30.65
N TRP A 670 25.63 16.18 31.85
CA TRP A 670 26.88 15.49 32.04
C TRP A 670 26.67 14.40 33.08
N PRO A 671 26.21 13.18 32.64
CA PRO A 671 25.88 12.19 33.67
C PRO A 671 27.12 11.65 34.39
N PHE A 672 26.94 11.09 35.59
CA PHE A 672 28.11 10.47 36.28
C PHE A 672 28.65 9.26 35.51
N LYS A 673 27.74 8.48 34.92
CA LYS A 673 28.10 7.19 34.35
C LYS A 673 27.34 6.96 33.07
N LEU A 674 27.98 6.26 32.16
CA LEU A 674 27.33 5.95 30.86
C LEU A 674 25.94 5.27 31.10
N GLN A 675 25.87 4.36 32.08
CA GLN A 675 24.65 3.60 32.30
C GLN A 675 23.52 4.47 32.79
N ASP A 676 23.83 5.67 33.25
CA ASP A 676 22.71 6.59 33.61
C ASP A 676 21.99 7.21 32.43
N ASN A 677 22.59 7.19 31.23
CA ASN A 677 22.03 8.02 30.12
C ASN A 677 20.75 7.39 29.49
N PRO A 678 19.80 8.20 29.01
CA PRO A 678 18.55 7.68 28.42
C PRO A 678 18.80 6.64 27.27
N ALA A 679 19.88 6.84 26.51
CA ALA A 679 20.09 6.02 25.30
C ALA A 679 21.11 4.92 25.58
N PHE A 680 21.28 4.60 26.85
CA PHE A 680 22.25 3.57 27.12
C PHE A 680 22.06 2.26 26.34
N LEU A 681 20.81 1.81 26.29
CA LEU A 681 20.49 0.53 25.64
C LEU A 681 20.25 0.62 24.11
N ASN A 682 20.10 1.82 23.56
CA ASN A 682 19.66 1.92 22.13
C ASN A 682 20.43 3.02 21.40
N PHE A 683 21.76 2.92 21.53
CA PHE A 683 22.64 3.81 20.82
C PHE A 683 23.53 3.04 19.88
N LYS A 684 22.94 2.14 19.12
CA LYS A 684 23.75 1.33 18.18
C LYS A 684 22.76 0.93 17.07
N THR A 685 23.23 0.76 15.84
CA THR A 685 22.35 0.34 14.83
C THR A 685 22.29 -1.20 14.91
N GLU A 686 21.12 -1.76 15.23
CA GLU A 686 21.02 -3.26 15.43
C GLU A 686 19.93 -3.75 14.52
N PHE A 687 20.23 -4.72 13.64
CA PHE A 687 19.31 -5.20 12.62
C PHE A 687 18.88 -4.00 11.82
N GLY A 688 19.81 -3.04 11.64
CA GLY A 688 19.57 -1.86 10.77
C GLY A 688 18.73 -0.77 11.40
N ARG A 689 18.46 -0.86 12.72
CA ARG A 689 17.58 0.17 13.34
C ARG A 689 18.00 0.63 14.69
N VAL A 690 17.47 1.75 15.10
CA VAL A 690 17.75 2.36 16.37
C VAL A 690 16.40 2.86 16.83
N ILE A 691 15.90 2.33 17.92
CA ILE A 691 14.58 2.73 18.46
C ILE A 691 14.77 3.79 19.55
N TYR A 692 14.16 4.95 19.33
CA TYR A 692 14.34 6.10 20.22
C TYR A 692 13.40 5.88 21.39
N GLY A 693 13.74 4.92 22.21
CA GLY A 693 12.84 4.45 23.27
C GLY A 693 12.52 5.50 24.33
N GLU A 694 13.40 6.50 24.49
CA GLU A 694 13.15 7.53 25.54
C GLU A 694 12.14 8.57 25.03
N ASP A 695 11.84 8.53 23.71
CA ASP A 695 10.83 9.41 23.10
C ASP A 695 11.18 10.90 23.36
N ILE A 696 10.29 11.74 23.95
CA ILE A 696 10.65 13.17 24.20
C ILE A 696 11.62 13.39 25.36
N PHE A 697 11.94 12.32 26.11
CA PHE A 697 12.74 12.50 27.29
C PHE A 697 14.23 12.38 26.98
N VAL A 698 14.76 13.46 26.40
CA VAL A 698 16.12 13.59 25.98
C VAL A 698 16.86 14.60 26.90
N GLY A 699 18.12 14.31 27.22
CA GLY A 699 18.93 15.21 28.03
C GLY A 699 18.28 15.47 29.37
N TYR A 700 18.30 16.73 29.77
CA TYR A 700 17.76 17.09 31.12
C TYR A 700 16.30 16.73 31.24
N ARG A 701 15.56 16.69 30.14
CA ARG A 701 14.16 16.17 30.18
C ARG A 701 14.08 14.75 30.80
N TYR A 702 15.08 13.92 30.55
CA TYR A 702 15.08 12.56 31.08
C TYR A 702 15.48 12.60 32.53
N TYR A 703 16.61 13.25 32.81
CA TYR A 703 17.16 13.21 34.17
C TYR A 703 16.20 13.83 35.18
N GLU A 704 15.61 14.96 34.84
CA GLU A 704 14.64 15.55 35.76
C GLU A 704 13.43 14.72 35.98
N LYS A 705 12.98 14.01 34.94
CA LYS A 705 11.75 13.23 35.04
C LYS A 705 12.05 12.04 35.96
N LEU A 706 13.25 11.44 35.84
CA LEU A 706 13.62 10.31 36.69
C LEU A 706 14.14 10.80 38.06
N GLN A 707 14.35 12.12 38.23
CA GLN A 707 15.17 12.65 39.35
C GLN A 707 16.49 11.88 39.48
N ARG A 708 17.19 11.70 38.37
CA ARG A 708 18.50 11.10 38.41
C ARG A 708 19.52 12.22 38.46
N LYS A 709 20.31 12.24 39.52
CA LYS A 709 21.41 13.19 39.66
C LYS A 709 22.45 12.95 38.61
N VAL A 710 22.99 14.02 38.09
CA VAL A 710 24.08 13.97 37.13
C VAL A 710 25.31 14.68 37.74
N ALA A 711 26.51 14.46 37.20
CA ALA A 711 27.71 15.23 37.62
C ALA A 711 27.46 16.73 37.44
N PHE A 712 26.99 17.12 36.27
CA PHE A 712 26.69 18.52 35.99
C PHE A 712 25.52 18.61 35.00
N PRO A 713 24.54 19.48 35.31
CA PRO A 713 23.29 19.55 34.59
C PRO A 713 23.34 20.57 33.45
N PHE A 714 22.44 20.41 32.49
CA PHE A 714 22.31 21.30 31.38
C PHE A 714 22.23 22.74 31.89
N GLY A 715 22.96 23.66 31.28
CA GLY A 715 22.78 25.06 31.66
C GLY A 715 23.67 25.47 32.85
N TYR A 716 24.47 24.52 33.34
CA TYR A 716 25.34 24.80 34.47
C TYR A 716 26.72 25.37 34.10
N GLY A 717 27.18 26.34 34.88
CA GLY A 717 28.53 26.87 34.67
C GLY A 717 28.85 27.89 35.76
N LEU A 718 30.08 27.91 36.26
CA LEU A 718 30.34 28.84 37.38
C LEU A 718 30.98 30.13 36.83
N SER A 719 31.30 31.06 37.74
CA SER A 719 31.94 32.32 37.42
C SER A 719 33.05 32.64 38.46
N TYR A 720 33.74 33.77 38.28
CA TYR A 720 34.68 34.20 39.32
C TYR A 720 33.92 35.14 40.18
N THR A 721 32.75 35.53 39.73
CA THR A 721 31.95 36.36 40.59
C THR A 721 30.64 35.65 40.90
N THR A 722 29.71 36.33 41.55
CA THR A 722 28.46 35.69 41.96
C THR A 722 27.38 36.59 41.49
N PHE A 723 26.17 36.05 41.33
CA PHE A 723 25.07 36.78 40.75
C PHE A 723 23.79 36.44 41.44
N GLU A 724 22.80 37.32 41.36
CA GLU A 724 21.52 36.96 41.88
C GLU A 724 20.52 37.64 40.98
N LEU A 725 19.28 37.16 40.99
CA LEU A 725 18.27 37.63 40.07
C LEU A 725 16.90 37.45 40.64
N ASP A 726 15.95 38.24 40.16
CA ASP A 726 14.54 38.03 40.44
C ASP A 726 13.69 38.57 39.31
N ILE A 727 12.50 37.99 39.14
CA ILE A 727 11.54 38.47 38.21
C ILE A 727 11.04 39.87 38.68
N SER A 728 11.25 40.91 37.87
CA SER A 728 10.88 42.27 38.23
C SER A 728 9.58 42.74 37.64
N ASP A 729 9.07 42.03 36.65
CA ASP A 729 7.78 42.32 36.06
C ASP A 729 7.33 41.11 35.29
N PHE A 730 6.03 40.90 35.27
CA PHE A 730 5.46 39.76 34.57
C PHE A 730 4.08 40.09 33.99
N LYS A 731 3.86 39.85 32.71
CA LYS A 731 2.54 40.12 32.21
C LYS A 731 2.07 39.06 31.24
N VAL A 732 0.91 38.44 31.54
CA VAL A 732 0.30 37.51 30.56
C VAL A 732 -0.96 38.02 29.92
N THR A 733 -0.90 38.17 28.61
CA THR A 733 -2.09 38.41 27.84
C THR A 733 -2.76 37.03 27.57
N ASP A 734 -3.68 36.96 26.60
CA ASP A 734 -4.20 35.68 26.14
C ASP A 734 -3.25 35.02 25.11
N ASP A 735 -2.27 35.78 24.60
CA ASP A 735 -1.38 35.34 23.50
C ASP A 735 0.13 35.49 23.71
N LYS A 736 0.53 36.14 24.81
CA LYS A 736 1.95 36.51 25.04
C LYS A 736 2.38 36.44 26.51
N ILE A 737 3.69 36.36 26.70
CA ILE A 737 4.32 36.35 28.01
C ILE A 737 5.41 37.39 27.95
N ALA A 738 5.36 38.36 28.84
CA ALA A 738 6.46 39.31 28.94
C ALA A 738 7.02 39.15 30.31
N ILE A 739 8.31 38.88 30.41
CA ILE A 739 8.84 38.69 31.71
C ILE A 739 10.06 39.58 31.88
N SER A 740 10.19 40.28 32.99
CA SER A 740 11.41 41.06 33.15
C SER A 740 12.17 40.49 34.27
N VAL A 741 13.46 40.43 34.12
CA VAL A 741 14.29 39.80 35.10
C VAL A 741 15.43 40.73 35.46
N ASP A 742 15.68 40.92 36.77
CA ASP A 742 16.75 41.82 37.17
C ASP A 742 17.91 40.98 37.62
N VAL A 743 19.09 41.28 37.14
CA VAL A 743 20.21 40.49 37.48
C VAL A 743 21.30 41.35 38.07
N LYS A 744 21.95 40.88 39.13
CA LYS A 744 22.99 41.70 39.77
C LYS A 744 24.22 40.91 40.06
N ASN A 745 25.38 41.51 39.78
CA ASN A 745 26.64 40.96 40.15
C ASN A 745 26.90 41.33 41.62
N THR A 746 26.75 40.36 42.53
CA THR A 746 26.87 40.61 43.96
C THR A 746 28.31 40.54 44.45
N GLY A 747 29.27 40.29 43.55
CA GLY A 747 30.67 40.21 43.92
C GLY A 747 31.29 41.61 43.90
N ASP A 748 32.51 41.75 44.40
CA ASP A 748 33.07 43.12 44.50
C ASP A 748 34.44 43.15 43.86
N LYS A 749 34.77 42.10 43.11
CA LYS A 749 36.08 42.04 42.49
C LYS A 749 36.03 41.89 40.95
N PHE A 750 35.28 40.89 40.44
CA PHE A 750 35.28 40.61 38.99
C PHE A 750 33.97 41.05 38.30
N ALA A 751 34.08 41.76 37.17
CA ALA A 751 32.93 41.86 36.20
C ALA A 751 32.72 40.47 35.58
N GLY A 752 31.50 40.14 35.18
CA GLY A 752 31.31 38.90 34.41
C GLY A 752 29.92 38.82 33.87
N SER A 753 29.65 37.78 33.08
CA SER A 753 28.34 37.65 32.44
C SER A 753 27.59 36.48 33.04
N GLU A 754 26.28 36.62 33.12
CA GLU A 754 25.46 35.59 33.68
C GLU A 754 24.46 35.21 32.59
N VAL A 755 23.97 33.98 32.61
CA VAL A 755 22.97 33.60 31.60
C VAL A 755 21.68 33.34 32.34
N VAL A 756 20.67 34.15 32.04
CA VAL A 756 19.32 33.96 32.50
C VAL A 756 18.63 32.91 31.62
N GLN A 757 18.12 31.83 32.26
CA GLN A 757 17.49 30.72 31.53
C GLN A 757 16.02 30.71 31.94
N VAL A 758 15.11 30.69 30.96
CA VAL A 758 13.70 30.70 31.25
C VAL A 758 13.08 29.35 30.82
N TYR A 759 12.53 28.61 31.78
CA TYR A 759 11.87 27.30 31.58
C TYR A 759 10.37 27.40 31.81
N PHE A 760 9.58 26.55 31.17
CA PHE A 760 8.15 26.45 31.43
C PHE A 760 7.73 25.05 31.81
N SER A 761 6.65 24.97 32.62
CA SER A 761 6.09 23.70 33.09
C SER A 761 4.62 23.87 33.07
N ALA A 762 3.92 22.81 32.62
CA ALA A 762 2.48 22.66 32.72
C ALA A 762 2.19 22.01 34.11
N LEU A 763 1.27 22.60 34.88
CA LEU A 763 1.07 22.18 36.29
C LEU A 763 0.04 21.09 36.48
N ASN A 764 -1.04 21.11 35.73
CA ASN A 764 -1.89 19.94 35.89
C ASN A 764 -2.41 19.40 34.58
N SER A 765 -1.56 19.13 33.60
CA SER A 765 -2.12 18.53 32.37
C SER A 765 -2.36 17.04 32.53
N LYS A 766 -3.15 16.50 31.63
CA LYS A 766 -3.34 15.09 31.57
C LYS A 766 -2.34 14.48 30.56
N VAL A 767 -1.65 15.34 29.81
CA VAL A 767 -0.61 14.88 28.91
C VAL A 767 0.71 14.83 29.71
N SER A 768 1.48 13.77 29.56
CA SER A 768 2.83 13.68 30.12
C SER A 768 3.81 14.63 29.40
N ARG A 769 4.49 15.49 30.18
CA ARG A 769 5.52 16.35 29.65
C ARG A 769 6.77 16.25 30.45
N PRO A 770 7.85 16.90 29.99
CA PRO A 770 8.98 17.07 30.87
C PRO A 770 8.61 17.93 32.08
N VAL A 771 9.38 17.79 33.15
CA VAL A 771 9.20 18.66 34.33
C VAL A 771 9.19 20.11 33.90
N LYS A 772 10.18 20.52 33.10
CA LYS A 772 10.19 21.88 32.57
C LYS A 772 11.03 21.94 31.28
N GLU A 773 10.79 22.95 30.45
CA GLU A 773 11.47 23.06 29.19
C GLU A 773 12.01 24.45 28.98
N LEU A 774 13.26 24.53 28.52
CA LEU A 774 13.85 25.80 28.14
C LEU A 774 13.12 26.44 26.97
N LYS A 775 12.69 27.73 27.12
CA LYS A 775 12.05 28.52 26.05
C LYS A 775 12.57 29.95 25.84
N GLY A 776 13.55 30.37 26.62
CA GLY A 776 14.16 31.68 26.48
C GLY A 776 15.43 31.71 27.29
N PHE A 777 16.39 32.51 26.82
CA PHE A 777 17.59 32.77 27.57
C PHE A 777 18.14 34.14 27.19
N GLU A 778 18.80 34.84 28.14
CA GLU A 778 19.53 36.08 27.84
C GLU A 778 20.87 36.11 28.59
N LYS A 779 21.94 36.55 27.94
CA LYS A 779 23.24 36.65 28.59
C LYS A 779 23.44 38.15 28.91
N VAL A 780 23.92 38.49 30.11
CA VAL A 780 24.00 39.90 30.58
C VAL A 780 25.34 40.08 31.24
N HIS A 781 26.06 41.12 30.81
CA HIS A 781 27.35 41.45 31.36
C HIS A 781 27.15 42.54 32.45
N LEU A 782 27.79 42.35 33.60
CA LEU A 782 27.61 43.18 34.79
C LEU A 782 28.93 43.44 35.49
N GLU A 783 29.16 44.72 35.82
CA GLU A 783 30.31 45.12 36.65
C GLU A 783 30.07 44.72 38.10
N PRO A 784 31.16 44.66 38.92
CA PRO A 784 30.82 44.33 40.32
C PRO A 784 29.75 45.29 40.91
N GLY A 785 28.73 44.75 41.53
CA GLY A 785 27.69 45.60 42.10
C GLY A 785 26.64 46.09 41.15
N GLU A 786 26.88 45.93 39.85
CA GLU A 786 25.96 46.46 38.90
C GLU A 786 24.70 45.58 38.76
N LYS A 787 23.54 46.20 38.54
CA LYS A 787 22.29 45.53 38.24
C LYS A 787 21.69 45.99 36.89
N LYS A 788 21.17 45.04 36.08
CA LYS A 788 20.44 45.33 34.82
C LYS A 788 19.15 44.55 34.77
N THR A 789 18.17 45.05 34.03
CA THR A 789 16.95 44.34 33.74
C THR A 789 17.05 43.71 32.33
N VAL A 790 16.76 42.42 32.19
CA VAL A 790 16.61 41.86 30.84
C VAL A 790 15.20 41.45 30.68
N ASN A 791 14.73 41.54 29.45
CA ASN A 791 13.37 41.25 29.15
C ASN A 791 13.25 40.04 28.22
N ILE A 792 12.24 39.22 28.48
CA ILE A 792 12.02 38.02 27.67
C ILE A 792 10.55 37.98 27.36
N ASP A 793 10.23 38.35 26.13
CA ASP A 793 8.86 38.32 25.60
C ASP A 793 8.79 37.20 24.55
N LEU A 794 7.73 36.42 24.58
CA LEU A 794 7.55 35.42 23.51
C LEU A 794 6.07 35.03 23.34
N GLU A 795 5.68 34.45 22.21
CA GLU A 795 4.27 34.00 22.11
C GLU A 795 4.04 32.75 22.98
N LEU A 796 2.83 32.63 23.56
CA LEU A 796 2.46 31.45 24.32
C LEU A 796 2.63 30.22 23.40
N LYS A 797 2.35 30.36 22.12
CA LYS A 797 2.37 29.19 21.25
C LYS A 797 3.80 28.63 21.20
N ASP A 798 4.74 29.54 21.35
CA ASP A 798 6.15 29.25 21.36
C ASP A 798 6.56 28.71 22.68
N ALA A 799 5.95 29.19 23.76
CA ALA A 799 6.36 28.82 25.08
C ALA A 799 5.81 27.51 25.62
N ILE A 800 4.55 27.20 25.33
CA ILE A 800 3.93 26.09 26.07
C ILE A 800 3.18 25.07 25.23
N SER A 801 3.42 25.06 23.93
CA SER A 801 2.80 24.03 23.05
C SER A 801 3.41 22.65 23.28
N TYR A 802 2.64 21.57 23.14
CA TYR A 802 3.25 20.23 22.96
C TYR A 802 2.66 19.71 21.65
N PHE A 803 3.33 18.71 21.03
CA PHE A 803 2.79 18.13 19.80
C PHE A 803 1.80 17.02 20.11
N ASN A 804 0.55 17.19 19.70
CA ASN A 804 -0.48 16.21 19.95
C ASN A 804 -0.41 15.25 18.77
N GLU A 805 0.11 14.07 19.05
CA GLU A 805 0.46 13.09 18.05
C GLU A 805 -0.79 12.47 17.45
N GLU A 806 -1.84 12.30 18.28
CA GLU A 806 -3.07 11.74 17.83
C GLU A 806 -3.75 12.68 16.86
N LEU A 807 -3.73 13.97 17.16
CA LEU A 807 -4.39 14.94 16.26
C LEU A 807 -3.50 15.38 15.10
N GLY A 808 -2.18 15.15 15.18
CA GLY A 808 -1.29 15.63 14.14
C GLY A 808 -1.05 17.15 14.28
N LYS A 809 -1.08 17.73 15.47
CA LYS A 809 -1.06 19.21 15.56
C LYS A 809 -0.47 19.65 16.85
N TRP A 810 0.13 20.81 16.86
CA TRP A 810 0.56 21.38 18.10
C TRP A 810 -0.65 21.89 18.92
N HIS A 811 -0.50 21.87 20.24
CA HIS A 811 -1.61 22.21 21.13
C HIS A 811 -1.11 23.04 22.31
N VAL A 812 -1.68 24.24 22.43
CA VAL A 812 -1.63 25.03 23.67
C VAL A 812 -2.86 24.63 24.49
N GLU A 813 -2.64 23.95 25.60
CA GLU A 813 -3.69 23.44 26.45
C GLU A 813 -4.06 24.48 27.50
N ALA A 814 -5.35 24.71 27.67
CA ALA A 814 -5.87 25.55 28.78
C ALA A 814 -5.35 25.03 30.14
N GLY A 815 -4.95 25.88 31.08
CA GLY A 815 -4.57 25.31 32.39
C GLY A 815 -3.64 26.18 33.19
N GLU A 816 -3.05 25.64 34.24
CA GLU A 816 -2.08 26.37 35.06
C GLU A 816 -0.65 26.06 34.56
N TYR A 817 0.20 27.06 34.46
CA TYR A 817 1.60 26.91 34.06
C TYR A 817 2.55 27.54 35.07
N LEU A 818 3.79 27.08 35.08
CA LEU A 818 4.84 27.74 35.83
C LEU A 818 6.03 28.24 34.99
N VAL A 819 6.36 29.54 35.11
CA VAL A 819 7.59 30.00 34.50
C VAL A 819 8.66 29.94 35.58
N SER A 820 9.82 29.38 35.25
CA SER A 820 10.91 29.22 36.20
C SER A 820 12.13 29.86 35.58
N VAL A 821 12.80 30.69 36.37
CA VAL A 821 13.91 31.47 35.88
C VAL A 821 15.09 31.18 36.76
N GLY A 822 16.24 30.88 36.15
CA GLY A 822 17.42 30.52 36.93
C GLY A 822 18.68 30.65 36.13
N THR A 823 19.79 30.17 36.68
CA THR A 823 21.06 30.25 36.01
C THR A 823 21.62 28.86 35.65
N SER A 824 20.79 27.81 35.82
CA SER A 824 21.01 26.46 35.19
C SER A 824 19.66 25.75 35.31
N SER A 825 19.52 24.57 34.68
CA SER A 825 18.28 23.78 34.79
C SER A 825 18.05 23.29 36.24
N ASP A 826 19.12 23.34 37.03
CA ASP A 826 19.09 22.83 38.41
C ASP A 826 19.24 23.98 39.37
N ASP A 827 19.20 25.23 38.90
CA ASP A 827 19.48 26.39 39.80
C ASP A 827 18.41 27.44 39.50
N ILE A 828 17.18 27.14 39.85
CA ILE A 828 16.06 28.01 39.59
C ILE A 828 16.01 29.00 40.77
N LEU A 829 15.89 30.30 40.48
CA LEU A 829 15.95 31.34 41.49
C LEU A 829 14.63 32.10 41.66
N SER A 830 13.71 31.97 40.73
CA SER A 830 12.51 32.81 40.79
C SER A 830 11.44 32.20 39.88
N VAL A 831 10.22 32.05 40.38
CA VAL A 831 9.15 31.37 39.66
C VAL A 831 7.88 32.20 39.72
N LYS A 832 6.94 31.85 38.86
CA LYS A 832 5.63 32.49 38.78
C LYS A 832 4.64 31.59 38.07
N GLU A 833 3.47 31.47 38.68
CA GLU A 833 2.41 30.67 38.13
C GLU A 833 1.52 31.59 37.33
N PHE A 834 0.88 31.03 36.30
CA PHE A 834 -0.07 31.77 35.51
C PHE A 834 -1.06 30.80 34.87
N LYS A 835 -2.15 31.35 34.35
CA LYS A 835 -3.27 30.55 33.90
C LYS A 835 -3.45 30.87 32.46
N VAL A 836 -3.86 29.88 31.70
CA VAL A 836 -4.12 30.08 30.27
C VAL A 836 -5.50 29.55 30.08
N GLU A 837 -6.36 30.26 29.37
CA GLU A 837 -7.70 29.69 29.15
C GLU A 837 -8.09 29.57 27.68
N LYS A 838 -7.45 30.36 26.82
CA LYS A 838 -7.62 30.26 25.37
C LYS A 838 -6.71 29.12 24.92
N GLU A 839 -7.29 27.98 24.59
CA GLU A 839 -6.52 26.93 23.95
C GLU A 839 -6.24 27.27 22.48
N LEU A 840 -5.25 26.59 21.86
CA LEU A 840 -4.84 26.83 20.46
C LEU A 840 -4.28 25.53 19.87
N TYR A 841 -4.74 25.18 18.66
CA TYR A 841 -4.18 24.11 17.87
C TYR A 841 -3.61 24.76 16.64
N TRP A 842 -2.38 24.37 16.25
CA TRP A 842 -1.72 24.93 15.09
C TRP A 842 -0.77 23.94 14.45
N LYS A 843 -0.44 24.20 13.18
CA LYS A 843 0.66 23.49 12.48
C LYS A 843 1.46 24.55 11.81
N GLY A 844 2.57 24.10 11.22
CA GLY A 844 3.45 25.06 10.53
C GLY A 844 4.48 25.71 11.41
N LEU A 845 4.68 26.99 11.18
CA LEU A 845 5.79 27.69 11.75
C LEU A 845 5.29 28.54 12.90
N SER B 2 -16.20 -41.43 19.04
CA SER B 2 -16.71 -40.03 18.95
C SER B 2 -18.00 -39.97 18.16
N LYS B 3 -18.93 -39.19 18.69
CA LYS B 3 -20.16 -38.89 17.99
C LYS B 3 -20.06 -37.47 17.42
N PHE B 4 -18.83 -36.95 17.27
CA PHE B 4 -18.68 -35.54 16.81
C PHE B 4 -17.66 -35.45 15.67
N ASP B 5 -18.16 -35.13 14.47
CA ASP B 5 -17.34 -35.16 13.25
C ASP B 5 -17.29 -33.74 12.68
N VAL B 6 -16.16 -33.04 12.86
CA VAL B 6 -16.10 -31.64 12.41
C VAL B 6 -16.41 -31.45 10.92
N GLU B 7 -15.71 -32.20 10.06
CA GLU B 7 -15.84 -31.93 8.61
C GLU B 7 -17.25 -32.31 8.10
N GLN B 8 -17.79 -33.42 8.59
CA GLN B 8 -19.17 -33.80 8.30
C GLN B 8 -20.13 -32.69 8.72
N LEU B 9 -19.98 -32.20 9.94
CA LEU B 9 -20.85 -31.11 10.39
C LEU B 9 -20.70 -29.85 9.58
N LEU B 10 -19.47 -29.44 9.34
CA LEU B 10 -19.26 -28.29 8.54
C LEU B 10 -20.03 -28.47 7.20
N SER B 11 -20.00 -29.67 6.62
CA SER B 11 -20.66 -29.90 5.34
C SER B 11 -22.21 -29.90 5.44
N GLU B 12 -22.76 -30.05 6.64
CA GLU B 12 -24.21 -30.12 6.83
C GLU B 12 -24.83 -28.85 7.35
N LEU B 13 -24.06 -28.04 8.08
CA LEU B 13 -24.60 -26.77 8.61
C LEU B 13 -25.03 -25.89 7.43
N ASN B 14 -26.14 -25.16 7.58
CA ASN B 14 -26.49 -24.24 6.49
C ASN B 14 -25.75 -22.91 6.80
N GLN B 15 -25.80 -21.94 5.88
CA GLN B 15 -25.11 -20.68 6.12
C GLN B 15 -25.51 -19.88 7.38
N ASP B 16 -26.80 -19.79 7.69
CA ASP B 16 -27.25 -19.13 8.92
C ASP B 16 -26.74 -19.82 10.20
N GLU B 17 -26.78 -21.14 10.20
CA GLU B 17 -26.27 -21.92 11.32
C GLU B 17 -24.72 -21.66 11.48
N LYS B 18 -23.97 -21.70 10.36
CA LYS B 18 -22.55 -21.36 10.28
C LYS B 18 -22.36 -19.98 10.93
N ILE B 19 -23.12 -18.97 10.51
CA ILE B 19 -22.96 -17.63 11.09
C ILE B 19 -23.27 -17.60 12.57
N SER B 20 -24.30 -18.35 12.98
CA SER B 20 -24.65 -18.42 14.42
C SER B 20 -23.58 -19.06 15.27
N LEU B 21 -22.77 -19.96 14.74
CA LEU B 21 -21.62 -20.48 15.52
C LEU B 21 -20.45 -19.44 15.78
N LEU B 22 -20.40 -18.33 15.04
CA LEU B 22 -19.24 -17.34 15.08
C LEU B 22 -19.32 -16.32 16.19
N SER B 23 -20.44 -16.35 16.92
CA SER B 23 -20.60 -15.55 18.16
C SER B 23 -21.24 -16.43 19.24
N ALA B 24 -20.94 -16.03 20.48
CA ALA B 24 -21.54 -16.60 21.64
C ALA B 24 -23.00 -16.16 21.65
N VAL B 25 -23.85 -16.91 22.31
CA VAL B 25 -25.23 -16.58 22.60
C VAL B 25 -25.46 -15.52 23.67
N ASP B 26 -24.72 -15.63 24.75
CA ASP B 26 -24.81 -14.80 25.94
C ASP B 26 -23.42 -14.58 26.49
N PHE B 27 -23.30 -14.13 27.69
CA PHE B 27 -21.99 -13.94 28.22
C PHE B 27 -21.10 -15.20 28.29
N TRP B 28 -21.69 -16.39 28.39
CA TRP B 28 -20.91 -17.57 28.79
C TRP B 28 -21.08 -18.78 27.93
N HIS B 29 -21.95 -18.69 26.91
CA HIS B 29 -22.34 -19.93 26.21
C HIS B 29 -22.25 -19.81 24.70
N THR B 30 -21.71 -20.82 24.02
CA THR B 30 -21.77 -20.85 22.59
C THR B 30 -23.15 -21.36 22.12
N LYS B 31 -23.32 -21.46 20.81
CA LYS B 31 -24.61 -21.69 20.21
C LYS B 31 -24.96 -23.17 20.14
N LYS B 32 -26.10 -23.56 20.72
CA LYS B 32 -26.68 -24.93 20.46
C LYS B 32 -27.27 -25.08 19.05
N ILE B 33 -26.99 -26.18 18.38
CA ILE B 33 -27.65 -26.45 17.11
C ILE B 33 -28.25 -27.88 17.19
N GLU B 34 -29.49 -28.00 17.70
CA GLU B 34 -30.10 -29.34 17.99
C GLU B 34 -30.19 -30.22 16.79
N ARG B 35 -30.67 -29.64 15.70
CA ARG B 35 -30.67 -30.29 14.40
C ARG B 35 -29.48 -31.24 14.27
N LEU B 36 -28.29 -30.81 14.68
CA LEU B 36 -27.06 -31.61 14.36
C LEU B 36 -26.36 -32.18 15.58
N GLY B 37 -26.98 -32.11 16.73
CA GLY B 37 -26.37 -32.65 17.93
C GLY B 37 -25.20 -31.79 18.43
N ILE B 38 -25.20 -30.49 18.13
CA ILE B 38 -24.16 -29.58 18.65
C ILE B 38 -24.67 -28.86 19.89
N PRO B 39 -24.07 -29.13 21.06
CA PRO B 39 -24.49 -28.58 22.31
C PRO B 39 -23.96 -27.17 22.52
N ALA B 40 -24.64 -26.41 23.37
CA ALA B 40 -24.09 -25.22 23.89
C ALA B 40 -22.93 -25.54 24.87
N VAL B 41 -21.83 -24.80 24.75
CA VAL B 41 -20.67 -25.06 25.59
C VAL B 41 -20.61 -23.90 26.55
N ARG B 42 -20.42 -24.17 27.84
CA ARG B 42 -20.26 -23.13 28.84
C ARG B 42 -18.74 -22.82 29.11
N VAL B 43 -18.39 -21.54 29.06
CA VAL B 43 -17.07 -21.08 29.49
C VAL B 43 -17.19 -20.35 30.79
N SER B 44 -16.09 -20.31 31.56
CA SER B 44 -16.12 -19.52 32.78
C SER B 44 -14.76 -18.89 33.16
N ASP B 45 -14.77 -17.65 33.65
CA ASP B 45 -13.57 -17.12 34.29
C ASP B 45 -13.26 -17.99 35.49
N GLY B 46 -12.01 -18.00 35.97
CA GLY B 46 -10.88 -17.25 35.46
C GLY B 46 -9.59 -17.95 35.84
N PRO B 47 -8.42 -17.24 35.85
CA PRO B 47 -7.14 -17.90 36.12
C PRO B 47 -6.83 -18.28 37.55
N ASN B 48 -7.54 -17.74 38.52
CA ASN B 48 -7.36 -18.18 39.90
C ASN B 48 -8.65 -18.66 40.60
N GLY B 49 -9.45 -19.44 39.86
CA GLY B 49 -10.70 -20.02 40.42
C GLY B 49 -11.87 -19.78 39.50
N ILE B 50 -12.88 -20.62 39.63
CA ILE B 50 -13.97 -20.65 38.67
C ILE B 50 -15.20 -19.92 39.18
N ARG B 51 -15.51 -18.77 38.57
CA ARG B 51 -16.61 -17.91 39.08
C ARG B 51 -18.00 -18.44 38.74
N GLY B 52 -18.19 -18.99 37.54
CA GLY B 52 -19.50 -19.44 37.13
C GLY B 52 -20.22 -18.39 36.29
N THR B 53 -21.52 -18.56 36.11
CA THR B 53 -22.31 -17.66 35.25
C THR B 53 -22.82 -16.36 35.90
N LYS B 54 -22.56 -16.13 37.20
CA LYS B 54 -22.93 -14.83 37.86
C LYS B 54 -21.86 -14.19 38.72
N PHE B 55 -21.71 -12.85 38.66
CA PHE B 55 -20.94 -12.09 39.67
C PHE B 55 -21.85 -11.93 40.89
N PHE B 56 -22.96 -11.19 40.72
CA PHE B 56 -23.96 -10.97 41.81
C PHE B 56 -24.77 -12.22 42.08
N ASP B 57 -24.81 -12.57 43.36
CA ASP B 57 -25.39 -13.83 43.78
C ASP B 57 -24.58 -15.04 43.22
N GLY B 58 -23.27 -14.84 42.94
CA GLY B 58 -22.38 -15.96 42.49
C GLY B 58 -22.42 -17.20 43.43
N VAL B 59 -22.50 -18.38 42.85
CA VAL B 59 -22.29 -19.65 43.61
C VAL B 59 -20.82 -19.70 44.11
N PRO B 60 -20.60 -19.89 45.47
CA PRO B 60 -19.24 -19.91 46.03
C PRO B 60 -18.30 -20.92 45.36
N SER B 61 -17.00 -20.65 45.46
CA SER B 61 -16.04 -21.43 44.68
C SER B 61 -14.67 -21.37 45.36
N GLY B 62 -13.69 -22.14 44.86
CA GLY B 62 -12.34 -22.07 45.45
C GLY B 62 -11.49 -21.01 44.77
N CYS B 63 -11.08 -20.01 45.55
CA CYS B 63 -10.16 -19.04 45.03
C CYS B 63 -8.72 -19.52 45.31
N PHE B 64 -7.90 -19.59 44.24
CA PHE B 64 -6.49 -19.87 44.30
C PHE B 64 -5.64 -18.61 44.47
N PRO B 65 -4.37 -18.74 44.89
CA PRO B 65 -3.48 -17.55 44.88
C PRO B 65 -3.37 -16.95 43.50
N ASN B 66 -3.02 -15.67 43.41
CA ASN B 66 -2.96 -14.97 42.17
C ASN B 66 -1.71 -15.44 41.40
N GLY B 67 -1.69 -15.16 40.11
CA GLY B 67 -0.68 -15.63 39.16
C GLY B 67 0.77 -15.36 39.51
N THR B 68 1.08 -14.13 39.95
CA THR B 68 2.45 -13.87 40.34
C THR B 68 2.84 -14.63 41.60
N GLY B 69 1.87 -14.93 42.43
CA GLY B 69 2.16 -15.81 43.55
C GLY B 69 2.37 -17.28 43.08
N LEU B 70 1.42 -17.82 42.32
CA LEU B 70 1.61 -19.14 41.72
C LEU B 70 2.96 -19.34 41.02
N ALA B 71 3.40 -18.37 40.23
CA ALA B 71 4.67 -18.50 39.49
C ALA B 71 5.86 -18.54 40.45
N SER B 72 5.75 -17.82 41.57
CA SER B 72 6.80 -17.77 42.56
C SER B 72 7.01 -19.17 43.20
N THR B 73 6.10 -20.10 42.99
CA THR B 73 6.41 -21.46 43.44
C THR B 73 7.56 -22.02 42.64
N PHE B 74 7.78 -21.57 41.40
CA PHE B 74 8.78 -22.23 40.52
C PHE B 74 8.61 -23.80 40.56
N ASP B 75 7.34 -24.26 40.59
CA ASP B 75 7.04 -25.66 40.77
C ASP B 75 6.07 -26.20 39.75
N ARG B 76 6.58 -26.70 38.64
CA ARG B 76 5.72 -27.19 37.55
C ARG B 76 4.71 -28.24 37.98
N ASP B 77 5.15 -29.16 38.83
CA ASP B 77 4.33 -30.26 39.21
C ASP B 77 3.17 -29.70 40.02
N LEU B 78 3.49 -28.81 40.95
CA LEU B 78 2.48 -28.21 41.79
C LEU B 78 1.54 -27.36 40.90
N LEU B 79 2.08 -26.65 39.90
CA LEU B 79 1.18 -25.89 39.02
C LEU B 79 0.26 -26.80 38.19
N GLU B 80 0.74 -27.94 37.76
CA GLU B 80 -0.10 -28.93 37.12
C GLU B 80 -1.18 -29.39 38.02
N THR B 81 -0.85 -29.56 39.28
CA THR B 81 -1.81 -30.01 40.29
C THR B 81 -2.89 -28.94 40.48
N ALA B 82 -2.47 -27.67 40.43
CA ALA B 82 -3.41 -26.59 40.58
C ALA B 82 -4.37 -26.56 39.41
N GLY B 83 -3.88 -26.75 38.17
CA GLY B 83 -4.76 -26.73 37.01
C GLY B 83 -5.75 -27.91 37.08
N LYS B 84 -5.30 -29.07 37.57
CA LYS B 84 -6.22 -30.20 37.75
C LYS B 84 -7.31 -29.84 38.78
N LEU B 85 -6.94 -29.21 39.88
CA LEU B 85 -7.95 -28.78 40.79
C LEU B 85 -8.88 -27.70 40.18
N MSE B 86 -8.36 -26.83 39.35
CA MSE B 86 -9.22 -25.84 38.69
C MSE B 86 -10.22 -26.50 37.78
O MSE B 86 -11.36 -26.05 37.67
CB MSE B 86 -8.39 -24.88 37.84
CG MSE B 86 -7.47 -23.96 38.71
SE MSE B 86 -6.13 -22.95 37.60
CE MSE B 86 -5.28 -21.95 39.11
N ALA B 87 -9.78 -27.58 37.14
CA ALA B 87 -10.70 -28.37 36.32
C ALA B 87 -11.89 -28.95 37.11
N LYS B 88 -11.58 -29.52 38.27
CA LYS B 88 -12.59 -30.08 39.16
C LYS B 88 -13.53 -28.97 39.63
N GLU B 89 -12.95 -27.82 39.98
CA GLU B 89 -13.74 -26.61 40.29
C GLU B 89 -14.66 -26.17 39.11
N SER B 90 -14.12 -26.26 37.91
CA SER B 90 -14.90 -25.94 36.71
C SER B 90 -16.09 -26.97 36.48
N ILE B 91 -15.79 -28.24 36.63
CA ILE B 91 -16.77 -29.31 36.44
C ILE B 91 -17.91 -29.05 37.42
N ALA B 92 -17.59 -28.61 38.64
CA ALA B 92 -18.62 -28.36 39.65
C ALA B 92 -19.51 -27.17 39.25
N LYS B 93 -19.05 -26.34 38.32
CA LYS B 93 -19.87 -25.24 37.81
C LYS B 93 -20.41 -25.62 36.44
N ASN B 94 -20.24 -26.86 36.04
CA ASN B 94 -20.60 -27.27 34.67
C ASN B 94 -20.06 -26.33 33.55
N ALA B 95 -18.81 -25.87 33.73
CA ALA B 95 -18.11 -25.09 32.69
C ALA B 95 -17.06 -25.97 32.05
N ALA B 96 -17.22 -26.19 30.74
CA ALA B 96 -16.33 -27.06 29.97
C ALA B 96 -15.01 -26.42 29.53
N VAL B 97 -14.90 -25.07 29.69
CA VAL B 97 -13.74 -24.32 29.22
C VAL B 97 -13.44 -23.26 30.28
N ILE B 98 -12.20 -23.20 30.75
CA ILE B 98 -11.78 -22.15 31.72
C ILE B 98 -11.08 -21.00 30.98
N LEU B 99 -11.39 -19.77 31.37
CA LEU B 99 -10.88 -18.57 30.74
C LEU B 99 -9.61 -18.21 31.47
N GLY B 100 -8.59 -19.02 31.23
CA GLY B 100 -7.31 -18.94 31.96
C GLY B 100 -6.39 -20.02 31.42
N PRO B 101 -5.07 -19.95 31.72
CA PRO B 101 -4.49 -18.94 32.59
C PRO B 101 -4.16 -17.64 31.79
N THR B 102 -3.74 -16.62 32.52
CA THR B 102 -3.32 -15.39 31.95
C THR B 102 -1.81 -15.25 31.89
N THR B 103 -1.28 -14.76 30.75
CA THR B 103 0.19 -14.62 30.72
C THR B 103 0.70 -13.41 29.92
N ASN B 104 0.11 -12.24 30.14
CA ASN B 104 0.75 -10.98 29.77
C ASN B 104 1.93 -10.67 30.67
N MSE B 105 2.70 -9.62 30.36
CA MSE B 105 4.01 -9.44 31.00
C MSE B 105 4.09 -8.16 31.78
O MSE B 105 3.74 -7.12 31.29
CB MSE B 105 5.13 -9.53 29.95
CG MSE B 105 4.99 -10.76 29.04
SE MSE B 105 5.19 -12.47 30.03
CE MSE B 105 7.17 -12.41 30.20
N GLN B 106 4.62 -8.23 32.99
CA GLN B 106 4.73 -7.02 33.85
C GLN B 106 5.99 -6.25 33.41
N ARG B 107 5.87 -5.61 32.26
CA ARG B 107 7.05 -4.85 31.76
C ARG B 107 7.35 -3.66 32.67
N GLY B 108 6.31 -3.16 33.36
CA GLY B 108 6.52 -2.30 34.53
C GLY B 108 5.69 -2.92 35.63
N PRO B 109 5.88 -2.44 36.85
CA PRO B 109 5.20 -2.94 38.02
C PRO B 109 3.76 -2.49 38.27
N LEU B 110 3.24 -1.50 37.54
CA LEU B 110 1.99 -0.80 37.92
C LEU B 110 0.76 -1.35 37.17
N GLY B 111 0.94 -2.34 36.32
CA GLY B 111 -0.19 -2.87 35.57
C GLY B 111 -1.32 -3.26 36.49
N GLY B 112 -2.53 -2.80 36.18
CA GLY B 112 -3.64 -3.16 37.03
C GLY B 112 -3.93 -4.65 37.08
N ARG B 113 -3.58 -5.38 36.04
CA ARG B 113 -3.67 -6.83 36.05
C ARG B 113 -2.34 -7.51 36.15
N GLY B 114 -1.30 -6.78 36.60
CA GLY B 114 0.03 -7.42 36.82
C GLY B 114 -0.11 -8.60 37.80
N PHE B 115 -1.02 -8.50 38.79
CA PHE B 115 -1.28 -9.61 39.78
C PHE B 115 -1.70 -10.90 39.12
N GLU B 116 -2.31 -10.75 37.96
CA GLU B 116 -3.08 -11.84 37.38
C GLU B 116 -2.27 -12.76 36.47
N SER B 117 -1.21 -12.24 35.89
CA SER B 117 -0.36 -13.03 35.03
C SER B 117 0.76 -13.67 35.88
N PHE B 118 1.76 -14.27 35.23
CA PHE B 118 2.73 -15.08 36.00
C PHE B 118 4.03 -14.38 36.36
N SER B 119 4.68 -13.80 35.35
CA SER B 119 6.08 -13.45 35.52
C SER B 119 6.61 -12.49 34.45
N GLU B 120 7.48 -11.57 34.84
CA GLU B 120 8.23 -10.75 33.91
C GLU B 120 9.23 -11.61 33.08
N ASP B 121 9.51 -12.84 33.52
CA ASP B 121 10.38 -13.70 32.71
C ASP B 121 9.59 -14.58 31.72
N PRO B 122 9.93 -14.56 30.42
CA PRO B 122 9.03 -15.34 29.54
C PRO B 122 9.09 -16.86 29.66
N TYR B 123 10.21 -17.38 30.19
CA TYR B 123 10.36 -18.84 30.35
C TYR B 123 9.62 -19.27 31.60
N LEU B 124 9.80 -18.59 32.74
CA LEU B 124 8.94 -18.91 33.85
C LEU B 124 7.42 -18.76 33.51
N ALA B 125 7.04 -17.70 32.80
CA ALA B 125 5.62 -17.43 32.49
C ALA B 125 5.10 -18.55 31.58
N GLY B 126 5.93 -18.96 30.61
CA GLY B 126 5.52 -19.93 29.62
C GLY B 126 5.43 -21.34 30.26
N MSE B 127 6.36 -21.69 31.15
CA MSE B 127 6.30 -23.03 31.80
C MSE B 127 5.17 -23.08 32.87
O MSE B 127 4.55 -24.11 33.04
CB MSE B 127 7.66 -23.40 32.43
CG MSE B 127 8.81 -23.57 31.38
SE MSE B 127 8.30 -24.56 29.68
CE MSE B 127 8.27 -26.14 30.66
N ALA B 128 4.94 -21.97 33.60
CA ALA B 128 3.80 -21.91 34.50
C ALA B 128 2.54 -22.07 33.66
N THR B 129 2.44 -21.32 32.57
CA THR B 129 1.25 -21.46 31.71
C THR B 129 1.08 -22.92 31.25
N SER B 130 2.15 -23.47 30.70
CA SER B 130 2.09 -24.79 30.14
C SER B 130 1.66 -25.82 31.19
N SER B 131 2.20 -25.69 32.40
CA SER B 131 1.85 -26.56 33.52
C SER B 131 0.37 -26.45 33.96
N VAL B 132 -0.15 -25.25 34.21
CA VAL B 132 -1.60 -25.07 34.50
C VAL B 132 -2.52 -25.71 33.40
N VAL B 133 -2.25 -25.41 32.14
CA VAL B 133 -3.01 -25.93 30.98
C VAL B 133 -2.97 -27.48 30.95
N LYS B 134 -1.79 -28.09 31.14
CA LYS B 134 -1.68 -29.56 31.26
C LYS B 134 -2.57 -30.11 32.33
N GLY B 135 -2.55 -29.44 33.50
CA GLY B 135 -3.35 -29.93 34.58
C GLY B 135 -4.83 -29.79 34.26
N MSE B 136 -5.24 -28.66 33.68
CA MSE B 136 -6.67 -28.47 33.29
C MSE B 136 -7.08 -29.50 32.26
O MSE B 136 -8.11 -30.23 32.42
CB MSE B 136 -6.94 -27.09 32.69
CG MSE B 136 -6.68 -25.96 33.66
SE MSE B 136 -6.84 -24.29 32.61
CE MSE B 136 -6.88 -23.09 34.16
N GLN B 137 -6.27 -29.60 31.22
CA GLN B 137 -6.74 -30.39 30.06
C GLN B 137 -6.66 -31.95 30.26
N GLY B 138 -5.75 -32.37 31.13
CA GLY B 138 -5.61 -33.79 31.58
C GLY B 138 -6.93 -34.24 32.21
N GLU B 139 -7.68 -33.30 32.79
CA GLU B 139 -9.01 -33.62 33.33
C GLU B 139 -10.14 -33.49 32.30
N GLY B 140 -9.81 -33.17 31.08
CA GLY B 140 -10.82 -33.04 30.03
C GLY B 140 -11.47 -31.68 29.95
N ILE B 141 -10.91 -30.69 30.67
CA ILE B 141 -11.38 -29.31 30.62
C ILE B 141 -10.43 -28.39 29.78
N ALA B 142 -11.00 -27.56 28.92
CA ALA B 142 -10.27 -26.78 27.92
C ALA B 142 -9.72 -25.54 28.62
N ALA B 143 -8.46 -25.23 28.36
CA ALA B 143 -7.82 -24.01 28.81
C ALA B 143 -8.05 -22.91 27.78
N THR B 144 -8.01 -21.65 28.22
CA THR B 144 -7.97 -20.56 27.25
C THR B 144 -6.81 -19.65 27.63
N VAL B 145 -5.69 -19.72 26.94
CA VAL B 145 -4.56 -18.88 27.38
C VAL B 145 -4.82 -17.45 26.92
N LYS B 146 -4.62 -16.46 27.79
CA LYS B 146 -4.96 -15.14 27.37
C LYS B 146 -3.93 -14.12 27.95
N HIS B 147 -3.89 -12.85 27.51
CA HIS B 147 -4.64 -12.27 26.34
C HIS B 147 -3.58 -12.04 25.24
N PHE B 148 -3.82 -12.59 24.08
CA PHE B 148 -2.87 -12.58 22.97
C PHE B 148 -3.09 -11.32 22.09
N VAL B 149 -2.19 -10.31 22.12
CA VAL B 149 -0.94 -10.30 22.94
C VAL B 149 -0.63 -8.84 23.26
N CYS B 150 0.29 -8.63 24.18
CA CYS B 150 0.75 -7.28 24.57
C CYS B 150 -0.34 -6.45 25.27
N ASN B 151 -1.20 -7.14 25.97
CA ASN B 151 -2.16 -6.47 26.85
C ASN B 151 -1.48 -6.28 28.20
N ASP B 152 -0.50 -5.40 28.26
CA ASP B 152 0.43 -5.38 29.42
C ASP B 152 0.15 -4.17 30.30
N LEU B 153 -0.87 -3.38 29.96
CA LEU B 153 -1.39 -2.42 30.96
C LEU B 153 -2.88 -2.27 30.72
N GLU B 154 -3.58 -1.61 31.63
CA GLU B 154 -5.02 -1.51 31.53
C GLU B 154 -5.50 -0.21 30.89
N ASP B 155 -4.72 0.84 31.07
CA ASP B 155 -5.09 2.20 30.55
C ASP B 155 -5.60 2.20 29.09
N GLN B 156 -6.91 2.41 28.94
CA GLN B 156 -7.53 2.60 27.59
C GLN B 156 -7.34 1.36 26.71
N ARG B 157 -7.43 0.18 27.32
CA ARG B 157 -7.03 -1.05 26.69
C ARG B 157 -7.74 -1.40 25.42
N PHE B 158 -9.01 -0.97 25.25
CA PHE B 158 -9.78 -1.27 23.99
C PHE B 158 -9.15 -0.58 22.79
N SER B 159 -8.41 0.52 23.03
CA SER B 159 -7.78 1.22 21.91
C SER B 159 -6.23 1.28 21.95
N SER B 160 -5.62 0.97 23.09
CA SER B 160 -4.16 1.16 23.28
C SER B 160 -3.37 0.42 22.20
N ASN B 161 -2.49 1.15 21.52
CA ASN B 161 -1.56 0.56 20.56
C ASN B 161 -0.22 0.25 21.21
N SER B 162 0.03 -1.03 21.47
CA SER B 162 1.34 -1.47 21.94
C SER B 162 2.32 -1.48 20.75
N ILE B 163 3.29 -0.56 20.78
CA ILE B 163 4.21 -0.41 19.65
C ILE B 163 5.51 -1.04 20.10
N VAL B 164 5.84 -2.15 19.48
CA VAL B 164 6.85 -3.02 20.02
C VAL B 164 7.68 -3.68 18.87
N SER B 165 9.00 -3.75 19.01
CA SER B 165 9.80 -4.23 17.89
C SER B 165 9.54 -5.74 17.70
N GLU B 166 9.77 -6.28 16.51
CA GLU B 166 9.61 -7.73 16.33
C GLU B 166 10.55 -8.57 17.24
N ARG B 167 11.75 -8.10 17.53
CA ARG B 167 12.59 -8.85 18.44
C ARG B 167 12.00 -8.96 19.90
N ALA B 168 11.51 -7.85 20.45
CA ALA B 168 10.95 -7.89 21.81
C ALA B 168 9.61 -8.63 21.77
N LEU B 169 8.82 -8.39 20.73
CA LEU B 169 7.52 -9.17 20.54
C LEU B 169 7.76 -10.67 20.60
N ARG B 170 8.77 -11.12 19.85
CA ARG B 170 9.17 -12.55 19.82
C ARG B 170 9.74 -13.04 21.10
N GLU B 171 10.74 -12.35 21.66
CA GLU B 171 11.48 -12.93 22.82
C GLU B 171 10.76 -12.85 24.13
N ILE B 172 9.94 -11.83 24.29
CA ILE B 172 9.30 -11.60 25.59
C ILE B 172 7.78 -11.88 25.58
N TYR B 173 7.02 -11.34 24.63
CA TYR B 173 5.52 -11.26 24.73
C TYR B 173 4.87 -12.46 24.07
N LEU B 174 5.33 -12.84 22.89
CA LEU B 174 4.81 -14.05 22.22
C LEU B 174 5.39 -15.33 22.90
N GLU B 175 6.58 -15.23 23.48
CA GLU B 175 7.28 -16.39 24.00
C GLU B 175 6.50 -17.27 25.02
N PRO B 176 5.78 -16.68 26.01
CA PRO B 176 5.07 -17.64 26.85
C PRO B 176 3.93 -18.39 26.14
N PHE B 177 3.33 -17.78 25.11
CA PHE B 177 2.32 -18.44 24.26
C PHE B 177 2.96 -19.49 23.40
N ARG B 178 4.13 -19.16 22.80
CA ARG B 178 4.90 -20.17 22.05
C ARG B 178 5.13 -21.44 22.89
N LEU B 179 5.64 -21.22 24.12
CA LEU B 179 5.95 -22.32 25.01
C LEU B 179 4.70 -23.12 25.40
N ALA B 180 3.61 -22.43 25.73
CA ALA B 180 2.36 -23.04 26.10
C ALA B 180 1.82 -23.89 24.93
N VAL B 181 1.84 -23.35 23.72
CA VAL B 181 1.45 -24.07 22.54
C VAL B 181 2.30 -25.32 22.29
N LYS B 182 3.64 -25.15 22.37
CA LYS B 182 4.61 -26.22 22.10
C LYS B 182 4.42 -27.33 23.12
N HIS B 183 4.27 -26.98 24.40
CA HIS B 183 4.27 -28.03 25.40
C HIS B 183 2.89 -28.44 25.86
N ALA B 184 1.85 -27.63 25.64
CA ALA B 184 0.56 -27.97 26.27
C ALA B 184 -0.64 -27.92 25.34
N ASN B 185 -0.46 -27.35 24.17
CA ASN B 185 -1.55 -27.33 23.21
C ASN B 185 -2.90 -26.87 23.77
N PRO B 186 -3.01 -25.60 24.18
CA PRO B 186 -4.25 -25.14 24.74
C PRO B 186 -5.36 -25.25 23.66
N VAL B 187 -6.55 -25.67 24.10
CA VAL B 187 -7.71 -25.80 23.18
C VAL B 187 -8.19 -24.44 22.66
N CYS B 188 -8.05 -23.41 23.50
CA CYS B 188 -8.42 -22.02 23.14
C CYS B 188 -7.32 -21.00 23.47
N ILE B 189 -7.39 -19.86 22.79
CA ILE B 189 -6.65 -18.69 23.17
C ILE B 189 -7.61 -17.53 23.01
N MSE B 190 -7.52 -16.56 23.91
CA MSE B 190 -8.36 -15.39 23.87
C MSE B 190 -7.47 -14.24 23.38
O MSE B 190 -6.36 -14.03 23.92
CB MSE B 190 -8.93 -15.07 25.26
CG MSE B 190 -9.87 -13.80 25.29
SE MSE B 190 -10.32 -13.26 27.06
CE MSE B 190 -11.07 -15.03 27.67
N THR B 191 -7.92 -13.51 22.34
CA THR B 191 -7.24 -12.29 21.87
C THR B 191 -7.37 -11.13 22.86
N ALA B 192 -6.38 -10.22 22.82
CA ALA B 192 -6.33 -9.06 23.70
C ALA B 192 -7.29 -7.99 23.21
N TYR B 193 -7.53 -6.98 24.05
CA TYR B 193 -8.35 -5.81 23.68
C TYR B 193 -7.59 -4.77 22.83
N ASN B 194 -6.27 -4.67 23.06
CA ASN B 194 -5.39 -3.63 22.52
C ASN B 194 -5.00 -3.90 21.09
N LYS B 195 -4.30 -2.95 20.51
CA LYS B 195 -3.69 -3.20 19.24
C LYS B 195 -2.22 -3.59 19.42
N VAL B 196 -1.67 -4.16 18.36
CA VAL B 196 -0.21 -4.33 18.29
C VAL B 196 0.28 -3.74 17.02
N ASN B 197 1.19 -2.74 17.18
CA ASN B 197 1.72 -2.02 16.02
C ASN B 197 0.64 -1.53 15.05
N GLY B 198 -0.43 -0.93 15.59
CA GLY B 198 -1.35 -0.28 14.68
C GLY B 198 -2.62 -1.13 14.42
N GLU B 199 -2.60 -2.42 14.75
CA GLU B 199 -3.72 -3.28 14.39
C GLU B 199 -4.32 -3.99 15.63
N HIS B 200 -5.63 -3.86 15.81
CA HIS B 200 -6.28 -4.63 16.89
C HIS B 200 -5.93 -6.11 16.80
N CYS B 201 -5.54 -6.69 17.92
CA CYS B 201 -5.15 -8.10 17.88
C CYS B 201 -6.23 -8.99 17.35
N SER B 202 -7.47 -8.62 17.65
CA SER B 202 -8.59 -9.50 17.27
C SER B 202 -8.94 -9.49 15.79
N GLN B 203 -8.26 -8.67 14.98
CA GLN B 203 -8.36 -8.78 13.53
C GLN B 203 -6.99 -8.68 12.87
N SER B 204 -5.98 -9.16 13.57
CA SER B 204 -4.62 -9.10 13.04
C SER B 204 -4.22 -10.40 12.36
N LYS B 205 -4.16 -10.38 11.05
CA LYS B 205 -3.75 -11.57 10.33
C LYS B 205 -2.34 -12.02 10.73
N LYS B 206 -1.43 -11.08 10.92
CA LYS B 206 -0.08 -11.49 11.31
C LYS B 206 -0.12 -12.36 12.58
N LEU B 207 -0.89 -11.94 13.57
CA LEU B 207 -0.88 -12.64 14.86
C LEU B 207 -1.73 -13.92 14.76
N LEU B 208 -2.92 -13.78 14.20
CA LEU B 208 -4.00 -14.77 14.36
C LEU B 208 -3.83 -15.90 13.39
N ILE B 209 -3.19 -15.60 12.26
CA ILE B 209 -3.04 -16.56 11.17
C ILE B 209 -1.56 -16.79 10.83
N ASP B 210 -0.77 -15.73 10.55
CA ASP B 210 0.62 -16.00 10.11
C ASP B 210 1.39 -16.68 11.21
N ILE B 211 1.21 -16.21 12.45
CA ILE B 211 1.96 -16.77 13.52
C ILE B 211 1.23 -17.99 14.08
N LEU B 212 0.02 -17.83 14.63
CA LEU B 212 -0.58 -18.94 15.31
C LEU B 212 -0.81 -20.16 14.39
N ARG B 213 -1.23 -19.91 13.15
CA ARG B 213 -1.60 -21.03 12.24
C ARG B 213 -0.46 -21.42 11.29
N ASP B 214 0.04 -20.49 10.46
CA ASP B 214 1.00 -20.91 9.41
C ASP B 214 2.34 -21.26 10.01
N GLU B 215 2.79 -20.53 11.03
CA GLU B 215 4.11 -20.77 11.61
C GLU B 215 4.08 -21.81 12.73
N TRP B 216 3.16 -21.64 13.71
CA TRP B 216 3.20 -22.51 14.86
C TRP B 216 2.36 -23.80 14.66
N LYS B 217 1.47 -23.84 13.66
CA LYS B 217 0.56 -24.98 13.36
C LYS B 217 -0.39 -25.28 14.52
N TRP B 218 -0.74 -24.24 15.31
CA TRP B 218 -1.60 -24.46 16.46
C TRP B 218 -3.02 -24.51 15.90
N ASP B 219 -3.81 -25.46 16.41
CA ASP B 219 -5.15 -25.76 15.80
C ASP B 219 -6.32 -25.55 16.72
N GLY B 220 -6.13 -24.69 17.73
CA GLY B 220 -7.13 -24.33 18.70
C GLY B 220 -8.12 -23.32 18.17
N MSE B 221 -8.92 -22.79 19.08
CA MSE B 221 -9.97 -21.82 18.71
C MSE B 221 -9.59 -20.46 19.34
O MSE B 221 -9.35 -20.40 20.51
CB MSE B 221 -11.27 -22.23 19.39
CG MSE B 221 -12.47 -21.58 18.69
SE MSE B 221 -14.13 -21.65 19.80
CE MSE B 221 -13.69 -20.78 21.51
N LEU B 222 -9.67 -19.38 18.56
CA LEU B 222 -9.48 -18.04 19.10
C LEU B 222 -10.84 -17.41 19.43
N MSE B 223 -10.98 -16.90 20.64
CA MSE B 223 -12.12 -16.02 20.97
C MSE B 223 -11.68 -14.62 21.36
O MSE B 223 -10.54 -14.43 21.86
CB MSE B 223 -12.89 -16.58 22.17
CG MSE B 223 -12.06 -16.67 23.46
SE MSE B 223 -13.04 -17.37 25.08
CE MSE B 223 -12.77 -19.26 24.74
N SER B 224 -12.58 -13.65 21.23
CA SER B 224 -12.27 -12.29 21.51
C SER B 224 -12.28 -12.17 23.03
N ASP B 225 -11.63 -11.15 23.58
CA ASP B 225 -11.94 -10.77 24.93
C ASP B 225 -13.36 -10.11 24.78
N TRP B 226 -13.99 -9.80 25.89
CA TRP B 226 -15.45 -9.53 25.90
C TRP B 226 -15.70 -8.14 25.35
N PHE B 227 -16.42 -8.10 24.24
CA PHE B 227 -16.63 -6.93 23.40
C PHE B 227 -15.36 -6.50 22.64
N GLY B 228 -14.29 -7.31 22.71
CA GLY B 228 -13.01 -6.99 22.00
C GLY B 228 -12.95 -7.38 20.52
N THR B 229 -14.06 -7.20 19.82
CA THR B 229 -14.19 -7.28 18.40
C THR B 229 -14.50 -5.88 17.89
N TYR B 230 -13.98 -5.53 16.71
CA TYR B 230 -14.03 -4.16 16.28
C TYR B 230 -14.46 -3.95 14.82
N THR B 231 -14.64 -5.04 14.08
CA THR B 231 -15.14 -4.99 12.71
C THR B 231 -15.96 -6.26 12.46
N THR B 232 -16.69 -6.25 11.36
CA THR B 232 -17.47 -7.41 10.97
C THR B 232 -16.56 -8.31 10.13
N ALA B 233 -16.13 -7.80 9.00
CA ALA B 233 -15.48 -8.59 7.96
C ALA B 233 -14.00 -8.83 8.27
N ALA B 234 -13.26 -7.79 8.68
CA ALA B 234 -11.80 -8.00 8.92
C ALA B 234 -11.50 -9.05 9.94
N ALA B 235 -12.18 -8.99 11.10
CA ALA B 235 -11.96 -9.98 12.16
C ALA B 235 -12.26 -11.42 11.66
N ILE B 236 -13.27 -11.57 10.80
CA ILE B 236 -13.59 -12.93 10.24
C ILE B 236 -12.49 -13.35 9.22
N LYS B 237 -12.10 -12.40 8.37
CA LYS B 237 -11.07 -12.73 7.33
C LYS B 237 -9.72 -13.08 8.02
N ASN B 238 -9.47 -12.41 9.14
CA ASN B 238 -8.08 -12.31 9.67
C ASN B 238 -7.83 -13.27 10.83
N GLY B 239 -8.85 -14.05 11.20
CA GLY B 239 -8.64 -15.25 12.00
C GLY B 239 -9.30 -15.32 13.37
N LEU B 240 -10.21 -14.39 13.66
CA LEU B 240 -10.94 -14.44 14.93
C LEU B 240 -12.12 -15.41 14.85
N ASP B 241 -12.02 -16.56 15.50
CA ASP B 241 -13.00 -17.59 15.29
C ASP B 241 -14.37 -17.28 15.96
N ILE B 242 -14.36 -16.70 17.14
CA ILE B 242 -15.64 -16.45 17.80
C ILE B 242 -15.67 -15.20 18.63
N GLU B 243 -16.75 -14.46 18.47
CA GLU B 243 -16.96 -13.19 19.13
C GLU B 243 -17.71 -13.46 20.44
N PHE B 244 -17.20 -12.94 21.59
CA PHE B 244 -17.90 -13.01 22.89
C PHE B 244 -17.97 -11.59 23.38
N PRO B 245 -19.00 -11.28 24.20
CA PRO B 245 -20.13 -12.12 24.55
C PRO B 245 -21.23 -12.03 23.47
N GLY B 246 -22.27 -12.87 23.58
CA GLY B 246 -23.56 -12.62 22.90
C GLY B 246 -24.48 -11.69 23.68
N PRO B 247 -25.56 -11.16 23.05
CA PRO B 247 -25.88 -11.32 21.62
C PRO B 247 -24.86 -10.58 20.77
N THR B 248 -24.51 -11.19 19.66
CA THR B 248 -23.55 -10.64 18.72
C THR B 248 -23.77 -9.19 18.33
N ARG B 249 -22.69 -8.40 18.25
CA ARG B 249 -22.77 -7.03 17.69
C ARG B 249 -22.27 -7.02 16.28
N TRP B 250 -21.09 -7.63 16.06
CA TRP B 250 -20.42 -7.55 14.75
C TRP B 250 -20.82 -8.64 13.76
N ARG B 251 -21.42 -9.71 14.26
CA ARG B 251 -21.62 -10.87 13.39
C ARG B 251 -23.11 -11.27 13.33
N THR B 252 -24.01 -10.30 13.25
CA THR B 252 -25.43 -10.73 13.03
C THR B 252 -25.53 -11.44 11.71
N ARG B 253 -26.57 -12.21 11.54
CA ARG B 253 -26.83 -12.87 10.24
C ARG B 253 -26.86 -11.82 9.11
N ALA B 254 -27.46 -10.67 9.34
CA ALA B 254 -27.59 -9.67 8.27
C ALA B 254 -26.21 -9.07 7.93
N LEU B 255 -25.41 -8.76 8.94
CA LEU B 255 -24.10 -8.11 8.69
C LEU B 255 -23.22 -9.07 7.95
N VAL B 256 -23.15 -10.30 8.42
CA VAL B 256 -22.26 -11.23 7.77
C VAL B 256 -22.75 -11.64 6.37
N SER B 257 -24.01 -12.05 6.22
CA SER B 257 -24.44 -12.53 4.88
C SER B 257 -24.45 -11.37 3.88
N HIS B 258 -24.76 -10.16 4.34
CA HIS B 258 -24.70 -9.03 3.44
C HIS B 258 -23.24 -8.77 2.92
N SER B 259 -22.24 -8.88 3.80
CA SER B 259 -20.83 -8.78 3.38
C SER B 259 -20.58 -9.87 2.38
N LEU B 260 -21.01 -11.10 2.66
CA LEU B 260 -20.75 -12.18 1.69
C LEU B 260 -21.38 -11.87 0.33
N ASN B 261 -22.67 -11.54 0.37
CA ASN B 261 -23.44 -11.34 -0.89
C ASN B 261 -23.04 -10.11 -1.66
N SER B 262 -22.42 -9.14 -1.00
CA SER B 262 -21.94 -7.92 -1.67
C SER B 262 -20.42 -7.94 -2.02
N ARG B 263 -19.76 -9.10 -1.87
CA ARG B 263 -18.28 -9.17 -2.08
C ARG B 263 -17.55 -8.05 -1.32
N GLU B 264 -17.99 -7.80 -0.10
CA GLU B 264 -17.30 -6.89 0.83
C GLU B 264 -16.34 -7.73 1.73
N GLN B 265 -15.08 -7.80 1.27
CA GLN B 265 -13.95 -8.34 2.08
C GLN B 265 -13.89 -9.84 2.34
N ILE B 266 -14.96 -10.47 2.80
CA ILE B 266 -14.86 -11.89 3.15
C ILE B 266 -15.55 -12.81 2.14
N THR B 267 -15.22 -14.10 2.19
CA THR B 267 -15.80 -15.08 1.29
C THR B 267 -16.41 -16.15 2.18
N THR B 268 -17.17 -17.05 1.58
CA THR B 268 -17.77 -18.14 2.36
C THR B 268 -16.66 -19.02 2.89
N GLU B 269 -15.54 -19.08 2.18
CA GLU B 269 -14.38 -19.84 2.67
C GLU B 269 -13.78 -19.30 4.02
N ASP B 270 -13.70 -17.97 4.17
CA ASP B 270 -13.32 -17.32 5.42
C ASP B 270 -14.24 -17.74 6.54
N VAL B 271 -15.55 -17.69 6.27
CA VAL B 271 -16.52 -18.11 7.26
C VAL B 271 -16.35 -19.57 7.66
N ASP B 272 -16.29 -20.46 6.67
CA ASP B 272 -16.03 -21.89 6.96
C ASP B 272 -14.75 -22.10 7.78
N ASP B 273 -13.68 -21.39 7.44
CA ASP B 273 -12.42 -21.54 8.22
C ASP B 273 -12.64 -21.22 9.74
N ARG B 274 -13.41 -20.18 10.05
CA ARG B 274 -13.65 -19.84 11.43
C ARG B 274 -14.58 -20.91 12.07
N VAL B 275 -15.68 -21.29 11.37
CA VAL B 275 -16.62 -22.31 11.89
C VAL B 275 -15.85 -23.60 12.13
N ARG B 276 -14.98 -23.99 11.22
CA ARG B 276 -14.18 -25.21 11.46
C ARG B 276 -13.41 -25.20 12.80
N GLN B 277 -12.87 -24.03 13.24
CA GLN B 277 -12.09 -23.98 14.50
C GLN B 277 -13.05 -24.03 15.65
N VAL B 278 -14.17 -23.32 15.53
CA VAL B 278 -15.18 -23.44 16.59
C VAL B 278 -15.64 -24.93 16.76
N LEU B 279 -15.86 -25.65 15.67
CA LEU B 279 -16.28 -27.06 15.77
C LEU B 279 -15.22 -27.93 16.39
N LYS B 280 -13.94 -27.65 16.15
CA LYS B 280 -12.86 -28.44 16.79
C LYS B 280 -12.90 -28.23 18.26
N MSE B 281 -13.23 -27.02 18.72
CA MSE B 281 -13.30 -26.77 20.14
C MSE B 281 -14.49 -27.56 20.71
O MSE B 281 -14.35 -28.17 21.73
CB MSE B 281 -13.46 -25.27 20.49
CG MSE B 281 -13.50 -24.98 21.98
SE MSE B 281 -15.38 -25.26 22.77
CE MSE B 281 -16.28 -23.83 21.84
N ILE B 282 -15.65 -27.55 20.05
CA ILE B 282 -16.80 -28.28 20.61
C ILE B 282 -16.49 -29.80 20.58
N LYS B 283 -15.82 -30.25 19.54
CA LYS B 283 -15.37 -31.65 19.50
C LYS B 283 -14.53 -32.07 20.75
N PHE B 284 -13.57 -31.23 21.17
CA PHE B 284 -12.85 -31.55 22.42
C PHE B 284 -13.83 -31.65 23.59
N VAL B 285 -14.72 -30.68 23.71
CA VAL B 285 -15.66 -30.76 24.83
C VAL B 285 -16.54 -32.06 24.78
N VAL B 286 -17.09 -32.35 23.60
CA VAL B 286 -18.01 -33.48 23.43
C VAL B 286 -17.29 -34.81 23.63
N ASP B 287 -16.12 -34.99 22.98
CA ASP B 287 -15.23 -36.15 23.21
C ASP B 287 -14.85 -36.40 24.65
N ASN B 288 -14.89 -35.35 25.45
CA ASN B 288 -14.54 -35.45 26.89
C ASN B 288 -15.70 -35.55 27.85
N LEU B 289 -16.92 -35.51 27.33
CA LEU B 289 -18.12 -35.43 28.22
C LEU B 289 -18.21 -36.63 29.18
N GLU B 290 -17.71 -37.78 28.73
CA GLU B 290 -17.81 -39.00 29.52
C GLU B 290 -16.89 -38.82 30.72
N LYS B 291 -15.64 -38.43 30.44
CA LYS B 291 -14.66 -38.11 31.49
C LYS B 291 -15.09 -36.98 32.47
N THR B 292 -15.66 -35.89 31.97
CA THR B 292 -15.96 -34.74 32.86
C THR B 292 -17.35 -34.81 33.49
N GLY B 293 -18.31 -35.40 32.79
CA GLY B 293 -19.71 -35.37 33.26
C GLY B 293 -20.40 -33.99 33.11
N ILE B 294 -19.86 -33.16 32.20
CA ILE B 294 -20.45 -31.85 32.06
C ILE B 294 -21.86 -31.95 31.49
N VAL B 295 -22.79 -31.30 32.15
CA VAL B 295 -24.17 -31.26 31.73
C VAL B 295 -24.42 -29.98 30.94
N GLU B 296 -24.95 -30.09 29.72
CA GLU B 296 -25.24 -28.86 28.92
C GLU B 296 -26.17 -27.89 29.67
N ASN B 297 -25.84 -26.60 29.70
CA ASN B 297 -26.67 -25.65 30.45
C ASN B 297 -26.93 -26.14 31.87
N GLY B 298 -25.99 -26.92 32.42
CA GLY B 298 -26.14 -27.54 33.75
C GLY B 298 -26.20 -26.62 34.97
N PRO B 299 -26.63 -27.17 36.14
CA PRO B 299 -26.63 -26.40 37.40
C PRO B 299 -25.21 -26.11 37.89
N GLU B 300 -25.09 -25.10 38.74
CA GLU B 300 -23.82 -24.76 39.36
C GLU B 300 -23.83 -25.10 40.84
N SER B 301 -22.80 -25.78 41.31
CA SER B 301 -22.76 -26.17 42.71
C SER B 301 -21.44 -25.81 43.46
N THR B 302 -21.44 -26.04 44.77
CA THR B 302 -20.26 -25.94 45.63
C THR B 302 -19.68 -27.32 45.98
N SER B 303 -19.92 -28.29 45.08
CA SER B 303 -19.60 -29.68 45.37
C SER B 303 -18.08 -29.93 45.55
N ASN B 304 -17.23 -29.05 45.04
CA ASN B 304 -15.79 -29.26 45.20
C ASN B 304 -15.25 -28.64 46.49
N ASN B 305 -16.13 -28.10 47.34
CA ASN B 305 -15.75 -27.57 48.64
C ASN B 305 -15.55 -28.72 49.63
N THR B 306 -14.36 -29.30 49.62
CA THR B 306 -14.01 -30.43 50.45
C THR B 306 -12.70 -30.16 51.18
N LYS B 307 -12.41 -31.00 52.18
CA LYS B 307 -11.11 -31.01 52.86
C LYS B 307 -9.95 -31.17 51.89
N GLU B 308 -10.06 -32.04 50.92
CA GLU B 308 -9.04 -32.25 49.94
C GLU B 308 -8.70 -30.92 49.19
N THR B 309 -9.73 -30.17 48.78
CA THR B 309 -9.61 -28.89 48.03
C THR B 309 -8.96 -27.83 48.91
N SER B 310 -9.51 -27.70 50.12
CA SER B 310 -8.98 -26.83 51.19
C SER B 310 -7.48 -27.09 51.47
N ASP B 311 -7.09 -28.36 51.61
CA ASP B 311 -5.69 -28.64 52.02
C ASP B 311 -4.79 -28.30 50.81
N LEU B 312 -5.27 -28.57 49.61
CA LEU B 312 -4.49 -28.28 48.42
C LEU B 312 -4.39 -26.76 48.17
N LEU B 313 -5.50 -26.04 48.32
CA LEU B 313 -5.40 -24.57 48.26
C LEU B 313 -4.44 -24.01 49.30
N ARG B 314 -4.46 -24.58 50.51
CA ARG B 314 -3.59 -24.13 51.56
C ARG B 314 -2.09 -24.42 51.17
N LYS B 315 -1.86 -25.61 50.64
CA LYS B 315 -0.47 -25.92 50.22
C LYS B 315 0.03 -24.98 49.10
N ILE B 316 -0.82 -24.73 48.11
CA ILE B 316 -0.41 -23.91 46.98
C ILE B 316 -0.14 -22.49 47.45
N ALA B 317 -1.01 -21.96 48.29
CA ALA B 317 -0.77 -20.63 48.87
C ALA B 317 0.51 -20.56 49.71
N ALA B 318 0.76 -21.59 50.53
CA ALA B 318 1.95 -21.59 51.38
C ALA B 318 3.24 -21.60 50.57
N ASP B 319 3.26 -22.34 49.47
CA ASP B 319 4.47 -22.47 48.67
C ASP B 319 4.68 -21.24 47.75
N SER B 320 3.65 -20.41 47.66
CA SER B 320 3.71 -19.17 46.86
C SER B 320 4.49 -18.11 47.64
N ILE B 321 4.46 -18.25 48.96
CA ILE B 321 4.96 -17.23 49.85
C ILE B 321 6.47 -17.09 49.69
N VAL B 322 6.98 -15.84 49.65
CA VAL B 322 8.42 -15.63 49.53
C VAL B 322 8.93 -15.00 50.81
N LEU B 323 9.92 -15.63 51.45
CA LEU B 323 10.53 -15.04 52.60
C LEU B 323 11.61 -14.08 52.10
N LEU B 324 11.48 -12.80 52.39
CA LEU B 324 12.40 -11.83 51.86
C LEU B 324 13.55 -11.43 52.78
N LYS B 325 13.30 -11.36 54.07
CA LYS B 325 14.33 -11.02 55.07
C LYS B 325 14.01 -11.78 56.31
N ASN B 326 15.06 -12.20 57.00
CA ASN B 326 14.89 -12.84 58.31
C ASN B 326 16.21 -12.78 59.14
N LYS B 327 16.49 -11.64 59.73
CA LYS B 327 17.67 -11.48 60.56
C LYS B 327 17.49 -12.03 61.98
N ASN B 328 18.55 -12.45 62.66
CA ASN B 328 18.43 -12.61 64.14
C ASN B 328 17.49 -13.78 64.50
N ASN B 329 17.37 -14.78 63.62
CA ASN B 329 16.31 -15.80 63.73
C ASN B 329 14.95 -15.35 64.23
N ILE B 330 14.48 -14.19 63.79
CA ILE B 330 13.19 -13.75 64.24
C ILE B 330 12.15 -14.79 63.87
N LEU B 331 12.23 -15.35 62.66
CA LEU B 331 11.34 -16.40 62.18
C LEU B 331 12.07 -17.73 62.16
N PRO B 332 11.38 -18.87 62.37
CA PRO B 332 9.96 -19.00 62.69
C PRO B 332 9.64 -18.49 64.11
N LEU B 333 8.43 -17.97 64.24
CA LEU B 333 7.82 -17.67 65.53
C LEU B 333 7.68 -19.01 66.31
N LYS B 334 7.72 -19.00 67.63
CA LYS B 334 7.31 -20.17 68.44
C LYS B 334 5.89 -19.91 68.89
N LYS B 335 5.14 -21.00 69.07
CA LYS B 335 3.75 -20.92 69.52
C LYS B 335 3.62 -20.32 70.93
N GLU B 336 4.67 -20.41 71.73
CA GLU B 336 4.71 -19.76 73.03
C GLU B 336 5.11 -18.26 72.96
N ASP B 337 5.52 -17.75 71.80
CA ASP B 337 5.83 -16.31 71.78
C ASP B 337 4.59 -15.48 72.16
N ASN B 338 4.81 -14.49 72.99
CA ASN B 338 3.82 -13.50 73.28
C ASN B 338 3.77 -12.53 72.07
N ILE B 339 2.65 -12.41 71.37
CA ILE B 339 2.65 -11.63 70.15
C ILE B 339 1.41 -10.77 70.15
N ILE B 340 1.50 -9.68 69.39
CA ILE B 340 0.32 -8.95 68.91
C ILE B 340 0.35 -8.93 67.35
N VAL B 341 -0.82 -9.04 66.74
CA VAL B 341 -1.01 -8.89 65.31
C VAL B 341 -1.57 -7.49 65.07
N ILE B 342 -1.00 -6.78 64.10
CA ILE B 342 -1.35 -5.39 63.81
C ILE B 342 -1.48 -5.21 62.31
N GLY B 343 -2.38 -4.34 61.88
CA GLY B 343 -2.31 -3.89 60.51
C GLY B 343 -3.56 -3.96 59.74
N PRO B 344 -3.66 -3.12 58.70
CA PRO B 344 -4.86 -3.00 57.89
C PRO B 344 -5.21 -4.28 57.17
N ASN B 345 -4.22 -5.14 56.86
CA ASN B 345 -4.51 -6.42 56.19
C ASN B 345 -4.71 -7.61 57.15
N ALA B 346 -4.52 -7.38 58.46
CA ALA B 346 -4.50 -8.48 59.44
C ALA B 346 -5.87 -9.18 59.47
N LYS B 347 -6.96 -8.41 59.59
CA LYS B 347 -8.30 -9.06 59.55
C LYS B 347 -9.00 -8.92 58.19
N ALA B 348 -8.30 -8.37 57.17
CA ALA B 348 -8.89 -8.25 55.81
C ALA B 348 -8.88 -9.61 55.19
N LYS B 349 -9.74 -9.82 54.19
CA LYS B 349 -9.70 -11.04 53.39
C LYS B 349 -9.25 -10.76 51.95
N THR B 350 -7.96 -10.47 51.78
CA THR B 350 -7.55 -9.99 50.47
C THR B 350 -7.11 -11.18 49.72
N SER B 351 -8.11 -11.93 49.28
CA SER B 351 -7.89 -13.20 48.63
C SER B 351 -7.41 -13.14 47.16
N SER B 352 -7.72 -12.02 46.49
CA SER B 352 -7.41 -11.91 45.07
C SER B 352 -7.28 -10.43 44.69
N GLY B 353 -6.87 -10.14 43.47
CA GLY B 353 -6.99 -8.74 42.97
C GLY B 353 -8.40 -8.50 42.38
N GLY B 354 -8.66 -7.30 41.85
CA GLY B 354 -10.05 -6.93 41.42
C GLY B 354 -10.43 -7.35 40.02
N GLY B 355 -11.74 -7.44 39.79
CA GLY B 355 -12.31 -7.68 38.47
C GLY B 355 -12.61 -9.10 38.00
N SER B 356 -12.18 -9.38 36.77
CA SER B 356 -12.42 -10.63 36.04
C SER B 356 -11.85 -11.96 36.71
N ALA B 357 -10.68 -11.82 37.37
CA ALA B 357 -10.06 -13.00 38.03
C ALA B 357 -10.57 -13.34 39.46
N SER B 358 -11.38 -12.44 40.05
CA SER B 358 -11.91 -12.62 41.45
C SER B 358 -13.31 -13.32 41.43
N MSE B 359 -13.86 -13.57 42.63
CA MSE B 359 -15.05 -14.40 42.81
C MSE B 359 -15.65 -14.38 44.23
O MSE B 359 -15.16 -13.76 45.16
CB MSE B 359 -14.71 -15.86 42.43
CG MSE B 359 -13.92 -16.58 43.51
SE MSE B 359 -12.83 -17.93 42.57
CE MSE B 359 -11.61 -16.59 41.80
N ASN B 360 -16.75 -15.10 44.35
CA ASN B 360 -17.33 -15.40 45.64
C ASN B 360 -16.75 -16.74 46.15
N SER B 361 -16.01 -16.70 47.25
CA SER B 361 -15.32 -17.83 47.83
C SER B 361 -16.20 -18.63 48.81
N TYR B 362 -15.95 -19.92 48.95
CA TYR B 362 -16.59 -20.67 50.02
C TYR B 362 -16.34 -19.96 51.37
N TYR B 363 -15.09 -19.50 51.58
CA TYR B 363 -14.70 -18.75 52.78
C TYR B 363 -13.31 -18.15 52.46
N VAL B 364 -12.87 -17.15 53.21
CA VAL B 364 -11.49 -16.78 53.15
C VAL B 364 -10.99 -16.70 54.57
N VAL B 365 -9.87 -17.37 54.87
CA VAL B 365 -9.25 -17.22 56.19
C VAL B 365 -8.35 -15.99 56.23
N SER B 366 -8.65 -15.00 57.08
CA SER B 366 -7.80 -13.83 57.20
C SER B 366 -6.45 -14.21 57.80
N PRO B 367 -5.42 -13.38 57.65
CA PRO B 367 -4.12 -13.70 58.30
C PRO B 367 -4.26 -13.80 59.83
N TYR B 368 -4.95 -12.85 60.46
CA TYR B 368 -5.33 -12.96 61.87
C TYR B 368 -5.99 -14.30 62.25
N GLU B 369 -6.99 -14.75 61.49
CA GLU B 369 -7.62 -16.06 61.77
C GLU B 369 -6.63 -17.19 61.60
N GLY B 370 -5.70 -17.09 60.64
CA GLY B 370 -4.77 -18.20 60.47
C GLY B 370 -3.90 -18.32 61.72
N ILE B 371 -3.49 -17.17 62.28
CA ILE B 371 -2.67 -17.16 63.49
C ILE B 371 -3.47 -17.63 64.77
N VAL B 372 -4.72 -17.20 64.90
CA VAL B 372 -5.60 -17.73 65.97
C VAL B 372 -5.77 -19.24 65.82
N ASN B 373 -5.99 -19.72 64.58
CA ASN B 373 -6.14 -21.15 64.32
C ASN B 373 -4.87 -21.90 64.71
N LYS B 374 -3.70 -21.28 64.50
CA LYS B 374 -2.42 -21.94 64.71
C LYS B 374 -2.16 -22.05 66.22
N LEU B 375 -2.52 -21.03 66.96
CA LEU B 375 -2.17 -20.93 68.37
C LEU B 375 -3.26 -21.55 69.28
N GLY B 376 -4.49 -21.67 68.74
CA GLY B 376 -5.63 -22.31 69.38
C GLY B 376 -6.14 -21.44 70.49
N LYS B 377 -6.02 -20.12 70.36
CA LYS B 377 -6.49 -19.20 71.37
C LYS B 377 -6.56 -17.79 70.79
N GLU B 378 -7.23 -16.91 71.51
CA GLU B 378 -7.37 -15.54 71.14
C GLU B 378 -6.01 -14.86 71.09
N VAL B 379 -5.83 -13.98 70.12
CA VAL B 379 -4.56 -13.28 69.90
C VAL B 379 -4.74 -11.78 70.05
N ASP B 380 -3.86 -11.11 70.72
CA ASP B 380 -3.97 -9.70 70.84
C ASP B 380 -3.88 -9.02 69.48
N TYR B 381 -4.69 -8.00 69.29
CA TYR B 381 -4.79 -7.27 68.04
C TYR B 381 -5.01 -5.81 68.16
N THR B 382 -4.51 -5.06 67.22
CA THR B 382 -4.92 -3.71 66.98
C THR B 382 -4.80 -3.39 65.49
N VAL B 383 -5.73 -2.62 64.96
CA VAL B 383 -5.74 -2.38 63.52
C VAL B 383 -4.53 -1.54 63.06
N GLY B 384 -4.13 -0.57 63.85
CA GLY B 384 -2.93 0.17 63.51
C GLY B 384 -3.15 1.34 62.57
N ALA B 385 -3.72 1.06 61.40
CA ALA B 385 -4.06 2.08 60.40
C ALA B 385 -5.03 1.49 59.44
N TYR B 386 -5.88 2.35 58.87
CA TYR B 386 -6.72 1.93 57.76
C TYR B 386 -6.03 2.14 56.39
N SER B 387 -6.40 1.35 55.40
CA SER B 387 -5.79 1.49 54.07
C SER B 387 -6.74 1.13 52.93
N HIS B 388 -8.03 1.23 53.21
CA HIS B 388 -9.05 0.93 52.22
C HIS B 388 -9.17 2.07 51.19
N LYS B 389 -9.39 1.73 49.93
CA LYS B 389 -9.69 2.75 48.89
C LYS B 389 -11.09 3.36 49.12
N SER B 390 -12.08 2.49 49.40
CA SER B 390 -13.43 2.94 49.76
C SER B 390 -13.95 2.16 50.95
N ILE B 391 -15.02 2.65 51.54
CA ILE B 391 -15.63 2.02 52.65
C ILE B 391 -16.61 0.95 52.15
N GLY B 392 -16.42 -0.30 52.59
CA GLY B 392 -17.38 -1.34 52.35
C GLY B 392 -17.87 -1.82 53.72
N GLY B 393 -18.06 -3.14 53.82
CA GLY B 393 -18.23 -3.78 55.13
C GLY B 393 -19.64 -3.75 55.72
N LEU B 394 -20.57 -3.12 55.05
CA LEU B 394 -21.91 -2.97 55.62
C LEU B 394 -22.67 -4.30 55.57
N ALA B 395 -22.82 -4.88 54.36
CA ALA B 395 -23.48 -6.18 54.22
C ALA B 395 -22.81 -7.25 55.08
N GLU B 396 -21.49 -7.18 55.21
CA GLU B 396 -20.71 -8.17 55.99
C GLU B 396 -20.89 -8.02 57.52
N SER B 397 -21.55 -6.97 57.95
CA SER B 397 -21.74 -6.79 59.35
C SER B 397 -23.15 -6.29 59.68
N SER B 398 -24.12 -6.78 58.95
CA SER B 398 -25.48 -6.33 59.10
C SER B 398 -26.39 -7.50 59.23
N LEU B 399 -27.55 -7.24 59.80
CA LEU B 399 -28.57 -8.23 60.00
C LEU B 399 -29.89 -7.69 59.51
N LYS B 404 -33.50 -9.98 65.96
CA LYS B 404 -33.02 -10.60 67.16
C LYS B 404 -32.03 -11.71 66.88
N PRO B 405 -32.48 -12.79 66.25
CA PRO B 405 -31.62 -13.93 66.05
C PRO B 405 -30.32 -13.41 65.57
N ALA B 406 -29.29 -14.23 65.60
CA ALA B 406 -27.97 -13.76 65.26
C ALA B 406 -27.47 -14.59 64.10
N ASP B 407 -28.36 -15.44 63.64
CA ASP B 407 -28.00 -16.54 62.72
C ASP B 407 -27.07 -16.19 61.56
N ALA B 408 -26.34 -17.21 61.07
CA ALA B 408 -25.57 -17.16 59.81
C ALA B 408 -26.47 -17.22 58.55
N GLU B 409 -27.79 -17.11 58.76
CA GLU B 409 -28.82 -17.07 57.70
C GLU B 409 -29.72 -15.82 57.86
N ASN B 410 -29.57 -15.12 59.01
CA ASN B 410 -30.12 -13.77 59.22
C ASN B 410 -29.04 -12.73 58.86
N SER B 411 -27.96 -13.22 58.22
CA SER B 411 -26.72 -12.47 57.96
C SER B 411 -26.68 -11.72 56.64
N GLY B 412 -26.61 -10.40 56.75
CA GLY B 412 -26.46 -9.53 55.59
C GLY B 412 -27.58 -8.54 55.41
N LEU B 413 -27.90 -8.29 54.15
CA LEU B 413 -29.01 -7.43 53.77
C LEU B 413 -29.92 -8.20 52.82
N ILE B 414 -31.17 -7.75 52.66
CA ILE B 414 -32.06 -8.31 51.65
C ILE B 414 -32.22 -7.31 50.49
N ALA B 415 -32.01 -7.78 49.27
CA ALA B 415 -32.26 -6.95 48.08
C ALA B 415 -33.57 -7.33 47.41
N LYS B 416 -34.46 -6.33 47.29
CA LYS B 416 -35.78 -6.51 46.67
C LYS B 416 -35.89 -5.65 45.40
N PHE B 417 -35.85 -6.30 44.24
CA PHE B 417 -35.83 -5.64 42.93
C PHE B 417 -37.24 -5.19 42.50
N TYR B 418 -37.33 -4.03 41.90
CA TYR B 418 -38.59 -3.47 41.51
C TYR B 418 -38.55 -2.82 40.14
N SER B 419 -39.67 -2.88 39.44
CA SER B 419 -39.93 -2.23 38.16
C SER B 419 -39.90 -0.70 38.20
N ASN B 420 -40.50 -0.15 39.25
CA ASN B 420 -40.59 1.31 39.39
C ASN B 420 -40.07 1.84 40.71
N PRO B 421 -39.89 3.13 40.74
CA PRO B 421 -39.30 3.84 41.87
C PRO B 421 -40.13 3.92 43.13
N VAL B 422 -39.43 4.08 44.23
CA VAL B 422 -39.93 4.15 45.59
C VAL B 422 -40.85 5.37 45.62
N GLU B 423 -40.45 6.36 44.88
CA GLU B 423 -41.18 7.58 44.72
C GLU B 423 -42.57 7.20 44.13
N GLU B 424 -42.66 6.23 43.24
CA GLU B 424 -43.98 5.85 42.76
C GLU B 424 -44.35 4.37 42.75
N ARG B 425 -44.58 3.77 43.90
CA ARG B 425 -45.06 2.39 43.91
C ARG B 425 -46.24 2.26 44.86
N SER B 426 -47.27 1.57 44.41
CA SER B 426 -48.55 1.51 45.12
C SER B 426 -48.54 0.87 46.50
N ASP B 427 -47.85 -0.25 46.62
CA ASP B 427 -47.67 -0.96 47.89
C ASP B 427 -48.23 -2.38 47.77
N PHE B 432 -40.13 -8.25 42.20
CA PHE B 432 -40.11 -9.43 41.35
C PHE B 432 -38.99 -10.44 41.67
N HIS B 433 -37.79 -9.95 41.95
CA HIS B 433 -36.65 -10.77 42.42
C HIS B 433 -36.24 -10.36 43.86
N VAL B 434 -36.00 -11.35 44.70
CA VAL B 434 -35.52 -11.13 46.07
C VAL B 434 -34.22 -11.95 46.30
N THR B 435 -33.19 -11.33 46.93
CA THR B 435 -31.86 -11.96 47.12
C THR B 435 -31.18 -11.60 48.43
N LYS B 436 -30.67 -12.62 49.11
CA LYS B 436 -29.88 -12.42 50.33
C LYS B 436 -28.44 -11.91 50.00
N VAL B 437 -28.16 -10.63 50.26
CA VAL B 437 -26.86 -10.01 49.91
C VAL B 437 -25.84 -10.09 51.04
N ASN B 438 -24.70 -10.73 50.81
CA ASN B 438 -23.61 -10.88 51.83
C ASN B 438 -22.38 -9.98 51.66
N ARG B 439 -22.27 -9.27 50.55
CA ARG B 439 -21.11 -8.42 50.32
C ARG B 439 -21.57 -7.04 49.90
N SER B 440 -20.94 -5.99 50.39
CA SER B 440 -21.40 -4.62 50.16
C SER B 440 -21.33 -4.13 48.71
N ASN B 441 -20.38 -4.66 47.96
CA ASN B 441 -20.27 -4.29 46.57
C ASN B 441 -21.22 -5.14 45.74
N VAL B 442 -22.32 -4.52 45.34
CA VAL B 442 -23.33 -5.21 44.52
C VAL B 442 -23.07 -4.94 43.03
N HIS B 443 -22.54 -5.94 42.35
CA HIS B 443 -22.02 -5.80 40.99
C HIS B 443 -22.97 -6.44 39.95
N LEU B 444 -23.88 -5.61 39.41
CA LEU B 444 -25.03 -6.10 38.62
C LEU B 444 -24.81 -6.25 37.10
N PHE B 445 -23.56 -6.26 36.66
CA PHE B 445 -23.25 -6.16 35.22
C PHE B 445 -23.81 -7.34 34.42
N ASP B 446 -23.60 -8.56 34.91
CA ASP B 446 -24.15 -9.74 34.24
C ASP B 446 -25.48 -10.24 34.86
N PHE B 447 -26.22 -9.30 35.46
CA PHE B 447 -27.52 -9.60 36.06
C PHE B 447 -28.64 -9.63 35.00
N LYS B 448 -29.52 -10.64 35.09
CA LYS B 448 -30.65 -10.82 34.17
C LYS B 448 -31.93 -11.41 34.80
N HIS B 449 -33.08 -10.89 34.38
CA HIS B 449 -34.39 -11.39 34.83
C HIS B 449 -35.43 -11.18 33.73
N GLU B 450 -36.55 -11.92 33.79
CA GLU B 450 -37.65 -11.76 32.82
C GLU B 450 -38.13 -10.29 32.73
N LYS B 451 -38.18 -9.61 33.85
CA LYS B 451 -38.72 -8.27 33.86
C LYS B 451 -37.70 -7.22 33.59
N VAL B 452 -36.58 -7.60 33.00
CA VAL B 452 -35.59 -6.61 32.65
C VAL B 452 -35.06 -6.74 31.24
N ASP B 453 -34.88 -5.60 30.59
CA ASP B 453 -34.18 -5.51 29.33
C ASP B 453 -33.63 -6.86 28.88
N TYR B 458 -33.62 -1.10 33.00
CA TYR B 458 -34.20 -0.27 34.03
C TYR B 458 -34.88 -1.16 35.03
N PHE B 459 -34.44 -1.05 36.27
CA PHE B 459 -35.06 -1.68 37.40
C PHE B 459 -34.63 -0.93 38.65
N PHE B 460 -35.28 -1.17 39.76
CA PHE B 460 -34.90 -0.50 40.98
C PHE B 460 -34.66 -1.45 42.13
N VAL B 461 -33.85 -1.05 43.11
CA VAL B 461 -33.54 -1.91 44.26
C VAL B 461 -33.80 -1.22 45.60
N THR B 462 -34.44 -1.97 46.48
CA THR B 462 -34.64 -1.57 47.86
C THR B 462 -33.86 -2.57 48.70
N LEU B 463 -32.79 -2.05 49.30
CA LEU B 463 -31.80 -2.84 50.06
C LEU B 463 -31.99 -2.53 51.54
N THR B 464 -32.29 -3.58 52.31
CA THR B 464 -32.67 -3.37 53.71
C THR B 464 -32.05 -4.32 54.72
N GLY B 465 -31.87 -3.79 55.93
CA GLY B 465 -31.55 -4.59 57.10
C GLY B 465 -31.32 -3.69 58.28
N GLN B 466 -30.78 -4.29 59.32
CA GLN B 466 -30.48 -3.58 60.53
C GLN B 466 -28.97 -3.66 60.83
N TYR B 467 -28.40 -2.52 61.22
CA TYR B 467 -27.00 -2.41 61.65
C TYR B 467 -26.89 -2.11 63.17
N VAL B 468 -26.11 -2.95 63.87
CA VAL B 468 -25.82 -2.77 65.32
C VAL B 468 -24.34 -2.52 65.63
N PRO B 469 -23.98 -1.24 65.90
CA PRO B 469 -22.62 -0.86 66.36
C PRO B 469 -22.15 -1.72 67.55
N GLN B 470 -20.84 -2.02 67.60
CA GLN B 470 -20.22 -2.89 68.64
C GLN B 470 -19.35 -2.12 69.65
N GLU B 471 -19.23 -0.82 69.39
CA GLU B 471 -18.41 0.08 70.17
C GLU B 471 -19.21 1.38 70.18
N ASP B 472 -18.92 2.26 71.14
CA ASP B 472 -19.55 3.59 71.12
C ASP B 472 -18.71 4.55 70.24
N GLY B 473 -19.37 5.48 69.52
CA GLY B 473 -18.65 6.60 68.88
C GLY B 473 -19.00 6.89 67.43
N ASP B 474 -18.03 7.37 66.67
CA ASP B 474 -18.32 7.73 65.27
C ASP B 474 -18.17 6.55 64.31
N TYR B 475 -19.10 6.48 63.35
CA TYR B 475 -19.07 5.52 62.25
C TYR B 475 -19.24 6.31 60.95
N ILE B 476 -18.48 5.93 59.92
CA ILE B 476 -18.59 6.59 58.63
C ILE B 476 -19.34 5.67 57.66
N PHE B 477 -20.55 6.09 57.30
CA PHE B 477 -21.39 5.37 56.36
C PHE B 477 -21.02 5.82 54.95
N SER B 478 -21.22 4.94 53.96
CA SER B 478 -20.70 5.17 52.60
C SER B 478 -21.67 4.78 51.49
N LEU B 479 -21.60 5.44 50.33
CA LEU B 479 -22.32 4.95 49.13
C LEU B 479 -21.67 5.38 47.82
N GLN B 480 -21.56 4.45 46.90
CA GLN B 480 -21.09 4.70 45.54
C GLN B 480 -22.09 4.04 44.60
N VAL B 481 -22.36 4.64 43.45
CA VAL B 481 -23.30 4.06 42.50
C VAL B 481 -22.93 4.23 41.04
N TYR B 482 -23.43 3.34 40.21
CA TYR B 482 -23.63 3.54 38.80
C TYR B 482 -25.08 3.22 38.44
N GLY B 483 -25.93 4.20 38.16
CA GLY B 483 -25.68 5.59 38.44
C GLY B 483 -26.83 6.31 39.15
N SER B 484 -27.69 5.61 39.91
CA SER B 484 -28.58 6.32 40.89
C SER B 484 -28.92 5.61 42.22
N GLY B 485 -28.72 6.31 43.34
CA GLY B 485 -29.18 5.84 44.66
C GLY B 485 -29.24 6.86 45.80
N LEU B 486 -29.88 6.45 46.88
CA LEU B 486 -30.11 7.25 48.08
C LEU B 486 -29.99 6.35 49.29
N PHE B 487 -29.29 6.85 50.32
CA PHE B 487 -29.02 6.07 51.55
C PHE B 487 -29.79 6.65 52.74
N TYR B 488 -30.56 5.78 53.40
CA TYR B 488 -31.38 6.11 54.57
C TYR B 488 -30.97 5.26 55.77
N LEU B 489 -30.81 5.96 56.88
CA LEU B 489 -30.58 5.36 58.18
C LEU B 489 -31.62 5.93 59.15
N ASN B 490 -32.34 5.03 59.77
CA ASN B 490 -33.46 5.38 60.62
C ASN B 490 -34.36 6.29 59.86
N ASP B 491 -34.61 5.91 58.62
CA ASP B 491 -35.59 6.47 57.73
C ASP B 491 -35.33 7.94 57.54
N GLU B 492 -34.09 8.38 57.66
CA GLU B 492 -33.72 9.76 57.42
C GLU B 492 -32.65 9.74 56.37
N LEU B 493 -32.71 10.61 55.40
CA LEU B 493 -31.75 10.56 54.29
C LEU B 493 -30.38 11.01 54.78
N ILE B 494 -29.34 10.15 54.62
CA ILE B 494 -27.96 10.50 55.05
C ILE B 494 -26.97 10.73 53.92
N ILE B 495 -27.16 10.03 52.81
CA ILE B 495 -26.30 10.21 51.62
C ILE B 495 -27.11 10.18 50.31
N ASP B 496 -26.86 11.20 49.49
CA ASP B 496 -27.49 11.41 48.21
C ASP B 496 -26.70 10.65 47.14
N GLY B 511 -19.54 5.84 36.30
CA GLY B 511 -19.63 5.48 37.72
C GLY B 511 -19.21 6.59 38.66
N THR B 512 -20.01 6.79 39.72
CA THR B 512 -19.85 7.92 40.67
C THR B 512 -18.62 7.90 41.63
N LYS B 513 -18.29 9.05 42.23
CA LYS B 513 -17.32 9.09 43.33
C LYS B 513 -17.95 8.55 44.62
N GLU B 514 -17.10 8.37 45.64
CA GLU B 514 -17.62 7.94 46.93
C GLU B 514 -18.17 9.13 47.67
N ARG B 515 -19.35 8.99 48.26
CA ARG B 515 -19.86 10.06 49.11
C ARG B 515 -20.13 9.56 50.51
N THR B 516 -19.69 10.30 51.52
CA THR B 516 -19.75 9.79 52.91
C THR B 516 -20.58 10.62 53.87
N LYS B 517 -21.12 9.95 54.90
CA LYS B 517 -21.70 10.68 56.02
C LYS B 517 -21.22 10.09 57.33
N LYS B 518 -20.64 10.94 58.19
CA LYS B 518 -20.25 10.56 59.56
C LYS B 518 -21.39 10.77 60.58
N LEU B 519 -21.70 9.73 61.37
CA LEU B 519 -22.71 9.86 62.43
C LEU B 519 -22.28 9.19 63.71
N THR B 520 -22.73 9.74 64.84
CA THR B 520 -22.46 9.14 66.14
C THR B 520 -23.53 8.10 66.43
N LEU B 521 -23.10 6.95 66.96
CA LEU B 521 -23.99 5.86 67.29
C LEU B 521 -23.69 5.38 68.72
N LYS B 522 -24.24 4.22 69.11
CA LYS B 522 -24.14 3.69 70.48
C LYS B 522 -24.07 2.18 70.42
N LYS B 523 -23.02 1.58 70.99
CA LYS B 523 -22.90 0.10 71.10
C LYS B 523 -24.25 -0.51 71.42
N GLY B 524 -24.58 -1.63 70.77
CA GLY B 524 -25.82 -2.36 71.04
C GLY B 524 -27.05 -1.88 70.28
N GLN B 525 -27.14 -0.58 70.03
CA GLN B 525 -28.34 -0.01 69.40
C GLN B 525 -28.55 -0.39 67.92
N VAL B 526 -29.80 -0.77 67.60
CA VAL B 526 -30.22 -1.20 66.25
C VAL B 526 -30.65 0.01 65.40
N TYR B 527 -30.05 0.14 64.20
CA TYR B 527 -30.43 1.17 63.23
C TYR B 527 -30.99 0.49 61.98
N ASN B 528 -31.82 1.21 61.24
CA ASN B 528 -32.38 0.64 60.01
C ASN B 528 -31.64 1.21 58.81
N VAL B 529 -31.07 0.30 58.03
CA VAL B 529 -30.40 0.68 56.78
C VAL B 529 -31.31 0.40 55.59
N ARG B 530 -31.43 1.39 54.73
CA ARG B 530 -32.31 1.27 53.59
C ARG B 530 -31.66 2.03 52.46
N VAL B 531 -31.39 1.30 51.37
CA VAL B 531 -30.80 1.91 50.18
C VAL B 531 -31.79 1.79 49.02
N GLU B 532 -32.16 2.95 48.49
CA GLU B 532 -33.03 3.08 47.33
C GLU B 532 -32.15 3.32 46.14
N TYR B 533 -32.12 2.34 45.26
CA TYR B 533 -31.20 2.33 44.15
C TYR B 533 -31.93 2.26 42.83
N GLY B 534 -31.35 2.88 41.83
CA GLY B 534 -31.89 2.84 40.49
C GLY B 534 -30.84 2.41 39.52
N SER B 535 -31.19 1.65 38.52
CA SER B 535 -30.25 0.96 37.66
C SER B 535 -29.48 1.91 36.80
N GLY B 536 -28.45 1.42 36.17
CA GLY B 536 -27.42 2.24 35.57
C GLY B 536 -27.94 3.21 34.54
N PRO B 537 -29.04 2.91 33.88
CA PRO B 537 -29.57 3.88 32.95
C PRO B 537 -30.12 5.08 33.71
N THR B 538 -30.60 4.87 34.92
CA THR B 538 -31.01 5.97 35.75
C THR B 538 -29.78 6.76 36.15
N ALA B 547 -26.09 -1.11 32.66
CA ALA B 547 -26.22 -2.34 33.43
C ALA B 547 -26.41 -2.04 34.91
N GLY B 548 -25.32 -1.72 35.60
CA GLY B 548 -25.42 -1.36 36.99
C GLY B 548 -24.36 -1.66 38.04
N GLY B 549 -24.72 -1.32 39.26
CA GLY B 549 -23.93 -1.60 40.43
C GLY B 549 -23.96 -0.55 41.51
N PHE B 550 -23.76 -0.96 42.75
CA PHE B 550 -23.59 -0.01 43.84
C PHE B 550 -22.93 -0.66 45.05
N GLN B 551 -22.31 0.15 45.89
CA GLN B 551 -21.81 -0.31 47.18
C GLN B 551 -22.18 0.68 48.25
N ALA B 552 -22.85 0.18 49.28
CA ALA B 552 -23.08 0.94 50.51
C ALA B 552 -22.26 0.29 51.61
N GLY B 553 -21.45 1.07 52.33
CA GLY B 553 -20.62 0.49 53.37
C GLY B 553 -20.73 1.24 54.68
N VAL B 554 -20.14 0.68 55.73
CA VAL B 554 -19.89 1.42 56.96
C VAL B 554 -18.54 1.02 57.61
N ILE B 555 -17.91 1.95 58.30
CA ILE B 555 -16.71 1.69 59.06
C ILE B 555 -16.62 2.48 60.41
N LYS B 556 -16.11 1.83 61.44
CA LYS B 556 -15.79 2.54 62.66
C LYS B 556 -14.68 3.59 62.39
N ALA B 557 -14.96 4.87 62.64
CA ALA B 557 -13.94 5.90 62.51
C ALA B 557 -12.95 5.76 63.64
N ILE B 558 -11.70 6.11 63.35
CA ILE B 558 -10.65 6.03 64.37
C ILE B 558 -9.97 7.37 64.38
N ASP B 559 -9.21 7.65 65.42
CA ASP B 559 -8.27 8.77 65.43
C ASP B 559 -6.92 8.18 64.90
N ASP B 560 -6.51 8.64 63.71
CA ASP B 560 -5.40 8.07 62.96
C ASP B 560 -4.08 8.21 63.72
N ASP B 561 -3.83 9.40 64.25
CA ASP B 561 -2.64 9.66 65.03
C ASP B 561 -2.57 8.75 66.27
N GLU B 562 -3.69 8.67 67.00
CA GLU B 562 -3.79 7.89 68.24
C GLU B 562 -3.66 6.41 67.97
N GLU B 563 -4.27 5.92 66.90
CA GLU B 563 -4.19 4.49 66.62
C GLU B 563 -2.73 4.02 66.27
N ILE B 564 -1.95 4.89 65.62
CA ILE B 564 -0.53 4.64 65.40
C ILE B 564 0.24 4.63 66.72
N ARG B 565 0.03 5.64 67.58
CA ARG B 565 0.66 5.67 68.91
C ARG B 565 0.31 4.40 69.69
N ASN B 566 -0.97 4.05 69.67
CA ASN B 566 -1.49 2.85 70.30
C ASN B 566 -0.83 1.55 69.79
N ALA B 567 -0.67 1.39 68.47
CA ALA B 567 -0.02 0.21 67.96
C ALA B 567 1.45 0.19 68.42
N ALA B 568 2.13 1.34 68.42
CA ALA B 568 3.53 1.39 68.85
C ALA B 568 3.66 0.95 70.34
N GLU B 569 2.82 1.53 71.18
CA GLU B 569 2.77 1.31 72.63
C GLU B 569 2.52 -0.18 72.79
N LEU B 570 1.50 -0.70 72.10
CA LEU B 570 1.21 -2.12 72.26
C LEU B 570 2.38 -3.03 71.82
N ALA B 571 3.07 -2.64 70.75
CA ALA B 571 4.11 -3.50 70.14
C ALA B 571 5.28 -3.59 71.09
N ALA B 572 5.56 -2.48 71.74
CA ALA B 572 6.55 -2.38 72.81
C ALA B 572 6.29 -3.32 74.01
N LYS B 573 5.02 -3.58 74.29
CA LYS B 573 4.62 -4.41 75.41
C LYS B 573 4.47 -5.89 75.09
N HIS B 574 4.80 -6.31 73.86
CA HIS B 574 4.82 -7.73 73.50
C HIS B 574 6.22 -8.18 73.09
N ASP B 575 6.54 -9.47 73.18
CA ASP B 575 7.85 -10.00 72.71
C ASP B 575 7.97 -9.67 71.23
N LYS B 576 6.97 -10.08 70.46
CA LYS B 576 6.95 -9.88 69.01
C LYS B 576 5.67 -9.26 68.45
N ALA B 577 5.80 -8.58 67.33
CA ALA B 577 4.65 -8.01 66.63
C ALA B 577 4.64 -8.61 65.29
N VAL B 578 3.47 -8.87 64.75
CA VAL B 578 3.33 -9.32 63.43
C VAL B 578 2.42 -8.28 62.71
N LEU B 579 2.97 -7.62 61.72
CA LEU B 579 2.33 -6.47 61.16
C LEU B 579 1.98 -6.85 59.74
N ILE B 580 0.71 -6.77 59.41
CA ILE B 580 0.19 -7.27 58.14
C ILE B 580 -0.30 -6.05 57.31
N ILE B 581 0.34 -5.81 56.16
CA ILE B 581 0.14 -4.62 55.35
C ILE B 581 -0.06 -5.00 53.88
N GLY B 582 -0.18 -4.02 52.98
CA GLY B 582 -0.25 -4.35 51.56
C GLY B 582 -1.28 -3.57 50.81
N LEU B 583 -1.63 -4.09 49.63
CA LEU B 583 -2.64 -3.44 48.83
C LEU B 583 -3.88 -4.32 49.00
N ASN B 584 -4.83 -4.22 48.08
CA ASN B 584 -5.98 -5.10 48.03
C ASN B 584 -6.54 -4.96 46.65
N GLY B 585 -7.63 -5.72 46.38
CA GLY B 585 -8.29 -5.82 45.11
C GLY B 585 -8.96 -4.54 44.57
N GLU B 586 -8.97 -3.49 45.37
CA GLU B 586 -9.35 -2.17 44.90
C GLU B 586 -8.16 -1.31 44.44
N TRP B 587 -6.97 -1.49 45.03
CA TRP B 587 -5.77 -0.82 44.51
C TRP B 587 -5.21 -1.56 43.29
N GLU B 588 -5.36 -2.88 43.23
CA GLU B 588 -4.89 -3.66 42.06
C GLU B 588 -6.05 -4.30 41.46
N THR B 589 -6.42 -3.84 40.28
CA THR B 589 -7.64 -4.36 39.72
C THR B 589 -7.64 -4.21 38.23
N GLU B 590 -8.22 -5.14 37.53
CA GLU B 590 -8.52 -4.96 36.14
C GLU B 590 -9.23 -3.59 35.94
N GLY B 591 -9.02 -2.93 34.81
CA GLY B 591 -9.67 -1.69 34.51
C GLY B 591 -8.85 -0.43 34.71
N TYR B 592 -7.93 -0.40 35.66
CA TYR B 592 -7.00 0.69 35.67
C TYR B 592 -5.64 0.29 36.23
N ASP B 593 -4.61 1.00 35.84
CA ASP B 593 -3.35 0.72 36.41
C ASP B 593 -3.16 1.56 37.68
N ARG B 594 -2.14 1.18 38.46
CA ARG B 594 -1.75 1.95 39.62
C ARG B 594 -1.07 3.21 39.15
N GLU B 595 -1.19 4.25 39.96
CA GLU B 595 -0.57 5.52 39.68
C GLU B 595 0.84 5.58 40.28
N ASN B 596 1.10 4.80 41.32
CA ASN B 596 2.41 4.81 41.93
C ASN B 596 2.68 3.46 42.55
N MSE B 597 3.83 3.31 43.17
CA MSE B 597 4.18 2.03 43.79
C MSE B 597 4.10 2.16 45.30
O MSE B 597 4.69 1.33 46.01
CB MSE B 597 5.62 1.64 43.40
CG MSE B 597 5.78 0.28 42.76
SE MSE B 597 7.71 0.04 42.20
CE MSE B 597 8.51 -0.10 43.99
N ASP B 598 3.42 3.19 45.80
CA ASP B 598 3.38 3.45 47.27
C ASP B 598 2.42 2.54 47.96
N LEU B 599 2.72 2.21 49.20
CA LEU B 599 1.71 1.66 50.10
C LEU B 599 0.67 2.74 50.52
N PRO B 600 -0.57 2.34 50.81
CA PRO B 600 -1.65 3.33 50.92
C PRO B 600 -1.71 4.06 52.23
N LYS B 601 -2.13 5.33 52.17
CA LYS B 601 -2.56 6.11 53.36
C LYS B 601 -1.47 6.16 54.36
N ARG B 602 -1.73 5.78 55.61
CA ARG B 602 -0.73 5.95 56.68
C ARG B 602 0.09 4.67 56.99
N THR B 603 -0.02 3.63 56.13
CA THR B 603 0.76 2.41 56.29
C THR B 603 2.23 2.66 56.66
N ASN B 604 2.94 3.48 55.86
CA ASN B 604 4.40 3.63 56.11
C ASN B 604 4.68 4.23 57.46
N GLU B 605 3.80 5.13 57.89
CA GLU B 605 3.96 5.77 59.19
C GLU B 605 3.70 4.76 60.30
N LEU B 606 2.68 3.96 60.10
CA LEU B 606 2.42 2.88 61.02
C LEU B 606 3.65 1.96 61.15
N VAL B 607 4.24 1.58 60.02
CA VAL B 607 5.29 0.56 60.05
C VAL B 607 6.49 1.20 60.79
N ARG B 608 6.82 2.46 60.51
CA ARG B 608 8.00 3.07 61.13
C ARG B 608 7.79 3.11 62.65
N ALA B 609 6.60 3.49 63.09
CA ALA B 609 6.30 3.57 64.55
C ALA B 609 6.43 2.18 65.19
N VAL B 610 5.89 1.12 64.55
CA VAL B 610 5.98 -0.23 65.11
C VAL B 610 7.44 -0.75 65.19
N LEU B 611 8.22 -0.48 64.13
CA LEU B 611 9.61 -0.95 64.07
C LEU B 611 10.43 -0.23 65.15
N LYS B 612 10.12 1.03 65.39
CA LYS B 612 10.81 1.76 66.45
C LYS B 612 10.55 1.18 67.84
N ALA B 613 9.29 0.86 68.09
CA ALA B 613 8.81 0.39 69.40
C ALA B 613 9.23 -1.06 69.60
N ASN B 614 9.34 -1.82 68.52
CA ASN B 614 9.77 -3.20 68.65
C ASN B 614 10.51 -3.65 67.39
N PRO B 615 11.84 -3.71 67.42
CA PRO B 615 12.60 -4.20 66.26
C PRO B 615 12.35 -5.65 65.86
N ASN B 616 11.82 -6.46 66.73
CA ASN B 616 11.56 -7.86 66.36
C ASN B 616 10.09 -8.01 65.92
N THR B 617 9.79 -7.25 64.87
CA THR B 617 8.46 -7.23 64.25
C THR B 617 8.62 -7.94 62.91
N VAL B 618 7.75 -8.87 62.61
CA VAL B 618 7.76 -9.49 61.30
C VAL B 618 6.73 -8.75 60.45
N ILE B 619 7.11 -8.39 59.20
CA ILE B 619 6.13 -7.73 58.33
C ILE B 619 5.68 -8.73 57.28
N VAL B 620 4.37 -8.87 57.09
CA VAL B 620 3.85 -9.68 56.08
C VAL B 620 3.13 -8.73 55.09
N ASN B 621 3.53 -8.77 53.82
CA ASN B 621 2.95 -7.90 52.81
C ASN B 621 2.14 -8.67 51.80
N GLN B 622 0.93 -8.20 51.52
CA GLN B 622 0.09 -8.78 50.50
C GLN B 622 -0.01 -7.80 49.34
N SER B 623 0.43 -8.21 48.14
CA SER B 623 0.21 -7.39 46.90
C SER B 623 0.47 -8.33 45.76
N GLY B 624 -0.03 -7.98 44.57
CA GLY B 624 0.22 -8.83 43.40
C GLY B 624 1.50 -8.39 42.70
N THR B 625 1.99 -7.18 43.00
CA THR B 625 3.15 -6.58 42.26
C THR B 625 3.91 -5.74 43.30
N PRO B 626 5.10 -5.22 42.93
CA PRO B 626 5.95 -4.60 43.93
C PRO B 626 5.39 -3.28 44.53
N VAL B 627 5.75 -3.03 45.78
CA VAL B 627 5.43 -1.76 46.39
C VAL B 627 6.72 -1.32 47.02
N GLU B 628 6.90 -0.02 47.13
CA GLU B 628 8.11 0.50 47.75
C GLU B 628 7.98 0.26 49.26
N PHE B 629 9.05 -0.21 49.87
CA PHE B 629 9.16 -0.28 51.34
C PHE B 629 10.22 0.71 51.82
N PRO B 630 9.84 1.96 52.11
CA PRO B 630 10.90 2.96 52.33
C PRO B 630 11.69 2.74 53.61
N TRP B 631 11.04 2.07 54.58
CA TRP B 631 11.62 1.71 55.88
C TRP B 631 12.39 0.38 55.86
N LEU B 632 12.59 -0.21 54.67
CA LEU B 632 13.14 -1.58 54.49
C LEU B 632 14.37 -1.85 55.35
N GLU B 633 15.25 -0.87 55.46
CA GLU B 633 16.54 -1.09 56.17
C GLU B 633 16.26 -1.48 57.60
N ASP B 634 15.13 -1.02 58.14
CA ASP B 634 14.87 -1.24 59.56
C ASP B 634 13.99 -2.46 59.77
N ALA B 635 13.54 -3.09 58.68
CA ALA B 635 12.60 -4.24 58.79
C ALA B 635 13.43 -5.50 58.88
N ASN B 636 13.34 -6.23 59.98
CA ASN B 636 14.28 -7.32 60.19
C ASN B 636 13.69 -8.63 59.68
N ALA B 637 12.38 -8.69 59.53
CA ALA B 637 11.78 -9.91 58.97
C ALA B 637 10.63 -9.50 58.07
N LEU B 638 10.57 -10.05 56.86
CA LEU B 638 9.69 -9.53 55.84
C LEU B 638 9.28 -10.67 54.94
N VAL B 639 7.97 -10.84 54.74
CA VAL B 639 7.42 -11.99 54.05
C VAL B 639 6.47 -11.45 52.98
N GLN B 640 6.61 -11.91 51.74
CA GLN B 640 5.71 -11.50 50.69
C GLN B 640 4.71 -12.65 50.49
N ALA B 641 3.42 -12.39 50.75
CA ALA B 641 2.35 -13.43 50.76
C ALA B 641 1.49 -13.40 49.56
N TRP B 642 1.61 -12.37 48.75
CA TRP B 642 0.78 -12.22 47.57
C TRP B 642 -0.73 -12.16 47.97
N TYR B 643 -1.62 -12.60 47.11
CA TYR B 643 -3.02 -12.71 47.43
C TYR B 643 -3.30 -14.17 47.37
N GLY B 644 -3.52 -14.72 48.54
CA GLY B 644 -3.46 -16.14 48.80
C GLY B 644 -4.65 -17.02 48.56
N GLY B 645 -5.75 -16.46 48.10
CA GLY B 645 -6.99 -17.22 47.86
C GLY B 645 -7.68 -17.74 49.15
N ASN B 646 -8.51 -18.80 49.07
CA ASN B 646 -9.39 -19.11 50.24
C ASN B 646 -8.60 -19.38 51.55
N GLU B 647 -7.42 -20.00 51.43
CA GLU B 647 -6.68 -20.48 52.61
C GLU B 647 -5.53 -19.55 52.93
N LEU B 648 -5.64 -18.30 52.48
CA LEU B 648 -4.49 -17.39 52.51
C LEU B 648 -3.93 -17.28 53.94
N GLY B 649 -4.83 -17.21 54.93
CA GLY B 649 -4.36 -16.91 56.29
C GLY B 649 -3.76 -18.15 56.95
N ASN B 650 -4.26 -19.34 56.63
CA ASN B 650 -3.61 -20.54 57.19
C ASN B 650 -2.20 -20.74 56.58
N ALA B 651 -2.02 -20.39 55.31
CA ALA B 651 -0.73 -20.55 54.61
C ALA B 651 0.25 -19.61 55.24
N ILE B 652 -0.20 -18.41 55.54
CA ILE B 652 0.68 -17.44 56.18
C ILE B 652 1.11 -17.93 57.59
N ALA B 653 0.13 -18.40 58.37
CA ALA B 653 0.46 -19.01 59.65
C ALA B 653 1.43 -20.19 59.48
N ASP B 654 1.20 -21.07 58.50
CA ASP B 654 2.07 -22.21 58.25
C ASP B 654 3.52 -21.76 58.09
N VAL B 655 3.75 -20.65 57.38
CA VAL B 655 5.11 -20.18 57.13
C VAL B 655 5.71 -19.52 58.35
N LEU B 656 4.96 -18.65 58.99
CA LEU B 656 5.45 -17.90 60.11
C LEU B 656 5.93 -18.80 61.28
N TYR B 657 5.30 -19.98 61.43
CA TYR B 657 5.53 -20.87 62.61
C TYR B 657 6.41 -22.02 62.21
N GLY B 658 6.74 -22.08 60.92
CA GLY B 658 7.62 -23.11 60.44
C GLY B 658 7.00 -24.45 60.09
N ASP B 659 5.67 -24.60 60.10
CA ASP B 659 5.02 -25.86 59.65
C ASP B 659 5.12 -26.05 58.15
N VAL B 660 5.19 -24.92 57.42
CA VAL B 660 5.74 -24.97 56.03
C VAL B 660 7.05 -24.16 56.00
N VAL B 661 8.14 -24.72 55.48
CA VAL B 661 9.40 -23.97 55.43
C VAL B 661 9.34 -23.11 54.14
N PRO B 662 9.52 -21.81 54.26
CA PRO B 662 9.33 -21.00 53.04
C PRO B 662 10.15 -21.47 51.90
N ASN B 663 9.52 -21.55 50.73
CA ASN B 663 10.17 -22.13 49.59
C ASN B 663 9.87 -21.43 48.25
N GLY B 664 9.13 -20.30 48.28
CA GLY B 664 8.84 -19.56 47.03
C GLY B 664 10.03 -18.65 46.64
N LYS B 665 10.14 -18.29 45.36
CA LYS B 665 11.11 -17.25 44.90
C LYS B 665 10.37 -16.21 44.05
N LEU B 666 10.79 -14.96 44.08
CA LEU B 666 10.09 -13.88 43.37
C LEU B 666 9.96 -14.12 41.88
N SER B 667 8.72 -14.06 41.41
CA SER B 667 8.47 -14.21 39.97
C SER B 667 8.74 -12.83 39.27
N LEU B 668 9.09 -11.84 40.08
CA LEU B 668 9.22 -10.43 39.60
C LEU B 668 10.39 -9.75 40.29
N SER B 669 11.05 -8.83 39.56
CA SER B 669 12.05 -7.91 40.11
C SER B 669 11.34 -6.94 41.08
N TRP B 670 12.00 -6.55 42.17
CA TRP B 670 11.39 -5.66 43.11
C TRP B 670 12.29 -4.45 43.26
N PRO B 671 12.08 -3.43 42.43
CA PRO B 671 13.01 -2.27 42.45
C PRO B 671 12.79 -1.46 43.71
N PHE B 672 13.80 -0.70 44.14
CA PHE B 672 13.63 0.23 45.25
C PHE B 672 12.58 1.28 44.98
N LYS B 673 12.54 1.82 43.78
CA LYS B 673 11.70 2.99 43.53
C LYS B 673 11.08 2.85 42.21
N LEU B 674 9.90 3.42 42.02
CA LEU B 674 9.23 3.36 40.68
C LEU B 674 10.06 3.86 39.51
N GLN B 675 10.75 4.95 39.78
CA GLN B 675 11.59 5.57 38.72
C GLN B 675 12.74 4.73 38.24
N ASP B 676 13.10 3.67 38.98
CA ASP B 676 14.20 2.76 38.54
C ASP B 676 13.73 1.81 37.48
N ASN B 677 12.42 1.75 37.30
CA ASN B 677 11.87 0.66 36.42
C ASN B 677 11.95 0.95 34.90
N PRO B 678 12.14 -0.11 34.06
CA PRO B 678 12.36 0.16 32.63
C PRO B 678 11.18 0.87 31.93
N ALA B 679 9.98 0.71 32.44
CA ALA B 679 8.81 1.31 31.77
C ALA B 679 8.34 2.58 32.45
N PHE B 680 9.20 3.25 33.19
CA PHE B 680 8.77 4.37 34.01
C PHE B 680 8.09 5.46 33.17
N LEU B 681 8.64 5.70 31.99
CA LEU B 681 8.25 6.80 31.10
C LEU B 681 7.18 6.42 30.04
N ASN B 682 6.91 5.11 29.90
CA ASN B 682 6.04 4.65 28.82
C ASN B 682 5.13 3.62 29.39
N PHE B 683 4.47 3.90 30.48
CA PHE B 683 3.50 2.96 31.00
C PHE B 683 2.14 3.63 31.15
N LYS B 684 1.71 4.28 30.08
CA LYS B 684 0.42 5.03 30.04
C LYS B 684 0.05 4.97 28.56
N THR B 685 -1.23 4.87 28.23
CA THR B 685 -1.63 5.00 26.83
C THR B 685 -1.71 6.52 26.52
N GLU B 686 -0.81 7.04 25.68
CA GLU B 686 -0.72 8.50 25.37
C GLU B 686 -0.96 8.64 23.89
N PHE B 687 -1.91 9.48 23.52
CA PHE B 687 -2.28 9.61 22.11
C PHE B 687 -2.60 8.22 21.57
N GLY B 688 -3.15 7.38 22.45
CA GLY B 688 -3.57 6.08 22.03
C GLY B 688 -2.49 5.00 21.90
N ARG B 689 -1.24 5.31 22.32
CA ARG B 689 -0.19 4.32 22.17
C ARG B 689 0.72 4.17 23.37
N VAL B 690 1.51 3.06 23.36
CA VAL B 690 2.45 2.79 24.40
C VAL B 690 3.70 2.25 23.66
N ILE B 691 4.79 3.02 23.70
CA ILE B 691 6.06 2.58 23.06
C ILE B 691 6.90 1.73 24.01
N TYR B 692 7.14 0.49 23.57
CA TYR B 692 7.88 -0.46 24.46
C TYR B 692 9.37 -0.10 24.33
N GLY B 693 9.75 1.03 24.94
CA GLY B 693 11.09 1.66 24.74
C GLY B 693 12.28 0.81 25.20
N GLU B 694 12.05 0.00 26.21
CA GLU B 694 13.10 -0.88 26.71
C GLU B 694 13.38 -2.10 25.85
N ASP B 695 12.53 -2.35 24.85
CA ASP B 695 12.73 -3.43 23.86
C ASP B 695 12.88 -4.76 24.59
N ILE B 696 13.96 -5.51 24.39
CA ILE B 696 14.03 -6.85 25.03
C ILE B 696 14.34 -6.73 26.52
N PHE B 697 14.69 -5.52 26.98
CA PHE B 697 15.20 -5.41 28.35
C PHE B 697 14.12 -5.18 29.39
N VAL B 698 13.42 -6.27 29.73
CA VAL B 698 12.28 -6.26 30.67
C VAL B 698 12.67 -6.97 31.97
N GLY B 699 12.21 -6.42 33.09
CA GLY B 699 12.43 -7.03 34.46
C GLY B 699 13.93 -7.16 34.70
N TYR B 700 14.36 -8.33 35.15
CA TYR B 700 15.80 -8.52 35.53
C TYR B 700 16.75 -8.37 34.34
N ARG B 701 16.29 -8.59 33.10
CA ARG B 701 17.14 -8.29 31.92
C ARG B 701 17.56 -6.82 31.84
N TYR B 702 16.70 -5.94 32.33
CA TYR B 702 16.97 -4.50 32.41
C TYR B 702 17.89 -4.21 33.54
N TYR B 703 17.51 -4.58 34.75
CA TYR B 703 18.34 -4.26 35.89
C TYR B 703 19.80 -4.80 35.77
N GLU B 704 19.99 -6.03 35.28
CA GLU B 704 21.36 -6.53 35.21
C GLU B 704 22.11 -5.80 34.17
N LYS B 705 21.45 -5.41 33.09
CA LYS B 705 22.16 -4.77 32.03
C LYS B 705 22.66 -3.37 32.50
N LEU B 706 21.84 -2.65 33.26
CA LEU B 706 22.22 -1.33 33.75
C LEU B 706 23.12 -1.40 34.99
N GLN B 707 23.21 -2.60 35.55
CA GLN B 707 23.74 -2.85 36.91
C GLN B 707 23.00 -1.98 37.94
N ARG B 708 21.67 -1.92 37.78
CA ARG B 708 20.86 -1.15 38.72
C ARG B 708 20.44 -2.07 39.86
N LYS B 709 20.84 -1.69 41.07
CA LYS B 709 20.47 -2.45 42.26
C LYS B 709 18.98 -2.35 42.53
N VAL B 710 18.37 -3.45 42.99
CA VAL B 710 16.96 -3.50 43.34
C VAL B 710 16.82 -3.91 44.80
N ALA B 711 15.63 -3.80 45.35
CA ALA B 711 15.45 -4.27 46.72
C ALA B 711 15.59 -5.80 46.75
N PHE B 712 14.98 -6.50 45.77
CA PHE B 712 15.07 -7.97 45.73
C PHE B 712 14.94 -8.32 44.28
N PRO B 713 15.83 -9.19 43.78
CA PRO B 713 15.85 -9.55 42.38
C PRO B 713 14.97 -10.74 42.03
N PHE B 714 14.74 -10.93 40.74
CA PHE B 714 14.04 -12.05 40.22
C PHE B 714 14.64 -13.33 40.77
N GLY B 715 13.76 -14.23 41.19
CA GLY B 715 14.27 -15.55 41.59
C GLY B 715 14.74 -15.66 43.04
N TYR B 716 14.66 -14.55 43.78
CA TYR B 716 15.15 -14.52 45.16
C TYR B 716 14.09 -15.01 46.15
N GLY B 717 14.56 -15.77 47.11
CA GLY B 717 13.68 -16.11 48.24
C GLY B 717 14.53 -16.85 49.28
N LEU B 718 14.22 -16.67 50.56
CA LEU B 718 15.02 -17.27 51.62
C LEU B 718 14.34 -18.55 52.14
N SER B 719 15.01 -19.23 53.07
CA SER B 719 14.45 -20.45 53.65
C SER B 719 14.75 -20.41 55.17
N TYR B 720 14.32 -21.44 55.89
CA TYR B 720 14.75 -21.59 57.29
C TYR B 720 15.94 -22.57 57.39
N THR B 721 16.36 -23.13 56.27
CA THR B 721 17.60 -23.95 56.22
C THR B 721 18.54 -23.40 55.15
N THR B 722 19.78 -23.92 55.06
CA THR B 722 20.76 -23.49 54.05
C THR B 722 20.94 -24.60 53.03
N PHE B 723 21.28 -24.24 51.80
CA PHE B 723 21.50 -25.24 50.76
C PHE B 723 22.80 -24.95 50.06
N GLU B 724 23.36 -25.94 49.38
CA GLU B 724 24.52 -25.64 48.52
C GLU B 724 24.33 -26.53 47.29
N LEU B 725 24.88 -26.14 46.16
CA LEU B 725 24.72 -26.89 44.94
C LEU B 725 25.97 -26.87 44.06
N ASP B 726 26.10 -27.87 43.18
CA ASP B 726 27.20 -27.85 42.24
C ASP B 726 26.72 -28.57 41.03
N ILE B 727 27.13 -28.09 39.85
CA ILE B 727 26.94 -28.80 38.61
C ILE B 727 27.78 -30.06 38.72
N SER B 728 27.17 -31.23 38.56
CA SER B 728 27.91 -32.43 38.87
C SER B 728 28.23 -33.22 37.61
N ASP B 729 27.51 -32.89 36.54
CA ASP B 729 27.79 -33.39 35.22
C ASP B 729 27.31 -32.37 34.21
N PHE B 730 27.97 -32.38 33.05
CA PHE B 730 27.62 -31.49 31.98
C PHE B 730 27.97 -32.08 30.63
N LYS B 731 27.06 -31.99 29.69
CA LYS B 731 27.34 -32.52 28.38
C LYS B 731 26.59 -31.77 27.28
N VAL B 732 27.34 -31.35 26.28
CA VAL B 732 26.79 -30.67 25.12
C VAL B 732 27.11 -31.50 23.88
N THR B 733 26.14 -31.60 22.99
CA THR B 733 26.35 -32.16 21.67
C THR B 733 26.30 -31.02 20.60
N ASP B 734 25.97 -31.39 19.38
CA ASP B 734 25.55 -30.38 18.40
C ASP B 734 24.16 -29.82 18.71
N ASP B 735 23.25 -30.63 19.30
CA ASP B 735 21.84 -30.18 19.50
C ASP B 735 21.23 -30.20 20.91
N LYS B 736 21.88 -30.87 21.87
CA LYS B 736 21.31 -30.93 23.22
C LYS B 736 22.32 -30.52 24.23
N ILE B 737 21.82 -30.04 25.38
CA ILE B 737 22.60 -29.69 26.56
C ILE B 737 21.99 -30.52 27.64
N ALA B 738 22.81 -31.20 28.43
CA ALA B 738 22.32 -31.99 29.55
C ALA B 738 23.12 -31.58 30.79
N ILE B 739 22.43 -31.24 31.85
CA ILE B 739 23.12 -30.75 33.00
C ILE B 739 22.61 -31.52 34.19
N SER B 740 23.55 -31.91 35.04
CA SER B 740 23.19 -32.52 36.33
C SER B 740 23.68 -31.60 37.42
N VAL B 741 22.84 -31.41 38.42
CA VAL B 741 23.15 -30.49 39.55
C VAL B 741 22.87 -31.20 40.86
N ASP B 742 23.86 -31.21 41.76
CA ASP B 742 23.71 -31.88 43.04
C ASP B 742 23.26 -30.77 43.95
N VAL B 743 22.24 -30.99 44.76
CA VAL B 743 21.83 -29.96 45.70
C VAL B 743 21.79 -30.56 47.08
N LYS B 744 22.24 -29.80 48.07
CA LYS B 744 22.19 -30.39 49.40
C LYS B 744 21.68 -29.44 50.48
N ASN B 745 20.82 -29.93 51.37
CA ASN B 745 20.39 -29.18 52.55
C ASN B 745 21.47 -29.35 53.62
N THR B 746 22.22 -28.28 53.90
CA THR B 746 23.29 -28.30 54.88
C THR B 746 22.85 -27.86 56.27
N GLY B 747 21.54 -27.65 56.45
CA GLY B 747 21.14 -27.31 57.79
C GLY B 747 20.88 -28.61 58.51
N ASP B 748 20.69 -28.56 59.83
CA ASP B 748 20.47 -29.79 60.55
C ASP B 748 19.15 -29.80 61.30
N LYS B 749 18.23 -28.89 60.92
CA LYS B 749 17.00 -28.74 61.67
C LYS B 749 15.75 -28.80 60.80
N PHE B 750 15.68 -27.96 59.76
CA PHE B 750 14.52 -28.03 58.89
C PHE B 750 14.75 -28.77 57.58
N ALA B 751 13.79 -29.60 57.20
CA ALA B 751 13.71 -30.01 55.82
C ALA B 751 13.20 -28.82 54.97
N GLY B 752 13.55 -28.76 53.69
CA GLY B 752 13.08 -27.65 52.85
C GLY B 752 13.32 -27.86 51.40
N SER B 753 12.65 -27.04 50.59
CA SER B 753 12.85 -27.09 49.18
C SER B 753 13.69 -25.90 48.71
N GLU B 754 14.53 -26.13 47.70
CA GLU B 754 15.36 -25.11 47.06
C GLU B 754 14.98 -25.10 45.60
N VAL B 755 15.08 -23.95 44.93
CA VAL B 755 14.81 -23.87 43.50
C VAL B 755 16.09 -23.65 42.74
N VAL B 756 16.50 -24.63 41.96
CA VAL B 756 17.67 -24.54 41.11
C VAL B 756 17.28 -23.77 39.84
N GLN B 757 17.97 -22.69 39.53
CA GLN B 757 17.66 -21.83 38.40
C GLN B 757 18.83 -21.84 37.40
N VAL B 758 18.54 -22.07 36.13
CA VAL B 758 19.58 -22.28 35.15
C VAL B 758 19.46 -21.15 34.13
N TYR B 759 20.51 -20.33 34.05
CA TYR B 759 20.62 -19.18 33.17
C TYR B 759 21.70 -19.42 32.13
N PHE B 760 21.54 -18.84 30.93
CA PHE B 760 22.55 -18.91 29.89
C PHE B 760 22.99 -17.53 29.52
N SER B 761 24.28 -17.40 29.11
CA SER B 761 24.87 -16.14 28.65
C SER B 761 25.69 -16.40 27.38
N ALA B 762 25.64 -15.49 26.40
CA ALA B 762 26.51 -15.52 25.24
C ALA B 762 27.74 -14.75 25.68
N LEU B 763 28.92 -15.31 25.55
CA LEU B 763 30.10 -14.60 26.02
C LEU B 763 30.73 -13.78 24.91
N ASN B 764 30.45 -14.10 23.66
CA ASN B 764 31.11 -13.41 22.55
C ASN B 764 30.23 -13.26 21.30
N SER B 765 28.97 -12.85 21.52
CA SER B 765 28.01 -12.71 20.42
C SER B 765 28.19 -11.39 19.68
N LYS B 766 27.79 -11.39 18.41
CA LYS B 766 27.78 -10.19 17.53
C LYS B 766 26.56 -9.30 17.83
N VAL B 767 25.74 -9.79 18.72
CA VAL B 767 24.45 -9.22 18.87
C VAL B 767 24.32 -8.83 20.35
N SER B 768 23.69 -7.72 20.62
CA SER B 768 23.39 -7.33 21.98
C SER B 768 22.33 -8.29 22.59
N ARG B 769 22.60 -8.76 23.79
CA ARG B 769 21.74 -9.64 24.52
C ARG B 769 21.74 -9.24 26.02
N PRO B 770 20.77 -9.78 26.80
CA PRO B 770 20.73 -9.62 28.24
C PRO B 770 21.90 -10.36 28.86
N VAL B 771 22.29 -10.00 30.07
CA VAL B 771 23.48 -10.53 30.68
C VAL B 771 23.30 -12.04 30.75
N LYS B 772 22.10 -12.46 31.14
CA LYS B 772 21.79 -13.87 31.22
C LYS B 772 20.29 -14.12 31.17
N GLU B 773 19.91 -15.34 30.82
CA GLU B 773 18.47 -15.62 30.64
C GLU B 773 18.07 -16.95 31.25
N LEU B 774 16.97 -16.94 32.01
CA LEU B 774 16.44 -18.15 32.62
C LEU B 774 15.94 -19.02 31.52
N LYS B 775 16.45 -20.27 31.49
CA LYS B 775 16.03 -21.31 30.53
C LYS B 775 15.71 -22.69 31.18
N GLY B 776 15.80 -22.79 32.48
CA GLY B 776 15.51 -24.07 33.17
C GLY B 776 15.38 -23.81 34.66
N PHE B 777 14.58 -24.60 35.38
CA PHE B 777 14.57 -24.56 36.84
C PHE B 777 14.03 -25.90 37.34
N GLU B 778 14.41 -26.29 38.56
CA GLU B 778 13.90 -27.49 39.19
C GLU B 778 13.79 -27.22 40.65
N LYS B 779 12.79 -27.80 41.29
CA LYS B 779 12.56 -27.54 42.69
C LYS B 779 12.82 -28.85 43.39
N VAL B 780 13.57 -28.84 44.47
CA VAL B 780 13.96 -30.10 45.07
C VAL B 780 13.76 -30.05 46.58
N HIS B 781 13.06 -31.05 47.10
CA HIS B 781 12.83 -31.13 48.55
C HIS B 781 13.93 -31.97 49.22
N LEU B 782 14.50 -31.50 50.32
CA LEU B 782 15.68 -32.08 50.93
C LEU B 782 15.55 -32.07 52.45
N GLU B 783 15.58 -33.26 53.04
CA GLU B 783 15.69 -33.40 54.52
C GLU B 783 17.02 -32.81 54.98
N PRO B 784 17.14 -32.43 56.26
CA PRO B 784 18.43 -31.95 56.77
C PRO B 784 19.59 -32.93 56.43
N GLY B 785 20.68 -32.44 55.83
CA GLY B 785 21.79 -33.30 55.43
C GLY B 785 21.59 -34.04 54.12
N GLU B 786 20.37 -34.05 53.57
CA GLU B 786 20.13 -34.81 52.38
C GLU B 786 20.65 -34.14 51.10
N LYS B 787 21.01 -35.00 50.16
CA LYS B 787 21.54 -34.62 48.90
C LYS B 787 20.80 -35.30 47.76
N LYS B 788 20.44 -34.54 46.74
CA LYS B 788 19.87 -35.09 45.52
C LYS B 788 20.56 -34.54 44.28
N THR B 789 20.40 -35.25 43.17
CA THR B 789 20.89 -34.79 41.91
C THR B 789 19.67 -34.52 41.11
N VAL B 790 19.56 -33.32 40.50
CA VAL B 790 18.51 -33.05 39.47
C VAL B 790 19.11 -32.90 38.08
N ASN B 791 18.32 -33.26 37.08
CA ASN B 791 18.77 -33.30 35.70
C ASN B 791 17.96 -32.28 34.94
N ILE B 792 18.61 -31.53 34.05
CA ILE B 792 17.96 -30.52 33.23
C ILE B 792 18.51 -30.75 31.82
N ASP B 793 17.65 -31.22 30.92
CA ASP B 793 18.02 -31.46 29.54
C ASP B 793 17.30 -30.46 28.65
N LEU B 794 18.02 -29.86 27.72
CA LEU B 794 17.37 -28.90 26.82
C LEU B 794 18.05 -28.94 25.51
N GLU B 795 17.27 -28.69 24.47
CA GLU B 795 17.83 -28.43 23.12
C GLU B 795 18.53 -27.10 23.14
N LEU B 796 19.66 -27.00 22.43
CA LEU B 796 20.40 -25.77 22.37
C LEU B 796 19.47 -24.67 21.85
N LYS B 797 18.63 -24.97 20.85
CA LYS B 797 17.81 -23.93 20.26
C LYS B 797 16.86 -23.27 21.31
N ASP B 798 16.46 -24.05 22.30
CA ASP B 798 15.71 -23.59 23.47
C ASP B 798 16.47 -22.76 24.44
N ALA B 799 17.76 -23.02 24.56
CA ALA B 799 18.64 -22.42 25.52
C ALA B 799 19.28 -21.13 25.06
N ILE B 800 19.65 -21.04 23.80
CA ILE B 800 20.55 -19.94 23.46
C ILE B 800 20.22 -19.14 22.22
N SER B 801 19.02 -19.30 21.66
CA SER B 801 18.62 -18.55 20.45
C SER B 801 18.32 -17.12 20.84
N TYR B 802 18.56 -16.16 19.93
CA TYR B 802 17.93 -14.85 20.10
C TYR B 802 17.09 -14.71 18.82
N PHE B 803 16.20 -13.70 18.78
CA PHE B 803 15.42 -13.50 17.57
C PHE B 803 16.10 -12.49 16.67
N ASN B 804 16.47 -12.94 15.46
CA ASN B 804 17.18 -12.08 14.52
C ASN B 804 16.13 -11.31 13.71
N GLU B 805 15.98 -10.04 14.08
CA GLU B 805 14.89 -9.23 13.56
C GLU B 805 15.07 -8.96 12.11
N GLU B 806 16.32 -8.74 11.68
CA GLU B 806 16.56 -8.46 10.27
C GLU B 806 16.24 -9.64 9.35
N LEU B 807 16.59 -10.86 9.79
CA LEU B 807 16.32 -12.02 8.96
C LEU B 807 14.92 -12.56 9.17
N GLY B 808 14.25 -12.13 10.27
CA GLY B 808 12.94 -12.67 10.60
C GLY B 808 13.00 -14.13 11.11
N LYS B 809 14.09 -14.51 11.77
CA LYS B 809 14.22 -15.89 12.21
C LYS B 809 14.95 -15.93 13.53
N TRP B 810 14.70 -16.97 14.31
CA TRP B 810 15.52 -17.29 15.47
C TRP B 810 16.85 -17.78 14.99
N HIS B 811 17.88 -17.46 15.76
CA HIS B 811 19.26 -17.83 15.41
C HIS B 811 20.00 -18.41 16.61
N VAL B 812 20.53 -19.63 16.43
CA VAL B 812 21.54 -20.26 17.31
C VAL B 812 22.91 -19.88 16.75
N GLU B 813 23.60 -19.00 17.42
CA GLU B 813 24.82 -18.42 16.90
C GLU B 813 26.01 -19.23 17.43
N ALA B 814 26.97 -19.56 16.56
CA ALA B 814 28.25 -20.16 16.98
C ALA B 814 29.01 -19.25 17.92
N GLY B 815 29.63 -19.82 18.94
CA GLY B 815 30.46 -19.04 19.83
C GLY B 815 30.57 -19.65 21.20
N GLU B 816 31.01 -18.87 22.20
CA GLU B 816 31.22 -19.42 23.53
C GLU B 816 30.08 -18.92 24.42
N TYR B 817 29.65 -19.76 25.34
CA TYR B 817 28.41 -19.51 26.12
C TYR B 817 28.73 -19.95 27.50
N LEU B 818 27.95 -19.48 28.47
CA LEU B 818 28.09 -19.86 29.84
C LEU B 818 26.74 -20.29 30.39
N VAL B 819 26.73 -21.43 31.09
CA VAL B 819 25.57 -21.78 31.86
C VAL B 819 25.87 -21.44 33.32
N SER B 820 24.93 -20.75 33.97
CA SER B 820 25.10 -20.31 35.37
C SER B 820 23.96 -20.91 36.16
N VAL B 821 24.31 -21.64 37.24
CA VAL B 821 23.31 -22.31 38.04
C VAL B 821 23.31 -21.65 39.38
N GLY B 822 22.14 -21.34 39.89
CA GLY B 822 22.07 -20.69 41.21
C GLY B 822 20.71 -20.75 41.84
N THR B 823 20.53 -20.02 42.94
CA THR B 823 19.24 -20.06 43.67
C THR B 823 18.50 -18.69 43.63
N SER B 824 19.00 -17.79 42.79
CA SER B 824 18.29 -16.55 42.37
C SER B 824 19.03 -16.06 41.16
N SER B 825 18.51 -15.02 40.51
CA SER B 825 19.20 -14.46 39.36
C SER B 825 20.55 -13.86 39.78
N ASP B 826 20.76 -13.50 41.03
CA ASP B 826 22.12 -13.03 41.48
C ASP B 826 23.02 -14.10 42.13
N ASP B 827 22.38 -15.02 42.84
CA ASP B 827 23.12 -15.97 43.71
C ASP B 827 23.53 -17.16 42.86
N ILE B 828 24.48 -16.93 41.97
CA ILE B 828 24.97 -17.92 41.05
C ILE B 828 26.03 -18.70 41.84
N LEU B 829 25.88 -20.02 41.89
CA LEU B 829 26.74 -20.87 42.71
C LEU B 829 27.69 -21.78 41.92
N SER B 830 27.43 -21.99 40.63
CA SER B 830 28.28 -22.93 39.86
C SER B 830 28.04 -22.59 38.42
N VAL B 831 29.10 -22.58 37.62
CA VAL B 831 29.04 -22.20 36.25
C VAL B 831 29.76 -23.22 35.31
N LYS B 832 29.43 -23.22 34.03
CA LYS B 832 30.17 -24.04 33.10
C LYS B 832 30.19 -23.34 31.74
N GLU B 833 31.41 -23.16 31.19
CA GLU B 833 31.67 -22.62 29.85
C GLU B 833 31.60 -23.69 28.77
N PHE B 834 31.03 -23.36 27.60
CA PHE B 834 30.99 -24.34 26.51
C PHE B 834 30.93 -23.67 25.15
N LYS B 835 31.34 -24.42 24.17
CA LYS B 835 31.48 -23.92 22.84
C LYS B 835 30.33 -24.44 22.01
N VAL B 836 29.90 -23.64 21.06
CA VAL B 836 28.92 -24.04 20.07
C VAL B 836 29.46 -23.77 18.71
N GLU B 837 29.54 -24.80 17.85
CA GLU B 837 30.13 -24.58 16.51
C GLU B 837 29.09 -24.61 15.42
N LYS B 838 27.99 -25.26 15.69
CA LYS B 838 27.02 -25.44 14.62
C LYS B 838 25.94 -24.33 14.74
N GLU B 839 25.84 -23.41 13.79
CA GLU B 839 24.71 -22.49 13.69
C GLU B 839 23.37 -23.06 13.27
N LEU B 840 22.30 -22.36 13.64
CA LEU B 840 20.96 -22.79 13.29
C LEU B 840 20.09 -21.56 13.20
N TYR B 841 19.40 -21.43 12.06
CA TYR B 841 18.29 -20.50 11.88
C TYR B 841 16.98 -21.32 11.90
N TRP B 842 15.96 -20.89 12.66
CA TRP B 842 14.71 -21.63 12.69
C TRP B 842 13.51 -20.66 12.91
N LYS B 843 12.32 -21.18 12.58
CA LYS B 843 11.04 -20.56 12.89
C LYS B 843 10.20 -21.65 13.49
N GLY B 844 9.04 -21.28 14.04
CA GLY B 844 8.13 -22.27 14.54
C GLY B 844 8.27 -22.54 16.02
N LEU B 845 8.05 -23.79 16.36
CA LEU B 845 8.04 -24.23 17.76
C LEU B 845 9.40 -24.76 18.11
N SER C 2 29.95 -33.14 -16.88
CA SER C 2 30.05 -31.64 -16.75
C SER C 2 31.23 -31.24 -15.84
N LYS C 3 32.08 -30.31 -16.30
CA LYS C 3 33.11 -29.65 -15.44
C LYS C 3 32.61 -28.26 -14.91
N PHE C 4 31.30 -27.99 -15.05
CA PHE C 4 30.75 -26.68 -14.63
C PHE C 4 29.68 -26.88 -13.55
N ASP C 5 30.01 -26.56 -12.30
CA ASP C 5 29.10 -26.67 -11.19
C ASP C 5 28.60 -25.30 -10.64
N VAL C 6 27.27 -25.10 -10.67
CA VAL C 6 26.68 -23.79 -10.33
C VAL C 6 26.96 -23.35 -8.88
N GLU C 7 26.67 -24.21 -7.91
CA GLU C 7 26.86 -23.89 -6.53
C GLU C 7 28.35 -23.71 -6.16
N GLN C 8 29.22 -24.56 -6.68
CA GLN C 8 30.65 -24.38 -6.41
C GLN C 8 31.09 -22.99 -6.87
N LEU C 9 30.80 -22.66 -8.13
CA LEU C 9 31.12 -21.36 -8.66
C LEU C 9 30.47 -20.20 -7.91
N LEU C 10 29.25 -20.38 -7.43
CA LEU C 10 28.59 -19.32 -6.70
C LEU C 10 29.27 -19.09 -5.37
N SER C 11 29.92 -20.12 -4.85
CA SER C 11 30.53 -20.03 -3.53
C SER C 11 31.92 -19.41 -3.70
N GLU C 12 32.43 -19.38 -4.95
CA GLU C 12 33.78 -18.88 -5.27
C GLU C 12 33.86 -17.44 -5.80
N LEU C 13 32.77 -16.97 -6.40
CA LEU C 13 32.69 -15.60 -6.94
C LEU C 13 32.75 -14.58 -5.79
N ASN C 14 33.50 -13.49 -5.96
CA ASN C 14 33.40 -12.37 -4.96
C ASN C 14 32.22 -11.48 -5.35
N GLN C 15 31.99 -10.42 -4.59
CA GLN C 15 30.77 -9.61 -4.79
C GLN C 15 30.85 -8.82 -6.07
N ASP C 16 32.03 -8.31 -6.39
CA ASP C 16 32.20 -7.59 -7.61
C ASP C 16 32.01 -8.45 -8.84
N GLU C 17 32.53 -9.67 -8.80
CA GLU C 17 32.31 -10.64 -9.88
C GLU C 17 30.82 -10.97 -10.01
N LYS C 18 30.15 -11.30 -8.91
CA LYS C 18 28.70 -11.58 -8.90
C LYS C 18 27.92 -10.45 -9.57
N ILE C 19 28.15 -9.20 -9.13
CA ILE C 19 27.48 -8.06 -9.75
C ILE C 19 27.78 -7.93 -11.26
N SER C 20 29.03 -8.19 -11.66
CA SER C 20 29.40 -8.12 -13.07
C SER C 20 28.69 -9.19 -13.92
N LEU C 21 28.27 -10.30 -13.33
CA LEU C 21 27.52 -11.26 -14.11
C LEU C 21 26.05 -10.81 -14.38
N LEU C 22 25.57 -9.79 -13.64
CA LEU C 22 24.14 -9.40 -13.73
C LEU C 22 23.87 -8.47 -14.86
N SER C 23 24.88 -8.11 -15.62
CA SER C 23 24.67 -7.38 -16.87
C SER C 23 25.60 -7.90 -17.94
N ALA C 24 25.19 -7.71 -19.20
CA ALA C 24 25.95 -8.05 -20.36
C ALA C 24 27.10 -7.07 -20.43
N VAL C 25 28.13 -7.42 -21.22
CA VAL C 25 29.26 -6.54 -21.42
C VAL C 25 29.07 -5.71 -22.64
N ASP C 26 28.43 -6.25 -23.66
CA ASP C 26 28.17 -5.38 -24.81
C ASP C 26 26.83 -5.70 -25.42
N PHE C 27 26.63 -5.43 -26.71
CA PHE C 27 25.30 -5.76 -27.23
C PHE C 27 24.90 -7.22 -27.18
N TRP C 28 25.89 -8.10 -27.12
CA TRP C 28 25.63 -9.51 -27.42
C TRP C 28 26.32 -10.52 -26.55
N HIS C 29 27.09 -10.08 -25.57
CA HIS C 29 27.86 -11.04 -24.75
C HIS C 29 27.77 -10.77 -23.26
N THR C 30 27.72 -11.85 -22.51
CA THR C 30 27.76 -11.78 -21.08
C THR C 30 29.24 -11.77 -20.62
N LYS C 31 29.41 -11.84 -19.29
CA LYS C 31 30.67 -11.48 -18.63
C LYS C 31 31.57 -12.66 -18.40
N LYS C 32 32.77 -12.61 -18.98
CA LYS C 32 33.75 -13.68 -18.81
C LYS C 32 34.40 -13.52 -17.45
N ILE C 33 34.47 -14.61 -16.69
CA ILE C 33 35.20 -14.57 -15.44
C ILE C 33 36.40 -15.55 -15.60
N GLU C 34 37.46 -15.04 -16.23
CA GLU C 34 38.68 -15.78 -16.48
C GLU C 34 39.10 -16.70 -15.34
N ARG C 35 39.23 -16.13 -14.14
CA ARG C 35 39.83 -16.88 -13.01
C ARG C 35 39.07 -18.14 -12.58
N LEU C 36 37.80 -18.24 -13.00
CA LEU C 36 36.97 -19.38 -12.62
C LEU C 36 36.55 -20.23 -13.85
N GLY C 37 37.09 -19.91 -15.01
CA GLY C 37 36.72 -20.65 -16.20
C GLY C 37 35.27 -20.44 -16.70
N ILE C 38 34.71 -19.25 -16.40
CA ILE C 38 33.40 -18.85 -16.92
C ILE C 38 33.59 -18.11 -18.21
N PRO C 39 33.10 -18.68 -19.32
CA PRO C 39 33.26 -17.97 -20.60
C PRO C 39 32.17 -16.90 -20.78
N ALA C 40 32.45 -15.93 -21.66
CA ALA C 40 31.45 -15.05 -22.26
C ALA C 40 30.59 -15.84 -23.19
N VAL C 41 29.29 -15.63 -23.07
CA VAL C 41 28.31 -16.34 -23.93
C VAL C 41 27.79 -15.37 -24.94
N ARG C 42 27.76 -15.78 -26.19
CA ARG C 42 27.27 -14.94 -27.23
C ARG C 42 25.82 -15.26 -27.50
N VAL C 43 24.99 -14.22 -27.62
CA VAL C 43 23.58 -14.34 -27.90
C VAL C 43 23.38 -13.66 -29.23
N SER C 44 22.41 -14.13 -30.00
CA SER C 44 22.05 -13.47 -31.24
C SER C 44 20.54 -13.47 -31.55
N ASP C 45 20.06 -12.38 -32.09
CA ASP C 45 18.77 -12.41 -32.79
C ASP C 45 18.84 -13.42 -33.99
N GLY C 46 17.69 -13.96 -34.42
CA GLY C 46 16.36 -13.66 -33.90
C GLY C 46 15.41 -14.83 -34.15
N PRO C 47 14.11 -14.59 -34.26
CA PRO C 47 13.15 -15.74 -34.30
C PRO C 47 13.08 -16.39 -35.68
N ASN C 48 13.62 -15.72 -36.69
CA ASN C 48 13.55 -16.29 -38.03
C ASN C 48 14.92 -16.35 -38.72
N GLY C 49 15.92 -16.85 -38.01
CA GLY C 49 17.27 -16.86 -38.49
C GLY C 49 18.17 -15.96 -37.67
N ILE C 50 19.45 -16.26 -37.76
CA ILE C 50 20.47 -15.69 -36.90
C ILE C 50 21.27 -14.58 -37.60
N ARG C 51 21.10 -13.36 -37.07
CA ARG C 51 21.84 -12.23 -37.58
C ARG C 51 23.32 -12.23 -37.20
N GLY C 52 23.67 -12.62 -35.98
CA GLY C 52 25.06 -12.49 -35.49
C GLY C 52 25.32 -11.12 -34.83
N THR C 53 26.58 -10.72 -34.69
CA THR C 53 26.96 -9.52 -33.88
C THR C 53 26.83 -8.13 -34.50
N LYS C 54 26.45 -8.05 -35.78
CA LYS C 54 26.27 -6.76 -36.42
C LYS C 54 25.15 -6.64 -37.41
N PHE C 55 24.52 -5.45 -37.40
CA PHE C 55 23.65 -5.07 -38.46
C PHE C 55 24.49 -4.56 -39.63
N PHE C 56 25.14 -3.42 -39.47
CA PHE C 56 25.93 -2.87 -40.57
C PHE C 56 27.07 -3.86 -40.83
N ASP C 57 27.33 -4.13 -42.11
CA ASP C 57 28.43 -5.06 -42.51
C ASP C 57 28.28 -6.45 -41.96
N GLY C 58 27.06 -6.87 -41.59
CA GLY C 58 26.83 -8.19 -40.97
C GLY C 58 27.16 -9.37 -41.90
N VAL C 59 27.52 -10.50 -41.30
CA VAL C 59 27.77 -11.71 -42.03
C VAL C 59 26.47 -12.30 -42.59
N PRO C 60 26.45 -12.61 -43.89
CA PRO C 60 25.24 -13.16 -44.50
C PRO C 60 24.79 -14.44 -43.81
N SER C 61 23.47 -14.69 -43.81
CA SER C 61 22.91 -15.77 -43.02
C SER C 61 21.65 -16.34 -43.69
N GLY C 62 21.08 -17.38 -43.13
CA GLY C 62 19.77 -17.88 -43.60
C GLY C 62 18.51 -17.32 -42.94
N CYS C 63 17.78 -16.51 -43.68
CA CYS C 63 16.50 -16.00 -43.22
C CYS C 63 15.34 -17.01 -43.49
N PHE C 64 14.63 -17.36 -42.40
CA PHE C 64 13.42 -18.17 -42.43
C PHE C 64 12.18 -17.34 -42.72
N PRO C 65 11.06 -17.98 -43.08
CA PRO C 65 9.83 -17.24 -43.19
C PRO C 65 9.49 -16.67 -41.84
N ASN C 66 8.74 -15.55 -41.85
CA ASN C 66 8.27 -14.90 -40.62
C ASN C 66 7.36 -15.79 -39.84
N GLY C 67 7.29 -15.53 -38.53
CA GLY C 67 6.52 -16.32 -37.60
C GLY C 67 5.05 -16.61 -37.94
N THR C 68 4.28 -15.64 -38.42
CA THR C 68 2.90 -15.95 -38.75
C THR C 68 2.80 -16.94 -39.95
N GLY C 69 3.76 -16.89 -40.85
CA GLY C 69 3.85 -17.92 -41.89
C GLY C 69 4.24 -19.27 -41.29
N LEU C 70 5.29 -19.28 -40.46
CA LEU C 70 5.66 -20.51 -39.80
C LEU C 70 4.51 -21.20 -39.13
N ALA C 71 3.66 -20.43 -38.42
CA ALA C 71 2.61 -21.09 -37.61
C ALA C 71 1.56 -21.61 -38.58
N SER C 72 1.41 -20.93 -39.73
CA SER C 72 0.43 -21.32 -40.68
C SER C 72 0.71 -22.73 -41.26
N THR C 73 1.91 -23.30 -41.06
CA THR C 73 2.16 -24.67 -41.48
C THR C 73 1.34 -25.63 -40.64
N PHE C 74 0.94 -25.17 -39.45
CA PHE C 74 0.36 -26.09 -38.47
C PHE C 74 1.10 -27.44 -38.41
N ASP C 75 2.41 -27.43 -38.50
CA ASP C 75 3.23 -28.63 -38.60
C ASP C 75 4.33 -28.66 -37.53
N ARG C 76 4.06 -29.28 -36.39
CA ARG C 76 5.06 -29.37 -35.30
C ARG C 76 6.38 -29.98 -35.68
N ASP C 77 6.34 -31.03 -36.51
CA ASP C 77 7.59 -31.69 -36.93
C ASP C 77 8.40 -30.79 -37.83
N LEU C 78 7.74 -30.11 -38.75
CA LEU C 78 8.49 -29.20 -39.58
C LEU C 78 9.01 -28.00 -38.70
N LEU C 79 8.24 -27.55 -37.71
CA LEU C 79 8.73 -26.40 -36.88
C LEU C 79 9.92 -26.80 -36.00
N GLU C 80 9.94 -28.05 -35.56
CA GLU C 80 11.10 -28.56 -34.84
C GLU C 80 12.32 -28.69 -35.77
N THR C 81 12.11 -29.21 -36.96
CA THR C 81 13.12 -29.15 -38.03
C THR C 81 13.63 -27.72 -38.30
N ALA C 82 12.71 -26.76 -38.47
CA ALA C 82 13.10 -25.35 -38.58
C ALA C 82 14.00 -24.98 -37.37
N GLY C 83 13.55 -25.27 -36.15
CA GLY C 83 14.36 -25.04 -34.95
C GLY C 83 15.81 -25.53 -35.04
N LYS C 84 16.00 -26.79 -35.50
CA LYS C 84 17.30 -27.44 -35.54
C LYS C 84 18.15 -26.74 -36.53
N LEU C 85 17.57 -26.38 -37.67
CA LEU C 85 18.31 -25.64 -38.68
C LEU C 85 18.71 -24.24 -38.16
N MSE C 86 17.87 -23.67 -37.29
CA MSE C 86 18.20 -22.38 -36.63
C MSE C 86 19.45 -22.52 -35.76
O MSE C 86 20.33 -21.66 -35.81
CB MSE C 86 17.01 -21.87 -35.81
CG MSE C 86 15.93 -21.38 -36.70
SE MSE C 86 14.25 -20.94 -35.71
CE MSE C 86 13.18 -20.29 -37.22
N ALA C 87 19.53 -23.60 -35.00
CA ALA C 87 20.67 -23.93 -34.18
C ALA C 87 21.97 -24.11 -35.00
N LYS C 88 21.91 -24.90 -36.08
CA LYS C 88 23.01 -25.01 -37.02
C LYS C 88 23.41 -23.61 -37.54
N GLU C 89 22.41 -22.78 -37.88
CA GLU C 89 22.68 -21.40 -38.30
C GLU C 89 23.41 -20.59 -37.23
N SER C 90 23.11 -20.92 -35.97
CA SER C 90 23.60 -20.15 -34.84
C SER C 90 25.01 -20.58 -34.58
N ILE C 91 25.26 -21.89 -34.70
CA ILE C 91 26.60 -22.43 -34.57
C ILE C 91 27.59 -21.79 -35.56
N ALA C 92 27.17 -21.61 -36.82
CA ALA C 92 27.98 -20.92 -37.84
C ALA C 92 28.29 -19.46 -37.48
N LYS C 93 27.36 -18.83 -36.75
CA LYS C 93 27.61 -17.51 -36.16
C LYS C 93 28.29 -17.54 -34.78
N ASN C 94 28.58 -18.74 -34.28
CA ASN C 94 29.15 -18.99 -32.96
C ASN C 94 28.34 -18.33 -31.85
N ALA C 95 27.03 -18.20 -32.05
CA ALA C 95 26.12 -17.80 -30.96
C ALA C 95 25.55 -19.01 -30.20
N ALA C 96 25.77 -19.06 -28.91
CA ALA C 96 25.26 -20.15 -28.09
C ALA C 96 23.77 -20.01 -27.71
N VAL C 97 23.21 -18.81 -27.87
CA VAL C 97 21.85 -18.51 -27.40
C VAL C 97 21.16 -17.74 -28.50
N ILE C 98 19.98 -18.20 -28.89
CA ILE C 98 19.22 -17.51 -29.92
C ILE C 98 18.14 -16.70 -29.23
N LEU C 99 17.97 -15.42 -29.61
CA LEU C 99 16.88 -14.59 -29.02
C LEU C 99 15.58 -14.84 -29.76
N GLY C 100 15.01 -16.00 -29.48
CA GLY C 100 13.70 -16.36 -30.07
C GLY C 100 13.34 -17.74 -29.58
N PRO C 101 12.10 -18.17 -29.83
CA PRO C 101 11.17 -17.51 -30.74
C PRO C 101 10.29 -16.46 -30.09
N THR C 102 9.56 -15.72 -30.92
CA THR C 102 8.74 -14.64 -30.39
C THR C 102 7.27 -15.06 -30.41
N THR C 103 6.60 -14.83 -29.28
CA THR C 103 5.22 -15.23 -29.18
C THR C 103 4.28 -14.29 -28.40
N ASN C 104 4.37 -12.99 -28.73
CA ASN C 104 3.31 -12.08 -28.33
C ASN C 104 2.09 -12.36 -29.21
N MSE C 105 0.99 -11.65 -29.03
CA MSE C 105 -0.28 -12.04 -29.61
C MSE C 105 -0.91 -10.94 -30.36
O MSE C 105 -1.01 -9.82 -29.84
CB MSE C 105 -1.21 -12.47 -28.52
CG MSE C 105 -0.65 -13.45 -27.52
SE MSE C 105 -0.29 -15.24 -28.46
CE MSE C 105 -2.16 -15.95 -28.60
N GLN C 106 -1.35 -11.24 -31.57
CA GLN C 106 -1.96 -10.26 -32.44
C GLN C 106 -3.40 -10.05 -31.97
N ARG C 107 -3.62 -9.36 -30.85
CA ARG C 107 -4.98 -9.13 -30.43
C ARG C 107 -5.69 -8.21 -31.42
N GLY C 108 -4.94 -7.33 -32.08
CA GLY C 108 -5.42 -6.62 -33.26
C GLY C 108 -4.46 -6.88 -34.42
N PRO C 109 -4.84 -6.55 -35.67
CA PRO C 109 -3.97 -6.89 -36.80
C PRO C 109 -2.89 -5.87 -37.06
N LEU C 110 -2.94 -4.70 -36.42
CA LEU C 110 -1.97 -3.60 -36.82
C LEU C 110 -0.60 -3.57 -36.13
N GLY C 111 -0.30 -4.57 -35.32
CA GLY C 111 0.92 -4.57 -34.53
C GLY C 111 2.17 -4.51 -35.38
N GLY C 112 3.08 -3.61 -35.05
CA GLY C 112 4.36 -3.55 -35.75
C GLY C 112 5.11 -4.88 -35.87
N ARG C 113 4.94 -5.74 -34.88
CA ARG C 113 5.68 -6.98 -34.81
C ARG C 113 4.69 -8.17 -34.91
N GLY C 114 3.45 -7.88 -35.28
CA GLY C 114 2.49 -8.94 -35.61
C GLY C 114 3.09 -10.04 -36.51
N PHE C 115 3.87 -9.68 -37.53
CA PHE C 115 4.48 -10.64 -38.48
C PHE C 115 5.45 -11.59 -37.73
N GLU C 116 5.97 -11.14 -36.57
CA GLU C 116 7.12 -11.83 -35.95
C GLU C 116 6.70 -12.96 -35.04
N SER C 117 5.55 -12.79 -34.40
CA SER C 117 5.05 -13.84 -33.50
C SER C 117 4.28 -14.95 -34.29
N PHE C 118 3.70 -15.93 -33.60
CA PHE C 118 3.02 -17.09 -34.31
C PHE C 118 1.53 -16.92 -34.65
N SER C 119 0.69 -16.71 -33.63
CA SER C 119 -0.74 -16.76 -33.83
C SER C 119 -1.60 -16.01 -32.83
N GLU C 120 -2.78 -15.56 -33.23
CA GLU C 120 -3.79 -15.03 -32.32
C GLU C 120 -4.34 -16.10 -31.41
N ASP C 121 -4.12 -17.37 -31.75
CA ASP C 121 -4.55 -18.51 -30.92
C ASP C 121 -3.45 -19.02 -30.03
N PRO C 122 -3.74 -19.08 -28.72
CA PRO C 122 -2.70 -19.36 -27.77
C PRO C 122 -2.14 -20.76 -27.89
N TYR C 123 -3.02 -21.71 -28.21
CA TYR C 123 -2.60 -23.12 -28.36
C TYR C 123 -1.71 -23.26 -29.59
N LEU C 124 -2.17 -22.78 -30.74
CA LEU C 124 -1.24 -22.81 -31.85
C LEU C 124 0.07 -22.03 -31.53
N ALA C 125 -0.03 -20.82 -30.93
CA ALA C 125 1.22 -20.02 -30.62
C ALA C 125 2.14 -20.81 -29.70
N GLY C 126 1.56 -21.39 -28.67
CA GLY C 126 2.38 -22.20 -27.75
C GLY C 126 2.97 -23.52 -28.31
N MSE C 127 2.22 -24.22 -29.18
CA MSE C 127 2.81 -25.44 -29.79
C MSE C 127 3.83 -25.03 -30.80
O MSE C 127 4.87 -25.65 -30.92
CB MSE C 127 1.73 -26.35 -30.37
CG MSE C 127 0.76 -26.85 -29.31
SE MSE C 127 1.56 -27.56 -27.61
CE MSE C 127 2.73 -28.92 -28.43
N ALA C 128 3.60 -23.95 -31.50
CA ALA C 128 4.64 -23.52 -32.41
C ALA C 128 5.96 -23.15 -31.68
N THR C 129 5.83 -22.37 -30.60
CA THR C 129 6.96 -21.99 -29.77
C THR C 129 7.65 -23.23 -29.23
N SER C 130 6.85 -24.08 -28.64
CA SER C 130 7.40 -25.27 -28.10
C SER C 130 8.24 -26.13 -29.11
N SER C 131 7.69 -26.33 -30.31
CA SER C 131 8.37 -27.12 -31.36
C SER C 131 9.62 -26.41 -31.81
N VAL C 132 9.55 -25.09 -32.06
CA VAL C 132 10.80 -24.36 -32.40
C VAL C 132 11.92 -24.52 -31.32
N VAL C 133 11.56 -24.26 -30.07
CA VAL C 133 12.48 -24.45 -28.96
C VAL C 133 13.04 -25.88 -28.86
N LYS C 134 12.18 -26.89 -29.02
CA LYS C 134 12.66 -28.28 -28.99
C LYS C 134 13.74 -28.49 -30.05
N GLY C 135 13.54 -28.03 -31.27
CA GLY C 135 14.57 -28.27 -32.29
C GLY C 135 15.89 -27.53 -32.00
N MSE C 136 15.78 -26.31 -31.45
CA MSE C 136 16.98 -25.49 -31.20
C MSE C 136 17.72 -26.17 -30.09
O MSE C 136 18.94 -26.39 -30.22
CB MSE C 136 16.68 -24.07 -30.78
CG MSE C 136 15.83 -23.25 -31.69
SE MSE C 136 15.38 -21.53 -30.61
CE MSE C 136 15.00 -20.37 -32.09
N GLN C 137 17.00 -26.54 -29.02
CA GLN C 137 17.69 -27.05 -27.82
C GLN C 137 18.25 -28.50 -27.94
N GLY C 138 17.62 -29.28 -28.83
CA GLY C 138 18.10 -30.64 -29.14
C GLY C 138 19.49 -30.60 -29.75
N GLU C 139 19.85 -29.53 -30.44
CA GLU C 139 21.17 -29.33 -30.98
C GLU C 139 22.13 -28.67 -30.01
N GLY C 140 21.71 -28.48 -28.75
CA GLY C 140 22.58 -27.87 -27.71
C GLY C 140 22.53 -26.32 -27.64
N ILE C 141 21.62 -25.72 -28.39
CA ILE C 141 21.54 -24.30 -28.50
C ILE C 141 20.35 -23.75 -27.67
N ALA C 142 20.63 -22.74 -26.86
CA ALA C 142 19.65 -22.20 -25.92
C ALA C 142 18.65 -21.36 -26.64
N ALA C 143 17.40 -21.56 -26.28
CA ALA C 143 16.33 -20.68 -26.79
C ALA C 143 16.04 -19.53 -25.74
N THR C 144 15.46 -18.44 -26.24
CA THR C 144 14.92 -17.34 -25.44
C THR C 144 13.48 -17.04 -25.92
N VAL C 145 12.47 -17.61 -25.28
CA VAL C 145 11.12 -17.24 -25.66
C VAL C 145 10.85 -15.74 -25.26
N LYS C 146 10.30 -14.94 -26.16
CA LYS C 146 10.13 -13.52 -25.89
C LYS C 146 8.78 -13.06 -26.43
N HIS C 147 8.22 -11.93 -25.96
CA HIS C 147 8.73 -11.15 -24.85
C HIS C 147 7.68 -11.22 -23.80
N PHE C 148 8.08 -11.57 -22.59
CA PHE C 148 7.18 -11.84 -21.49
C PHE C 148 6.86 -10.53 -20.69
N VAL C 149 5.63 -9.99 -20.73
CA VAL C 149 4.51 -10.52 -21.50
C VAL C 149 3.65 -9.30 -21.89
N CYS C 150 2.75 -9.49 -22.87
CA CYS C 150 1.82 -8.44 -23.33
C CYS C 150 2.49 -7.27 -24.03
N ASN C 151 3.59 -7.59 -24.73
CA ASN C 151 4.18 -6.68 -25.66
C ASN C 151 3.44 -6.80 -27.03
N ASP C 152 2.17 -6.43 -27.05
CA ASP C 152 1.33 -6.76 -28.19
C ASP C 152 1.09 -5.58 -29.13
N LEU C 153 1.80 -4.46 -28.89
CA LEU C 153 1.93 -3.41 -29.89
C LEU C 153 3.27 -2.67 -29.66
N GLU C 154 3.66 -1.86 -30.62
CA GLU C 154 4.90 -1.15 -30.61
C GLU C 154 4.82 0.28 -30.03
N ASP C 155 3.71 0.94 -30.23
CA ASP C 155 3.54 2.35 -29.83
C ASP C 155 3.92 2.61 -28.34
N GLN C 156 5.00 3.38 -28.16
CA GLN C 156 5.49 3.83 -26.83
C GLN C 156 5.74 2.63 -25.93
N ARG C 157 6.20 1.54 -26.56
CA ARG C 157 6.39 0.26 -25.88
C ARG C 157 7.22 0.31 -24.61
N PHE C 158 8.22 1.21 -24.48
CA PHE C 158 9.01 1.27 -23.20
C PHE C 158 8.22 1.70 -21.95
N SER C 159 7.11 2.39 -22.17
CA SER C 159 6.18 2.81 -21.10
C SER C 159 4.74 2.28 -21.19
N SER C 160 4.37 1.56 -22.27
CA SER C 160 2.96 1.21 -22.49
C SER C 160 2.50 0.31 -21.41
N ASN C 161 1.42 0.69 -20.75
CA ASN C 161 0.84 -0.11 -19.70
C ASN C 161 -0.30 -0.97 -20.30
N SER C 162 -0.07 -2.29 -20.49
CA SER C 162 -1.11 -3.24 -20.96
C SER C 162 -2.01 -3.55 -19.77
N ILE C 163 -3.27 -3.09 -19.80
CA ILE C 163 -4.20 -3.25 -18.67
C ILE C 163 -5.13 -4.40 -19.05
N VAL C 164 -5.08 -5.52 -18.34
CA VAL C 164 -5.66 -6.74 -18.87
C VAL C 164 -6.12 -7.59 -17.70
N SER C 165 -7.34 -8.15 -17.76
CA SER C 165 -7.84 -8.88 -16.64
C SER C 165 -6.99 -10.16 -16.39
N GLU C 166 -7.04 -10.71 -15.20
CA GLU C 166 -6.25 -11.93 -14.96
C GLU C 166 -6.78 -13.07 -15.88
N ARG C 167 -8.08 -13.11 -16.15
CA ARG C 167 -8.59 -14.20 -17.02
C ARG C 167 -7.94 -14.10 -18.39
N ALA C 168 -7.93 -12.91 -18.99
CA ALA C 168 -7.37 -12.80 -20.33
C ALA C 168 -5.89 -13.00 -20.28
N LEU C 169 -5.27 -12.45 -19.24
CA LEU C 169 -3.78 -12.57 -19.11
C LEU C 169 -3.49 -14.05 -19.15
N ARG C 170 -4.23 -14.83 -18.38
CA ARG C 170 -3.90 -16.27 -18.18
C ARG C 170 -4.23 -17.12 -19.46
N GLU C 171 -5.44 -16.90 -20.04
CA GLU C 171 -5.95 -17.67 -21.25
C GLU C 171 -5.34 -17.25 -22.54
N ILE C 172 -4.97 -15.98 -22.68
CA ILE C 172 -4.46 -15.56 -23.97
C ILE C 172 -2.95 -15.33 -23.97
N TYR C 173 -2.41 -14.53 -23.02
CA TYR C 173 -1.07 -13.98 -23.23
C TYR C 173 0.01 -14.81 -22.56
N LEU C 174 -0.24 -15.26 -21.33
CA LEU C 174 0.64 -16.15 -20.62
C LEU C 174 0.64 -17.59 -21.21
N GLU C 175 -0.45 -17.97 -21.89
CA GLU C 175 -0.69 -19.38 -22.23
C GLU C 175 0.38 -19.95 -23.16
N PRO C 176 0.79 -19.20 -24.20
CA PRO C 176 1.85 -19.81 -25.03
C PRO C 176 3.22 -19.95 -24.29
N PHE C 177 3.46 -19.10 -23.27
CA PHE C 177 4.67 -19.22 -22.40
C PHE C 177 4.52 -20.44 -21.52
N ARG C 178 3.34 -20.61 -20.93
CA ARG C 178 3.06 -21.77 -20.11
C ARG C 178 3.31 -23.09 -20.87
N LEU C 179 2.78 -23.17 -22.10
CA LEU C 179 2.90 -24.36 -22.95
C LEU C 179 4.35 -24.57 -23.34
N ALA C 180 5.05 -23.50 -23.68
CA ALA C 180 6.48 -23.59 -23.93
C ALA C 180 7.32 -24.07 -22.74
N VAL C 181 7.04 -23.50 -21.56
CA VAL C 181 7.73 -23.93 -20.36
C VAL C 181 7.39 -25.41 -20.10
N LYS C 182 6.13 -25.75 -20.17
CA LYS C 182 5.74 -27.12 -19.87
C LYS C 182 6.30 -28.18 -20.86
N HIS C 183 6.34 -27.91 -22.19
CA HIS C 183 6.68 -28.91 -23.21
C HIS C 183 8.11 -28.83 -23.66
N ALA C 184 8.73 -27.66 -23.55
CA ALA C 184 10.04 -27.45 -24.12
C ALA C 184 11.09 -26.90 -23.14
N ASN C 185 10.68 -26.46 -21.94
CA ASN C 185 11.65 -25.91 -20.95
C ASN C 185 12.72 -24.95 -21.59
N PRO C 186 12.30 -23.78 -22.09
CA PRO C 186 13.36 -22.96 -22.73
C PRO C 186 14.42 -22.56 -21.71
N VAL C 187 15.66 -22.43 -22.19
CA VAL C 187 16.80 -22.12 -21.31
C VAL C 187 16.63 -20.66 -20.85
N CYS C 188 16.16 -19.76 -21.73
CA CYS C 188 15.97 -18.34 -21.38
C CYS C 188 14.57 -17.85 -21.73
N ILE C 189 14.15 -16.77 -21.07
CA ILE C 189 12.98 -15.97 -21.43
C ILE C 189 13.40 -14.50 -21.41
N MSE C 190 13.02 -13.70 -22.41
CA MSE C 190 13.32 -12.29 -22.37
C MSE C 190 12.05 -11.52 -21.91
O MSE C 190 10.95 -11.72 -22.45
CB MSE C 190 13.76 -11.82 -23.77
CG MSE C 190 14.12 -10.31 -23.83
SE MSE C 190 14.31 -9.75 -25.63
CE MSE C 190 15.88 -10.89 -26.11
N THR C 191 12.19 -10.66 -20.92
CA THR C 191 11.07 -9.80 -20.47
C THR C 191 10.71 -8.74 -21.54
N ALA C 192 9.45 -8.32 -21.55
CA ALA C 192 8.98 -7.34 -22.48
C ALA C 192 9.39 -5.89 -22.04
N TYR C 193 9.33 -4.94 -22.97
CA TYR C 193 9.54 -3.52 -22.66
C TYR C 193 8.43 -2.86 -21.82
N ASN C 194 7.18 -3.33 -22.01
CA ASN C 194 6.03 -2.65 -21.50
C ASN C 194 5.72 -2.97 -20.07
N LYS C 195 4.66 -2.38 -19.54
CA LYS C 195 4.14 -2.77 -18.26
C LYS C 195 2.91 -3.68 -18.40
N VAL C 196 2.58 -4.40 -17.32
CA VAL C 196 1.34 -5.10 -17.23
C VAL C 196 0.67 -4.57 -15.96
N ASN C 197 -0.53 -4.00 -16.10
CA ASN C 197 -1.30 -3.56 -14.94
C ASN C 197 -0.47 -2.64 -14.02
N GLY C 198 0.32 -1.75 -14.65
CA GLY C 198 0.98 -0.70 -13.89
C GLY C 198 2.43 -1.01 -13.51
N GLU C 199 2.92 -2.22 -13.78
CA GLU C 199 4.28 -2.54 -13.34
C GLU C 199 5.15 -3.00 -14.53
N HIS C 200 6.30 -2.39 -14.73
CA HIS C 200 7.15 -2.86 -15.81
C HIS C 200 7.39 -4.38 -15.66
N CYS C 201 7.19 -5.18 -16.74
CA CYS C 201 7.40 -6.62 -16.65
C CYS C 201 8.81 -6.92 -16.16
N SER C 202 9.81 -6.15 -16.59
CA SER C 202 11.22 -6.52 -16.15
C SER C 202 11.47 -6.33 -14.64
N GLN C 203 10.47 -5.89 -13.89
CA GLN C 203 10.61 -5.82 -12.44
C GLN C 203 9.35 -6.24 -11.73
N SER C 204 8.54 -7.05 -12.40
CA SER C 204 7.29 -7.46 -11.83
C SER C 204 7.45 -8.74 -11.03
N LYS C 205 7.36 -8.65 -9.73
CA LYS C 205 7.54 -9.87 -8.97
C LYS C 205 6.46 -10.92 -9.31
N LYS C 206 5.22 -10.45 -9.49
CA LYS C 206 4.13 -11.31 -9.92
C LYS C 206 4.49 -12.12 -11.17
N LEU C 207 4.98 -11.47 -12.21
CA LEU C 207 5.36 -12.19 -13.40
C LEU C 207 6.64 -13.06 -13.26
N LEU C 208 7.69 -12.46 -12.72
CA LEU C 208 9.04 -13.04 -12.85
C LEU C 208 9.31 -13.99 -11.72
N ILE C 209 8.56 -13.85 -10.64
CA ILE C 209 8.73 -14.75 -9.50
C ILE C 209 7.47 -15.59 -9.14
N ASP C 210 6.33 -14.95 -8.88
CA ASP C 210 5.17 -15.72 -8.42
C ASP C 210 4.68 -16.74 -9.50
N ILE C 211 4.63 -16.30 -10.75
CA ILE C 211 4.23 -17.16 -11.87
C ILE C 211 5.39 -17.99 -12.38
N LEU C 212 6.46 -17.38 -12.91
CA LEU C 212 7.56 -18.16 -13.50
C LEU C 212 8.22 -19.11 -12.52
N ARG C 213 8.40 -18.69 -11.26
CA ARG C 213 9.21 -19.50 -10.33
C ARG C 213 8.36 -20.33 -9.40
N ASP C 214 7.55 -19.66 -8.58
CA ASP C 214 6.77 -20.38 -7.61
C ASP C 214 5.69 -21.22 -8.25
N GLU C 215 5.01 -20.73 -9.29
CA GLU C 215 3.85 -21.47 -9.79
C GLU C 215 4.27 -22.53 -10.83
N TRP C 216 5.06 -22.14 -11.81
CA TRP C 216 5.39 -23.00 -12.91
C TRP C 216 6.69 -23.81 -12.67
N LYS C 217 7.50 -23.37 -11.69
CA LYS C 217 8.79 -23.98 -11.34
C LYS C 217 9.80 -23.96 -12.48
N TRP C 218 9.66 -23.01 -13.39
CA TRP C 218 10.65 -22.90 -14.43
C TRP C 218 11.95 -22.35 -13.82
N ASP C 219 13.11 -22.77 -14.36
CA ASP C 219 14.40 -22.58 -13.71
C ASP C 219 15.39 -22.05 -14.74
N GLY C 220 14.90 -21.36 -15.77
CA GLY C 220 15.78 -20.77 -16.77
C GLY C 220 16.19 -19.38 -16.37
N MSE C 221 16.85 -18.65 -17.30
CA MSE C 221 17.36 -17.30 -17.02
C MSE C 221 16.46 -16.23 -17.68
O MSE C 221 16.17 -16.31 -18.88
CB MSE C 221 18.76 -17.15 -17.59
CG MSE C 221 19.51 -15.92 -17.09
SE MSE C 221 21.09 -15.59 -18.09
CE MSE C 221 20.40 -15.21 -19.89
N LEU C 222 16.09 -15.23 -16.91
CA LEU C 222 15.41 -14.03 -17.46
C LEU C 222 16.38 -12.95 -17.87
N MSE C 223 16.31 -12.49 -19.11
CA MSE C 223 17.07 -11.30 -19.53
C MSE C 223 16.10 -10.22 -19.93
O MSE C 223 14.99 -10.51 -20.39
CB MSE C 223 17.97 -11.59 -20.76
CG MSE C 223 17.26 -12.23 -21.97
SE MSE C 223 18.48 -12.39 -23.52
CE MSE C 223 18.96 -14.22 -23.00
N SER C 224 16.50 -8.98 -19.76
CA SER C 224 15.68 -7.88 -20.19
C SER C 224 15.69 -7.76 -21.69
N ASP C 225 14.69 -7.15 -22.29
CA ASP C 225 14.87 -6.71 -23.68
C ASP C 225 15.93 -5.51 -23.58
N TRP C 226 16.42 -5.04 -24.71
CA TRP C 226 17.63 -4.26 -24.76
C TRP C 226 17.34 -2.83 -24.24
N PHE C 227 17.93 -2.49 -23.10
CA PHE C 227 17.67 -1.26 -22.40
C PHE C 227 16.31 -1.36 -21.67
N GLY C 228 15.65 -2.51 -21.68
CA GLY C 228 14.39 -2.64 -21.01
C GLY C 228 14.47 -2.95 -19.52
N THR C 229 15.26 -2.15 -18.81
CA THR C 229 15.44 -2.20 -17.38
C THR C 229 15.21 -0.80 -16.87
N TYR C 230 14.54 -0.67 -15.75
CA TYR C 230 14.07 0.65 -15.35
C TYR C 230 14.41 1.09 -13.92
N THR C 231 14.97 0.19 -13.13
CA THR C 231 15.43 0.49 -11.77
C THR C 231 16.68 -0.34 -11.52
N THR C 232 17.41 -0.02 -10.45
CA THR C 232 18.57 -0.76 -9.99
C THR C 232 18.08 -1.85 -9.07
N ALA C 233 17.45 -1.46 -7.97
CA ALA C 233 17.15 -2.38 -6.95
C ALA C 233 15.85 -3.19 -7.24
N ALA C 234 14.73 -2.56 -7.63
CA ALA C 234 13.47 -3.36 -7.80
C ALA C 234 13.61 -4.53 -8.78
N ALA C 235 14.26 -4.30 -9.91
CA ALA C 235 14.50 -5.34 -10.94
C ALA C 235 15.33 -6.48 -10.39
N ILE C 236 16.34 -6.15 -9.56
CA ILE C 236 17.14 -7.19 -8.89
C ILE C 236 16.30 -8.00 -7.87
N LYS C 237 15.50 -7.27 -7.07
CA LYS C 237 14.72 -7.92 -6.05
C LYS C 237 13.63 -8.83 -6.69
N ASN C 238 13.08 -8.35 -7.77
CA ASN C 238 11.80 -8.88 -8.30
C ASN C 238 12.01 -9.91 -9.40
N GLY C 239 13.27 -10.24 -9.70
CA GLY C 239 13.58 -11.42 -10.53
C GLY C 239 14.20 -11.28 -11.88
N LEU C 240 14.71 -10.11 -12.24
CA LEU C 240 15.32 -9.96 -13.53
C LEU C 240 16.79 -10.38 -13.43
N ASP C 241 17.12 -11.50 -14.08
CA ASP C 241 18.43 -12.10 -13.84
C ASP C 241 19.53 -11.30 -14.49
N ILE C 242 19.35 -10.83 -15.72
CA ILE C 242 20.45 -10.14 -16.40
C ILE C 242 19.99 -9.00 -17.30
N GLU C 243 20.68 -7.85 -17.22
CA GLU C 243 20.33 -6.64 -17.99
C GLU C 243 21.16 -6.63 -19.25
N PHE C 244 20.54 -6.32 -20.39
CA PHE C 244 21.18 -6.25 -21.71
C PHE C 244 20.75 -4.94 -22.27
N PRO C 245 21.58 -4.33 -23.12
CA PRO C 245 22.92 -4.81 -23.40
C PRO C 245 23.87 -4.17 -22.44
N GLY C 246 25.16 -4.36 -22.65
CA GLY C 246 26.19 -3.65 -21.92
C GLY C 246 26.71 -2.49 -22.74
N PRO C 247 27.47 -1.55 -22.10
CA PRO C 247 27.79 -1.61 -20.66
C PRO C 247 26.53 -1.26 -19.80
N THR C 248 26.48 -1.85 -18.65
CA THR C 248 25.38 -1.68 -17.75
C THR C 248 25.00 -0.19 -17.51
N ARG C 249 23.69 0.09 -17.48
CA ARG C 249 23.19 1.35 -16.95
C ARG C 249 22.81 1.26 -15.48
N TRP C 250 22.09 0.18 -15.13
CA TRP C 250 21.36 0.10 -13.89
C TRP C 250 22.09 -0.70 -12.85
N ARG C 251 23.14 -1.40 -13.30
CA ARG C 251 23.75 -2.33 -12.37
C ARG C 251 25.24 -2.13 -12.26
N THR C 252 25.68 -0.89 -12.20
CA THR C 252 27.13 -0.70 -12.03
C THR C 252 27.43 -1.22 -10.67
N ARG C 253 28.69 -1.59 -10.44
CA ARG C 253 29.10 -1.95 -9.10
C ARG C 253 28.74 -0.88 -8.03
N ALA C 254 28.83 0.40 -8.38
CA ALA C 254 28.63 1.42 -7.38
C ALA C 254 27.12 1.43 -6.97
N LEU C 255 26.23 1.30 -7.95
CA LEU C 255 24.77 1.38 -7.70
C LEU C 255 24.32 0.20 -6.89
N VAL C 256 24.69 -1.01 -7.34
CA VAL C 256 24.22 -2.19 -6.62
C VAL C 256 24.85 -2.23 -5.26
N SER C 257 26.16 -2.03 -5.20
CA SER C 257 26.77 -2.22 -3.93
C SER C 257 26.40 -1.05 -2.98
N HIS C 258 26.17 0.16 -3.48
CA HIS C 258 25.63 1.22 -2.59
C HIS C 258 24.21 0.81 -2.07
N SER C 259 23.35 0.28 -2.94
CA SER C 259 22.05 -0.22 -2.44
C SER C 259 22.18 -1.24 -1.35
N LEU C 260 23.05 -2.24 -1.56
CA LEU C 260 23.27 -3.32 -0.53
C LEU C 260 23.72 -2.68 0.80
N ASN C 261 24.73 -1.83 0.75
CA ASN C 261 25.35 -1.38 2.01
C ASN C 261 24.48 -0.34 2.68
N SER C 262 23.60 0.28 1.92
CA SER C 262 22.62 1.24 2.53
C SER C 262 21.27 0.62 2.89
N ARG C 263 21.16 -0.72 2.83
CA ARG C 263 19.87 -1.40 3.06
C ARG C 263 18.76 -0.72 2.28
N GLU C 264 19.05 -0.36 1.04
CA GLU C 264 18.01 0.12 0.15
C GLU C 264 17.48 -1.07 -0.74
N GLN C 265 16.33 -1.63 -0.32
CA GLN C 265 15.51 -2.58 -1.12
C GLN C 265 16.06 -4.00 -1.31
N ILE C 266 17.34 -4.11 -1.72
CA ILE C 266 17.87 -5.45 -2.04
C ILE C 266 18.83 -5.95 -0.96
N THR C 267 19.01 -7.28 -0.86
CA THR C 267 19.93 -7.91 0.06
C THR C 267 20.91 -8.72 -0.80
N THR C 268 22.02 -9.18 -0.21
CA THR C 268 23.02 -9.97 -0.95
C THR C 268 22.38 -11.31 -1.42
N GLU C 269 21.41 -11.79 -0.67
CA GLU C 269 20.61 -12.94 -1.12
C GLU C 269 19.84 -12.74 -2.47
N ASP C 270 19.26 -11.55 -2.67
CA ASP C 270 18.63 -11.22 -3.91
C ASP C 270 19.66 -11.27 -5.00
N VAL C 271 20.84 -10.69 -4.76
CA VAL C 271 21.88 -10.66 -5.76
C VAL C 271 22.30 -12.12 -6.08
N ASP C 272 22.51 -12.94 -5.04
CA ASP C 272 22.84 -14.36 -5.24
C ASP C 272 21.78 -15.09 -6.09
N ASP C 273 20.49 -14.87 -5.78
CA ASP C 273 19.41 -15.49 -6.55
C ASP C 273 19.47 -15.22 -8.03
N ARG C 274 19.79 -13.97 -8.41
CA ARG C 274 19.98 -13.63 -9.77
C ARG C 274 21.25 -14.27 -10.35
N VAL C 275 22.34 -14.25 -9.60
CA VAL C 275 23.59 -14.76 -10.19
C VAL C 275 23.40 -16.27 -10.48
N ARG C 276 22.76 -16.93 -9.53
CA ARG C 276 22.50 -18.36 -9.60
C ARG C 276 21.82 -18.72 -10.92
N GLN C 277 20.87 -17.88 -11.36
CA GLN C 277 20.17 -18.16 -12.61
C GLN C 277 21.04 -17.90 -13.80
N VAL C 278 21.84 -16.82 -13.76
CA VAL C 278 22.78 -16.61 -14.85
C VAL C 278 23.76 -17.81 -14.97
N LEU C 279 24.17 -18.37 -13.83
CA LEU C 279 25.19 -19.45 -13.86
C LEU C 279 24.60 -20.74 -14.50
N LYS C 280 23.30 -21.00 -14.25
CA LYS C 280 22.57 -22.08 -14.87
C LYS C 280 22.50 -21.96 -16.39
N MSE C 281 22.24 -20.77 -16.89
CA MSE C 281 22.29 -20.63 -18.32
C MSE C 281 23.72 -21.02 -18.79
O MSE C 281 23.87 -21.73 -19.83
CB MSE C 281 21.93 -19.19 -18.73
CG MSE C 281 21.96 -18.91 -20.18
SE MSE C 281 23.76 -18.50 -20.98
CE MSE C 281 24.09 -16.64 -20.22
N ILE C 282 24.75 -20.53 -18.07
CA ILE C 282 26.11 -20.63 -18.61
C ILE C 282 26.46 -22.12 -18.60
N LYS C 283 26.04 -22.81 -17.52
CA LYS C 283 26.18 -24.25 -17.41
C LYS C 283 25.61 -24.96 -18.67
N PHE C 284 24.39 -24.57 -19.04
CA PHE C 284 23.80 -25.14 -20.23
C PHE C 284 24.73 -24.96 -21.45
N VAL C 285 25.26 -23.76 -21.66
CA VAL C 285 26.14 -23.53 -22.78
C VAL C 285 27.43 -24.42 -22.70
N VAL C 286 28.02 -24.46 -21.52
CA VAL C 286 29.30 -25.09 -21.31
C VAL C 286 29.22 -26.64 -21.44
N ASP C 287 28.22 -27.26 -20.81
CA ASP C 287 27.89 -28.68 -20.95
C ASP C 287 27.56 -29.14 -22.38
N ASN C 288 27.30 -28.20 -23.27
CA ASN C 288 26.94 -28.47 -24.64
C ASN C 288 28.06 -28.10 -25.60
N LEU C 289 29.14 -27.56 -25.06
CA LEU C 289 30.28 -27.11 -25.88
C LEU C 289 30.83 -28.23 -26.78
N GLU C 290 30.85 -29.47 -26.30
CA GLU C 290 31.20 -30.63 -27.15
C GLU C 290 30.26 -30.83 -28.32
N LYS C 291 28.96 -30.83 -28.03
CA LYS C 291 27.92 -31.01 -29.04
C LYS C 291 27.98 -29.90 -30.11
N THR C 292 28.01 -28.63 -29.69
CA THR C 292 27.90 -27.51 -30.64
C THR C 292 29.23 -27.13 -31.23
N GLY C 293 30.30 -27.37 -30.46
CA GLY C 293 31.60 -26.81 -30.81
C GLY C 293 31.63 -25.28 -30.88
N ILE C 294 30.83 -24.58 -30.07
CA ILE C 294 30.86 -23.11 -30.07
C ILE C 294 32.21 -22.56 -29.56
N VAL C 295 32.74 -21.54 -30.23
CA VAL C 295 34.00 -20.93 -29.86
C VAL C 295 33.77 -19.55 -29.21
N GLU C 296 34.22 -19.44 -27.96
CA GLU C 296 34.10 -18.24 -27.18
C GLU C 296 34.59 -17.08 -27.98
N ASN C 297 33.74 -16.09 -28.15
CA ASN C 297 34.15 -14.97 -28.92
C ASN C 297 34.63 -15.31 -30.35
N GLY C 298 34.17 -16.45 -30.87
CA GLY C 298 34.65 -16.99 -32.12
C GLY C 298 34.21 -16.23 -33.34
N PRO C 299 34.76 -16.59 -34.51
CA PRO C 299 34.31 -15.99 -35.75
C PRO C 299 32.87 -16.33 -36.12
N GLU C 300 32.41 -15.58 -37.10
CA GLU C 300 31.13 -15.70 -37.72
C GLU C 300 31.31 -16.03 -39.20
N SER C 301 30.64 -17.07 -39.62
CA SER C 301 30.76 -17.59 -40.96
C SER C 301 29.44 -17.74 -41.63
N THR C 302 29.51 -17.87 -42.93
CA THR C 302 28.43 -18.20 -43.80
C THR C 302 28.51 -19.67 -44.05
N SER C 303 29.09 -20.42 -43.14
CA SER C 303 29.37 -21.83 -43.40
C SER C 303 28.14 -22.74 -43.54
N ASN C 304 26.96 -22.31 -43.12
CA ASN C 304 25.77 -23.18 -43.26
C ASN C 304 25.01 -22.87 -44.57
N ASN C 305 25.63 -22.04 -45.43
CA ASN C 305 25.11 -21.75 -46.75
C ASN C 305 25.33 -22.92 -47.71
N THR C 306 24.55 -23.98 -47.53
CA THR C 306 24.56 -25.19 -48.35
C THR C 306 23.25 -25.41 -49.14
N LYS C 307 23.25 -26.44 -49.98
CA LYS C 307 22.05 -26.84 -50.73
C LYS C 307 21.01 -27.44 -49.77
N GLU C 308 21.49 -28.20 -48.81
CA GLU C 308 20.62 -28.77 -47.81
C GLU C 308 19.87 -27.68 -46.99
N THR C 309 20.56 -26.62 -46.59
CA THR C 309 19.89 -25.53 -45.89
C THR C 309 18.97 -24.81 -46.86
N SER C 310 19.48 -24.65 -48.08
CA SER C 310 18.71 -24.10 -49.15
C SER C 310 17.35 -24.80 -49.32
N ASP C 311 17.38 -26.13 -49.34
CA ASP C 311 16.21 -26.91 -49.75
C ASP C 311 15.20 -26.84 -48.61
N LEU C 312 15.71 -26.78 -47.41
CA LEU C 312 14.86 -26.79 -46.23
C LEU C 312 14.15 -25.44 -46.07
N LEU C 313 14.85 -24.34 -46.32
CA LEU C 313 14.21 -23.02 -46.25
C LEU C 313 13.14 -22.87 -47.34
N ARG C 314 13.38 -23.50 -48.49
CA ARG C 314 12.43 -23.49 -49.58
C ARG C 314 11.19 -24.29 -49.20
N LYS C 315 11.36 -25.47 -48.61
CA LYS C 315 10.26 -26.30 -48.10
C LYS C 315 9.40 -25.60 -47.02
N ILE C 316 10.06 -25.22 -45.94
CA ILE C 316 9.41 -24.39 -44.89
C ILE C 316 8.68 -23.24 -45.51
N ALA C 317 9.33 -22.49 -46.40
CA ALA C 317 8.60 -21.42 -47.01
C ALA C 317 7.39 -21.90 -47.84
N ALA C 318 7.56 -23.01 -48.59
CA ALA C 318 6.46 -23.47 -49.46
C ALA C 318 5.30 -23.91 -48.63
N ASP C 319 5.58 -24.60 -47.52
CA ASP C 319 4.53 -25.05 -46.57
C ASP C 319 3.81 -23.96 -45.73
N SER C 320 4.38 -22.76 -45.66
CA SER C 320 3.77 -21.59 -44.98
C SER C 320 2.69 -20.89 -45.80
N ILE C 321 2.77 -21.09 -47.13
CA ILE C 321 1.94 -20.40 -48.09
C ILE C 321 0.52 -20.87 -47.89
N VAL C 322 -0.44 -19.94 -47.94
CA VAL C 322 -1.83 -20.30 -47.75
C VAL C 322 -2.58 -19.88 -49.01
N LEU C 323 -3.30 -20.85 -49.57
CA LEU C 323 -4.09 -20.60 -50.77
C LEU C 323 -5.42 -20.21 -50.24
N LEU C 324 -5.86 -19.00 -50.60
CA LEU C 324 -7.11 -18.48 -50.06
C LEU C 324 -8.30 -18.61 -51.02
N LYS C 325 -8.02 -18.50 -52.30
CA LYS C 325 -9.02 -18.63 -53.34
C LYS C 325 -8.38 -19.30 -54.55
N ASN C 326 -9.20 -20.11 -55.22
CA ASN C 326 -8.81 -20.74 -56.47
C ASN C 326 -10.08 -21.16 -57.24
N LYS C 327 -10.73 -20.20 -57.87
CA LYS C 327 -11.95 -20.51 -58.62
C LYS C 327 -11.65 -20.97 -60.07
N ASN C 328 -12.44 -21.94 -60.53
CA ASN C 328 -12.36 -22.43 -61.93
C ASN C 328 -10.99 -22.98 -62.35
N ASN C 329 -10.36 -23.74 -61.45
CA ASN C 329 -8.98 -24.22 -61.64
C ASN C 329 -7.95 -23.25 -62.27
N ILE C 330 -7.95 -21.97 -61.90
CA ILE C 330 -6.86 -21.10 -62.38
C ILE C 330 -5.52 -21.69 -61.94
N LEU C 331 -5.43 -22.17 -60.72
CA LEU C 331 -4.18 -22.72 -60.27
C LEU C 331 -4.37 -24.21 -60.17
N PRO C 332 -3.30 -25.00 -60.32
CA PRO C 332 -1.94 -24.52 -60.62
C PRO C 332 -1.79 -24.06 -62.05
N LEU C 333 -0.82 -23.19 -62.27
CA LEU C 333 -0.38 -22.79 -63.59
C LEU C 333 0.33 -23.96 -64.36
N LYS C 334 0.32 -23.85 -65.69
CA LYS C 334 0.99 -24.85 -66.52
C LYS C 334 2.25 -24.19 -67.02
N LYS C 335 3.30 -24.95 -67.18
CA LYS C 335 4.54 -24.31 -67.57
C LYS C 335 4.47 -23.59 -68.93
N GLU C 336 3.66 -24.05 -69.85
CA GLU C 336 3.52 -23.43 -71.16
C GLU C 336 2.39 -22.42 -71.24
N ASP C 337 1.75 -22.14 -70.12
CA ASP C 337 0.76 -21.09 -70.09
C ASP C 337 1.49 -19.81 -70.47
N ASN C 338 0.86 -18.99 -71.26
CA ASN C 338 1.48 -17.74 -71.58
C ASN C 338 1.25 -16.76 -70.40
N ILE C 339 2.35 -16.29 -69.80
CA ILE C 339 2.24 -15.42 -68.61
C ILE C 339 3.03 -14.15 -68.60
N ILE C 340 2.41 -13.12 -68.04
CA ILE C 340 3.13 -11.94 -67.65
C ILE C 340 3.15 -11.84 -66.14
N VAL C 341 4.25 -11.32 -65.61
CA VAL C 341 4.33 -11.05 -64.18
C VAL C 341 4.27 -9.56 -63.95
N ILE C 342 3.53 -9.17 -62.90
CA ILE C 342 3.26 -7.77 -62.61
C ILE C 342 3.26 -7.55 -61.10
N GLY C 343 3.68 -6.34 -60.69
CA GLY C 343 3.50 -5.93 -59.30
C GLY C 343 4.70 -5.43 -58.54
N PRO C 344 4.42 -4.53 -57.59
CA PRO C 344 5.42 -3.84 -56.76
C PRO C 344 6.34 -4.81 -56.01
N ASN C 345 5.81 -5.97 -55.64
CA ASN C 345 6.57 -6.98 -54.91
C ASN C 345 7.14 -8.08 -55.81
N ALA C 346 6.97 -7.95 -57.13
CA ALA C 346 7.44 -9.00 -58.07
C ALA C 346 8.95 -9.14 -58.04
N LYS C 347 9.66 -8.03 -58.20
CA LYS C 347 11.12 -8.08 -58.17
C LYS C 347 11.71 -7.64 -56.82
N ALA C 348 10.84 -7.35 -55.85
CA ALA C 348 11.24 -7.07 -54.46
C ALA C 348 11.68 -8.36 -53.79
N LYS C 349 12.53 -8.23 -52.77
CA LYS C 349 13.01 -9.34 -52.02
C LYS C 349 12.53 -9.07 -50.62
N THR C 350 11.24 -9.28 -50.39
CA THR C 350 10.66 -8.97 -49.08
C THR C 350 10.68 -10.19 -48.22
N SER C 351 11.88 -10.52 -47.75
CA SER C 351 12.13 -11.76 -47.04
C SER C 351 11.70 -11.80 -45.58
N SER C 352 11.56 -10.64 -44.93
CA SER C 352 11.27 -10.58 -43.47
C SER C 352 10.56 -9.29 -43.13
N GLY C 353 10.05 -9.17 -41.90
CA GLY C 353 9.64 -7.85 -41.40
C GLY C 353 10.83 -7.04 -40.91
N GLY C 354 10.62 -5.76 -40.53
CA GLY C 354 11.75 -4.91 -40.10
C GLY C 354 12.19 -5.12 -38.65
N GLY C 355 13.44 -4.78 -38.32
CA GLY C 355 13.83 -4.63 -36.94
C GLY C 355 14.73 -5.74 -36.55
N SER C 356 14.70 -6.13 -35.28
CA SER C 356 15.65 -7.12 -34.78
C SER C 356 15.44 -8.58 -35.30
N ALA C 357 14.29 -8.87 -35.88
CA ALA C 357 14.10 -10.20 -36.53
C ALA C 357 14.79 -10.30 -37.92
N SER C 358 15.23 -9.14 -38.45
CA SER C 358 15.83 -9.02 -39.79
C SER C 358 17.37 -9.36 -39.77
N MSE C 359 17.98 -9.49 -40.95
CA MSE C 359 19.40 -9.89 -41.03
C MSE C 359 20.01 -9.63 -42.43
O MSE C 359 19.30 -9.12 -43.33
CB MSE C 359 19.59 -11.35 -40.64
CG MSE C 359 18.98 -12.28 -41.69
SE MSE C 359 18.57 -13.97 -40.94
CE MSE C 359 16.88 -13.37 -39.99
N ASN C 360 21.30 -9.93 -42.60
CA ASN C 360 21.90 -9.93 -43.93
C ASN C 360 21.71 -11.35 -44.52
N SER C 361 21.05 -11.49 -45.67
CA SER C 361 20.76 -12.87 -46.22
C SER C 361 21.86 -13.36 -47.19
N TYR C 362 22.11 -14.66 -47.24
CA TYR C 362 22.97 -15.26 -48.31
C TYR C 362 22.50 -14.74 -49.67
N TYR C 363 21.18 -14.79 -49.89
CA TYR C 363 20.59 -14.25 -51.10
C TYR C 363 19.10 -14.25 -50.79
N VAL C 364 18.33 -13.50 -51.56
CA VAL C 364 16.89 -13.66 -51.51
C VAL C 364 16.36 -13.85 -52.94
N VAL C 365 15.71 -14.98 -53.18
CA VAL C 365 15.09 -15.21 -54.48
C VAL C 365 13.77 -14.47 -54.53
N SER C 366 13.71 -13.43 -55.38
CA SER C 366 12.48 -12.70 -55.65
C SER C 366 11.34 -13.53 -56.30
N PRO C 367 10.08 -13.14 -56.09
CA PRO C 367 9.05 -13.99 -56.72
C PRO C 367 9.33 -14.14 -58.23
N TYR C 368 9.51 -13.00 -58.92
CA TYR C 368 9.84 -12.99 -60.35
C TYR C 368 10.97 -13.98 -60.70
N GLU C 369 12.07 -13.93 -59.94
CA GLU C 369 13.18 -14.88 -60.15
C GLU C 369 12.73 -16.31 -59.99
N GLY C 370 11.80 -16.57 -59.08
CA GLY C 370 11.42 -17.95 -58.85
C GLY C 370 10.66 -18.49 -60.07
N ILE C 371 9.85 -17.63 -60.67
CA ILE C 371 9.08 -17.97 -61.84
C ILE C 371 10.01 -18.20 -63.05
N VAL C 372 10.99 -17.30 -63.23
CA VAL C 372 12.07 -17.48 -64.20
C VAL C 372 12.85 -18.76 -63.98
N ASN C 373 13.10 -19.15 -62.74
CA ASN C 373 13.82 -20.41 -62.43
C ASN C 373 13.02 -21.63 -62.82
N LYS C 374 11.71 -21.54 -62.66
CA LYS C 374 10.81 -22.69 -62.77
C LYS C 374 10.50 -22.99 -64.25
N LEU C 375 10.51 -21.90 -65.02
CA LEU C 375 10.17 -21.87 -66.43
C LEU C 375 11.39 -21.92 -67.38
N GLY C 376 12.61 -21.78 -66.85
CA GLY C 376 13.82 -21.71 -67.65
C GLY C 376 13.98 -20.63 -68.74
N LYS C 377 12.97 -19.78 -68.97
CA LYS C 377 13.13 -18.61 -69.87
C LYS C 377 13.01 -17.25 -69.14
N GLU C 378 13.32 -16.13 -69.80
CA GLU C 378 13.03 -14.81 -69.25
C GLU C 378 11.51 -14.59 -69.36
N VAL C 379 10.90 -13.98 -68.33
CA VAL C 379 9.44 -13.84 -68.28
C VAL C 379 8.98 -12.40 -68.55
N ASP C 380 7.85 -12.22 -69.21
CA ASP C 380 7.35 -10.91 -69.51
C ASP C 380 7.08 -10.20 -68.19
N TYR C 381 7.48 -8.95 -68.05
CA TYR C 381 7.25 -8.21 -66.82
C TYR C 381 7.02 -6.75 -66.97
N THR C 382 6.24 -6.20 -66.07
CA THR C 382 6.15 -4.78 -65.87
C THR C 382 5.83 -4.50 -64.40
N VAL C 383 6.32 -3.39 -63.85
CA VAL C 383 6.20 -3.14 -62.40
C VAL C 383 4.76 -2.88 -61.97
N GLY C 384 4.01 -2.18 -62.80
CA GLY C 384 2.61 -1.89 -62.52
C GLY C 384 2.38 -0.69 -61.62
N ALA C 385 3.03 -0.71 -60.45
CA ALA C 385 2.94 0.36 -59.45
C ALA C 385 4.04 0.18 -58.43
N TYR C 386 4.48 1.30 -57.85
CA TYR C 386 5.41 1.31 -56.75
C TYR C 386 4.65 1.31 -55.43
N SER C 387 5.21 0.63 -54.44
CA SER C 387 4.60 0.60 -53.14
C SER C 387 5.62 0.69 -52.00
N HIS C 388 6.87 1.11 -52.31
CA HIS C 388 7.92 1.26 -51.28
C HIS C 388 7.52 2.37 -50.31
N LYS C 389 7.95 2.21 -49.05
CA LYS C 389 7.71 3.27 -48.05
C LYS C 389 8.76 4.38 -48.18
N SER C 390 10.02 3.97 -48.35
CA SER C 390 11.14 4.90 -48.57
C SER C 390 11.97 4.41 -49.77
N ILE C 391 12.68 5.33 -50.41
CA ILE C 391 13.48 5.05 -51.58
C ILE C 391 14.86 4.63 -51.18
N GLY C 392 15.19 3.36 -51.38
CA GLY C 392 16.57 2.87 -51.15
C GLY C 392 17.23 2.57 -52.50
N GLY C 393 17.97 1.47 -52.59
CA GLY C 393 18.46 0.99 -53.91
C GLY C 393 19.75 1.59 -54.51
N LEU C 394 20.31 2.60 -53.85
CA LEU C 394 21.53 3.29 -54.32
C LEU C 394 22.76 2.40 -54.23
N ALA C 395 23.07 1.92 -53.04
CA ALA C 395 24.23 1.05 -52.87
C ALA C 395 24.09 -0.17 -53.73
N GLU C 396 22.85 -0.61 -53.98
CA GLU C 396 22.60 -1.87 -54.68
C GLU C 396 22.90 -1.78 -56.18
N SER C 397 23.03 -0.55 -56.68
CA SER C 397 23.21 -0.33 -58.10
C SER C 397 24.36 0.66 -58.34
N SER C 398 25.40 0.58 -57.51
CA SER C 398 26.54 1.51 -57.61
C SER C 398 27.88 0.81 -57.69
N LEU C 399 28.85 1.50 -58.28
CA LEU C 399 30.22 1.00 -58.39
C LEU C 399 31.20 1.95 -57.67
N ILE C 400 32.34 1.41 -57.25
CA ILE C 400 33.38 2.21 -56.57
C ILE C 400 34.13 3.08 -57.58
N ASP C 401 34.62 2.41 -58.63
CA ASP C 401 35.25 3.04 -59.79
C ASP C 401 34.49 2.52 -61.03
N ALA C 402 33.59 3.36 -61.54
CA ALA C 402 32.71 3.01 -62.66
C ALA C 402 33.44 2.72 -63.98
N ALA C 403 34.71 3.11 -64.08
CA ALA C 403 35.54 2.71 -65.22
C ALA C 403 35.76 1.19 -65.26
N LYS C 404 35.80 0.55 -64.08
CA LYS C 404 35.88 -0.91 -63.97
C LYS C 404 34.50 -1.59 -64.23
N PRO C 405 34.49 -2.91 -64.53
CA PRO C 405 33.21 -3.59 -64.83
C PRO C 405 32.39 -3.92 -63.56
N ALA C 406 31.33 -4.74 -63.69
CA ALA C 406 30.43 -5.04 -62.58
C ALA C 406 30.74 -6.33 -61.76
N ASP C 407 31.87 -6.36 -61.05
CA ASP C 407 32.33 -7.56 -60.28
C ASP C 407 31.97 -7.55 -58.78
N ALA C 408 32.47 -8.55 -58.04
CA ALA C 408 32.21 -8.70 -56.60
C ALA C 408 32.91 -7.63 -55.73
N GLU C 409 34.01 -7.08 -56.25
CA GLU C 409 34.83 -6.15 -55.49
C GLU C 409 34.44 -4.72 -55.81
N ASN C 410 33.75 -4.52 -56.92
CA ASN C 410 33.47 -3.16 -57.39
C ASN C 410 31.99 -2.75 -57.38
N SER C 411 31.11 -3.70 -57.04
CA SER C 411 29.67 -3.43 -56.84
C SER C 411 29.42 -2.98 -55.39
N GLY C 412 29.18 -1.67 -55.22
CA GLY C 412 28.91 -1.10 -53.90
C GLY C 412 29.32 0.35 -53.74
N LEU C 413 29.50 0.77 -52.50
CA LEU C 413 29.93 2.11 -52.18
C LEU C 413 31.01 1.99 -51.12
N ILE C 414 31.72 3.09 -50.85
CA ILE C 414 32.76 3.07 -49.79
C ILE C 414 32.42 3.96 -48.60
N ALA C 415 32.52 3.36 -47.40
CA ALA C 415 32.27 4.04 -46.11
C ALA C 415 33.55 4.25 -45.31
N LYS C 416 33.92 5.51 -45.12
CA LYS C 416 35.11 5.86 -44.37
C LYS C 416 34.64 6.51 -43.06
N PHE C 417 35.02 5.91 -41.94
CA PHE C 417 34.65 6.37 -40.59
C PHE C 417 35.73 7.29 -39.96
N TYR C 418 35.33 8.53 -39.63
CA TYR C 418 36.18 9.50 -38.96
C TYR C 418 35.67 9.95 -37.59
N SER C 419 36.62 10.33 -36.73
CA SER C 419 36.31 10.90 -35.40
C SER C 419 35.84 12.36 -35.51
N ASN C 420 36.10 12.98 -36.66
CA ASN C 420 35.75 14.38 -36.91
C ASN C 420 35.09 14.62 -38.27
N PRO C 421 34.14 15.57 -38.35
CA PRO C 421 33.44 15.83 -39.63
C PRO C 421 34.35 16.45 -40.69
N VAL C 422 33.99 16.27 -41.96
CA VAL C 422 34.80 16.78 -43.04
C VAL C 422 35.02 18.31 -42.96
N GLU C 423 34.15 19.01 -42.21
CA GLU C 423 34.15 20.47 -42.16
C GLU C 423 35.23 21.04 -41.23
N GLU C 424 35.54 20.31 -40.16
CA GLU C 424 36.59 20.72 -39.21
C GLU C 424 37.48 19.52 -38.86
N ARG C 425 38.32 19.08 -39.80
CA ARG C 425 39.37 18.07 -39.56
C ARG C 425 40.61 18.28 -40.45
N SER C 426 41.80 18.00 -39.91
CA SER C 426 43.05 18.08 -40.71
C SER C 426 43.15 16.97 -41.78
N ASP C 427 43.84 17.29 -42.88
CA ASP C 427 44.09 16.38 -44.02
C ASP C 427 44.87 15.12 -43.64
N ASP C 428 45.59 15.22 -42.51
CA ASP C 428 46.40 14.14 -41.92
C ASP C 428 45.53 13.03 -41.32
N GLU C 429 44.33 13.42 -40.89
CA GLU C 429 43.38 12.53 -40.20
C GLU C 429 42.96 11.36 -41.11
N GLU C 430 43.35 10.16 -40.68
CA GLU C 430 43.00 8.91 -41.37
C GLU C 430 41.65 8.38 -40.89
N PRO C 431 40.86 7.71 -41.78
CA PRO C 431 39.64 7.01 -41.28
C PRO C 431 40.02 5.89 -40.29
N PHE C 432 39.35 5.77 -39.15
CA PHE C 432 39.62 4.66 -38.23
C PHE C 432 39.02 3.32 -38.67
N HIS C 433 38.18 3.36 -39.69
CA HIS C 433 37.55 2.18 -40.26
C HIS C 433 37.08 2.46 -41.69
N VAL C 434 37.20 1.45 -42.55
CA VAL C 434 36.81 1.54 -43.95
C VAL C 434 36.03 0.26 -44.32
N THR C 435 34.90 0.39 -45.02
CA THR C 435 34.03 -0.75 -45.35
C THR C 435 33.32 -0.54 -46.68
N LYS C 436 33.25 -1.63 -47.43
CA LYS C 436 32.52 -1.70 -48.68
C LYS C 436 31.06 -2.02 -48.34
N VAL C 437 30.19 -1.07 -48.66
CA VAL C 437 28.76 -1.09 -48.39
C VAL C 437 27.94 -1.57 -49.60
N ASN C 438 27.21 -2.67 -49.44
CA ASN C 438 26.30 -3.25 -50.50
C ASN C 438 24.81 -2.94 -50.38
N ARG C 439 24.39 -2.59 -49.16
CA ARG C 439 22.99 -2.22 -48.84
C ARG C 439 22.86 -0.71 -48.53
N SER C 440 21.83 -0.05 -49.08
CA SER C 440 21.66 1.38 -48.86
C SER C 440 21.42 1.75 -47.38
N ASN C 441 20.75 0.87 -46.62
CA ASN C 441 20.45 1.13 -45.21
C ASN C 441 21.63 0.83 -44.31
N VAL C 442 22.34 1.90 -43.91
CA VAL C 442 23.44 1.79 -42.98
C VAL C 442 22.88 1.92 -41.52
N HIS C 443 22.86 0.81 -40.81
CA HIS C 443 22.21 0.70 -39.51
C HIS C 443 23.27 0.46 -38.43
N LEU C 444 23.62 1.52 -37.71
CA LEU C 444 24.82 1.50 -36.84
C LEU C 444 24.50 1.17 -35.39
N PHE C 445 23.25 0.79 -35.12
CA PHE C 445 22.74 0.45 -33.79
C PHE C 445 23.86 -0.17 -32.91
N ASP C 446 24.39 -1.31 -33.37
CA ASP C 446 25.41 -2.07 -32.64
C ASP C 446 26.83 -1.97 -33.23
N PHE C 447 27.08 -1.01 -34.12
CA PHE C 447 28.44 -0.76 -34.60
C PHE C 447 29.46 -0.62 -33.45
N LYS C 448 30.62 -1.26 -33.62
CA LYS C 448 31.57 -1.39 -32.54
C LYS C 448 33.01 -1.26 -33.06
N HIS C 449 33.74 -0.32 -32.48
CA HIS C 449 35.11 0.04 -32.85
C HIS C 449 35.68 0.75 -31.63
N GLU C 450 36.97 0.55 -31.34
CA GLU C 450 37.64 1.20 -30.19
C GLU C 450 37.57 2.76 -30.19
N LYS C 451 37.48 3.38 -31.37
CA LYS C 451 37.25 4.83 -31.46
C LYS C 451 35.77 5.22 -31.30
N VAL C 452 34.94 4.28 -30.88
CA VAL C 452 33.51 4.54 -30.71
C VAL C 452 33.09 4.28 -29.26
N ASP C 453 32.81 5.33 -28.53
CA ASP C 453 32.37 5.23 -27.15
C ASP C 453 30.91 4.68 -27.05
N PRO C 454 30.73 3.45 -26.50
CA PRO C 454 29.40 2.81 -26.37
C PRO C 454 28.40 3.67 -25.58
N LYS C 455 28.90 4.49 -24.64
CA LYS C 455 28.02 5.40 -23.87
C LYS C 455 27.79 6.74 -24.58
N ASN C 456 28.58 7.00 -25.63
CA ASN C 456 28.46 8.26 -26.39
C ASN C 456 28.95 8.17 -27.86
N PRO C 457 28.29 7.31 -28.70
CA PRO C 457 28.85 6.86 -29.99
C PRO C 457 28.88 7.99 -31.01
N TYR C 458 29.91 8.82 -30.90
CA TYR C 458 30.08 10.03 -31.67
C TYR C 458 31.09 9.76 -32.79
N PHE C 459 30.72 10.05 -34.04
CA PHE C 459 31.63 9.90 -35.18
C PHE C 459 30.96 10.26 -36.46
N PHE C 460 31.75 10.22 -37.55
CA PHE C 460 31.28 10.60 -38.88
C PHE C 460 31.61 9.55 -39.95
N VAL C 461 30.92 9.64 -41.09
CA VAL C 461 31.12 8.67 -42.18
C VAL C 461 31.01 9.46 -43.48
N THR C 462 31.95 9.20 -44.37
CA THR C 462 31.91 9.75 -45.68
C THR C 462 31.68 8.55 -46.60
N LEU C 463 30.54 8.57 -47.26
CA LEU C 463 30.10 7.43 -48.07
C LEU C 463 30.31 7.89 -49.49
N THR C 464 31.12 7.15 -50.24
CA THR C 464 31.47 7.55 -51.62
C THR C 464 31.29 6.43 -52.67
N GLY C 465 30.95 6.83 -53.88
CA GLY C 465 30.87 5.91 -55.01
C GLY C 465 30.45 6.59 -56.28
N GLN C 466 30.28 5.80 -57.33
CA GLN C 466 29.87 6.28 -58.66
C GLN C 466 28.61 5.59 -59.09
N TYR C 467 27.68 6.36 -59.62
CA TYR C 467 26.42 5.81 -60.07
C TYR C 467 26.19 6.13 -61.54
N VAL C 468 25.83 5.08 -62.27
CA VAL C 468 25.69 5.11 -63.72
C VAL C 468 24.27 4.64 -64.07
N PRO C 469 23.39 5.57 -64.52
CA PRO C 469 22.00 5.31 -64.89
C PRO C 469 21.77 4.22 -65.97
N GLN C 470 20.53 3.79 -66.09
CA GLN C 470 20.10 2.91 -67.14
C GLN C 470 19.14 3.64 -68.04
N GLU C 471 18.98 4.92 -67.81
CA GLU C 471 18.17 5.66 -68.74
C GLU C 471 18.32 7.15 -68.61
N ASP C 472 17.99 7.85 -69.67
CA ASP C 472 17.87 9.27 -69.62
C ASP C 472 16.50 9.50 -69.05
N GLY C 473 16.25 10.69 -68.51
CA GLY C 473 15.01 10.96 -67.80
C GLY C 473 15.22 11.09 -66.30
N ASP C 474 14.10 11.11 -65.58
CA ASP C 474 14.09 11.45 -64.15
C ASP C 474 14.55 10.37 -63.15
N TYR C 475 15.38 10.78 -62.20
CA TYR C 475 15.77 9.93 -61.07
C TYR C 475 15.55 10.66 -59.75
N ILE C 476 14.92 9.97 -58.81
CA ILE C 476 14.66 10.56 -57.50
C ILE C 476 15.68 10.00 -56.52
N PHE C 477 16.54 10.87 -56.02
CA PHE C 477 17.50 10.50 -54.96
C PHE C 477 16.83 10.75 -53.62
N SER C 478 17.33 10.07 -52.60
CA SER C 478 16.72 10.16 -51.30
C SER C 478 17.79 10.14 -50.21
N LEU C 479 17.42 10.70 -49.05
CA LEU C 479 18.24 10.57 -47.87
C LEU C 479 17.36 10.56 -46.63
N GLN C 480 17.65 9.62 -45.75
CA GLN C 480 17.07 9.52 -44.43
C GLN C 480 18.21 9.33 -43.44
N VAL C 481 18.14 9.99 -42.31
CA VAL C 481 19.13 9.87 -41.26
C VAL C 481 18.56 9.82 -39.85
N TYR C 482 19.32 9.22 -38.95
CA TYR C 482 19.16 9.38 -37.51
C TYR C 482 20.55 9.82 -37.12
N GLY C 483 20.69 11.12 -36.89
CA GLY C 483 21.98 11.80 -36.75
C GLY C 483 21.91 13.01 -37.66
N SER C 484 22.84 13.11 -38.61
CA SER C 484 22.86 14.25 -39.52
C SER C 484 23.43 13.85 -40.88
N GLY C 485 23.09 14.53 -41.96
CA GLY C 485 23.67 14.16 -43.24
C GLY C 485 23.37 15.09 -44.36
N LEU C 486 24.24 15.05 -45.38
CA LEU C 486 24.14 15.91 -46.55
C LEU C 486 24.50 15.07 -47.77
N PHE C 487 23.81 15.29 -48.89
CA PHE C 487 23.97 14.40 -50.02
C PHE C 487 24.47 15.19 -51.21
N TYR C 488 25.74 14.97 -51.54
CA TYR C 488 26.35 15.62 -52.68
C TYR C 488 26.31 14.67 -53.87
N LEU C 489 25.90 15.25 -55.00
CA LEU C 489 26.10 14.65 -56.31
C LEU C 489 27.00 15.63 -57.11
N ASN C 490 28.14 15.11 -57.59
CA ASN C 490 29.13 15.92 -58.31
C ASN C 490 29.55 17.19 -57.52
N ASP C 491 29.63 17.04 -56.20
CA ASP C 491 30.07 18.13 -55.31
C ASP C 491 29.08 19.30 -55.25
N GLU C 492 27.89 19.09 -55.85
CA GLU C 492 26.71 19.96 -55.64
C GLU C 492 25.79 19.33 -54.60
N LEU C 493 25.37 20.12 -53.61
CA LEU C 493 24.43 19.63 -52.59
C LEU C 493 23.03 19.44 -53.19
N ILE C 494 22.53 18.21 -53.15
CA ILE C 494 21.20 17.91 -53.69
C ILE C 494 20.16 17.66 -52.60
N ILE C 495 20.60 17.13 -51.45
CA ILE C 495 19.67 16.85 -50.35
C ILE C 495 20.27 17.16 -49.01
N ASP C 496 19.59 18.03 -48.28
CA ASP C 496 20.06 18.52 -46.98
C ASP C 496 19.28 17.91 -45.82
N GLN C 497 19.88 16.96 -45.11
CA GLN C 497 19.30 16.45 -43.87
C GLN C 497 20.11 16.92 -42.66
N LYS C 498 20.63 18.14 -42.75
CA LYS C 498 21.45 18.72 -41.67
C LYS C 498 20.63 19.79 -40.95
N HIS C 499 20.14 20.74 -41.75
CA HIS C 499 19.34 21.89 -41.30
C HIS C 499 17.81 21.62 -41.26
N ASN C 500 17.20 21.85 -40.10
CA ASN C 500 15.74 21.79 -39.92
C ASN C 500 15.13 20.46 -40.30
N GLN C 501 15.61 19.43 -39.63
CA GLN C 501 15.12 18.07 -39.78
C GLN C 501 13.67 17.96 -39.31
N GLU C 502 12.87 17.16 -40.03
CA GLU C 502 11.51 16.82 -39.60
C GLU C 502 11.52 15.37 -39.16
N ARG C 503 11.08 15.09 -37.93
CA ARG C 503 11.03 13.71 -37.43
C ARG C 503 10.03 12.81 -38.19
N GLY C 504 10.41 11.54 -38.38
CA GLY C 504 9.68 10.59 -39.25
C GLY C 504 9.93 9.14 -38.91
N SER C 505 9.79 8.26 -39.90
CA SER C 505 9.81 6.81 -39.70
C SER C 505 11.18 6.14 -39.59
N PHE C 506 12.18 6.72 -40.26
CA PHE C 506 13.53 6.14 -40.28
C PHE C 506 14.08 5.79 -38.93
N CYS C 507 14.63 4.58 -38.87
CA CYS C 507 15.25 4.02 -37.66
C CYS C 507 14.26 3.87 -36.50
N PHE C 508 13.25 3.02 -36.73
CA PHE C 508 12.19 2.67 -35.75
C PHE C 508 11.47 3.93 -35.25
N GLY C 509 11.13 4.83 -36.16
CA GLY C 509 10.42 6.05 -35.78
C GLY C 509 11.29 7.18 -35.20
N ALA C 510 12.59 6.94 -35.03
CA ALA C 510 13.51 7.93 -34.39
C ALA C 510 14.09 9.05 -35.28
N GLY C 511 14.47 8.68 -36.51
CA GLY C 511 15.14 9.58 -37.41
C GLY C 511 14.22 10.51 -38.15
N THR C 512 14.64 10.86 -39.37
CA THR C 512 14.02 11.94 -40.14
C THR C 512 12.98 11.44 -41.16
N LYS C 513 12.06 12.31 -41.57
CA LYS C 513 11.23 12.02 -42.73
C LYS C 513 12.22 11.93 -43.91
N GLU C 514 11.82 11.21 -44.94
CA GLU C 514 12.64 11.11 -46.12
C GLU C 514 12.73 12.49 -46.82
N ARG C 515 13.89 12.81 -47.38
CA ARG C 515 13.97 13.98 -48.26
C ARG C 515 14.52 13.53 -49.58
N THR C 516 14.09 14.20 -50.63
CA THR C 516 14.42 13.79 -51.99
C THR C 516 14.77 14.93 -52.93
N LYS C 517 15.50 14.58 -53.98
CA LYS C 517 15.72 15.49 -55.11
C LYS C 517 15.49 14.72 -56.40
N LYS C 518 14.58 15.22 -57.23
CA LYS C 518 14.37 14.63 -58.54
C LYS C 518 15.36 15.31 -59.50
N LEU C 519 16.05 14.51 -60.32
CA LEU C 519 17.04 15.02 -61.28
C LEU C 519 16.99 14.28 -62.64
N THR C 520 16.98 15.04 -63.75
CA THR C 520 17.12 14.45 -65.11
C THR C 520 18.58 14.01 -65.37
N LEU C 521 18.76 12.72 -65.63
CA LEU C 521 20.08 12.12 -65.79
C LEU C 521 20.35 11.59 -67.22
N LYS C 522 21.60 11.23 -67.51
CA LYS C 522 22.00 10.75 -68.82
C LYS C 522 22.44 9.29 -68.79
N LYS C 523 21.74 8.44 -69.54
CA LYS C 523 22.16 7.06 -69.85
C LYS C 523 23.69 6.90 -69.97
N GLY C 524 24.26 5.98 -69.19
CA GLY C 524 25.70 5.69 -69.23
C GLY C 524 26.64 6.66 -68.50
N GLN C 525 26.14 7.85 -68.18
CA GLN C 525 26.97 8.90 -67.53
C GLN C 525 27.38 8.55 -66.09
N VAL C 526 28.54 9.07 -65.68
CA VAL C 526 29.13 8.79 -64.38
C VAL C 526 28.86 9.93 -63.36
N TYR C 527 28.09 9.62 -62.30
CA TYR C 527 27.80 10.58 -61.22
C TYR C 527 28.46 10.21 -59.91
N ASN C 528 29.18 11.17 -59.33
CA ASN C 528 29.81 10.99 -58.03
C ASN C 528 28.82 11.26 -56.87
N VAL C 529 28.58 10.20 -56.10
CA VAL C 529 27.72 10.25 -54.92
C VAL C 529 28.60 10.38 -53.69
N ARG C 530 28.27 11.35 -52.83
CA ARG C 530 28.99 11.55 -51.59
C ARG C 530 27.99 11.93 -50.51
N VAL C 531 27.93 11.08 -49.49
CA VAL C 531 27.13 11.39 -48.32
C VAL C 531 28.08 11.73 -47.18
N GLU C 532 27.86 12.88 -46.59
CA GLU C 532 28.57 13.18 -45.33
C GLU C 532 27.61 12.94 -44.20
N TYR C 533 28.05 12.18 -43.21
CA TYR C 533 27.11 11.78 -42.20
C TYR C 533 27.68 11.94 -40.82
N GLY C 534 26.85 12.45 -39.94
CA GLY C 534 27.10 12.53 -38.53
C GLY C 534 26.18 11.59 -37.80
N SER C 535 26.74 10.86 -36.86
CA SER C 535 26.01 9.89 -36.10
C SER C 535 25.02 10.50 -35.15
N GLY C 536 24.44 9.68 -34.30
CA GLY C 536 23.29 10.07 -33.55
C GLY C 536 23.50 11.25 -32.64
N PRO C 537 24.61 11.35 -31.95
CA PRO C 537 24.84 12.54 -31.13
C PRO C 537 25.47 13.70 -31.93
N GLY C 546 21.67 6.39 -29.29
CA GLY C 546 22.69 5.55 -29.85
C GLY C 546 23.28 6.09 -31.14
N ALA C 547 24.00 5.24 -31.84
CA ALA C 547 24.64 5.58 -33.10
C ALA C 547 23.71 5.89 -34.23
N GLY C 548 22.61 5.17 -34.30
CA GLY C 548 21.64 5.41 -35.32
C GLY C 548 22.00 4.88 -36.67
N GLY C 549 21.95 5.75 -37.67
CA GLY C 549 22.26 5.36 -39.02
C GLY C 549 21.75 6.32 -40.05
N PHE C 550 21.77 5.89 -41.31
CA PHE C 550 21.26 6.63 -42.47
C PHE C 550 21.00 5.72 -43.69
N GLN C 551 20.25 6.23 -44.65
CA GLN C 551 20.07 5.54 -45.92
C GLN C 551 20.01 6.56 -47.03
N ALA C 552 20.94 6.44 -47.97
CA ALA C 552 20.85 7.21 -49.21
C ALA C 552 20.32 6.28 -50.28
N GLY C 553 19.44 6.74 -51.15
CA GLY C 553 18.87 5.87 -52.17
C GLY C 553 18.59 6.55 -53.49
N VAL C 554 18.24 5.77 -54.51
CA VAL C 554 17.80 6.31 -55.79
C VAL C 554 16.82 5.36 -56.48
N ILE C 555 15.78 5.94 -57.05
CA ILE C 555 14.80 5.21 -57.86
C ILE C 555 14.54 5.97 -59.17
N LYS C 556 14.44 5.24 -60.29
CA LYS C 556 14.04 5.78 -61.59
C LYS C 556 12.56 6.18 -61.56
N ALA C 557 12.32 7.48 -61.71
CA ALA C 557 10.98 8.03 -61.59
C ALA C 557 10.11 7.70 -62.77
N ILE C 558 8.85 7.36 -62.46
CA ILE C 558 7.88 6.94 -63.45
C ILE C 558 6.54 7.70 -63.35
N ASP C 559 5.79 7.54 -64.44
CA ASP C 559 4.44 8.02 -64.64
C ASP C 559 3.50 7.01 -63.96
N ASP C 560 2.82 7.45 -62.89
CA ASP C 560 1.94 6.58 -62.09
C ASP C 560 0.90 5.95 -62.98
N ASP C 561 -0.03 6.76 -63.50
CA ASP C 561 -1.19 6.16 -64.14
C ASP C 561 -0.93 5.63 -65.55
N GLU C 562 0.18 6.02 -66.16
CA GLU C 562 0.61 5.44 -67.41
C GLU C 562 1.07 3.98 -67.21
N GLU C 563 1.74 3.71 -66.10
CA GLU C 563 2.26 2.37 -65.85
C GLU C 563 1.15 1.38 -65.46
N ILE C 564 0.08 1.91 -64.88
CA ILE C 564 -1.10 1.16 -64.57
C ILE C 564 -1.82 0.82 -65.86
N ARG C 565 -1.85 1.77 -66.80
CA ARG C 565 -2.50 1.49 -68.10
C ARG C 565 -1.69 0.47 -68.89
N ASN C 566 -0.38 0.67 -68.91
CA ASN C 566 0.56 -0.27 -69.48
C ASN C 566 0.33 -1.68 -68.94
N ALA C 567 0.24 -1.80 -67.60
CA ALA C 567 -0.01 -3.11 -66.95
C ALA C 567 -1.33 -3.78 -67.37
N ALA C 568 -2.41 -3.02 -67.43
CA ALA C 568 -3.71 -3.59 -67.79
C ALA C 568 -3.68 -4.18 -69.21
N GLU C 569 -3.35 -3.35 -70.19
CA GLU C 569 -3.34 -3.80 -71.59
C GLU C 569 -2.29 -4.88 -71.87
N LEU C 570 -1.14 -4.82 -71.19
CA LEU C 570 -0.22 -5.95 -71.23
C LEU C 570 -0.83 -7.21 -70.61
N ALA C 571 -1.68 -7.03 -69.59
CA ALA C 571 -2.38 -8.19 -69.00
C ALA C 571 -3.41 -8.79 -69.94
N ALA C 572 -4.18 -7.93 -70.61
CA ALA C 572 -5.08 -8.35 -71.67
C ALA C 572 -4.34 -9.15 -72.76
N LYS C 573 -3.12 -8.73 -73.09
CA LYS C 573 -2.30 -9.39 -74.13
C LYS C 573 -1.66 -10.71 -73.74
N HIS C 574 -1.94 -11.21 -72.53
CA HIS C 574 -1.43 -12.53 -72.12
C HIS C 574 -2.57 -13.43 -71.72
N ASP C 575 -2.26 -14.73 -71.73
CA ASP C 575 -3.06 -15.85 -71.26
C ASP C 575 -3.39 -15.71 -69.75
N LYS C 576 -2.36 -15.46 -68.96
CA LYS C 576 -2.48 -15.42 -67.51
C LYS C 576 -1.55 -14.34 -66.93
N ALA C 577 -2.09 -13.57 -65.98
CA ALA C 577 -1.29 -12.62 -65.20
C ALA C 577 -1.08 -13.14 -63.79
N VAL C 578 0.17 -13.03 -63.32
CA VAL C 578 0.55 -13.21 -61.92
C VAL C 578 0.86 -11.80 -61.30
N LEU C 579 0.02 -11.40 -60.36
CA LEU C 579 0.10 -10.07 -59.79
C LEU C 579 0.64 -10.21 -58.36
N ILE C 580 1.80 -9.58 -58.09
CA ILE C 580 2.54 -9.75 -56.83
C ILE C 580 2.55 -8.46 -56.03
N ILE C 581 1.79 -8.45 -54.95
CA ILE C 581 1.55 -7.28 -54.18
C ILE C 581 1.86 -7.53 -52.68
N GLY C 582 1.69 -6.48 -51.87
CA GLY C 582 1.64 -6.60 -50.44
C GLY C 582 2.34 -5.48 -49.71
N LEU C 583 2.87 -5.83 -48.54
CA LEU C 583 3.60 -4.87 -47.74
C LEU C 583 5.10 -5.22 -47.84
N ASN C 584 5.92 -4.69 -46.92
CA ASN C 584 7.32 -5.08 -46.75
C ASN C 584 7.81 -4.69 -45.34
N GLY C 585 9.07 -4.98 -45.05
CA GLY C 585 9.64 -4.78 -43.72
C GLY C 585 9.81 -3.31 -43.28
N GLU C 586 9.32 -2.35 -44.07
CA GLU C 586 9.30 -0.97 -43.66
C GLU C 586 7.88 -0.59 -43.29
N TRP C 587 6.88 -1.18 -43.97
CA TRP C 587 5.51 -1.03 -43.52
C TRP C 587 5.26 -1.81 -42.23
N GLU C 588 5.93 -2.95 -42.05
CA GLU C 588 5.65 -3.81 -40.93
C GLU C 588 6.97 -3.93 -40.29
N THR C 589 7.11 -3.30 -39.12
CA THR C 589 8.42 -3.29 -38.48
C THR C 589 8.33 -3.11 -36.97
N GLU C 590 9.27 -3.73 -36.27
CA GLU C 590 9.61 -3.31 -34.93
C GLU C 590 9.65 -1.79 -34.90
N GLY C 591 9.09 -1.18 -33.87
CA GLY C 591 9.33 0.25 -33.69
C GLY C 591 8.08 1.12 -33.79
N TYR C 592 7.15 0.73 -34.67
CA TYR C 592 5.88 1.40 -34.76
C TYR C 592 4.85 0.45 -35.34
N ASP C 593 3.58 0.77 -35.12
CA ASP C 593 2.54 -0.05 -35.61
C ASP C 593 2.02 0.48 -36.96
N ARG C 594 1.27 -0.34 -37.69
CA ARG C 594 0.66 0.18 -38.89
C ARG C 594 -0.47 1.14 -38.48
N GLU C 595 -0.76 2.10 -39.34
CA GLU C 595 -1.84 3.05 -39.10
C GLU C 595 -3.18 2.54 -39.59
N ASN C 596 -3.13 1.69 -40.60
CA ASN C 596 -4.35 1.05 -41.07
C ASN C 596 -4.02 -0.29 -41.73
N MSE C 597 -5.07 -0.96 -42.21
CA MSE C 597 -4.92 -2.27 -42.86
C MSE C 597 -4.83 -2.18 -44.38
O MSE C 597 -5.05 -3.18 -45.03
CB MSE C 597 -6.13 -3.15 -42.51
CG MSE C 597 -5.79 -4.25 -41.63
SE MSE C 597 -7.37 -5.31 -41.15
CE MSE C 597 -8.10 -5.98 -42.93
N ASP C 598 -4.58 -0.99 -44.93
CA ASP C 598 -4.58 -0.80 -46.37
C ASP C 598 -3.30 -1.27 -47.04
N LEU C 599 -3.43 -1.75 -48.29
CA LEU C 599 -2.31 -1.88 -49.22
C LEU C 599 -1.87 -0.48 -49.69
N PRO C 600 -0.57 -0.32 -49.97
CA PRO C 600 0.04 1.01 -50.10
C PRO C 600 -0.11 1.63 -51.47
N LYS C 601 -0.21 2.95 -51.46
CA LYS C 601 -0.13 3.76 -52.67
C LYS C 601 -1.15 3.28 -53.71
N ARG C 602 -0.70 2.98 -54.93
CA ARG C 602 -1.64 2.72 -56.04
C ARG C 602 -1.87 1.23 -56.27
N THR C 603 -1.59 0.43 -55.26
CA THR C 603 -1.70 -1.00 -55.36
C THR C 603 -3.12 -1.42 -55.79
N ASN C 604 -4.12 -0.88 -55.10
CA ASN C 604 -5.47 -1.33 -55.31
C ASN C 604 -6.01 -0.90 -56.67
N GLU C 605 -5.55 0.24 -57.16
CA GLU C 605 -5.92 0.70 -58.50
C GLU C 605 -5.33 -0.24 -59.54
N LEU C 606 -4.02 -0.50 -59.42
CA LEU C 606 -3.34 -1.46 -60.22
C LEU C 606 -4.10 -2.79 -60.26
N VAL C 607 -4.49 -3.33 -59.09
CA VAL C 607 -5.19 -4.59 -59.01
C VAL C 607 -6.56 -4.54 -59.71
N ARG C 608 -7.38 -3.52 -59.45
CA ARG C 608 -8.64 -3.34 -60.17
C ARG C 608 -8.49 -3.26 -61.72
N ALA C 609 -7.48 -2.54 -62.21
CA ALA C 609 -7.19 -2.47 -63.64
C ALA C 609 -6.69 -3.79 -64.21
N VAL C 610 -5.81 -4.49 -63.49
CA VAL C 610 -5.36 -5.78 -63.99
C VAL C 610 -6.53 -6.77 -64.06
N LEU C 611 -7.29 -6.90 -62.98
CA LEU C 611 -8.38 -7.87 -62.94
C LEU C 611 -9.44 -7.63 -64.03
N LYS C 612 -9.62 -6.36 -64.39
CA LYS C 612 -10.57 -6.02 -65.42
C LYS C 612 -10.09 -6.52 -66.78
N ALA C 613 -8.79 -6.30 -67.05
CA ALA C 613 -8.14 -6.63 -68.33
C ALA C 613 -7.90 -8.10 -68.52
N ASN C 614 -7.87 -8.84 -67.42
CA ASN C 614 -7.69 -10.27 -67.49
C ASN C 614 -8.19 -10.89 -66.23
N PRO C 615 -9.45 -11.30 -66.24
CA PRO C 615 -10.13 -11.80 -65.06
C PRO C 615 -9.53 -13.00 -64.36
N ASN C 616 -8.71 -13.81 -65.01
CA ASN C 616 -8.17 -14.97 -64.30
C ASN C 616 -6.77 -14.80 -63.77
N THR C 617 -6.41 -13.56 -63.53
CA THR C 617 -5.18 -13.22 -62.86
C THR C 617 -5.08 -13.98 -61.55
N VAL C 618 -3.88 -14.48 -61.25
CA VAL C 618 -3.57 -14.94 -59.92
C VAL C 618 -2.84 -13.79 -59.13
N ILE C 619 -3.40 -13.47 -57.96
CA ILE C 619 -2.81 -12.49 -57.03
C ILE C 619 -2.00 -13.21 -55.94
N VAL C 620 -0.74 -12.84 -55.80
CA VAL C 620 0.05 -13.29 -54.66
C VAL C 620 0.34 -12.12 -53.68
N ASN C 621 0.00 -12.30 -52.41
CA ASN C 621 0.17 -11.23 -51.43
C ASN C 621 1.23 -11.55 -50.40
N GLN C 622 2.18 -10.64 -50.23
CA GLN C 622 3.14 -10.80 -49.12
C GLN C 622 2.85 -9.78 -48.02
N SER C 623 2.48 -10.27 -46.83
CA SER C 623 2.33 -9.42 -45.65
C SER C 623 2.51 -10.32 -44.44
N GLY C 624 2.70 -9.75 -43.24
CA GLY C 624 2.91 -10.57 -42.07
C GLY C 624 1.63 -10.70 -41.31
N THR C 625 0.67 -9.84 -41.64
CA THR C 625 -0.61 -9.69 -40.92
C THR C 625 -1.68 -9.26 -41.92
N PRO C 626 -2.94 -9.27 -41.53
CA PRO C 626 -4.00 -8.99 -42.54
C PRO C 626 -3.95 -7.61 -43.24
N VAL C 627 -4.23 -7.64 -44.56
CA VAL C 627 -4.48 -6.43 -45.34
C VAL C 627 -5.89 -6.49 -45.91
N GLU C 628 -6.45 -5.34 -46.20
CA GLU C 628 -7.78 -5.35 -46.76
C GLU C 628 -7.65 -5.56 -48.27
N PHE C 629 -8.47 -6.45 -48.84
CA PHE C 629 -8.52 -6.62 -50.32
C PHE C 629 -9.87 -6.09 -50.84
N PRO C 630 -9.96 -4.80 -51.17
CA PRO C 630 -11.35 -4.28 -51.41
C PRO C 630 -12.01 -4.87 -52.69
N TRP C 631 -11.18 -5.28 -53.65
CA TRP C 631 -11.58 -5.95 -54.88
C TRP C 631 -11.69 -7.46 -54.75
N LEU C 632 -11.70 -7.94 -53.51
CA LEU C 632 -11.73 -9.39 -53.26
C LEU C 632 -12.75 -10.20 -54.14
N GLU C 633 -13.97 -9.69 -54.31
CA GLU C 633 -15.07 -10.37 -55.01
C GLU C 633 -14.64 -10.72 -56.44
N ASP C 634 -13.88 -9.83 -57.08
CA ASP C 634 -13.40 -10.03 -58.45
C ASP C 634 -12.09 -10.77 -58.59
N ALA C 635 -11.45 -11.15 -57.48
CA ALA C 635 -10.16 -11.83 -57.55
C ALA C 635 -10.41 -13.35 -57.54
N ASN C 636 -10.08 -14.06 -58.62
CA ASN C 636 -10.47 -15.45 -58.66
C ASN C 636 -9.44 -16.39 -58.06
N ALA C 637 -8.17 -16.03 -58.10
CA ALA C 637 -7.16 -16.83 -57.42
C ALA C 637 -6.31 -15.89 -56.54
N LEU C 638 -6.09 -16.32 -55.29
CA LEU C 638 -5.45 -15.48 -54.26
C LEU C 638 -4.61 -16.32 -53.33
N VAL C 639 -3.34 -15.96 -53.25
CA VAL C 639 -2.34 -16.71 -52.52
C VAL C 639 -1.72 -15.79 -51.44
N GLN C 640 -1.67 -16.26 -50.20
CA GLN C 640 -0.96 -15.57 -49.07
C GLN C 640 0.42 -16.18 -48.84
N ALA C 641 1.46 -15.49 -49.26
CA ALA C 641 2.79 -16.01 -49.14
C ALA C 641 3.67 -15.58 -47.94
N TRP C 642 3.19 -14.61 -47.19
CA TRP C 642 3.86 -14.08 -46.03
C TRP C 642 5.22 -13.48 -46.43
N TYR C 643 6.19 -13.53 -45.55
CA TYR C 643 7.53 -13.08 -45.86
C TYR C 643 8.38 -14.32 -45.80
N GLY C 644 8.71 -14.84 -46.97
CA GLY C 644 9.14 -16.21 -47.12
C GLY C 644 10.61 -16.46 -46.86
N GLY C 645 11.42 -15.46 -46.52
CA GLY C 645 12.86 -15.80 -46.22
C GLY C 645 13.73 -15.96 -47.50
N ASN C 646 14.87 -16.64 -47.42
CA ASN C 646 15.84 -16.69 -48.55
C ASN C 646 15.24 -17.22 -49.86
N GLU C 647 14.42 -18.25 -49.73
CA GLU C 647 13.96 -19.06 -50.83
C GLU C 647 12.51 -18.70 -51.17
N LEU C 648 12.09 -17.50 -50.79
CA LEU C 648 10.66 -17.16 -50.87
C LEU C 648 10.18 -17.31 -52.30
N GLY C 649 10.97 -16.84 -53.25
CA GLY C 649 10.53 -16.75 -54.64
C GLY C 649 10.33 -18.13 -55.25
N ASN C 650 11.27 -19.04 -54.98
CA ASN C 650 11.18 -20.43 -55.45
C ASN C 650 9.98 -21.09 -54.77
N ALA C 651 9.74 -20.79 -53.47
CA ALA C 651 8.57 -21.38 -52.75
C ALA C 651 7.24 -20.97 -53.39
N ILE C 652 7.11 -19.69 -53.68
CA ILE C 652 5.94 -19.23 -54.40
C ILE C 652 5.85 -19.98 -55.79
N ALA C 653 6.97 -20.12 -56.50
CA ALA C 653 6.98 -20.83 -57.80
C ALA C 653 6.45 -22.24 -57.63
N ASP C 654 6.99 -22.95 -56.64
CA ASP C 654 6.54 -24.30 -56.36
C ASP C 654 5.06 -24.37 -56.19
N VAL C 655 4.47 -23.44 -55.47
CA VAL C 655 3.04 -23.54 -55.19
C VAL C 655 2.25 -23.11 -56.43
N LEU C 656 2.75 -22.10 -57.16
CA LEU C 656 2.01 -21.60 -58.33
C LEU C 656 1.87 -22.71 -59.44
N TYR C 657 2.91 -23.55 -59.55
CA TYR C 657 2.96 -24.62 -60.56
C TYR C 657 2.59 -26.04 -60.06
N GLY C 658 2.21 -26.15 -58.79
CA GLY C 658 1.79 -27.41 -58.23
C GLY C 658 2.92 -28.37 -57.89
N ASP C 659 4.18 -27.92 -57.99
CA ASP C 659 5.32 -28.74 -57.45
C ASP C 659 5.29 -28.92 -55.90
N VAL C 660 4.73 -27.94 -55.20
CA VAL C 660 4.22 -28.20 -53.85
C VAL C 660 2.73 -27.90 -53.92
N VAL C 661 1.95 -28.81 -53.37
CA VAL C 661 0.53 -28.60 -53.32
C VAL C 661 0.18 -27.77 -52.06
N PRO C 662 -0.51 -26.63 -52.23
CA PRO C 662 -0.61 -25.75 -51.06
C PRO C 662 -1.20 -26.49 -49.86
N ASN C 663 -0.59 -26.29 -48.69
CA ASN C 663 -0.94 -27.03 -47.45
C ASN C 663 -0.99 -26.15 -46.14
N GLY C 664 -0.79 -24.82 -46.24
CA GLY C 664 -0.90 -23.96 -45.05
C GLY C 664 -2.33 -23.58 -44.68
N LYS C 665 -2.54 -23.20 -43.42
CA LYS C 665 -3.83 -22.71 -42.94
C LYS C 665 -3.56 -21.40 -42.16
N LEU C 666 -4.46 -20.43 -42.22
CA LEU C 666 -4.26 -19.13 -41.61
C LEU C 666 -4.00 -19.26 -40.11
N SER C 667 -2.85 -18.79 -39.66
CA SER C 667 -2.60 -18.67 -38.20
C SER C 667 -3.36 -17.45 -37.61
N LEU C 668 -3.96 -16.63 -38.49
CA LEU C 668 -4.63 -15.37 -38.12
C LEU C 668 -6.00 -15.29 -38.76
N SER C 669 -6.93 -14.66 -38.06
CA SER C 669 -8.18 -14.19 -38.64
C SER C 669 -7.94 -13.04 -39.62
N TRP C 670 -8.73 -13.01 -40.69
CA TRP C 670 -8.51 -12.02 -41.73
C TRP C 670 -9.81 -11.26 -41.90
N PRO C 671 -10.02 -10.19 -41.10
CA PRO C 671 -11.32 -9.53 -41.24
C PRO C 671 -11.41 -8.78 -42.53
N PHE C 672 -12.61 -8.40 -42.90
CA PHE C 672 -12.84 -7.59 -44.11
C PHE C 672 -12.29 -6.18 -43.98
N LYS C 673 -12.55 -5.56 -42.82
CA LYS C 673 -12.25 -4.16 -42.57
C LYS C 673 -11.62 -4.02 -41.17
N LEU C 674 -10.68 -3.08 -41.05
CA LEU C 674 -10.05 -2.76 -39.75
C LEU C 674 -11.11 -2.61 -38.66
N GLN C 675 -12.20 -1.89 -38.94
CA GLN C 675 -13.17 -1.54 -37.90
C GLN C 675 -13.90 -2.76 -37.38
N ASP C 676 -13.79 -3.91 -38.03
CA ASP C 676 -14.43 -5.13 -37.50
C ASP C 676 -13.65 -5.79 -36.35
N ASN C 677 -12.36 -5.47 -36.21
CA ASN C 677 -11.49 -6.22 -35.31
C ASN C 677 -11.73 -5.82 -33.85
N PRO C 678 -11.51 -6.76 -32.91
CA PRO C 678 -11.87 -6.55 -31.49
C PRO C 678 -11.04 -5.42 -30.82
N ALA C 679 -9.84 -5.17 -31.35
CA ALA C 679 -8.91 -4.18 -30.76
C ALA C 679 -8.97 -2.85 -31.49
N PHE C 680 -10.04 -2.62 -32.26
CA PHE C 680 -10.13 -1.42 -33.08
C PHE C 680 -10.00 -0.12 -32.26
N LEU C 681 -10.71 -0.02 -31.14
CA LEU C 681 -10.68 1.21 -30.32
C LEU C 681 -9.46 1.35 -29.36
N ASN C 682 -8.81 0.23 -29.08
CA ASN C 682 -7.77 0.11 -28.03
C ASN C 682 -6.46 -0.48 -28.58
N PHE C 683 -5.90 0.12 -29.60
CA PHE C 683 -4.64 -0.38 -30.16
C PHE C 683 -3.63 0.81 -30.36
N LYS C 684 -3.55 1.65 -29.33
CA LYS C 684 -2.67 2.81 -29.30
C LYS C 684 -2.25 2.98 -27.82
N THR C 685 -1.02 3.41 -27.56
CA THR C 685 -0.68 3.72 -26.18
C THR C 685 -1.30 5.10 -25.89
N GLU C 686 -2.32 5.11 -25.03
CA GLU C 686 -3.05 6.35 -24.81
C GLU C 686 -2.91 6.70 -23.33
N PHE C 687 -2.46 7.91 -22.98
CA PHE C 687 -2.10 8.23 -21.60
C PHE C 687 -1.19 7.20 -21.00
N GLY C 688 -0.31 6.67 -21.85
CA GLY C 688 0.63 5.62 -21.40
C GLY C 688 0.01 4.25 -21.22
N ARG C 689 -1.26 4.05 -21.62
CA ARG C 689 -1.89 2.74 -21.40
C ARG C 689 -2.62 2.18 -22.60
N VAL C 690 -2.86 0.87 -22.52
CA VAL C 690 -3.62 0.14 -23.54
C VAL C 690 -4.61 -0.78 -22.81
N ILE C 691 -5.92 -0.51 -22.92
CA ILE C 691 -6.93 -1.32 -22.17
C ILE C 691 -7.31 -2.50 -23.10
N TYR C 692 -7.21 -3.74 -22.60
CA TYR C 692 -7.42 -4.96 -23.44
C TYR C 692 -8.92 -5.23 -23.30
N GLY C 693 -9.74 -4.35 -23.87
CA GLY C 693 -11.19 -4.36 -23.58
C GLY C 693 -11.99 -5.54 -24.08
N GLU C 694 -11.48 -6.14 -25.16
CA GLU C 694 -11.99 -7.38 -25.71
C GLU C 694 -11.77 -8.58 -24.76
N ASP C 695 -10.86 -8.45 -23.78
CA ASP C 695 -10.69 -9.45 -22.78
C ASP C 695 -10.32 -10.78 -23.43
N ILE C 696 -11.04 -11.87 -23.15
CA ILE C 696 -10.59 -13.18 -23.73
C ILE C 696 -10.89 -13.30 -25.24
N PHE C 697 -11.72 -12.41 -25.76
CA PHE C 697 -12.23 -12.54 -27.14
C PHE C 697 -11.27 -11.90 -28.15
N VAL C 698 -10.22 -12.65 -28.49
CA VAL C 698 -9.20 -12.24 -29.43
C VAL C 698 -9.31 -13.14 -30.70
N GLY C 699 -9.09 -12.60 -31.90
CA GLY C 699 -9.04 -13.44 -33.14
C GLY C 699 -10.41 -14.10 -33.31
N TYR C 700 -10.40 -15.36 -33.68
CA TYR C 700 -11.65 -16.10 -34.00
C TYR C 700 -12.52 -16.26 -32.79
N ARG C 701 -11.95 -16.23 -31.57
CA ARG C 701 -12.85 -16.21 -30.36
C ARG C 701 -13.84 -15.07 -30.39
N TYR C 702 -13.42 -13.95 -30.96
CA TYR C 702 -14.23 -12.74 -31.02
C TYR C 702 -15.24 -12.84 -32.21
N TYR C 703 -14.71 -13.06 -33.40
CA TYR C 703 -15.57 -13.07 -34.60
C TYR C 703 -16.68 -14.09 -34.47
N GLU C 704 -16.35 -15.24 -33.90
CA GLU C 704 -17.38 -16.31 -33.75
C GLU C 704 -18.41 -15.96 -32.71
N LYS C 705 -17.98 -15.29 -31.62
CA LYS C 705 -18.97 -14.93 -30.56
C LYS C 705 -19.94 -13.84 -31.06
N LEU C 706 -19.48 -12.96 -31.93
CA LEU C 706 -20.36 -11.94 -32.50
C LEU C 706 -21.07 -12.43 -33.80
N GLN C 707 -20.72 -13.62 -34.31
CA GLN C 707 -21.16 -14.06 -35.64
C GLN C 707 -20.83 -12.98 -36.68
N ARG C 708 -19.60 -12.47 -36.60
CA ARG C 708 -19.20 -11.43 -37.51
C ARG C 708 -18.44 -12.16 -38.62
N LYS C 709 -18.93 -12.07 -39.85
CA LYS C 709 -18.22 -12.71 -40.98
C LYS C 709 -16.88 -12.04 -41.27
N VAL C 710 -15.89 -12.84 -41.63
CA VAL C 710 -14.57 -12.34 -41.98
C VAL C 710 -14.24 -12.73 -43.45
N ALA C 711 -13.23 -12.11 -44.07
CA ALA C 711 -12.80 -12.54 -45.40
C ALA C 711 -12.36 -14.03 -45.38
N PHE C 712 -11.50 -14.38 -44.42
CA PHE C 712 -11.06 -15.74 -44.21
C PHE C 712 -10.79 -15.93 -42.74
N PRO C 713 -11.20 -17.12 -42.23
CA PRO C 713 -11.20 -17.39 -40.81
C PRO C 713 -9.97 -18.13 -40.38
N PHE C 714 -9.69 -18.10 -39.09
CA PHE C 714 -8.54 -18.81 -38.58
C PHE C 714 -8.63 -20.28 -39.00
N GLY C 715 -7.50 -20.83 -39.40
CA GLY C 715 -7.44 -22.24 -39.70
C GLY C 715 -7.78 -22.60 -41.15
N TYR C 716 -8.05 -21.60 -42.00
CA TYR C 716 -8.50 -21.80 -43.35
C TYR C 716 -7.35 -21.80 -44.32
N GLY C 717 -7.46 -22.69 -45.31
CA GLY C 717 -6.57 -22.76 -46.44
C GLY C 717 -7.07 -23.86 -47.39
N LEU C 718 -6.87 -23.60 -48.68
CA LEU C 718 -7.25 -24.55 -49.72
C LEU C 718 -6.07 -25.45 -50.16
N SER C 719 -6.41 -26.45 -50.97
CA SER C 719 -5.45 -27.38 -51.50
C SER C 719 -5.81 -27.48 -52.99
N TYR C 720 -5.01 -28.24 -53.73
CA TYR C 720 -5.37 -28.60 -55.13
C TYR C 720 -6.08 -29.97 -55.17
N THR C 721 -6.29 -30.55 -53.99
CA THR C 721 -7.08 -31.75 -53.92
C THR C 721 -8.12 -31.60 -52.85
N THR C 722 -9.01 -32.57 -52.73
CA THR C 722 -10.13 -32.48 -51.76
C THR C 722 -9.90 -33.55 -50.70
N PHE C 723 -10.45 -33.35 -49.50
CA PHE C 723 -10.26 -34.31 -48.43
C PHE C 723 -11.55 -34.44 -47.72
N GLU C 724 -11.71 -35.57 -47.05
CA GLU C 724 -12.79 -35.67 -46.08
C GLU C 724 -12.29 -36.44 -44.84
N LEU C 725 -12.95 -36.26 -43.73
CA LEU C 725 -12.48 -36.87 -42.48
C LEU C 725 -13.66 -37.33 -41.69
N ASP C 726 -13.40 -38.22 -40.71
CA ASP C 726 -14.39 -38.69 -39.73
C ASP C 726 -13.65 -39.01 -38.43
N ILE C 727 -14.29 -38.79 -37.29
CA ILE C 727 -13.81 -39.31 -36.04
C ILE C 727 -14.04 -40.85 -36.00
N SER C 728 -12.95 -41.63 -36.04
CA SER C 728 -13.00 -43.09 -36.08
C SER C 728 -12.92 -43.75 -34.68
N ASP C 729 -12.32 -43.03 -33.72
CA ASP C 729 -12.45 -43.37 -32.30
C ASP C 729 -12.45 -42.18 -31.32
N PHE C 730 -13.22 -42.32 -30.24
CA PHE C 730 -13.31 -41.31 -29.22
C PHE C 730 -13.50 -41.92 -27.84
N LYS C 731 -12.47 -41.83 -26.98
CA LYS C 731 -12.65 -42.26 -25.57
C LYS C 731 -12.11 -41.26 -24.52
N VAL C 732 -12.94 -41.00 -23.51
CA VAL C 732 -12.52 -40.17 -22.41
C VAL C 732 -12.27 -40.94 -21.10
N THR C 733 -10.99 -41.21 -20.82
CA THR C 733 -10.44 -41.51 -19.46
C THR C 733 -10.66 -40.28 -18.56
N ASP C 734 -10.87 -40.40 -17.25
CA ASP C 734 -10.96 -39.14 -16.53
C ASP C 734 -9.54 -38.65 -16.50
N ASP C 735 -9.31 -37.41 -16.85
CA ASP C 735 -7.98 -36.90 -16.97
C ASP C 735 -7.36 -37.15 -18.36
N LYS C 736 -8.08 -37.80 -19.25
CA LYS C 736 -7.50 -38.06 -20.55
C LYS C 736 -8.52 -38.07 -21.68
N ILE C 737 -8.15 -37.58 -22.85
CA ILE C 737 -9.05 -37.59 -24.01
C ILE C 737 -8.29 -38.21 -25.19
N ALA C 738 -8.83 -39.31 -25.72
CA ALA C 738 -8.24 -39.97 -26.89
C ALA C 738 -9.16 -39.83 -28.09
N ILE C 739 -8.62 -39.30 -29.19
CA ILE C 739 -9.39 -39.10 -30.42
C ILE C 739 -8.57 -39.60 -31.57
N SER C 740 -9.23 -40.36 -32.44
CA SER C 740 -8.61 -40.75 -33.69
C SER C 740 -9.47 -40.20 -34.79
N VAL C 741 -8.83 -39.80 -35.88
CA VAL C 741 -9.55 -39.15 -36.96
C VAL C 741 -9.01 -39.76 -38.22
N ASP C 742 -9.93 -40.28 -39.05
CA ASP C 742 -9.56 -40.81 -40.37
C ASP C 742 -9.73 -39.70 -41.38
N VAL C 743 -8.74 -39.61 -42.27
CA VAL C 743 -8.68 -38.56 -43.23
C VAL C 743 -8.36 -39.17 -44.57
N LYS C 744 -9.00 -38.69 -45.62
CA LYS C 744 -8.84 -39.31 -46.93
C LYS C 744 -8.71 -38.25 -47.99
N ASN C 745 -7.70 -38.38 -48.85
CA ASN C 745 -7.63 -37.62 -50.10
C ASN C 745 -8.57 -38.20 -51.21
N THR C 746 -9.65 -37.48 -51.50
CA THR C 746 -10.75 -37.91 -52.39
C THR C 746 -10.65 -37.39 -53.82
N GLY C 747 -9.46 -36.91 -54.20
CA GLY C 747 -9.16 -36.35 -55.51
C GLY C 747 -8.35 -37.43 -56.17
N ASP C 748 -8.00 -37.27 -57.45
CA ASP C 748 -7.25 -38.33 -58.13
C ASP C 748 -6.01 -37.87 -58.83
N LYS C 749 -5.71 -36.58 -58.68
CA LYS C 749 -4.57 -36.03 -59.41
C LYS C 749 -3.41 -35.74 -58.47
N PHE C 750 -3.71 -35.06 -57.34
CA PHE C 750 -2.69 -34.46 -56.49
C PHE C 750 -2.59 -35.16 -55.15
N ALA C 751 -1.38 -35.53 -54.78
CA ALA C 751 -1.08 -35.90 -53.38
C ALA C 751 -1.15 -34.58 -52.55
N GLY C 752 -1.51 -34.63 -51.27
CA GLY C 752 -1.31 -33.41 -50.47
C GLY C 752 -1.61 -33.58 -49.00
N SER C 753 -1.30 -32.53 -48.23
CA SER C 753 -1.52 -32.56 -46.76
C SER C 753 -2.73 -31.77 -46.33
N GLU C 754 -3.47 -32.34 -45.41
CA GLU C 754 -4.61 -31.71 -44.83
C GLU C 754 -4.22 -31.43 -43.34
N VAL C 755 -4.82 -30.39 -42.77
CA VAL C 755 -4.72 -30.10 -41.31
C VAL C 755 -5.99 -30.39 -40.56
N VAL C 756 -5.94 -31.39 -39.68
CA VAL C 756 -7.02 -31.72 -38.76
C VAL C 756 -6.98 -30.78 -37.54
N GLN C 757 -8.09 -30.10 -37.27
CA GLN C 757 -8.12 -29.18 -36.16
C GLN C 757 -9.18 -29.63 -35.22
N VAL C 758 -8.87 -29.63 -33.91
CA VAL C 758 -9.75 -30.11 -32.90
C VAL C 758 -10.13 -28.99 -31.92
N TYR C 759 -11.43 -28.72 -31.78
CA TYR C 759 -11.91 -27.60 -30.97
C TYR C 759 -12.77 -28.15 -29.86
N PHE C 760 -12.83 -27.46 -28.70
CA PHE C 760 -13.68 -27.85 -27.60
C PHE C 760 -14.62 -26.74 -27.26
N SER C 761 -15.83 -27.09 -26.87
CA SER C 761 -16.86 -26.15 -26.41
C SER C 761 -17.45 -26.73 -25.16
N ALA C 762 -17.96 -25.87 -24.29
CA ALA C 762 -18.69 -26.31 -23.11
C ALA C 762 -20.15 -26.17 -23.46
N LEU C 763 -20.98 -27.15 -23.11
CA LEU C 763 -22.36 -27.04 -23.54
C LEU C 763 -23.28 -26.21 -22.69
N ASN C 764 -23.63 -26.65 -21.51
CA ASN C 764 -24.82 -25.94 -20.96
C ASN C 764 -24.30 -25.24 -19.72
N SER C 765 -23.32 -24.38 -19.89
CA SER C 765 -22.57 -23.80 -18.76
C SER C 765 -22.98 -22.35 -18.54
N LYS C 766 -22.80 -21.86 -17.34
CA LYS C 766 -23.23 -20.52 -16.98
C LYS C 766 -22.02 -19.53 -17.01
N VAL C 767 -20.81 -20.07 -17.18
CA VAL C 767 -19.58 -19.32 -17.47
C VAL C 767 -19.52 -18.91 -18.95
N SER C 768 -19.31 -17.64 -19.23
CA SER C 768 -19.15 -17.19 -20.59
C SER C 768 -17.80 -17.66 -21.13
N ARG C 769 -17.80 -18.31 -22.29
CA ARG C 769 -16.57 -18.79 -22.95
C ARG C 769 -16.66 -18.43 -24.42
N PRO C 770 -15.57 -18.58 -25.16
CA PRO C 770 -15.69 -18.49 -26.59
C PRO C 770 -16.57 -19.68 -27.13
N VAL C 771 -17.16 -19.51 -28.33
CA VAL C 771 -17.98 -20.59 -28.95
C VAL C 771 -17.19 -21.89 -28.91
N LYS C 772 -15.93 -21.87 -29.32
CA LYS C 772 -15.08 -23.08 -29.19
C LYS C 772 -13.62 -22.68 -29.24
N GLU C 773 -12.74 -23.58 -28.88
CA GLU C 773 -11.36 -23.21 -28.85
C GLU C 773 -10.47 -24.31 -29.34
N LEU C 774 -9.44 -23.97 -30.11
CA LEU C 774 -8.48 -24.97 -30.59
C LEU C 774 -7.67 -25.56 -29.47
N LYS C 775 -7.65 -26.90 -29.38
CA LYS C 775 -6.87 -27.62 -28.37
C LYS C 775 -6.07 -28.78 -28.89
N GLY C 776 -6.10 -28.99 -30.23
CA GLY C 776 -5.35 -30.05 -30.85
C GLY C 776 -5.29 -29.82 -32.32
N PHE C 777 -4.26 -30.33 -32.96
CA PHE C 777 -4.21 -30.33 -34.39
C PHE C 777 -3.19 -31.35 -34.96
N GLU C 778 -3.47 -31.90 -36.15
CA GLU C 778 -2.49 -32.79 -36.85
C GLU C 778 -2.47 -32.57 -38.34
N LYS C 779 -1.28 -32.65 -38.93
CA LYS C 779 -1.10 -32.45 -40.35
C LYS C 779 -0.82 -33.84 -40.99
N VAL C 780 -1.47 -34.13 -42.12
CA VAL C 780 -1.38 -35.51 -42.72
C VAL C 780 -1.20 -35.46 -44.22
N HIS C 781 -0.16 -36.14 -44.72
CA HIS C 781 0.13 -36.22 -46.14
C HIS C 781 -0.55 -37.45 -46.76
N LEU C 782 -1.26 -37.25 -47.88
CA LEU C 782 -2.11 -38.28 -48.50
C LEU C 782 -1.98 -38.26 -50.02
N GLU C 783 -1.65 -39.43 -50.56
CA GLU C 783 -1.74 -39.68 -52.00
C GLU C 783 -3.22 -39.71 -52.35
N PRO C 784 -3.49 -39.46 -53.65
CA PRO C 784 -4.81 -39.55 -54.20
C PRO C 784 -5.39 -40.89 -53.81
N GLY C 785 -6.57 -40.91 -53.23
CA GLY C 785 -7.20 -42.16 -52.82
C GLY C 785 -6.82 -42.65 -51.41
N GLU C 786 -5.60 -42.29 -50.96
CA GLU C 786 -5.02 -42.78 -49.71
C GLU C 786 -5.76 -42.26 -48.49
N LYS C 787 -5.99 -43.15 -47.54
CA LYS C 787 -6.55 -42.82 -46.24
C LYS C 787 -5.53 -43.14 -45.11
N LYS C 788 -5.50 -42.31 -44.04
CA LYS C 788 -4.70 -42.58 -42.82
C LYS C 788 -5.52 -42.18 -41.64
N THR C 789 -5.20 -42.75 -40.49
CA THR C 789 -5.79 -42.37 -39.23
C THR C 789 -4.71 -41.56 -38.45
N VAL C 790 -5.17 -40.48 -37.77
CA VAL C 790 -4.29 -39.69 -36.88
C VAL C 790 -4.84 -39.74 -35.46
N ASN C 791 -3.95 -39.82 -34.46
CA ASN C 791 -4.42 -39.84 -33.08
C ASN C 791 -4.10 -38.54 -32.32
N ILE C 792 -5.03 -38.10 -31.48
CA ILE C 792 -4.88 -36.82 -30.78
C ILE C 792 -5.15 -37.11 -29.35
N ASP C 793 -4.09 -37.04 -28.55
CA ASP C 793 -4.19 -37.35 -27.14
C ASP C 793 -3.92 -36.10 -26.31
N LEU C 794 -4.78 -35.82 -25.37
CA LEU C 794 -4.60 -34.60 -24.55
C LEU C 794 -5.22 -34.81 -23.18
N GLU C 795 -4.68 -34.16 -22.14
CA GLU C 795 -5.33 -34.24 -20.79
C GLU C 795 -6.61 -33.43 -20.75
N LEU C 796 -7.60 -33.85 -19.96
CA LEU C 796 -8.81 -33.08 -19.89
C LEU C 796 -8.41 -31.61 -19.56
N LYS C 797 -7.69 -31.43 -18.45
CA LYS C 797 -7.50 -30.10 -17.88
C LYS C 797 -6.96 -29.14 -18.93
N ASP C 798 -6.18 -29.65 -19.87
CA ASP C 798 -5.60 -28.74 -20.83
C ASP C 798 -6.57 -28.39 -21.97
N ALA C 799 -7.64 -29.16 -22.10
CA ALA C 799 -8.56 -28.98 -23.17
C ALA C 799 -9.84 -28.23 -22.78
N ILE C 800 -10.28 -28.32 -21.55
CA ILE C 800 -11.57 -27.73 -21.24
C ILE C 800 -11.59 -26.85 -19.94
N SER C 801 -10.43 -26.44 -19.49
CA SER C 801 -10.33 -25.45 -18.38
C SER C 801 -10.57 -24.04 -18.89
N TYR C 802 -11.23 -23.20 -18.11
CA TYR C 802 -11.08 -21.74 -18.30
C TYR C 802 -10.41 -21.22 -17.01
N PHE C 803 -9.99 -19.95 -16.97
CA PHE C 803 -9.43 -19.38 -15.74
C PHE C 803 -10.45 -18.68 -14.91
N ASN C 804 -10.71 -19.20 -13.71
CA ASN C 804 -11.64 -18.61 -12.84
C ASN C 804 -10.89 -17.48 -12.07
N GLU C 805 -11.17 -16.26 -12.53
CA GLU C 805 -10.50 -15.09 -12.07
C GLU C 805 -10.80 -14.81 -10.59
N GLU C 806 -12.03 -15.11 -10.17
CA GLU C 806 -12.44 -14.82 -8.83
C GLU C 806 -11.71 -15.69 -7.81
N LEU C 807 -11.49 -16.96 -8.18
CA LEU C 807 -10.78 -17.91 -7.33
C LEU C 807 -9.29 -17.89 -7.58
N GLY C 808 -8.86 -17.26 -8.67
CA GLY C 808 -7.47 -17.31 -9.02
C GLY C 808 -6.97 -18.69 -9.41
N LYS C 809 -7.84 -19.53 -10.00
CA LYS C 809 -7.38 -20.91 -10.35
C LYS C 809 -7.99 -21.31 -11.66
N TRP C 810 -7.30 -22.15 -12.42
CA TRP C 810 -7.94 -22.84 -13.54
C TRP C 810 -9.04 -23.80 -13.06
N HIS C 811 -10.05 -24.04 -13.92
CA HIS C 811 -11.20 -24.80 -13.46
C HIS C 811 -11.73 -25.68 -14.58
N VAL C 812 -11.71 -27.00 -14.39
CA VAL C 812 -12.45 -27.92 -15.25
C VAL C 812 -13.80 -28.02 -14.59
N GLU C 813 -14.81 -27.36 -15.13
CA GLU C 813 -16.12 -27.43 -14.61
C GLU C 813 -16.81 -28.80 -14.96
N ALA C 814 -17.70 -29.26 -14.08
CA ALA C 814 -18.43 -30.51 -14.31
C ALA C 814 -19.53 -30.18 -15.25
N GLY C 815 -19.78 -31.05 -16.21
CA GLY C 815 -20.86 -30.73 -17.20
C GLY C 815 -20.64 -31.36 -18.56
N GLU C 816 -21.27 -30.78 -19.58
CA GLU C 816 -21.31 -31.38 -20.88
C GLU C 816 -20.45 -30.56 -21.82
N TYR C 817 -19.65 -31.24 -22.62
CA TYR C 817 -18.75 -30.61 -23.56
C TYR C 817 -18.94 -31.25 -24.96
N LEU C 818 -18.40 -30.58 -25.98
CA LEU C 818 -18.44 -31.03 -27.31
C LEU C 818 -17.06 -30.87 -27.91
N VAL C 819 -16.56 -31.90 -28.55
CA VAL C 819 -15.35 -31.85 -29.35
C VAL C 819 -15.78 -31.62 -30.80
N SER C 820 -15.12 -30.70 -31.51
CA SER C 820 -15.45 -30.41 -32.89
C SER C 820 -14.21 -30.60 -33.72
N VAL C 821 -14.33 -31.38 -34.81
CA VAL C 821 -13.15 -31.67 -35.65
C VAL C 821 -13.43 -31.19 -37.05
N GLY C 822 -12.44 -30.57 -37.70
CA GLY C 822 -12.77 -29.94 -38.97
C GLY C 822 -11.49 -29.52 -39.59
N THR C 823 -11.58 -28.79 -40.69
CA THR C 823 -10.38 -28.45 -41.42
C THR C 823 -10.18 -26.94 -41.42
N SER C 824 -11.00 -26.24 -40.66
CA SER C 824 -10.74 -24.86 -40.27
C SER C 824 -11.70 -24.53 -39.17
N SER C 825 -11.63 -23.31 -38.61
CA SER C 825 -12.55 -23.04 -37.49
C SER C 825 -13.98 -22.83 -37.95
N ASP C 826 -14.15 -22.62 -39.25
CA ASP C 826 -15.50 -22.46 -39.83
C ASP C 826 -15.90 -23.72 -40.69
N ASP C 827 -15.20 -24.85 -40.53
CA ASP C 827 -15.43 -26.04 -41.39
C ASP C 827 -15.42 -27.24 -40.49
N ILE C 828 -16.34 -27.28 -39.56
CA ILE C 828 -16.46 -28.39 -38.67
C ILE C 828 -17.26 -29.51 -39.37
N LEU C 829 -16.71 -30.74 -39.39
CA LEU C 829 -17.26 -31.88 -40.16
C LEU C 829 -17.82 -33.07 -39.34
N SER C 830 -17.48 -33.11 -38.04
CA SER C 830 -17.71 -34.24 -37.16
C SER C 830 -17.67 -33.79 -35.68
N VAL C 831 -18.70 -34.08 -34.89
CA VAL C 831 -18.66 -33.73 -33.47
C VAL C 831 -19.03 -34.89 -32.54
N LYS C 832 -18.45 -34.90 -31.34
CA LYS C 832 -18.84 -35.83 -30.33
C LYS C 832 -19.04 -35.08 -28.99
N GLU C 833 -20.03 -35.51 -28.22
CA GLU C 833 -20.39 -34.95 -26.93
C GLU C 833 -19.76 -35.83 -25.87
N PHE C 834 -19.31 -35.22 -24.77
CA PHE C 834 -18.90 -35.94 -23.57
C PHE C 834 -19.30 -35.21 -22.34
N LYS C 835 -19.28 -35.96 -21.24
CA LYS C 835 -19.79 -35.52 -19.96
C LYS C 835 -18.62 -35.43 -18.97
N VAL C 836 -18.63 -34.42 -18.13
CA VAL C 836 -17.65 -34.42 -17.02
C VAL C 836 -18.38 -34.36 -15.70
N GLU C 837 -18.08 -35.31 -14.83
CA GLU C 837 -18.83 -35.43 -13.57
C GLU C 837 -18.07 -34.84 -12.41
N LYS C 838 -16.74 -34.91 -12.46
CA LYS C 838 -15.92 -34.40 -11.37
C LYS C 838 -15.10 -33.15 -11.77
N GLU C 839 -15.44 -32.04 -11.12
CA GLU C 839 -14.68 -30.80 -11.31
C GLU C 839 -13.21 -30.90 -10.90
N LEU C 840 -12.39 -29.92 -11.28
CA LEU C 840 -10.97 -29.90 -10.92
C LEU C 840 -10.58 -28.43 -10.95
N TYR C 841 -9.89 -28.01 -9.88
CA TYR C 841 -9.28 -26.68 -9.79
C TYR C 841 -7.79 -26.92 -9.70
N TRP C 842 -7.01 -26.20 -10.50
CA TRP C 842 -5.56 -26.40 -10.48
C TRP C 842 -4.78 -25.13 -10.73
N LYS C 843 -3.47 -25.19 -10.43
CA LYS C 843 -2.56 -24.12 -10.77
C LYS C 843 -1.33 -24.76 -11.34
N GLY C 844 -0.43 -23.97 -11.88
CA GLY C 844 0.80 -24.51 -12.37
C GLY C 844 0.78 -24.97 -13.81
N LEU C 845 1.47 -26.08 -14.08
CA LEU C 845 1.74 -26.46 -15.43
C LEU C 845 0.66 -27.47 -15.80
N SER D 2 -33.68 29.37 9.17
CA SER D 2 -33.70 30.77 9.54
C SER D 2 -33.59 30.84 11.01
N LYS D 3 -34.50 30.15 11.67
CA LYS D 3 -34.28 29.81 13.02
C LYS D 3 -33.56 28.46 13.03
N PHE D 4 -33.44 27.80 11.88
CA PHE D 4 -32.79 26.48 11.77
C PHE D 4 -31.34 26.63 11.41
N ASP D 5 -30.53 26.47 12.41
CA ASP D 5 -29.14 26.83 12.42
C ASP D 5 -28.29 25.52 12.53
N VAL D 6 -27.73 25.08 11.40
CA VAL D 6 -26.89 23.85 11.36
C VAL D 6 -25.78 23.77 12.45
N GLU D 7 -24.90 24.75 12.54
CA GLU D 7 -23.83 24.71 13.53
C GLU D 7 -24.31 24.76 15.01
N GLN D 8 -25.45 25.43 15.26
CA GLN D 8 -25.98 25.48 16.62
C GLN D 8 -26.45 24.12 16.99
N LEU D 9 -27.20 23.48 16.09
CA LEU D 9 -27.74 22.18 16.40
C LEU D 9 -26.62 21.15 16.58
N LEU D 10 -25.58 21.24 15.73
CA LEU D 10 -24.50 20.29 15.75
C LEU D 10 -23.79 20.40 17.12
N SER D 11 -23.59 21.62 17.62
CA SER D 11 -23.11 21.86 18.98
C SER D 11 -23.99 21.36 20.14
N GLU D 12 -25.28 21.15 19.89
CA GLU D 12 -26.19 20.80 20.98
C GLU D 12 -26.54 19.30 21.01
N LEU D 13 -26.35 18.59 19.89
CA LEU D 13 -26.66 17.15 19.87
C LEU D 13 -25.66 16.44 20.75
N ASN D 14 -26.12 15.42 21.48
CA ASN D 14 -25.19 14.58 22.24
C ASN D 14 -24.74 13.47 21.28
N GLN D 15 -23.80 12.64 21.69
CA GLN D 15 -23.25 11.67 20.75
C GLN D 15 -24.24 10.66 20.23
N ASP D 16 -25.15 10.21 21.09
CA ASP D 16 -26.18 9.25 20.71
C ASP D 16 -27.15 9.82 19.67
N GLU D 17 -27.52 11.10 19.82
CA GLU D 17 -28.42 11.77 18.86
C GLU D 17 -27.73 11.96 17.50
N LYS D 18 -26.45 12.33 17.53
CA LYS D 18 -25.62 12.37 16.30
C LYS D 18 -25.70 11.04 15.54
N ILE D 19 -25.40 9.94 16.22
CA ILE D 19 -25.43 8.65 15.57
C ILE D 19 -26.80 8.38 15.03
N SER D 20 -27.86 8.73 15.80
CA SER D 20 -29.25 8.46 15.36
C SER D 20 -29.60 9.21 14.05
N LEU D 21 -28.95 10.36 13.80
CA LEU D 21 -29.17 11.07 12.54
C LEU D 21 -28.50 10.37 11.32
N LEU D 22 -27.57 9.42 11.57
CA LEU D 22 -26.76 8.83 10.47
C LEU D 22 -27.41 7.69 9.75
N SER D 23 -28.58 7.29 10.21
CA SER D 23 -29.42 6.31 9.48
C SER D 23 -30.92 6.71 9.51
N ALA D 24 -31.68 6.18 8.56
CA ALA D 24 -33.09 6.42 8.47
C ALA D 24 -33.76 5.62 9.63
N VAL D 25 -34.93 6.05 10.08
CA VAL D 25 -35.77 5.26 10.99
C VAL D 25 -36.46 4.06 10.35
N ASP D 26 -36.92 4.22 9.15
CA ASP D 26 -37.60 3.18 8.43
C ASP D 26 -37.28 3.28 6.98
N PHE D 27 -38.08 2.63 6.15
CA PHE D 27 -37.88 2.67 4.73
C PHE D 27 -37.93 4.08 4.19
N TRP D 28 -38.68 4.99 4.79
CA TRP D 28 -38.90 6.26 4.12
C TRP D 28 -38.64 7.51 4.94
N HIS D 29 -38.26 7.40 6.20
CA HIS D 29 -38.10 8.65 7.03
C HIS D 29 -36.78 8.72 7.83
N THR D 30 -36.30 9.92 8.04
CA THR D 30 -35.16 10.14 8.90
C THR D 30 -35.62 10.37 10.37
N LYS D 31 -34.65 10.67 11.23
CA LYS D 31 -34.84 10.65 12.68
C LYS D 31 -35.35 11.99 13.19
N LYS D 32 -36.50 11.97 13.86
CA LYS D 32 -37.01 13.13 14.60
C LYS D 32 -36.17 13.32 15.87
N ILE D 33 -35.72 14.52 16.11
CA ILE D 33 -35.11 14.85 17.36
C ILE D 33 -35.93 16.04 17.96
N GLU D 34 -37.01 15.67 18.64
CA GLU D 34 -38.07 16.62 19.02
C GLU D 34 -37.53 17.73 19.89
N ARG D 35 -36.64 17.39 20.79
CA ARG D 35 -36.15 18.41 21.68
C ARG D 35 -35.37 19.51 20.99
N LEU D 36 -34.92 19.29 19.74
CA LEU D 36 -34.19 20.36 19.05
C LEU D 36 -34.97 20.90 17.86
N GLY D 37 -36.25 20.48 17.73
CA GLY D 37 -37.14 20.92 16.63
C GLY D 37 -36.65 20.36 15.29
N ILE D 38 -36.12 19.13 15.31
CA ILE D 38 -35.71 18.51 14.07
C ILE D 38 -36.73 17.48 13.73
N PRO D 39 -37.42 17.64 12.59
CA PRO D 39 -38.50 16.72 12.25
C PRO D 39 -38.01 15.53 11.44
N ALA D 40 -38.81 14.46 11.43
CA ALA D 40 -38.65 13.39 10.52
C ALA D 40 -38.91 13.91 9.10
N VAL D 41 -37.95 13.70 8.19
CA VAL D 41 -38.16 14.06 6.79
C VAL D 41 -38.55 12.79 6.05
N ARG D 42 -39.58 12.90 5.17
CA ARG D 42 -40.05 11.78 4.34
C ARG D 42 -39.43 11.89 2.95
N VAL D 43 -39.00 10.77 2.38
CA VAL D 43 -38.45 10.80 1.04
C VAL D 43 -39.30 9.81 0.34
N SER D 44 -39.42 9.94 -0.97
CA SER D 44 -40.18 9.00 -1.73
C SER D 44 -39.57 8.81 -3.10
N ASP D 45 -39.64 7.58 -3.61
CA ASP D 45 -39.44 7.30 -5.04
C ASP D 45 -40.53 8.03 -5.85
N GLY D 46 -40.28 8.42 -7.12
CA GLY D 46 -39.11 8.02 -7.90
C GLY D 46 -38.76 9.08 -8.96
N PRO D 47 -38.02 8.68 -10.02
CA PRO D 47 -37.67 9.65 -11.02
C PRO D 47 -38.84 9.99 -11.99
N ASN D 48 -39.92 9.22 -11.99
CA ASN D 48 -40.99 9.50 -12.96
C ASN D 48 -42.36 9.50 -12.27
N GLY D 49 -42.47 10.23 -11.17
CA GLY D 49 -43.69 10.21 -10.36
C GLY D 49 -43.45 9.67 -8.97
N ILE D 50 -44.33 10.01 -8.04
CA ILE D 50 -44.08 9.79 -6.63
C ILE D 50 -44.93 8.65 -6.06
N ARG D 51 -44.34 7.53 -5.73
CA ARG D 51 -45.01 6.39 -5.13
C ARG D 51 -45.59 6.55 -3.74
N GLY D 52 -44.96 7.31 -2.89
CA GLY D 52 -45.41 7.38 -1.52
C GLY D 52 -44.83 6.27 -0.71
N THR D 53 -45.39 6.02 0.46
CA THR D 53 -44.77 5.18 1.46
C THR D 53 -44.93 3.69 1.38
N LYS D 54 -45.59 3.19 0.36
CA LYS D 54 -45.77 1.76 0.24
C LYS D 54 -46.07 1.32 -1.16
N PHE D 55 -45.58 0.14 -1.50
CA PHE D 55 -45.88 -0.51 -2.78
C PHE D 55 -47.24 -1.24 -2.65
N PHE D 56 -47.36 -2.15 -1.69
CA PHE D 56 -48.61 -2.88 -1.52
C PHE D 56 -49.67 -1.97 -0.87
N ASP D 57 -50.82 -1.82 -1.56
CA ASP D 57 -51.96 -0.98 -1.11
C ASP D 57 -51.63 0.50 -1.14
N GLY D 58 -50.82 0.89 -2.13
CA GLY D 58 -50.35 2.27 -2.20
C GLY D 58 -51.38 3.22 -2.76
N VAL D 59 -51.25 4.48 -2.36
CA VAL D 59 -52.09 5.55 -2.73
C VAL D 59 -51.77 5.91 -4.17
N PRO D 60 -52.81 6.01 -5.01
CA PRO D 60 -52.65 6.25 -6.46
C PRO D 60 -51.92 7.57 -6.69
N SER D 61 -51.24 7.70 -7.84
CA SER D 61 -50.34 8.83 -8.10
C SER D 61 -50.22 9.18 -9.59
N GLY D 62 -49.62 10.33 -9.90
CA GLY D 62 -49.24 10.67 -11.26
C GLY D 62 -47.95 10.09 -11.81
N CYS D 63 -48.06 9.04 -12.60
CA CYS D 63 -46.93 8.48 -13.33
C CYS D 63 -46.60 9.29 -14.61
N PHE D 64 -45.32 9.72 -14.72
CA PHE D 64 -44.81 10.42 -15.89
C PHE D 64 -44.24 9.45 -16.86
N PRO D 65 -43.94 9.90 -18.07
CA PRO D 65 -43.22 9.00 -18.98
C PRO D 65 -41.81 8.69 -18.36
N ASN D 66 -41.22 7.56 -18.81
CA ASN D 66 -39.95 7.07 -18.27
C ASN D 66 -38.86 7.97 -18.78
N GLY D 67 -37.73 7.99 -18.05
CA GLY D 67 -36.56 8.79 -18.41
C GLY D 67 -36.11 8.87 -19.86
N THR D 68 -36.00 7.74 -20.55
CA THR D 68 -35.55 7.76 -21.92
C THR D 68 -36.50 8.51 -22.85
N GLY D 69 -37.80 8.44 -22.52
CA GLY D 69 -38.88 9.21 -23.10
C GLY D 69 -38.69 10.65 -22.73
N LEU D 70 -38.56 10.96 -21.44
CA LEU D 70 -38.40 12.37 -21.07
C LEU D 70 -37.23 13.03 -21.77
N ALA D 71 -36.08 12.34 -21.83
CA ALA D 71 -34.91 12.93 -22.50
C ALA D 71 -35.18 13.16 -23.99
N SER D 72 -36.00 12.30 -24.58
CA SER D 72 -36.28 12.37 -26.01
C SER D 72 -37.05 13.66 -26.37
N THR D 73 -37.68 14.35 -25.43
CA THR D 73 -38.28 15.66 -25.76
C THR D 73 -37.23 16.71 -26.15
N PHE D 74 -35.96 16.46 -25.78
CA PHE D 74 -34.89 17.47 -25.92
C PHE D 74 -35.36 18.85 -25.49
N ASP D 75 -36.22 18.90 -24.50
CA ASP D 75 -36.86 20.16 -24.11
C ASP D 75 -36.61 20.56 -22.63
N ARG D 76 -35.65 21.42 -22.39
CA ARG D 76 -35.29 21.80 -21.01
C ARG D 76 -36.43 22.47 -20.26
N ASP D 77 -37.15 23.38 -20.92
CA ASP D 77 -38.29 24.04 -20.29
C ASP D 77 -39.35 23.06 -19.91
N LEU D 78 -39.68 22.16 -20.82
CA LEU D 78 -40.72 21.22 -20.47
C LEU D 78 -40.28 20.31 -19.32
N LEU D 79 -39.00 19.89 -19.34
CA LEU D 79 -38.47 18.99 -18.31
C LEU D 79 -38.45 19.71 -16.96
N GLU D 80 -38.14 21.01 -17.00
CA GLU D 80 -38.19 21.80 -15.79
C GLU D 80 -39.65 21.88 -15.30
N THR D 81 -40.58 22.06 -16.22
CA THR D 81 -42.02 21.99 -15.89
C THR D 81 -42.41 20.59 -15.37
N ALA D 82 -41.80 19.53 -15.89
CA ALA D 82 -42.08 18.19 -15.35
C ALA D 82 -41.63 18.11 -13.84
N GLY D 83 -40.50 18.71 -13.53
CA GLY D 83 -39.96 18.70 -12.18
C GLY D 83 -40.90 19.39 -11.23
N LYS D 84 -41.45 20.55 -11.64
CA LYS D 84 -42.50 21.28 -10.84
C LYS D 84 -43.73 20.44 -10.59
N LEU D 85 -44.22 19.78 -11.59
CA LEU D 85 -45.36 18.91 -11.38
C LEU D 85 -45.03 17.74 -10.42
N MSE D 86 -43.81 17.22 -10.52
CA MSE D 86 -43.34 16.16 -9.62
C MSE D 86 -43.31 16.63 -8.15
O MSE D 86 -43.70 15.90 -7.25
CB MSE D 86 -41.95 15.67 -10.06
CG MSE D 86 -41.97 14.84 -11.31
SE MSE D 86 -40.06 14.56 -11.99
CE MSE D 86 -40.46 13.48 -13.60
N ALA D 87 -42.84 17.85 -7.95
CA ALA D 87 -42.83 18.44 -6.64
C ALA D 87 -44.29 18.52 -6.10
N LYS D 88 -45.22 18.98 -6.93
CA LYS D 88 -46.60 19.16 -6.46
C LYS D 88 -47.17 17.79 -6.09
N GLU D 89 -46.88 16.79 -6.93
CA GLU D 89 -47.20 15.39 -6.62
C GLU D 89 -46.63 14.91 -5.31
N SER D 90 -45.39 15.34 -5.05
CA SER D 90 -44.66 14.90 -3.89
C SER D 90 -45.29 15.55 -2.62
N ILE D 91 -45.63 16.83 -2.72
CA ILE D 91 -46.41 17.54 -1.69
C ILE D 91 -47.73 16.79 -1.39
N ALA D 92 -48.45 16.35 -2.40
CA ALA D 92 -49.66 15.55 -2.14
C ALA D 92 -49.43 14.25 -1.36
N LYS D 93 -48.20 13.69 -1.44
CA LYS D 93 -47.83 12.52 -0.63
C LYS D 93 -47.12 12.89 0.67
N ASN D 94 -47.01 14.20 0.93
CA ASN D 94 -46.24 14.75 2.05
C ASN D 94 -44.83 14.18 2.14
N ALA D 95 -44.19 14.03 0.98
CA ALA D 95 -42.75 13.78 0.82
C ALA D 95 -41.99 15.03 0.43
N ALA D 96 -40.98 15.35 1.25
CA ALA D 96 -40.28 16.57 1.17
C ALA D 96 -39.06 16.39 0.27
N VAL D 97 -38.77 15.14 -0.09
CA VAL D 97 -37.54 14.81 -0.85
C VAL D 97 -37.86 13.76 -1.86
N ILE D 98 -37.52 14.00 -3.11
CA ILE D 98 -37.83 12.99 -4.12
C ILE D 98 -36.57 12.18 -4.44
N LEU D 99 -36.69 10.84 -4.60
CA LEU D 99 -35.51 10.05 -4.94
C LEU D 99 -35.39 9.91 -6.44
N GLY D 100 -34.96 10.99 -7.07
CA GLY D 100 -34.76 10.99 -8.50
C GLY D 100 -34.30 12.40 -8.79
N PRO D 101 -33.87 12.68 -10.03
CA PRO D 101 -33.82 11.87 -11.24
C PRO D 101 -32.76 10.75 -11.19
N THR D 102 -32.92 9.78 -12.08
CA THR D 102 -31.97 8.72 -12.30
C THR D 102 -31.13 9.07 -13.55
N THR D 103 -29.80 8.91 -13.45
CA THR D 103 -28.94 9.22 -14.59
C THR D 103 -27.70 8.34 -14.71
N ASN D 104 -27.86 7.04 -14.52
CA ASN D 104 -26.86 6.11 -14.98
C ASN D 104 -26.94 6.02 -16.51
N MSE D 105 -26.11 5.21 -17.15
CA MSE D 105 -25.86 5.42 -18.56
C MSE D 105 -26.03 4.13 -19.31
O MSE D 105 -25.49 3.10 -18.91
CB MSE D 105 -24.45 5.95 -18.80
CG MSE D 105 -24.10 7.25 -18.03
SE MSE D 105 -25.33 8.77 -18.55
CE MSE D 105 -24.58 9.30 -20.28
N GLN D 106 -26.74 4.18 -20.42
CA GLN D 106 -27.02 2.99 -21.17
C GLN D 106 -25.80 2.69 -22.04
N ARG D 107 -24.71 2.22 -21.43
CA ARG D 107 -23.52 1.86 -22.20
C ARG D 107 -23.81 0.71 -23.18
N GLY D 108 -24.73 -0.15 -22.79
CA GLY D 108 -25.35 -1.15 -23.63
C GLY D 108 -26.88 -1.03 -23.50
N PRO D 109 -27.62 -1.60 -24.46
CA PRO D 109 -29.10 -1.53 -24.48
C PRO D 109 -29.83 -2.37 -23.46
N LEU D 110 -29.20 -3.37 -22.87
CA LEU D 110 -29.96 -4.40 -22.14
C LEU D 110 -30.19 -4.14 -20.63
N GLY D 111 -29.82 -2.95 -20.16
CA GLY D 111 -29.86 -2.71 -18.72
C GLY D 111 -31.25 -2.77 -18.19
N GLY D 112 -31.43 -3.55 -17.13
CA GLY D 112 -32.71 -3.59 -16.49
C GLY D 112 -33.31 -2.21 -16.21
N ARG D 113 -32.47 -1.21 -15.90
CA ARG D 113 -33.02 0.14 -15.56
C ARG D 113 -32.64 1.12 -16.61
N GLY D 114 -32.30 0.59 -17.77
CA GLY D 114 -32.04 1.49 -18.88
C GLY D 114 -33.18 2.46 -19.17
N PHE D 115 -34.42 1.97 -19.08
CA PHE D 115 -35.65 2.81 -19.27
C PHE D 115 -35.67 4.00 -18.33
N GLU D 116 -35.03 3.84 -17.14
CA GLU D 116 -35.26 4.74 -16.03
C GLU D 116 -34.42 5.99 -16.06
N SER D 117 -33.24 5.90 -16.68
CA SER D 117 -32.30 7.02 -16.79
C SER D 117 -32.62 7.83 -18.05
N PHE D 118 -31.80 8.81 -18.41
CA PHE D 118 -32.11 9.72 -19.55
C PHE D 118 -31.50 9.35 -20.87
N SER D 119 -30.17 9.22 -20.92
CA SER D 119 -29.50 9.13 -22.18
C SER D 119 -28.10 8.55 -22.12
N GLU D 120 -27.71 7.91 -23.22
CA GLU D 120 -26.38 7.44 -23.42
C GLU D 120 -25.47 8.65 -23.67
N ASP D 121 -26.05 9.84 -23.88
CA ASP D 121 -25.19 11.02 -24.04
C ASP D 121 -25.08 11.77 -22.74
N PRO D 122 -23.84 12.03 -22.32
CA PRO D 122 -23.81 12.66 -21.01
C PRO D 122 -24.27 14.09 -21.02
N TYR D 123 -24.17 14.78 -22.16
CA TYR D 123 -24.62 16.19 -22.17
C TYR D 123 -26.13 16.20 -22.03
N LEU D 124 -26.82 15.40 -22.84
CA LEU D 124 -28.26 15.34 -22.70
C LEU D 124 -28.68 14.82 -21.31
N ALA D 125 -28.02 13.74 -20.84
CA ALA D 125 -28.31 13.20 -19.50
C ALA D 125 -28.14 14.30 -18.44
N GLY D 126 -27.05 15.05 -18.53
CA GLY D 126 -26.81 16.13 -17.55
C GLY D 126 -27.87 17.27 -17.60
N MSE D 127 -28.21 17.69 -18.81
CA MSE D 127 -29.10 18.86 -18.97
C MSE D 127 -30.54 18.48 -18.58
O MSE D 127 -31.20 19.26 -17.92
CB MSE D 127 -28.99 19.48 -20.37
CG MSE D 127 -27.64 20.13 -20.66
SE MSE D 127 -26.90 21.26 -19.20
CE MSE D 127 -25.05 21.00 -19.22
N ALA D 128 -30.95 17.24 -18.91
CA ALA D 128 -32.22 16.68 -18.44
C ALA D 128 -32.28 16.59 -16.90
N THR D 129 -31.31 15.87 -16.30
CA THR D 129 -31.16 15.87 -14.85
C THR D 129 -31.31 17.26 -14.28
N SER D 130 -30.53 18.17 -14.79
CA SER D 130 -30.45 19.51 -14.24
C SER D 130 -31.79 20.29 -14.33
N SER D 131 -32.46 20.17 -15.48
CA SER D 131 -33.79 20.75 -15.70
C SER D 131 -34.81 20.19 -14.72
N VAL D 132 -34.82 18.85 -14.60
CA VAL D 132 -35.81 18.22 -13.73
C VAL D 132 -35.53 18.67 -12.28
N VAL D 133 -34.25 18.73 -11.87
CA VAL D 133 -33.91 19.14 -10.49
C VAL D 133 -34.33 20.59 -10.19
N LYS D 134 -33.97 21.53 -11.05
CA LYS D 134 -34.49 22.92 -10.92
C LYS D 134 -36.04 23.00 -10.79
N GLY D 135 -36.75 22.15 -11.51
CA GLY D 135 -38.20 22.14 -11.44
C GLY D 135 -38.63 21.80 -10.02
N MSE D 136 -38.12 20.70 -9.52
CA MSE D 136 -38.47 20.20 -8.22
C MSE D 136 -38.07 21.18 -7.14
O MSE D 136 -38.89 21.49 -6.24
CB MSE D 136 -37.71 18.91 -7.98
CG MSE D 136 -38.06 17.80 -8.90
SE MSE D 136 -36.72 16.28 -8.45
CE MSE D 136 -37.62 14.81 -9.22
N GLN D 137 -36.85 21.65 -7.20
CA GLN D 137 -36.28 22.47 -6.08
C GLN D 137 -36.72 23.93 -6.08
N GLY D 138 -37.22 24.39 -7.22
CA GLY D 138 -37.84 25.72 -7.32
C GLY D 138 -39.17 25.81 -6.57
N GLU D 139 -39.86 24.68 -6.44
CA GLU D 139 -41.05 24.47 -5.58
C GLU D 139 -40.74 24.08 -4.10
N GLY D 140 -39.45 23.98 -3.75
CA GLY D 140 -39.01 23.69 -2.36
C GLY D 140 -38.98 22.22 -1.98
N ILE D 141 -38.96 21.34 -2.97
CA ILE D 141 -38.85 19.92 -2.75
C ILE D 141 -37.43 19.51 -3.23
N ALA D 142 -36.71 18.75 -2.40
CA ALA D 142 -35.28 18.38 -2.58
C ALA D 142 -35.20 17.31 -3.60
N ALA D 143 -34.27 17.41 -4.54
CA ALA D 143 -33.96 16.32 -5.47
C ALA D 143 -32.88 15.32 -4.93
N THR D 144 -32.90 14.07 -5.40
CA THR D 144 -31.84 13.10 -5.12
C THR D 144 -31.40 12.48 -6.42
N VAL D 145 -30.32 13.02 -7.01
CA VAL D 145 -29.81 12.49 -8.23
C VAL D 145 -29.13 11.17 -7.90
N LYS D 146 -29.41 10.10 -8.69
CA LYS D 146 -28.95 8.76 -8.37
C LYS D 146 -28.58 8.02 -9.67
N HIS D 147 -27.79 6.95 -9.63
CA HIS D 147 -27.09 6.41 -8.49
C HIS D 147 -25.59 6.63 -8.76
N PHE D 148 -24.93 7.29 -7.80
CA PHE D 148 -23.55 7.72 -7.98
C PHE D 148 -22.65 6.51 -7.59
N VAL D 149 -22.02 5.78 -8.51
CA VAL D 149 -21.96 6.07 -9.96
C VAL D 149 -21.64 4.72 -10.62
N CYS D 150 -21.87 4.62 -11.92
CA CYS D 150 -21.54 3.40 -12.65
C CYS D 150 -22.43 2.21 -12.27
N ASN D 151 -23.67 2.49 -11.86
CA ASN D 151 -24.69 1.41 -11.68
C ASN D 151 -25.41 1.21 -13.02
N ASP D 152 -24.68 0.72 -14.00
CA ASP D 152 -25.13 0.72 -15.40
C ASP D 152 -25.65 -0.63 -15.90
N LEU D 153 -25.80 -1.59 -14.98
CA LEU D 153 -26.57 -2.83 -15.23
C LEU D 153 -27.02 -3.37 -13.91
N GLU D 154 -27.91 -4.37 -13.90
CA GLU D 154 -28.55 -4.85 -12.65
C GLU D 154 -27.90 -6.13 -12.14
N ASP D 155 -27.26 -6.88 -13.00
CA ASP D 155 -26.76 -8.22 -12.63
C ASP D 155 -25.79 -8.10 -11.45
N GLN D 156 -26.19 -8.62 -10.30
CA GLN D 156 -25.30 -8.77 -9.14
C GLN D 156 -24.86 -7.36 -8.64
N ARG D 157 -25.77 -6.40 -8.75
CA ARG D 157 -25.43 -5.01 -8.54
C ARG D 157 -24.91 -4.74 -7.15
N PHE D 158 -25.25 -5.54 -6.16
CA PHE D 158 -24.68 -5.31 -4.81
C PHE D 158 -23.17 -5.58 -4.70
N SER D 159 -22.63 -6.39 -5.61
CA SER D 159 -21.20 -6.74 -5.54
C SER D 159 -20.47 -6.40 -6.82
N SER D 160 -21.21 -6.03 -7.89
CA SER D 160 -20.62 -5.78 -9.20
C SER D 160 -19.53 -4.68 -9.21
N ASN D 161 -18.38 -5.01 -9.76
CA ASN D 161 -17.25 -4.09 -9.78
C ASN D 161 -17.14 -3.47 -11.16
N SER D 162 -17.59 -2.21 -11.33
CA SER D 162 -17.44 -1.51 -12.59
C SER D 162 -15.97 -1.07 -12.74
N ILE D 163 -15.28 -1.68 -13.71
CA ILE D 163 -13.85 -1.42 -13.92
C ILE D 163 -13.77 -0.48 -15.09
N VAL D 164 -13.36 0.76 -14.89
CA VAL D 164 -13.53 1.77 -15.93
C VAL D 164 -12.38 2.75 -15.81
N SER D 165 -11.81 3.20 -16.94
CA SER D 165 -10.66 4.11 -16.91
C SER D 165 -11.13 5.46 -16.33
N GLU D 166 -10.20 6.23 -15.82
CA GLU D 166 -10.55 7.52 -15.29
C GLU D 166 -11.14 8.41 -16.39
N ARG D 167 -10.61 8.31 -17.60
CA ARG D 167 -11.17 9.17 -18.66
C ARG D 167 -12.65 8.87 -18.95
N ALA D 168 -13.00 7.58 -19.11
CA ALA D 168 -14.42 7.21 -19.27
C ALA D 168 -15.29 7.58 -18.05
N LEU D 169 -14.72 7.30 -16.86
CA LEU D 169 -15.45 7.65 -15.64
C LEU D 169 -15.78 9.14 -15.66
N ARG D 170 -14.78 9.98 -15.96
CA ARG D 170 -15.02 11.41 -16.03
C ARG D 170 -15.96 11.88 -17.16
N GLU D 171 -15.78 11.36 -18.39
CA GLU D 171 -16.44 11.97 -19.61
C GLU D 171 -17.86 11.44 -19.80
N ILE D 172 -18.07 10.20 -19.37
CA ILE D 172 -19.37 9.58 -19.53
C ILE D 172 -20.15 9.50 -18.22
N TYR D 173 -19.60 8.85 -17.16
CA TYR D 173 -20.45 8.45 -16.03
C TYR D 173 -20.58 9.53 -14.96
N LEU D 174 -19.49 10.21 -14.62
CA LEU D 174 -19.57 11.32 -13.66
C LEU D 174 -20.20 12.57 -14.27
N GLU D 175 -20.10 12.69 -15.60
CA GLU D 175 -20.39 13.94 -16.27
C GLU D 175 -21.82 14.49 -16.02
N PRO D 176 -22.85 13.65 -16.14
CA PRO D 176 -24.22 14.20 -15.88
C PRO D 176 -24.42 14.68 -14.43
N PHE D 177 -23.73 14.03 -13.48
CA PHE D 177 -23.64 14.55 -12.09
C PHE D 177 -22.91 15.86 -12.03
N ARG D 178 -21.77 15.97 -12.70
CA ARG D 178 -21.03 17.23 -12.73
C ARG D 178 -21.98 18.36 -13.21
N LEU D 179 -22.72 18.09 -14.30
CA LEU D 179 -23.54 19.13 -14.94
C LEU D 179 -24.72 19.44 -14.01
N ALA D 180 -25.37 18.44 -13.43
CA ALA D 180 -26.40 18.68 -12.43
C ALA D 180 -25.92 19.50 -11.22
N VAL D 181 -24.75 19.18 -10.70
CA VAL D 181 -24.27 19.92 -9.54
C VAL D 181 -23.99 21.35 -9.95
N LYS D 182 -23.38 21.52 -11.13
CA LYS D 182 -22.98 22.85 -11.59
C LYS D 182 -24.18 23.79 -11.87
N HIS D 183 -25.24 23.25 -12.42
CA HIS D 183 -26.33 24.09 -12.86
C HIS D 183 -27.52 24.03 -11.93
N ALA D 184 -27.69 22.95 -11.15
CA ALA D 184 -28.91 22.71 -10.41
C ALA D 184 -28.73 22.55 -8.89
N ASN D 185 -27.49 22.25 -8.46
CA ASN D 185 -27.19 22.02 -7.03
C ASN D 185 -28.21 21.10 -6.33
N PRO D 186 -28.30 19.84 -6.73
CA PRO D 186 -29.25 19.01 -5.99
C PRO D 186 -28.97 18.96 -4.50
N VAL D 187 -30.05 18.89 -3.70
CA VAL D 187 -29.96 18.84 -2.26
C VAL D 187 -29.29 17.53 -1.79
N CYS D 188 -29.68 16.43 -2.43
CA CYS D 188 -29.10 15.13 -2.20
C CYS D 188 -28.61 14.43 -3.45
N ILE D 189 -27.75 13.42 -3.19
CA ILE D 189 -27.33 12.42 -4.14
C ILE D 189 -27.42 11.04 -3.46
N MSE D 190 -27.83 10.00 -4.18
CA MSE D 190 -27.85 8.68 -3.70
C MSE D 190 -26.66 7.91 -4.34
O MSE D 190 -26.49 7.90 -5.57
CB MSE D 190 -29.14 7.98 -4.12
CG MSE D 190 -29.41 6.69 -3.36
SE MSE D 190 -30.90 5.68 -4.07
CE MSE D 190 -32.24 7.06 -3.45
N THR D 191 -25.89 7.21 -3.48
CA THR D 191 -24.77 6.35 -3.93
C THR D 191 -25.34 5.08 -4.52
N ALA D 192 -24.59 4.46 -5.43
CA ALA D 192 -24.93 3.26 -6.16
C ALA D 192 -24.72 2.03 -5.28
N TYR D 193 -25.29 0.90 -5.70
CA TYR D 193 -25.01 -0.36 -5.00
C TYR D 193 -23.62 -0.89 -5.28
N ASN D 194 -23.11 -0.63 -6.48
CA ASN D 194 -21.98 -1.35 -7.00
C ASN D 194 -20.62 -0.82 -6.52
N LYS D 195 -19.56 -1.43 -7.02
CA LYS D 195 -18.19 -0.93 -6.81
C LYS D 195 -17.75 -0.17 -8.03
N VAL D 196 -16.74 0.68 -7.85
CA VAL D 196 -16.05 1.31 -8.97
C VAL D 196 -14.56 1.05 -8.72
N ASN D 197 -13.91 0.40 -9.67
CA ASN D 197 -12.52 0.03 -9.58
C ASN D 197 -12.19 -0.55 -8.22
N GLY D 198 -13.08 -1.41 -7.74
CA GLY D 198 -12.76 -2.24 -6.61
C GLY D 198 -13.31 -1.75 -5.27
N GLU D 199 -13.92 -0.58 -5.23
CA GLU D 199 -14.42 -0.07 -3.96
C GLU D 199 -15.91 0.24 -4.11
N HIS D 200 -16.72 -0.22 -3.17
CA HIS D 200 -18.14 0.13 -3.10
C HIS D 200 -18.24 1.64 -3.10
N CYS D 201 -19.06 2.15 -4.03
CA CYS D 201 -19.34 3.62 -4.10
C CYS D 201 -19.70 4.18 -2.77
N SER D 202 -20.46 3.46 -1.95
CA SER D 202 -20.94 4.02 -0.68
C SER D 202 -19.86 4.15 0.40
N GLN D 203 -18.62 3.75 0.12
CA GLN D 203 -17.51 4.02 1.05
C GLN D 203 -16.27 4.45 0.30
N SER D 204 -16.48 5.07 -0.84
CA SER D 204 -15.37 5.48 -1.69
C SER D 204 -14.92 6.88 -1.40
N LYS D 205 -13.80 7.04 -0.69
CA LYS D 205 -13.33 8.42 -0.40
C LYS D 205 -13.13 9.22 -1.72
N LYS D 206 -12.54 8.54 -2.71
CA LYS D 206 -12.37 9.18 -4.04
C LYS D 206 -13.64 9.81 -4.57
N LEU D 207 -14.72 9.04 -4.60
CA LEU D 207 -15.96 9.54 -5.19
C LEU D 207 -16.66 10.53 -4.24
N LEU D 208 -16.81 10.15 -2.98
CA LEU D 208 -17.72 10.81 -2.06
C LEU D 208 -17.08 12.03 -1.41
N ILE D 209 -15.76 12.05 -1.28
CA ILE D 209 -15.05 13.23 -0.75
C ILE D 209 -14.16 13.93 -1.79
N ASP D 210 -13.15 13.23 -2.34
CA ASP D 210 -12.16 13.91 -3.21
C ASP D 210 -12.83 14.62 -4.41
N ILE D 211 -13.78 13.95 -5.05
CA ILE D 211 -14.50 14.51 -6.18
C ILE D 211 -15.71 15.33 -5.72
N LEU D 212 -16.69 14.71 -5.03
CA LEU D 212 -17.90 15.49 -4.65
C LEU D 212 -17.62 16.76 -3.84
N ARG D 213 -16.73 16.63 -2.84
CA ARG D 213 -16.49 17.72 -1.87
C ARG D 213 -15.28 18.56 -2.23
N ASP D 214 -14.10 17.95 -2.28
CA ASP D 214 -12.87 18.72 -2.48
C ASP D 214 -12.81 19.38 -3.84
N GLU D 215 -13.23 18.68 -4.91
CA GLU D 215 -13.03 19.23 -6.24
C GLU D 215 -14.28 20.00 -6.70
N TRP D 216 -15.45 19.42 -6.57
CA TRP D 216 -16.68 20.12 -7.05
C TRP D 216 -17.25 21.12 -6.03
N LYS D 217 -16.86 20.96 -4.76
CA LYS D 217 -17.44 21.75 -3.65
C LYS D 217 -18.93 21.61 -3.52
N TRP D 218 -19.53 20.50 -3.94
CA TRP D 218 -20.93 20.32 -3.68
C TRP D 218 -21.14 20.10 -2.17
N ASP D 219 -22.25 20.57 -1.66
CA ASP D 219 -22.47 20.62 -0.21
C ASP D 219 -23.80 19.98 0.14
N GLY D 220 -24.28 19.09 -0.70
CA GLY D 220 -25.51 18.40 -0.34
C GLY D 220 -25.26 17.18 0.56
N MSE D 221 -26.28 16.34 0.65
CA MSE D 221 -26.22 15.16 1.51
C MSE D 221 -26.21 13.88 0.68
O MSE D 221 -27.04 13.72 -0.24
CB MSE D 221 -27.46 15.11 2.47
CG MSE D 221 -27.45 13.92 3.39
SE MSE D 221 -29.19 13.64 4.29
CE MSE D 221 -30.12 12.74 2.80
N LEU D 222 -25.28 12.96 1.01
CA LEU D 222 -25.26 11.66 0.35
C LEU D 222 -26.02 10.60 1.13
N MSE D 223 -26.89 9.83 0.46
CA MSE D 223 -27.58 8.77 1.09
C MSE D 223 -27.22 7.51 0.32
O MSE D 223 -26.96 7.54 -0.91
CB MSE D 223 -29.10 8.97 1.03
CG MSE D 223 -29.74 8.76 -0.36
SE MSE D 223 -31.74 9.12 -0.16
CE MSE D 223 -31.56 10.97 0.14
N SER D 224 -27.23 6.39 1.02
CA SER D 224 -26.99 5.15 0.32
C SER D 224 -28.24 4.75 -0.45
N ASP D 225 -28.06 3.90 -1.44
CA ASP D 225 -29.19 3.17 -1.98
C ASP D 225 -29.60 2.21 -0.87
N TRP D 226 -30.76 1.57 -1.02
CA TRP D 226 -31.38 0.90 0.14
C TRP D 226 -30.67 -0.41 0.48
N PHE D 227 -30.12 -0.50 1.69
CA PHE D 227 -29.25 -1.63 2.10
C PHE D 227 -27.83 -1.55 1.46
N GLY D 228 -27.60 -0.48 0.70
CA GLY D 228 -26.33 -0.41 -0.01
C GLY D 228 -25.21 0.22 0.83
N THR D 229 -25.14 -0.13 2.11
CA THR D 229 -24.00 0.25 3.01
C THR D 229 -23.30 -1.08 3.33
N TYR D 230 -21.96 -1.09 3.39
CA TYR D 230 -21.29 -2.36 3.50
C TYR D 230 -20.26 -2.44 4.62
N THR D 231 -20.06 -1.33 5.38
CA THR D 231 -19.21 -1.32 6.57
C THR D 231 -19.80 -0.32 7.56
N THR D 232 -19.31 -0.35 8.80
CA THR D 232 -19.70 0.63 9.80
C THR D 232 -18.73 1.79 9.66
N ALA D 233 -17.44 1.55 9.90
CA ALA D 233 -16.53 2.72 10.00
C ALA D 233 -16.08 3.28 8.64
N ALA D 234 -15.71 2.44 7.64
CA ALA D 234 -15.19 3.02 6.37
C ALA D 234 -16.26 3.91 5.67
N ALA D 235 -17.52 3.46 5.66
CA ALA D 235 -18.62 4.35 5.12
C ALA D 235 -18.76 5.69 5.83
N ILE D 236 -18.67 5.69 7.16
CA ILE D 236 -18.63 6.98 7.92
C ILE D 236 -17.37 7.83 7.64
N LYS D 237 -16.18 7.21 7.70
CA LYS D 237 -14.94 7.94 7.39
C LYS D 237 -14.90 8.52 5.95
N ASN D 238 -15.43 7.75 4.97
CA ASN D 238 -15.22 8.03 3.57
C ASN D 238 -16.33 8.86 2.90
N GLY D 239 -17.35 9.25 3.67
CA GLY D 239 -18.25 10.33 3.21
C GLY D 239 -19.76 10.02 3.01
N LEU D 240 -20.24 8.83 3.40
CA LEU D 240 -21.66 8.43 3.26
C LEU D 240 -22.45 9.01 4.46
N ASP D 241 -23.17 10.09 4.19
CA ASP D 241 -23.83 10.82 5.28
C ASP D 241 -24.93 10.02 5.97
N ILE D 242 -25.78 9.33 5.21
CA ILE D 242 -26.88 8.60 5.86
C ILE D 242 -27.15 7.26 5.19
N GLU D 243 -27.42 6.28 6.03
CA GLU D 243 -27.74 4.91 5.65
C GLU D 243 -29.26 4.73 5.58
N PHE D 244 -29.78 4.14 4.47
CA PHE D 244 -31.20 3.80 4.36
C PHE D 244 -31.28 2.37 3.95
N PRO D 245 -32.41 1.70 4.28
CA PRO D 245 -33.48 2.12 5.17
C PRO D 245 -33.10 1.90 6.63
N GLY D 246 -34.00 2.33 7.54
CA GLY D 246 -33.97 1.89 8.91
C GLY D 246 -34.77 0.62 9.04
N PRO D 247 -34.62 -0.09 10.16
CA PRO D 247 -33.72 0.21 11.23
C PRO D 247 -32.27 -0.11 10.78
N THR D 248 -31.36 0.74 11.22
CA THR D 248 -29.94 0.66 10.89
C THR D 248 -29.35 -0.73 11.10
N ARG D 249 -28.64 -1.27 10.09
CA ARG D 249 -27.72 -2.40 10.28
C ARG D 249 -26.30 -1.98 10.72
N TRP D 250 -25.71 -1.01 9.99
CA TRP D 250 -24.27 -0.74 10.11
C TRP D 250 -23.93 0.34 11.11
N ARG D 251 -24.97 1.02 11.59
CA ARG D 251 -24.76 2.23 12.35
C ARG D 251 -25.58 2.31 13.65
N THR D 252 -25.73 1.15 14.32
CA THR D 252 -26.34 1.19 15.69
C THR D 252 -25.43 2.00 16.61
N ARG D 253 -26.01 2.53 17.68
CA ARG D 253 -25.25 3.29 18.64
C ARG D 253 -24.06 2.44 19.17
N ALA D 254 -24.25 1.14 19.32
CA ALA D 254 -23.16 0.30 19.84
C ALA D 254 -21.99 0.18 18.81
N LEU D 255 -22.34 -0.05 17.54
CA LEU D 255 -21.27 -0.27 16.53
C LEU D 255 -20.44 1.01 16.35
N VAL D 256 -21.13 2.15 16.30
CA VAL D 256 -20.49 3.43 16.09
C VAL D 256 -19.68 3.90 17.31
N SER D 257 -20.28 3.88 18.49
CA SER D 257 -19.59 4.36 19.66
C SER D 257 -18.47 3.39 20.08
N HIS D 258 -18.65 2.10 19.87
CA HIS D 258 -17.57 1.17 20.10
C HIS D 258 -16.39 1.41 19.12
N SER D 259 -16.67 1.61 17.83
CA SER D 259 -15.62 2.00 16.87
C SER D 259 -14.84 3.24 17.35
N LEU D 260 -15.59 4.29 17.78
CA LEU D 260 -14.98 5.54 18.25
C LEU D 260 -14.10 5.32 19.49
N ASN D 261 -14.68 4.64 20.49
CA ASN D 261 -13.99 4.47 21.76
C ASN D 261 -12.77 3.52 21.70
N SER D 262 -12.74 2.65 20.70
CA SER D 262 -11.64 1.70 20.49
C SER D 262 -10.62 2.21 19.45
N ARG D 263 -10.78 3.46 18.98
CA ARG D 263 -9.90 4.06 17.95
C ARG D 263 -9.81 3.09 16.80
N GLU D 264 -10.95 2.54 16.43
CA GLU D 264 -11.02 1.80 15.20
C GLU D 264 -11.54 2.65 14.04
N GLN D 265 -10.63 3.08 13.19
CA GLN D 265 -10.94 3.76 11.92
C GLN D 265 -11.48 5.21 11.96
N ILE D 266 -12.56 5.45 12.69
CA ILE D 266 -13.22 6.75 12.74
C ILE D 266 -13.00 7.57 14.01
N THR D 267 -13.14 8.88 13.91
CA THR D 267 -13.04 9.77 15.03
C THR D 267 -14.38 10.52 15.15
N THR D 268 -14.55 11.26 16.23
CA THR D 268 -15.79 12.01 16.41
C THR D 268 -15.90 13.05 15.31
N GLU D 269 -14.76 13.53 14.83
CA GLU D 269 -14.77 14.51 13.71
C GLU D 269 -15.43 13.94 12.42
N ASP D 270 -15.16 12.69 12.10
CA ASP D 270 -15.81 12.03 10.97
C ASP D 270 -17.34 11.98 11.19
N VAL D 271 -17.73 11.63 12.39
CA VAL D 271 -19.18 11.49 12.69
C VAL D 271 -19.84 12.88 12.55
N ASP D 272 -19.24 13.91 13.20
CA ASP D 272 -19.67 15.29 13.03
C ASP D 272 -19.75 15.73 11.58
N ASP D 273 -18.80 15.27 10.71
CA ASP D 273 -18.87 15.70 9.33
C ASP D 273 -20.05 15.11 8.63
N ARG D 274 -20.38 13.86 8.89
CA ARG D 274 -21.58 13.26 8.30
C ARG D 274 -22.90 13.95 8.83
N VAL D 275 -22.98 14.14 10.16
CA VAL D 275 -24.16 14.73 10.82
C VAL D 275 -24.39 16.11 10.24
N ARG D 276 -23.36 16.96 10.23
CA ARG D 276 -23.48 18.26 9.58
C ARG D 276 -24.21 18.24 8.20
N GLN D 277 -24.01 17.20 7.37
CA GLN D 277 -24.52 17.26 6.00
C GLN D 277 -25.98 16.85 6.06
N VAL D 278 -26.29 15.94 6.98
CA VAL D 278 -27.67 15.56 7.22
C VAL D 278 -28.42 16.81 7.68
N LEU D 279 -27.82 17.62 8.56
CA LEU D 279 -28.50 18.76 9.13
C LEU D 279 -28.83 19.78 8.03
N LYS D 280 -27.89 19.94 7.10
CA LYS D 280 -28.04 20.82 5.94
C LYS D 280 -29.20 20.40 5.07
N MSE D 281 -29.37 19.09 4.81
CA MSE D 281 -30.54 18.59 4.11
C MSE D 281 -31.84 18.91 4.91
O MSE D 281 -32.78 19.56 4.38
CB MSE D 281 -30.43 17.10 3.86
CG MSE D 281 -31.59 16.52 3.09
SE MSE D 281 -33.24 16.24 4.23
CE MSE D 281 -32.78 14.54 5.15
N ILE D 282 -31.85 18.56 6.20
CA ILE D 282 -32.98 18.94 7.05
C ILE D 282 -33.32 20.44 6.99
N LYS D 283 -32.32 21.32 7.06
CA LYS D 283 -32.49 22.76 6.97
C LYS D 283 -33.16 23.21 5.65
N PHE D 284 -32.84 22.52 4.56
CA PHE D 284 -33.49 22.82 3.33
C PHE D 284 -34.97 22.51 3.47
N VAL D 285 -35.30 21.39 4.08
CA VAL D 285 -36.67 20.98 4.15
C VAL D 285 -37.46 21.93 5.09
N VAL D 286 -36.80 22.33 6.20
CA VAL D 286 -37.42 23.12 7.26
C VAL D 286 -37.67 24.51 6.74
N ASP D 287 -36.66 25.11 6.11
CA ASP D 287 -36.77 26.49 5.58
C ASP D 287 -37.77 26.61 4.39
N ASN D 288 -38.27 25.47 3.91
CA ASN D 288 -39.21 25.46 2.79
C ASN D 288 -40.61 24.98 3.23
N LEU D 289 -40.78 24.73 4.52
CA LEU D 289 -42.03 24.13 5.00
C LEU D 289 -43.25 25.07 4.82
N GLU D 290 -43.00 26.37 4.92
CA GLU D 290 -44.04 27.36 4.72
C GLU D 290 -44.51 27.32 3.29
N LYS D 291 -43.55 27.35 2.36
CA LYS D 291 -43.82 27.26 0.94
C LYS D 291 -44.48 25.93 0.53
N THR D 292 -44.02 24.81 1.09
CA THR D 292 -44.49 23.54 0.58
C THR D 292 -45.69 23.04 1.33
N GLY D 293 -45.79 23.44 2.58
CA GLY D 293 -46.87 23.01 3.47
C GLY D 293 -46.81 21.53 3.85
N ILE D 294 -45.62 20.93 3.69
CA ILE D 294 -45.42 19.52 4.07
C ILE D 294 -45.63 19.37 5.56
N VAL D 295 -46.28 18.29 5.92
CA VAL D 295 -46.65 17.99 7.27
C VAL D 295 -45.88 16.75 7.76
N GLU D 296 -45.18 16.87 8.88
CA GLU D 296 -44.35 15.75 9.35
C GLU D 296 -45.14 14.46 9.55
N ASN D 297 -44.68 13.36 8.96
CA ASN D 297 -45.43 12.08 9.00
C ASN D 297 -46.92 12.23 8.53
N GLY D 298 -47.19 13.22 7.66
CA GLY D 298 -48.51 13.52 7.10
C GLY D 298 -49.29 12.43 6.36
N PRO D 299 -50.60 12.66 6.12
CA PRO D 299 -51.32 11.67 5.31
C PRO D 299 -50.84 11.73 3.85
N GLU D 300 -51.16 10.68 3.10
CA GLU D 300 -50.84 10.59 1.71
C GLU D 300 -52.18 10.64 0.91
N SER D 301 -52.32 11.65 0.05
CA SER D 301 -53.61 11.93 -0.65
C SER D 301 -53.50 11.72 -2.17
N THR D 302 -54.66 11.68 -2.84
CA THR D 302 -54.71 11.77 -4.31
C THR D 302 -55.08 13.20 -4.77
N SER D 303 -54.91 14.19 -3.88
CA SER D 303 -55.40 15.59 -4.12
C SER D 303 -54.84 16.22 -5.40
N ASN D 304 -53.77 15.65 -5.95
CA ASN D 304 -53.27 16.19 -7.21
C ASN D 304 -53.87 15.54 -8.46
N ASN D 305 -54.80 14.59 -8.27
CA ASN D 305 -55.47 13.97 -9.42
C ASN D 305 -56.49 14.94 -10.07
N THR D 306 -56.02 15.77 -10.98
CA THR D 306 -56.80 16.85 -11.54
C THR D 306 -56.55 17.00 -13.04
N LYS D 307 -57.47 17.68 -13.73
CA LYS D 307 -57.34 17.93 -15.17
C LYS D 307 -56.04 18.62 -15.54
N GLU D 308 -55.67 19.65 -14.78
CA GLU D 308 -54.42 20.36 -14.98
C GLU D 308 -53.23 19.31 -14.97
N THR D 309 -53.20 18.43 -13.98
CA THR D 309 -52.17 17.42 -13.91
C THR D 309 -52.29 16.50 -15.12
N SER D 310 -53.51 16.00 -15.41
CA SER D 310 -53.71 15.10 -16.53
C SER D 310 -53.27 15.73 -17.85
N ASP D 311 -53.57 17.02 -18.06
CA ASP D 311 -53.23 17.71 -19.31
C ASP D 311 -51.71 17.74 -19.48
N LEU D 312 -51.04 18.01 -18.37
CA LEU D 312 -49.60 18.18 -18.37
C LEU D 312 -48.95 16.85 -18.67
N LEU D 313 -49.38 15.81 -17.96
CA LEU D 313 -48.80 14.50 -18.19
C LEU D 313 -48.96 14.08 -19.67
N ARG D 314 -50.11 14.43 -20.25
CA ARG D 314 -50.50 14.04 -21.63
C ARG D 314 -49.61 14.72 -22.63
N LYS D 315 -49.32 15.98 -22.32
CA LYS D 315 -48.46 16.81 -23.10
C LYS D 315 -47.00 16.33 -23.02
N ILE D 316 -46.53 16.11 -21.79
CA ILE D 316 -45.19 15.55 -21.54
C ILE D 316 -45.08 14.23 -22.28
N ALA D 317 -46.10 13.36 -22.17
CA ALA D 317 -46.03 12.10 -22.86
C ALA D 317 -46.03 12.25 -24.36
N ALA D 318 -46.84 13.19 -24.86
CA ALA D 318 -46.94 13.34 -26.33
C ALA D 318 -45.64 13.87 -26.92
N ASP D 319 -44.99 14.81 -26.23
CA ASP D 319 -43.71 15.29 -26.73
C ASP D 319 -42.52 14.32 -26.61
N SER D 320 -42.67 13.24 -25.86
CA SER D 320 -41.61 12.22 -25.72
C SER D 320 -41.62 11.27 -26.92
N ILE D 321 -42.73 11.25 -27.67
CA ILE D 321 -42.92 10.22 -28.67
C ILE D 321 -42.00 10.51 -29.82
N VAL D 322 -41.47 9.46 -30.43
CA VAL D 322 -40.56 9.67 -31.50
C VAL D 322 -41.12 9.03 -32.77
N LEU D 323 -41.25 9.83 -33.83
CA LEU D 323 -41.74 9.28 -35.08
C LEU D 323 -40.55 8.80 -35.84
N LEU D 324 -40.54 7.53 -36.19
CA LEU D 324 -39.31 6.95 -36.72
C LEU D 324 -39.37 6.67 -38.23
N LYS D 325 -40.56 6.28 -38.73
CA LYS D 325 -40.79 6.05 -40.15
C LYS D 325 -42.19 6.51 -40.48
N ASN D 326 -42.37 7.10 -41.67
CA ASN D 326 -43.72 7.51 -42.12
C ASN D 326 -43.69 7.65 -43.62
N LYS D 327 -43.79 6.53 -44.32
CA LYS D 327 -43.84 6.48 -45.77
C LYS D 327 -45.28 6.67 -46.26
N ASN D 328 -45.46 7.17 -47.49
CA ASN D 328 -46.80 7.20 -48.13
C ASN D 328 -47.89 7.92 -47.31
N ASN D 329 -47.46 8.84 -46.44
CA ASN D 329 -48.38 9.58 -45.56
C ASN D 329 -49.38 8.69 -44.87
N ILE D 330 -48.97 7.49 -44.46
CA ILE D 330 -49.84 6.70 -43.64
C ILE D 330 -50.29 7.55 -42.44
N LEU D 331 -49.44 8.47 -41.98
CA LEU D 331 -49.76 9.28 -40.80
C LEU D 331 -49.70 10.75 -41.17
N PRO D 332 -50.49 11.62 -40.51
CA PRO D 332 -51.45 11.37 -39.49
C PRO D 332 -52.62 10.61 -40.06
N LEU D 333 -53.18 9.75 -39.21
CA LEU D 333 -54.45 9.09 -39.41
C LEU D 333 -55.54 10.15 -39.43
N LYS D 334 -56.65 9.90 -40.14
CA LYS D 334 -57.80 10.84 -40.14
C LYS D 334 -58.97 10.18 -39.44
N LYS D 335 -59.85 10.96 -38.82
CA LYS D 335 -61.02 10.41 -38.13
C LYS D 335 -61.85 9.41 -38.98
N GLU D 336 -61.86 9.63 -40.30
CA GLU D 336 -62.67 8.84 -41.24
C GLU D 336 -61.87 7.71 -41.89
N ASP D 337 -60.65 7.47 -41.41
CA ASP D 337 -59.94 6.29 -41.89
C ASP D 337 -60.67 5.09 -41.29
N ASN D 338 -60.79 4.04 -42.07
CA ASN D 338 -61.31 2.80 -41.53
C ASN D 338 -60.14 1.98 -40.93
N ILE D 339 -60.17 1.71 -39.63
CA ILE D 339 -59.02 1.09 -38.93
C ILE D 339 -59.40 -0.02 -37.97
N ILE D 340 -58.48 -0.98 -37.83
CA ILE D 340 -58.50 -1.93 -36.71
C ILE D 340 -57.27 -1.75 -35.78
N VAL D 341 -57.48 -1.80 -34.47
CA VAL D 341 -56.36 -1.79 -33.51
C VAL D 341 -55.95 -3.23 -33.17
N ILE D 342 -54.67 -3.56 -33.35
CA ILE D 342 -54.09 -4.89 -33.11
C ILE D 342 -52.82 -4.87 -32.20
N GLY D 343 -52.73 -5.82 -31.28
CA GLY D 343 -51.44 -6.12 -30.69
C GLY D 343 -51.47 -6.36 -29.20
N PRO D 344 -50.43 -7.03 -28.65
CA PRO D 344 -50.33 -7.34 -27.23
C PRO D 344 -50.28 -6.12 -26.33
N ASN D 345 -49.80 -5.00 -26.85
CA ASN D 345 -49.72 -3.81 -25.99
C ASN D 345 -50.91 -2.89 -26.15
N ALA D 346 -51.85 -3.25 -27.04
CA ALA D 346 -52.96 -2.30 -27.38
C ALA D 346 -53.90 -2.11 -26.20
N LYS D 347 -54.35 -3.21 -25.61
CA LYS D 347 -55.16 -3.06 -24.42
C LYS D 347 -54.31 -3.01 -23.12
N ALA D 348 -52.98 -3.13 -23.24
CA ALA D 348 -52.09 -3.14 -22.07
C ALA D 348 -52.00 -1.76 -21.46
N LYS D 349 -51.74 -1.72 -20.17
CA LYS D 349 -51.45 -0.46 -19.49
C LYS D 349 -49.93 -0.30 -19.11
N THR D 350 -49.06 -0.19 -20.11
CA THR D 350 -47.62 -0.25 -19.80
C THR D 350 -47.07 1.16 -19.58
N SER D 351 -47.45 1.72 -18.43
CA SER D 351 -47.14 3.09 -18.06
C SER D 351 -45.68 3.35 -17.63
N SER D 352 -44.95 2.33 -17.16
CA SER D 352 -43.58 2.52 -16.62
C SER D 352 -42.81 1.23 -16.67
N GLY D 353 -41.48 1.33 -16.53
CA GLY D 353 -40.65 0.13 -16.33
C GLY D 353 -40.85 -0.38 -14.91
N GLY D 354 -40.23 -1.51 -14.57
CA GLY D 354 -40.45 -2.18 -13.27
C GLY D 354 -39.55 -1.74 -12.12
N GLY D 355 -40.04 -1.88 -10.90
CA GLY D 355 -39.20 -1.67 -9.73
C GLY D 355 -39.52 -0.39 -9.00
N SER D 356 -38.48 0.27 -8.50
CA SER D 356 -38.60 1.41 -7.59
C SER D 356 -39.02 2.68 -8.34
N ALA D 357 -38.97 2.64 -9.67
CA ALA D 357 -39.48 3.81 -10.42
C ALA D 357 -41.02 3.69 -10.57
N SER D 358 -41.56 2.50 -10.33
CA SER D 358 -43.00 2.26 -10.50
C SER D 358 -43.84 2.70 -9.32
N MSE D 359 -45.16 2.69 -9.56
CA MSE D 359 -46.14 3.16 -8.60
C MSE D 359 -47.56 2.66 -8.93
O MSE D 359 -47.80 1.98 -9.96
CB MSE D 359 -46.14 4.69 -8.51
CG MSE D 359 -46.85 5.36 -9.69
SE MSE D 359 -46.11 7.15 -9.98
CE MSE D 359 -44.16 6.58 -10.29
N ASN D 360 -48.49 2.97 -8.03
CA ASN D 360 -49.91 2.84 -8.30
C ASN D 360 -50.42 4.16 -8.91
N SER D 361 -50.90 4.05 -10.13
CA SER D 361 -51.47 5.18 -10.87
C SER D 361 -52.95 5.53 -10.57
N TYR D 362 -53.29 6.81 -10.71
CA TYR D 362 -54.73 7.27 -10.75
C TYR D 362 -55.49 6.39 -11.74
N TYR D 363 -54.93 6.24 -12.92
CA TYR D 363 -55.53 5.45 -13.99
C TYR D 363 -54.42 5.46 -14.99
N VAL D 364 -54.46 4.52 -15.91
CA VAL D 364 -53.63 4.61 -17.08
C VAL D 364 -54.54 4.49 -18.31
N VAL D 365 -54.44 5.44 -19.24
CA VAL D 365 -55.12 5.26 -20.54
C VAL D 365 -54.36 4.39 -21.52
N SER D 366 -54.83 3.18 -21.78
CA SER D 366 -54.21 2.28 -22.77
C SER D 366 -54.17 2.89 -24.18
N PRO D 367 -53.31 2.36 -25.10
CA PRO D 367 -53.31 2.98 -26.41
C PRO D 367 -54.69 2.85 -27.06
N TYR D 368 -55.28 1.66 -26.98
CA TYR D 368 -56.62 1.35 -27.49
C TYR D 368 -57.68 2.32 -26.99
N GLU D 369 -57.76 2.50 -25.67
CA GLU D 369 -58.59 3.55 -25.10
C GLU D 369 -58.33 4.96 -25.63
N GLY D 370 -57.08 5.26 -25.94
CA GLY D 370 -56.69 6.57 -26.44
C GLY D 370 -57.30 6.81 -27.81
N ILE D 371 -57.27 5.78 -28.64
CA ILE D 371 -57.79 5.86 -29.98
C ILE D 371 -59.34 5.91 -29.96
N VAL D 372 -59.93 5.26 -28.96
CA VAL D 372 -61.36 5.30 -28.69
C VAL D 372 -61.85 6.67 -28.18
N ASN D 373 -61.14 7.24 -27.21
CA ASN D 373 -61.43 8.58 -26.75
C ASN D 373 -61.33 9.59 -27.92
N LYS D 374 -60.40 9.34 -28.83
CA LYS D 374 -60.15 10.22 -29.96
C LYS D 374 -61.36 10.28 -30.94
N LEU D 375 -61.90 9.12 -31.29
CA LEU D 375 -62.89 8.99 -32.34
C LEU D 375 -64.31 9.14 -31.77
N GLY D 376 -64.45 8.90 -30.47
CA GLY D 376 -65.74 8.92 -29.79
C GLY D 376 -66.66 7.79 -30.21
N LYS D 377 -66.10 6.60 -30.44
CA LYS D 377 -66.88 5.44 -30.89
C LYS D 377 -66.05 4.16 -30.82
N GLU D 378 -66.71 3.03 -30.70
CA GLU D 378 -66.04 1.75 -30.64
C GLU D 378 -65.08 1.58 -31.79
N VAL D 379 -63.95 0.91 -31.52
CA VAL D 379 -62.93 0.70 -32.54
C VAL D 379 -62.71 -0.80 -32.74
N ASP D 380 -62.62 -1.25 -33.98
CA ASP D 380 -62.41 -2.68 -34.18
C ASP D 380 -61.08 -3.09 -33.50
N TYR D 381 -61.01 -4.31 -32.99
CA TYR D 381 -59.87 -4.82 -32.22
C TYR D 381 -59.72 -6.32 -32.29
N THR D 382 -58.47 -6.77 -32.44
CA THR D 382 -58.09 -8.16 -32.18
C THR D 382 -56.69 -8.20 -31.49
N VAL D 383 -56.46 -9.15 -30.56
CA VAL D 383 -55.21 -9.16 -29.75
C VAL D 383 -53.99 -9.50 -30.58
N GLY D 384 -54.15 -10.41 -31.53
CA GLY D 384 -53.07 -10.73 -32.46
C GLY D 384 -52.09 -11.72 -31.85
N ALA D 385 -51.61 -11.44 -30.63
CA ALA D 385 -50.70 -12.35 -29.94
C ALA D 385 -50.44 -11.85 -28.53
N TYR D 386 -50.07 -12.76 -27.64
CA TYR D 386 -49.65 -12.38 -26.30
C TYR D 386 -48.15 -12.19 -26.27
N SER D 387 -47.72 -11.34 -25.35
CA SER D 387 -46.29 -11.09 -25.11
C SER D 387 -45.95 -10.75 -23.63
N HIS D 388 -46.83 -11.11 -22.70
CA HIS D 388 -46.55 -11.03 -21.28
C HIS D 388 -45.33 -11.91 -20.94
N LYS D 389 -44.61 -11.52 -19.89
CA LYS D 389 -43.48 -12.34 -19.43
C LYS D 389 -44.05 -13.35 -18.47
N SER D 390 -44.96 -12.88 -17.61
CA SER D 390 -45.74 -13.71 -16.74
C SER D 390 -47.24 -13.30 -16.78
N ILE D 391 -48.06 -14.19 -16.23
CA ILE D 391 -49.52 -14.07 -16.23
C ILE D 391 -49.94 -13.45 -14.90
N GLY D 392 -50.48 -12.25 -14.92
CA GLY D 392 -51.15 -11.68 -13.75
C GLY D 392 -52.66 -11.61 -14.01
N GLY D 393 -53.29 -10.47 -13.72
CA GLY D 393 -54.64 -10.18 -14.21
C GLY D 393 -55.81 -10.75 -13.42
N LEU D 394 -55.53 -11.40 -12.30
CA LEU D 394 -56.55 -12.05 -11.50
C LEU D 394 -57.26 -11.16 -10.49
N ALA D 395 -56.50 -10.41 -9.68
CA ALA D 395 -57.13 -9.47 -8.76
C ALA D 395 -57.98 -8.47 -9.56
N GLU D 396 -57.51 -8.15 -10.78
CA GLU D 396 -58.11 -7.15 -11.66
C GLU D 396 -59.47 -7.61 -12.22
N SER D 397 -59.67 -8.92 -12.34
CA SER D 397 -60.87 -9.43 -12.97
C SER D 397 -61.58 -10.47 -12.06
N SER D 398 -61.60 -10.16 -10.77
CA SER D 398 -62.27 -10.97 -9.79
C SER D 398 -63.17 -10.07 -8.94
N LEU D 399 -64.08 -10.73 -8.20
CA LEU D 399 -64.99 -10.06 -7.26
C LEU D 399 -64.93 -10.76 -5.90
N ILE D 400 -65.23 -10.00 -4.85
CA ILE D 400 -65.30 -10.54 -3.50
C ILE D 400 -66.48 -11.54 -3.32
N ASP D 401 -67.63 -11.19 -3.85
CA ASP D 401 -68.85 -11.99 -3.83
C ASP D 401 -69.45 -11.77 -5.20
N ALA D 402 -69.43 -12.83 -6.02
CA ALA D 402 -69.91 -12.72 -7.39
C ALA D 402 -71.43 -12.51 -7.46
N ALA D 403 -72.09 -12.45 -6.30
CA ALA D 403 -73.53 -12.13 -6.22
C ALA D 403 -73.77 -10.61 -6.32
N LYS D 404 -72.99 -9.82 -5.58
CA LYS D 404 -73.16 -8.37 -5.58
C LYS D 404 -72.48 -7.80 -6.85
N PRO D 405 -72.70 -6.55 -7.20
CA PRO D 405 -72.21 -5.98 -8.45
C PRO D 405 -70.72 -5.67 -8.55
N ALA D 406 -70.27 -5.40 -9.77
CA ALA D 406 -68.89 -5.19 -10.04
C ALA D 406 -68.61 -3.77 -9.63
N ASP D 407 -68.77 -3.61 -8.34
CA ASP D 407 -68.63 -2.40 -7.59
C ASP D 407 -67.16 -2.01 -7.36
N ALA D 408 -66.97 -0.79 -6.91
CA ALA D 408 -65.66 -0.39 -6.42
C ALA D 408 -65.34 -1.33 -5.25
N GLU D 409 -66.20 -1.32 -4.22
CA GLU D 409 -65.92 -2.04 -2.97
C GLU D 409 -65.91 -3.59 -3.11
N ASN D 410 -66.51 -4.09 -4.20
CA ASN D 410 -66.62 -5.53 -4.39
C ASN D 410 -65.68 -6.08 -5.49
N SER D 411 -65.00 -5.19 -6.21
CA SER D 411 -64.06 -5.60 -7.24
C SER D 411 -62.69 -5.89 -6.62
N GLY D 412 -62.22 -7.12 -6.81
CA GLY D 412 -60.89 -7.56 -6.37
C GLY D 412 -60.91 -8.82 -5.51
N LEU D 413 -59.89 -8.93 -4.66
CA LEU D 413 -59.75 -10.07 -3.75
C LEU D 413 -59.61 -9.56 -2.33
N ILE D 414 -59.78 -10.45 -1.36
CA ILE D 414 -59.52 -10.10 0.05
C ILE D 414 -58.26 -10.82 0.60
N ALA D 415 -57.38 -10.02 1.19
CA ALA D 415 -56.11 -10.49 1.71
C ALA D 415 -56.15 -10.39 3.22
N LYS D 416 -56.05 -11.56 3.85
CA LYS D 416 -55.89 -11.65 5.31
C LYS D 416 -54.48 -12.06 5.71
N PHE D 417 -53.93 -11.32 6.67
CA PHE D 417 -52.56 -11.44 7.18
C PHE D 417 -52.57 -12.08 8.56
N TYR D 418 -51.81 -13.17 8.72
CA TYR D 418 -51.72 -13.88 10.00
C TYR D 418 -50.28 -14.06 10.45
N SER D 419 -50.09 -14.06 11.77
CA SER D 419 -48.82 -14.46 12.38
C SER D 419 -48.50 -15.96 12.25
N ASN D 420 -49.51 -16.81 12.01
CA ASN D 420 -49.25 -18.24 11.78
C ASN D 420 -49.91 -18.83 10.53
N PRO D 421 -49.33 -19.93 9.94
CA PRO D 421 -49.86 -20.50 8.67
C PRO D 421 -51.26 -21.09 8.84
N VAL D 422 -51.86 -21.54 7.76
CA VAL D 422 -53.25 -21.95 7.89
C VAL D 422 -53.32 -23.35 8.53
N GLU D 423 -52.34 -24.20 8.20
CA GLU D 423 -52.32 -25.63 8.56
C GLU D 423 -51.98 -25.91 10.03
N GLU D 429 -57.91 -18.01 15.43
CA GLU D 429 -57.06 -16.84 15.23
C GLU D 429 -57.66 -15.75 14.28
N GLU D 430 -57.62 -14.49 14.74
CA GLU D 430 -58.07 -13.32 13.95
C GLU D 430 -56.89 -12.77 13.13
N PRO D 431 -57.13 -12.32 11.87
CA PRO D 431 -56.05 -11.76 11.05
C PRO D 431 -55.58 -10.40 11.59
N PHE D 432 -54.26 -10.16 11.63
CA PHE D 432 -53.76 -8.90 12.20
C PHE D 432 -54.00 -7.72 11.27
N HIS D 433 -54.31 -8.02 10.00
CA HIS D 433 -54.51 -7.00 8.98
C HIS D 433 -55.37 -7.53 7.82
N VAL D 434 -56.25 -6.70 7.28
CA VAL D 434 -57.15 -7.10 6.18
C VAL D 434 -57.19 -5.99 5.13
N THR D 435 -56.98 -6.39 3.88
CA THR D 435 -56.92 -5.43 2.77
C THR D 435 -57.56 -5.99 1.53
N LYS D 436 -58.19 -5.08 0.78
CA LYS D 436 -58.76 -5.40 -0.54
C LYS D 436 -57.72 -5.16 -1.63
N VAL D 437 -57.37 -6.23 -2.36
CA VAL D 437 -56.35 -6.21 -3.39
C VAL D 437 -56.93 -6.06 -4.80
N ASN D 438 -56.44 -5.05 -5.53
CA ASN D 438 -56.86 -4.77 -6.89
C ASN D 438 -55.83 -5.20 -7.93
N ARG D 439 -54.58 -5.34 -7.49
CA ARG D 439 -53.50 -5.62 -8.41
C ARG D 439 -52.97 -6.99 -8.07
N SER D 440 -52.80 -7.82 -9.09
CA SER D 440 -52.35 -9.21 -8.84
C SER D 440 -50.96 -9.36 -8.19
N ASN D 441 -50.05 -8.41 -8.48
CA ASN D 441 -48.69 -8.44 -7.92
C ASN D 441 -48.74 -7.81 -6.53
N VAL D 442 -48.62 -8.66 -5.52
CA VAL D 442 -48.69 -8.24 -4.14
C VAL D 442 -47.20 -8.04 -3.71
N HIS D 443 -46.81 -6.76 -3.61
CA HIS D 443 -45.39 -6.34 -3.42
C HIS D 443 -45.16 -5.86 -1.97
N LEU D 444 -44.54 -6.70 -1.18
CA LEU D 444 -44.46 -6.58 0.25
C LEU D 444 -43.16 -5.99 0.79
N PHE D 445 -42.33 -5.44 -0.07
CA PHE D 445 -40.99 -5.03 0.29
C PHE D 445 -41.02 -4.02 1.39
N ASP D 446 -41.88 -3.03 1.33
CA ASP D 446 -41.96 -2.06 2.40
C ASP D 446 -43.21 -2.21 3.26
N PHE D 447 -43.82 -3.38 3.21
CA PHE D 447 -45.00 -3.63 4.05
C PHE D 447 -44.66 -3.39 5.50
N LYS D 448 -45.45 -2.53 6.16
CA LYS D 448 -45.21 -2.11 7.53
C LYS D 448 -46.39 -2.52 8.40
N HIS D 449 -46.10 -2.94 9.62
CA HIS D 449 -47.14 -3.34 10.62
C HIS D 449 -46.51 -3.61 11.98
N GLU D 450 -47.16 -3.10 13.01
CA GLU D 450 -46.85 -3.40 14.42
C GLU D 450 -46.57 -4.89 14.68
N LYS D 451 -47.30 -5.79 14.02
CA LYS D 451 -47.12 -7.24 14.23
C LYS D 451 -46.03 -7.87 13.34
N VAL D 452 -45.37 -7.02 12.54
CA VAL D 452 -44.33 -7.47 11.63
C VAL D 452 -42.98 -6.92 12.11
N ASP D 453 -42.06 -7.84 12.42
CA ASP D 453 -40.70 -7.48 12.77
C ASP D 453 -39.99 -7.00 11.46
N PRO D 454 -39.64 -5.72 11.37
CA PRO D 454 -38.87 -5.19 10.21
C PRO D 454 -37.52 -5.95 9.95
N LYS D 455 -36.88 -6.50 11.01
CA LYS D 455 -35.63 -7.32 10.94
C LYS D 455 -35.86 -8.79 10.56
N ASN D 456 -37.11 -9.23 10.71
CA ASN D 456 -37.51 -10.57 10.33
C ASN D 456 -39.02 -10.66 9.95
N PRO D 457 -39.41 -10.08 8.79
CA PRO D 457 -40.83 -9.89 8.41
C PRO D 457 -41.52 -11.25 8.16
N TYR D 458 -41.94 -11.83 9.28
CA TYR D 458 -42.49 -13.18 9.35
C TYR D 458 -44.02 -13.07 9.44
N PHE D 459 -44.71 -13.55 8.41
CA PHE D 459 -46.18 -13.54 8.38
C PHE D 459 -46.72 -14.32 7.20
N PHE D 460 -48.05 -14.44 7.17
CA PHE D 460 -48.72 -15.29 6.22
C PHE D 460 -49.88 -14.52 5.62
N VAL D 461 -50.20 -14.84 4.36
CA VAL D 461 -51.34 -14.22 3.67
C VAL D 461 -52.28 -15.31 3.17
N THR D 462 -53.57 -15.10 3.47
CA THR D 462 -54.65 -15.86 2.85
C THR D 462 -55.34 -14.92 1.87
N LEU D 463 -55.19 -15.24 0.60
CA LEU D 463 -55.79 -14.38 -0.43
C LEU D 463 -57.02 -15.10 -1.01
N THR D 464 -58.17 -14.41 -1.02
CA THR D 464 -59.46 -15.01 -1.44
C THR D 464 -60.40 -14.17 -2.28
N GLY D 465 -61.19 -14.87 -3.07
CA GLY D 465 -62.35 -14.23 -3.73
C GLY D 465 -62.90 -15.17 -4.76
N GLN D 466 -63.67 -14.60 -5.68
CA GLN D 466 -64.43 -15.38 -6.65
C GLN D 466 -64.19 -14.93 -8.09
N TYR D 467 -64.03 -15.91 -8.97
CA TYR D 467 -63.69 -15.61 -10.33
C TYR D 467 -64.69 -16.18 -11.38
N VAL D 468 -65.17 -15.30 -12.24
CA VAL D 468 -66.22 -15.59 -13.23
C VAL D 468 -65.67 -15.32 -14.64
N PRO D 469 -65.45 -16.38 -15.42
CA PRO D 469 -64.98 -16.23 -16.81
C PRO D 469 -66.05 -15.83 -17.85
N GLN D 470 -65.67 -14.93 -18.75
CA GLN D 470 -66.62 -14.37 -19.71
C GLN D 470 -66.58 -15.12 -21.04
N GLU D 471 -65.89 -16.26 -21.04
CA GLU D 471 -65.75 -17.10 -22.23
C GLU D 471 -65.65 -18.58 -21.84
N ASP D 472 -66.03 -19.45 -22.76
CA ASP D 472 -65.82 -20.88 -22.61
C ASP D 472 -64.41 -21.16 -23.13
N GLY D 473 -63.70 -22.07 -22.45
CA GLY D 473 -62.45 -22.56 -22.99
C GLY D 473 -61.42 -22.87 -21.94
N ASP D 474 -60.18 -22.98 -22.39
CA ASP D 474 -59.08 -23.18 -21.48
C ASP D 474 -58.61 -21.85 -20.87
N TYR D 475 -58.37 -21.88 -19.55
CA TYR D 475 -57.74 -20.78 -18.84
C TYR D 475 -56.45 -21.26 -18.22
N ILE D 476 -55.43 -20.39 -18.28
CA ILE D 476 -54.12 -20.65 -17.67
C ILE D 476 -53.98 -19.81 -16.41
N PHE D 477 -54.11 -20.49 -15.27
CA PHE D 477 -53.84 -19.91 -13.96
C PHE D 477 -52.33 -19.92 -13.66
N SER D 478 -51.89 -19.08 -12.73
CA SER D 478 -50.46 -18.95 -12.50
C SER D 478 -50.09 -18.57 -11.07
N LEU D 479 -48.96 -19.08 -10.61
CA LEU D 479 -48.47 -18.65 -9.30
C LEU D 479 -46.95 -18.43 -9.31
N GLN D 480 -46.58 -17.31 -8.71
CA GLN D 480 -45.23 -16.82 -8.55
C GLN D 480 -45.06 -16.33 -7.13
N VAL D 481 -43.96 -16.69 -6.48
CA VAL D 481 -43.67 -16.26 -5.11
C VAL D 481 -42.22 -15.91 -4.77
N TYR D 482 -42.07 -15.12 -3.72
CA TYR D 482 -40.86 -14.99 -2.95
C TYR D 482 -41.26 -15.29 -1.51
N GLY D 483 -40.88 -16.48 -1.06
CA GLY D 483 -41.48 -17.09 0.13
C GLY D 483 -42.06 -18.45 -0.27
N SER D 484 -43.34 -18.63 0.04
CA SER D 484 -44.03 -19.90 -0.18
C SER D 484 -45.50 -19.67 -0.56
N GLY D 485 -46.06 -20.52 -1.42
CA GLY D 485 -47.49 -20.40 -1.71
C GLY D 485 -48.16 -21.61 -2.32
N LEU D 486 -49.45 -21.74 -2.04
CA LEU D 486 -50.31 -22.76 -2.65
C LEU D 486 -51.52 -22.07 -3.28
N PHE D 487 -51.84 -22.46 -4.51
CA PHE D 487 -52.99 -21.96 -5.25
C PHE D 487 -54.04 -23.06 -5.34
N TYR D 488 -55.13 -22.88 -4.59
CA TYR D 488 -56.31 -23.74 -4.69
C TYR D 488 -57.46 -23.09 -5.45
N LEU D 489 -58.04 -23.84 -6.38
CA LEU D 489 -59.26 -23.47 -7.11
C LEU D 489 -60.44 -24.42 -6.77
N ASN D 490 -61.46 -23.85 -6.11
CA ASN D 490 -62.57 -24.59 -5.46
C ASN D 490 -62.09 -25.57 -4.35
N ASP D 491 -61.20 -25.05 -3.50
CA ASP D 491 -60.58 -25.81 -2.39
C ASP D 491 -59.91 -27.11 -2.82
N GLU D 492 -59.56 -27.22 -4.11
CA GLU D 492 -58.66 -28.26 -4.60
C GLU D 492 -57.32 -27.64 -5.09
N LEU D 493 -56.19 -28.20 -4.65
CA LEU D 493 -54.88 -27.71 -5.09
C LEU D 493 -54.67 -27.69 -6.61
N ILE D 494 -54.45 -26.49 -7.17
CA ILE D 494 -54.07 -26.40 -8.61
C ILE D 494 -52.61 -26.02 -8.88
N ILE D 495 -51.98 -25.24 -7.98
CA ILE D 495 -50.59 -24.84 -8.21
C ILE D 495 -49.83 -24.90 -6.91
N ASP D 496 -48.74 -25.66 -6.97
CA ASP D 496 -47.81 -25.82 -5.86
C ASP D 496 -46.62 -24.89 -6.05
N GLN D 497 -46.45 -23.92 -5.13
CA GLN D 497 -45.17 -23.15 -5.04
C GLN D 497 -44.65 -23.25 -3.61
N LYS D 498 -44.59 -24.50 -3.14
CA LYS D 498 -44.14 -24.84 -1.80
C LYS D 498 -43.02 -25.84 -1.93
N HIS D 499 -43.14 -26.75 -2.90
CA HIS D 499 -42.25 -27.92 -3.04
C HIS D 499 -41.33 -27.78 -4.25
N ASN D 500 -40.04 -28.09 -4.02
CA ASN D 500 -39.00 -28.02 -5.05
C ASN D 500 -39.05 -26.74 -5.87
N GLN D 501 -39.12 -25.58 -5.19
CA GLN D 501 -39.08 -24.30 -5.89
C GLN D 501 -37.82 -24.22 -6.80
N GLU D 502 -37.98 -23.60 -7.96
CA GLU D 502 -36.86 -23.19 -8.80
C GLU D 502 -36.86 -21.67 -8.81
N ARG D 503 -35.67 -21.05 -8.80
CA ARG D 503 -35.58 -19.60 -8.92
C ARG D 503 -35.74 -19.14 -10.36
N GLY D 504 -36.51 -18.07 -10.51
CA GLY D 504 -36.83 -17.47 -11.81
C GLY D 504 -36.89 -15.97 -11.65
N SER D 505 -37.75 -15.31 -12.44
CA SER D 505 -37.71 -13.86 -12.58
C SER D 505 -38.42 -13.06 -11.52
N PHE D 506 -39.43 -13.65 -10.89
CA PHE D 506 -40.27 -12.92 -9.93
C PHE D 506 -39.52 -12.22 -8.76
N CYS D 507 -39.98 -11.05 -8.37
CA CYS D 507 -39.36 -10.33 -7.25
C CYS D 507 -37.86 -9.97 -7.49
N PHE D 508 -37.63 -8.97 -8.35
CA PHE D 508 -36.28 -8.57 -8.81
C PHE D 508 -35.36 -9.79 -9.06
N GLY D 509 -35.91 -10.87 -9.61
CA GLY D 509 -35.11 -12.08 -9.89
C GLY D 509 -34.76 -12.96 -8.71
N ALA D 510 -35.38 -12.71 -7.55
CA ALA D 510 -35.12 -13.48 -6.30
C ALA D 510 -36.11 -14.63 -6.02
N GLY D 511 -37.35 -14.49 -6.50
CA GLY D 511 -38.43 -15.46 -6.26
C GLY D 511 -38.42 -16.63 -7.21
N THR D 512 -39.59 -17.24 -7.40
CA THR D 512 -39.73 -18.49 -8.13
C THR D 512 -39.99 -18.31 -9.60
N LYS D 513 -39.60 -19.29 -10.41
CA LYS D 513 -40.11 -19.42 -11.77
C LYS D 513 -41.64 -19.45 -11.64
N GLU D 514 -42.31 -18.97 -12.67
CA GLU D 514 -43.75 -19.10 -12.74
C GLU D 514 -44.12 -20.58 -12.91
N ARG D 515 -45.05 -21.02 -12.06
CA ARG D 515 -45.79 -22.29 -12.25
C ARG D 515 -47.26 -22.04 -12.63
N THR D 516 -47.80 -22.91 -13.49
CA THR D 516 -49.15 -22.69 -14.07
C THR D 516 -50.04 -23.93 -14.06
N LYS D 517 -51.32 -23.73 -14.40
CA LYS D 517 -52.26 -24.83 -14.52
C LYS D 517 -53.34 -24.51 -15.54
N LYS D 518 -53.39 -25.32 -16.59
CA LYS D 518 -54.45 -25.26 -17.59
C LYS D 518 -55.71 -25.99 -17.08
N LEU D 519 -56.79 -25.20 -17.01
CA LEU D 519 -58.13 -25.73 -16.68
C LEU D 519 -59.17 -25.35 -17.77
N THR D 520 -60.15 -26.23 -17.98
CA THR D 520 -61.29 -25.88 -18.84
C THR D 520 -62.38 -25.33 -17.94
N LEU D 521 -62.85 -24.12 -18.26
CA LEU D 521 -63.89 -23.47 -17.46
C LEU D 521 -65.15 -23.16 -18.28
N LYS D 522 -66.27 -23.05 -17.58
CA LYS D 522 -67.54 -22.68 -18.20
C LYS D 522 -67.87 -21.21 -17.93
N LYS D 523 -68.08 -20.47 -19.04
CA LYS D 523 -68.62 -19.10 -19.07
C LYS D 523 -69.67 -18.85 -17.99
N GLY D 524 -69.60 -17.70 -17.32
CA GLY D 524 -70.52 -17.41 -16.22
C GLY D 524 -70.41 -18.26 -14.95
N GLN D 525 -69.63 -19.35 -14.96
CA GLN D 525 -69.52 -20.20 -13.74
C GLN D 525 -68.67 -19.56 -12.61
N VAL D 526 -69.13 -19.64 -11.35
CA VAL D 526 -68.39 -19.04 -10.24
C VAL D 526 -67.37 -20.02 -9.63
N TYR D 527 -66.13 -19.56 -9.49
CA TYR D 527 -65.01 -20.37 -9.02
C TYR D 527 -64.35 -19.69 -7.83
N ASN D 528 -64.13 -20.44 -6.74
CA ASN D 528 -63.41 -19.93 -5.56
C ASN D 528 -61.88 -19.97 -5.66
N VAL D 529 -61.29 -18.79 -5.72
CA VAL D 529 -59.85 -18.66 -5.67
C VAL D 529 -59.36 -18.49 -4.24
N ARG D 530 -58.47 -19.40 -3.85
CA ARG D 530 -57.76 -19.31 -2.58
C ARG D 530 -56.24 -19.51 -2.76
N VAL D 531 -55.48 -18.44 -2.46
CA VAL D 531 -54.02 -18.52 -2.37
C VAL D 531 -53.57 -18.41 -0.90
N GLU D 532 -52.79 -19.41 -0.47
CA GLU D 532 -52.19 -19.42 0.87
C GLU D 532 -50.71 -19.11 0.76
N TYR D 533 -50.29 -18.01 1.37
CA TYR D 533 -48.92 -17.50 1.09
C TYR D 533 -48.09 -17.34 2.37
N GLY D 534 -46.82 -17.80 2.31
CA GLY D 534 -45.83 -17.51 3.35
C GLY D 534 -44.78 -16.49 2.84
N SER D 535 -44.55 -15.41 3.59
CA SER D 535 -43.56 -14.36 3.31
C SER D 535 -42.13 -14.89 3.27
N GLY D 536 -41.23 -14.10 2.67
CA GLY D 536 -39.78 -14.41 2.59
C GLY D 536 -39.17 -15.23 3.74
N PRO D 537 -39.17 -14.68 4.98
CA PRO D 537 -38.61 -15.37 6.19
C PRO D 537 -39.23 -16.76 6.50
N THR D 538 -40.42 -17.00 5.95
CA THR D 538 -41.11 -18.30 5.98
C THR D 538 -40.40 -19.37 5.14
N SER D 539 -39.86 -18.97 4.00
CA SER D 539 -38.95 -19.81 3.16
C SER D 539 -39.43 -21.25 2.95
N GLY D 546 -36.31 -9.87 2.88
CA GLY D 546 -37.47 -9.07 3.20
C GLY D 546 -38.71 -9.89 3.15
N ALA D 547 -39.86 -9.25 3.24
CA ALA D 547 -41.13 -9.92 3.11
C ALA D 547 -41.35 -10.55 1.73
N GLY D 548 -40.96 -9.87 0.69
CA GLY D 548 -41.09 -10.37 -0.67
C GLY D 548 -42.45 -10.11 -1.24
N GLY D 549 -43.10 -11.15 -1.69
CA GLY D 549 -44.47 -11.02 -2.19
C GLY D 549 -44.84 -12.21 -3.07
N PHE D 550 -45.95 -12.03 -3.81
CA PHE D 550 -46.41 -13.07 -4.71
C PHE D 550 -47.39 -12.50 -5.72
N GLN D 551 -47.58 -13.28 -6.79
CA GLN D 551 -48.52 -13.01 -7.85
C GLN D 551 -49.31 -14.28 -8.19
N ALA D 552 -50.63 -14.21 -8.03
CA ALA D 552 -51.54 -15.19 -8.63
C ALA D 552 -52.22 -14.56 -9.86
N GLY D 553 -52.16 -15.27 -10.97
CA GLY D 553 -52.75 -14.78 -12.19
C GLY D 553 -53.72 -15.75 -12.82
N VAL D 554 -54.51 -15.23 -13.77
CA VAL D 554 -55.26 -16.00 -14.75
C VAL D 554 -55.34 -15.27 -16.09
N ILE D 555 -55.16 -16.04 -17.16
CA ILE D 555 -55.39 -15.56 -18.51
C ILE D 555 -56.17 -16.58 -19.39
N LYS D 556 -56.90 -16.04 -20.37
CA LYS D 556 -57.57 -16.83 -21.39
C LYS D 556 -56.56 -17.44 -22.35
N ALA D 557 -56.52 -18.77 -22.46
CA ALA D 557 -55.64 -19.42 -23.44
C ALA D 557 -56.19 -19.19 -24.86
N ILE D 558 -55.31 -18.86 -25.81
CA ILE D 558 -55.70 -18.66 -27.18
C ILE D 558 -54.84 -19.61 -28.01
N ASP D 559 -55.31 -19.93 -29.21
CA ASP D 559 -54.52 -20.69 -30.18
C ASP D 559 -53.63 -19.69 -30.89
N ASP D 560 -52.32 -19.78 -30.69
CA ASP D 560 -51.39 -18.80 -31.24
C ASP D 560 -51.45 -18.68 -32.76
N ASP D 561 -51.32 -19.81 -33.48
CA ASP D 561 -51.36 -19.77 -34.95
C ASP D 561 -52.64 -19.11 -35.45
N GLU D 562 -53.73 -19.39 -34.74
CA GLU D 562 -55.09 -19.00 -35.12
C GLU D 562 -55.25 -17.50 -35.01
N GLU D 563 -54.80 -16.97 -33.87
CA GLU D 563 -54.87 -15.53 -33.65
C GLU D 563 -54.02 -14.73 -34.65
N ILE D 564 -52.86 -15.24 -35.03
CA ILE D 564 -52.07 -14.57 -36.07
C ILE D 564 -52.85 -14.54 -37.41
N ARG D 565 -53.37 -15.70 -37.83
CA ARG D 565 -54.31 -15.77 -38.95
C ARG D 565 -55.43 -14.73 -38.85
N ASN D 566 -56.19 -14.75 -37.76
CA ASN D 566 -57.30 -13.82 -37.61
C ASN D 566 -56.92 -12.34 -37.69
N ALA D 567 -55.80 -11.99 -37.07
CA ALA D 567 -55.27 -10.62 -37.16
C ALA D 567 -54.87 -10.24 -38.60
N ALA D 568 -54.20 -11.15 -39.28
CA ALA D 568 -53.81 -10.92 -40.66
C ALA D 568 -55.06 -10.65 -41.56
N GLU D 569 -56.03 -11.57 -41.53
CA GLU D 569 -57.23 -11.42 -42.35
C GLU D 569 -57.99 -10.14 -41.98
N LEU D 570 -58.12 -9.83 -40.68
CA LEU D 570 -58.80 -8.58 -40.28
C LEU D 570 -58.11 -7.31 -40.81
N ALA D 571 -56.79 -7.29 -40.77
CA ALA D 571 -56.01 -6.16 -41.27
C ALA D 571 -56.27 -5.89 -42.78
N ALA D 572 -56.48 -6.99 -43.50
CA ALA D 572 -56.76 -6.95 -44.95
C ALA D 572 -58.10 -6.26 -45.23
N LYS D 573 -59.06 -6.42 -44.31
CA LYS D 573 -60.41 -5.84 -44.49
C LYS D 573 -60.57 -4.38 -43.95
N HIS D 574 -59.47 -3.71 -43.63
CA HIS D 574 -59.53 -2.33 -43.19
C HIS D 574 -58.59 -1.53 -44.06
N ASP D 575 -58.77 -0.20 -44.08
CA ASP D 575 -57.89 0.74 -44.78
C ASP D 575 -56.54 0.65 -44.07
N LYS D 576 -56.56 0.81 -42.74
CA LYS D 576 -55.34 0.84 -41.91
C LYS D 576 -55.44 -0.01 -40.65
N ALA D 577 -54.38 -0.78 -40.40
CA ALA D 577 -54.12 -1.41 -39.11
C ALA D 577 -53.17 -0.54 -38.22
N VAL D 578 -53.51 -0.47 -36.94
CA VAL D 578 -52.70 0.17 -35.93
C VAL D 578 -52.28 -0.98 -35.03
N LEU D 579 -51.00 -1.33 -35.15
CA LEU D 579 -50.36 -2.45 -34.49
C LEU D 579 -49.49 -1.98 -33.28
N ILE D 580 -49.89 -2.31 -32.05
CA ILE D 580 -49.28 -1.82 -30.81
C ILE D 580 -48.51 -2.97 -30.14
N ILE D 581 -47.18 -2.86 -30.17
CA ILE D 581 -46.31 -3.90 -29.64
C ILE D 581 -45.31 -3.34 -28.57
N GLY D 582 -44.36 -4.18 -28.16
CA GLY D 582 -43.28 -3.69 -27.29
C GLY D 582 -42.96 -4.58 -26.13
N LEU D 583 -42.47 -3.97 -25.06
CA LEU D 583 -42.06 -4.74 -23.89
C LEU D 583 -42.91 -4.20 -22.82
N ASN D 584 -42.53 -4.44 -21.58
CA ASN D 584 -43.25 -3.88 -20.45
C ASN D 584 -42.36 -3.92 -19.22
N GLY D 585 -42.97 -3.63 -18.07
CA GLY D 585 -42.27 -3.43 -16.84
C GLY D 585 -41.81 -4.70 -16.16
N GLU D 586 -41.97 -5.83 -16.85
CA GLU D 586 -41.47 -7.10 -16.36
C GLU D 586 -40.32 -7.55 -17.22
N TRP D 587 -40.35 -7.21 -18.50
CA TRP D 587 -39.21 -7.44 -19.34
C TRP D 587 -38.03 -6.45 -18.98
N GLU D 588 -38.42 -5.23 -18.56
CA GLU D 588 -37.53 -4.11 -18.31
C GLU D 588 -37.81 -3.70 -16.87
N THR D 589 -36.94 -4.12 -15.95
CA THR D 589 -37.14 -3.85 -14.53
C THR D 589 -35.80 -3.81 -13.78
N GLU D 590 -35.79 -2.98 -12.75
CA GLU D 590 -34.81 -3.09 -11.71
C GLU D 590 -34.67 -4.57 -11.29
N GLY D 591 -33.43 -5.04 -11.06
CA GLY D 591 -33.26 -6.36 -10.51
C GLY D 591 -32.63 -7.31 -11.48
N TYR D 592 -32.91 -7.19 -12.78
CA TYR D 592 -32.16 -8.06 -13.67
C TYR D 592 -32.10 -7.41 -15.01
N ASP D 593 -31.16 -7.80 -15.85
CA ASP D 593 -31.06 -7.20 -17.13
C ASP D 593 -31.78 -8.08 -18.15
N ARG D 594 -32.03 -7.53 -19.34
CA ARG D 594 -32.63 -8.30 -20.40
C ARG D 594 -31.59 -9.29 -20.92
N GLU D 595 -32.08 -10.42 -21.42
CA GLU D 595 -31.17 -11.43 -22.00
C GLU D 595 -30.84 -11.15 -23.43
N ASN D 596 -31.77 -10.49 -24.13
CA ASN D 596 -31.55 -10.26 -25.53
C ASN D 596 -32.30 -9.01 -25.93
N MSE D 597 -32.14 -8.58 -27.16
CA MSE D 597 -32.85 -7.36 -27.60
C MSE D 597 -34.19 -7.68 -28.33
O MSE D 597 -34.77 -6.79 -28.97
CB MSE D 597 -31.92 -6.51 -28.48
CG MSE D 597 -31.76 -5.06 -28.10
SE MSE D 597 -30.47 -4.22 -29.24
CE MSE D 597 -31.47 -4.29 -30.99
N ASP D 598 -34.66 -8.94 -28.23
CA ASP D 598 -35.82 -9.43 -29.02
C ASP D 598 -37.20 -8.94 -28.49
N LEU D 599 -38.15 -8.76 -29.43
CA LEU D 599 -39.56 -8.59 -29.06
C LEU D 599 -40.00 -9.98 -28.64
N PRO D 600 -40.89 -10.09 -27.64
CA PRO D 600 -41.22 -11.37 -26.99
C PRO D 600 -42.18 -12.28 -27.80
N LYS D 601 -42.07 -13.58 -27.56
CA LYS D 601 -42.99 -14.61 -28.04
C LYS D 601 -43.24 -14.53 -29.52
N ARG D 602 -44.49 -14.30 -29.91
CA ARG D 602 -44.88 -14.34 -31.33
C ARG D 602 -45.14 -12.99 -31.97
N THR D 603 -44.75 -11.93 -31.25
CA THR D 603 -44.79 -10.57 -31.77
C THR D 603 -44.27 -10.41 -33.19
N ASN D 604 -43.10 -10.93 -33.47
CA ASN D 604 -42.48 -10.70 -34.78
C ASN D 604 -43.20 -11.45 -35.94
N GLU D 605 -43.73 -12.63 -35.62
CA GLU D 605 -44.56 -13.40 -36.54
C GLU D 605 -45.87 -12.65 -36.80
N LEU D 606 -46.47 -12.11 -35.74
CA LEU D 606 -47.68 -11.31 -35.84
C LEU D 606 -47.44 -10.10 -36.74
N VAL D 607 -46.34 -9.38 -36.49
CA VAL D 607 -46.03 -8.21 -37.27
C VAL D 607 -45.83 -8.62 -38.76
N ARG D 608 -45.06 -9.67 -39.00
CA ARG D 608 -44.75 -10.04 -40.37
C ARG D 608 -46.02 -10.30 -41.20
N ALA D 609 -46.95 -11.00 -40.57
CA ALA D 609 -48.16 -11.46 -41.21
C ALA D 609 -49.12 -10.28 -41.38
N VAL D 610 -49.11 -9.34 -40.43
CA VAL D 610 -49.97 -8.15 -40.55
C VAL D 610 -49.47 -7.20 -41.65
N LEU D 611 -48.16 -6.98 -41.74
CA LEU D 611 -47.58 -6.16 -42.81
C LEU D 611 -47.81 -6.73 -44.23
N LYS D 612 -47.91 -8.04 -44.32
CA LYS D 612 -48.05 -8.70 -45.61
C LYS D 612 -49.49 -8.50 -46.08
N ALA D 613 -50.43 -8.65 -45.14
CA ALA D 613 -51.85 -8.46 -45.36
C ALA D 613 -52.26 -7.01 -45.62
N ASN D 614 -51.64 -6.07 -44.91
CA ASN D 614 -51.94 -4.66 -45.09
C ASN D 614 -50.69 -3.79 -44.88
N PRO D 615 -49.98 -3.50 -45.98
CA PRO D 615 -48.78 -2.68 -45.83
C PRO D 615 -49.06 -1.27 -45.34
N ASN D 616 -50.32 -0.87 -45.19
CA ASN D 616 -50.64 0.46 -44.60
C ASN D 616 -50.88 0.37 -43.10
N THR D 617 -49.92 -0.21 -42.39
CA THR D 617 -50.04 -0.44 -40.95
C THR D 617 -49.09 0.55 -40.28
N VAL D 618 -49.56 1.19 -39.21
CA VAL D 618 -48.67 1.96 -38.34
C VAL D 618 -48.35 1.09 -37.13
N ILE D 619 -47.05 0.88 -36.90
CA ILE D 619 -46.61 0.10 -35.74
C ILE D 619 -46.27 1.08 -34.61
N VAL D 620 -46.85 0.84 -33.44
CA VAL D 620 -46.51 1.68 -32.31
C VAL D 620 -45.79 0.79 -31.29
N ASN D 621 -44.57 1.17 -30.95
CA ASN D 621 -43.78 0.33 -30.02
C ASN D 621 -43.61 0.98 -28.65
N GLN D 622 -43.91 0.23 -27.60
CA GLN D 622 -43.66 0.68 -26.22
C GLN D 622 -42.46 -0.09 -25.61
N SER D 623 -41.32 0.60 -25.45
CA SER D 623 -40.12 0.10 -24.70
C SER D 623 -39.28 1.26 -24.16
N GLY D 624 -38.40 0.94 -23.17
CA GLY D 624 -37.60 1.95 -22.51
C GLY D 624 -36.23 2.01 -23.15
N THR D 625 -35.91 0.94 -23.88
CA THR D 625 -34.61 0.75 -24.54
C THR D 625 -34.80 -0.02 -25.86
N PRO D 626 -33.72 -0.14 -26.67
CA PRO D 626 -33.95 -0.61 -28.01
C PRO D 626 -34.35 -2.07 -28.13
N VAL D 627 -35.17 -2.38 -29.15
CA VAL D 627 -35.51 -3.76 -29.51
C VAL D 627 -35.19 -3.97 -30.96
N GLU D 628 -34.87 -5.19 -31.34
CA GLU D 628 -34.62 -5.45 -32.76
C GLU D 628 -36.03 -5.46 -33.48
N PHE D 629 -36.12 -4.77 -34.61
CA PHE D 629 -37.32 -4.86 -35.47
C PHE D 629 -36.85 -5.57 -36.71
N PRO D 630 -36.96 -6.90 -36.76
CA PRO D 630 -36.31 -7.53 -37.92
C PRO D 630 -37.06 -7.37 -39.26
N TRP D 631 -38.34 -7.02 -39.18
CA TRP D 631 -39.25 -6.78 -40.32
C TRP D 631 -39.19 -5.33 -40.82
N LEU D 632 -38.26 -4.56 -40.26
CA LEU D 632 -38.21 -3.10 -40.39
C LEU D 632 -38.37 -2.57 -41.80
N GLU D 633 -37.74 -3.26 -42.74
CA GLU D 633 -37.71 -2.84 -44.13
C GLU D 633 -39.14 -2.76 -44.66
N ASP D 634 -40.03 -3.59 -44.12
CA ASP D 634 -41.42 -3.68 -44.53
C ASP D 634 -42.38 -2.87 -43.70
N ALA D 635 -41.90 -2.19 -42.67
CA ALA D 635 -42.76 -1.36 -41.85
C ALA D 635 -42.64 0.07 -42.35
N ASN D 636 -43.77 0.62 -42.82
CA ASN D 636 -43.74 1.87 -43.55
C ASN D 636 -44.05 3.01 -42.64
N ALA D 637 -44.66 2.69 -41.50
CA ALA D 637 -44.95 3.67 -40.46
C ALA D 637 -44.64 3.15 -39.02
N LEU D 638 -43.80 3.89 -38.28
CA LEU D 638 -43.14 3.39 -37.03
C LEU D 638 -43.01 4.52 -36.02
N VAL D 639 -43.63 4.28 -34.86
CA VAL D 639 -43.72 5.23 -33.75
C VAL D 639 -43.14 4.64 -32.44
N GLN D 640 -42.19 5.35 -31.82
CA GLN D 640 -41.63 4.88 -30.51
C GLN D 640 -42.34 5.66 -29.42
N ALA D 641 -43.15 5.01 -28.62
CA ALA D 641 -43.89 5.73 -27.63
C ALA D 641 -43.34 5.70 -26.20
N TRP D 642 -42.34 4.86 -25.97
CA TRP D 642 -41.75 4.60 -24.68
C TRP D 642 -42.80 4.07 -23.70
N TYR D 643 -42.75 4.51 -22.47
CA TYR D 643 -43.75 4.19 -21.47
C TYR D 643 -44.27 5.51 -20.98
N GLY D 644 -45.50 5.85 -21.35
CA GLY D 644 -45.91 7.22 -21.27
C GLY D 644 -46.66 7.66 -20.05
N GLY D 645 -46.68 6.86 -18.98
CA GLY D 645 -47.33 7.28 -17.74
C GLY D 645 -48.87 7.24 -17.82
N ASN D 646 -49.55 7.91 -16.92
CA ASN D 646 -51.02 7.90 -16.85
C ASN D 646 -51.70 8.14 -18.22
N GLU D 647 -51.18 9.11 -18.98
CA GLU D 647 -51.81 9.60 -20.21
C GLU D 647 -51.24 9.00 -21.48
N LEU D 648 -50.46 7.95 -21.33
CA LEU D 648 -49.76 7.37 -22.44
C LEU D 648 -50.69 7.13 -23.67
N GLY D 649 -51.86 6.55 -23.47
CA GLY D 649 -52.74 6.22 -24.58
C GLY D 649 -53.41 7.46 -25.23
N ASN D 650 -53.77 8.49 -24.46
CA ASN D 650 -54.22 9.74 -25.07
C ASN D 650 -53.09 10.47 -25.82
N ALA D 651 -51.85 10.21 -25.42
CA ALA D 651 -50.74 10.90 -26.10
C ALA D 651 -50.40 10.22 -27.41
N ILE D 652 -50.49 8.91 -27.41
CA ILE D 652 -50.31 8.15 -28.64
C ILE D 652 -51.42 8.58 -29.68
N ALA D 653 -52.67 8.63 -29.24
CA ALA D 653 -53.78 9.13 -30.08
C ALA D 653 -53.41 10.51 -30.64
N ASP D 654 -53.05 11.44 -29.75
CA ASP D 654 -52.71 12.80 -30.15
C ASP D 654 -51.75 12.88 -31.27
N VAL D 655 -50.73 12.01 -31.27
CA VAL D 655 -49.64 12.06 -32.25
C VAL D 655 -50.07 11.33 -33.54
N LEU D 656 -50.75 10.21 -33.39
CA LEU D 656 -51.25 9.45 -34.54
C LEU D 656 -52.16 10.35 -35.45
N TYR D 657 -53.07 11.07 -34.80
CA TYR D 657 -54.05 11.96 -35.44
C TYR D 657 -53.53 13.36 -35.73
N GLY D 658 -52.29 13.65 -35.32
CA GLY D 658 -51.71 14.93 -35.65
C GLY D 658 -52.29 16.06 -34.84
N ASP D 659 -53.03 15.75 -33.78
CA ASP D 659 -53.29 16.78 -32.79
C ASP D 659 -52.02 17.27 -32.05
N VAL D 660 -51.03 16.38 -31.88
CA VAL D 660 -49.68 16.85 -31.55
C VAL D 660 -48.83 16.47 -32.75
N VAL D 661 -48.10 17.40 -33.32
CA VAL D 661 -47.21 17.00 -34.42
C VAL D 661 -45.92 16.42 -33.82
N PRO D 662 -45.59 15.15 -34.13
CA PRO D 662 -44.51 14.37 -33.46
C PRO D 662 -43.25 15.24 -33.34
N ASN D 663 -42.73 15.37 -32.12
CA ASN D 663 -41.59 16.26 -31.93
C ASN D 663 -40.40 15.71 -31.06
N GLY D 664 -40.50 14.44 -30.66
CA GLY D 664 -39.43 13.72 -29.98
C GLY D 664 -38.24 13.41 -30.87
N LYS D 665 -37.05 13.31 -30.23
CA LYS D 665 -35.86 12.75 -30.89
C LYS D 665 -35.23 11.66 -30.02
N LEU D 666 -34.64 10.63 -30.62
CA LEU D 666 -34.17 9.49 -29.88
C LEU D 666 -33.06 9.95 -28.89
N SER D 667 -33.21 9.57 -27.64
CA SER D 667 -32.20 9.79 -26.59
C SER D 667 -31.16 8.67 -26.58
N LEU D 668 -31.39 7.66 -27.40
CA LEU D 668 -30.54 6.46 -27.42
C LEU D 668 -30.30 6.07 -28.88
N SER D 669 -29.11 5.57 -29.17
CA SER D 669 -28.84 4.83 -30.40
C SER D 669 -29.73 3.63 -30.48
N TRP D 670 -30.14 3.21 -31.69
CA TRP D 670 -31.02 2.01 -31.84
C TRP D 670 -30.34 1.08 -32.85
N PRO D 671 -29.50 0.15 -32.37
CA PRO D 671 -28.75 -0.59 -33.39
C PRO D 671 -29.62 -1.66 -34.04
N PHE D 672 -29.22 -2.13 -35.20
CA PHE D 672 -29.95 -3.22 -35.88
C PHE D 672 -30.04 -4.50 -35.03
N LYS D 673 -28.90 -4.91 -34.44
CA LYS D 673 -28.77 -6.22 -33.80
C LYS D 673 -28.03 -6.13 -32.48
N LEU D 674 -28.37 -6.98 -31.53
CA LEU D 674 -27.68 -6.98 -30.27
C LEU D 674 -26.15 -7.04 -30.39
N GLN D 675 -25.64 -7.84 -31.31
CA GLN D 675 -24.20 -8.00 -31.46
C GLN D 675 -23.49 -6.81 -32.02
N ASP D 676 -24.23 -5.81 -32.47
CA ASP D 676 -23.59 -4.62 -32.98
C ASP D 676 -23.18 -3.66 -31.84
N ASN D 677 -23.69 -3.88 -30.65
CA ASN D 677 -23.60 -2.84 -29.60
C ASN D 677 -22.23 -2.90 -28.91
N PRO D 678 -21.67 -1.75 -28.47
CA PRO D 678 -20.34 -1.72 -27.82
C PRO D 678 -20.13 -2.73 -26.67
N ALA D 679 -21.21 -2.98 -25.94
CA ALA D 679 -21.15 -3.77 -24.72
C ALA D 679 -21.70 -5.17 -24.93
N PHE D 680 -21.68 -5.65 -26.17
CA PHE D 680 -22.17 -7.01 -26.42
C PHE D 680 -21.52 -8.05 -25.50
N LEU D 681 -20.20 -8.01 -25.41
CA LEU D 681 -19.48 -9.06 -24.66
C LEU D 681 -19.21 -8.79 -23.13
N ASN D 682 -19.61 -7.63 -22.63
CA ASN D 682 -19.26 -7.28 -21.26
C ASN D 682 -20.41 -6.52 -20.62
N PHE D 683 -21.60 -7.12 -20.71
CA PHE D 683 -22.75 -6.55 -20.07
C PHE D 683 -23.34 -7.57 -19.09
N LYS D 684 -22.46 -8.11 -18.27
CA LYS D 684 -22.80 -9.10 -17.30
C LYS D 684 -21.75 -8.99 -16.17
N THR D 685 -22.12 -9.30 -14.95
CA THR D 685 -21.13 -9.33 -13.88
C THR D 685 -20.51 -10.74 -13.93
N GLU D 686 -19.21 -10.79 -14.22
CA GLU D 686 -18.47 -12.05 -14.34
C GLU D 686 -17.32 -11.99 -13.34
N PHE D 687 -17.18 -13.03 -12.51
CA PHE D 687 -16.18 -13.01 -11.43
C PHE D 687 -16.30 -11.72 -10.59
N GLY D 688 -17.55 -11.29 -10.39
CA GLY D 688 -17.84 -10.06 -9.64
C GLY D 688 -17.52 -8.77 -10.42
N ARG D 689 -17.15 -8.85 -11.68
CA ARG D 689 -16.74 -7.60 -12.33
C ARG D 689 -17.33 -7.35 -13.72
N VAL D 690 -17.31 -6.08 -14.12
CA VAL D 690 -17.72 -5.67 -15.44
C VAL D 690 -16.62 -4.77 -15.98
N ILE D 691 -15.90 -5.23 -17.00
CA ILE D 691 -14.90 -4.36 -17.60
C ILE D 691 -15.51 -3.45 -18.68
N TYR D 692 -15.44 -2.12 -18.49
CA TYR D 692 -15.92 -1.15 -19.50
C TYR D 692 -14.96 -0.99 -20.66
N GLY D 693 -14.95 -2.00 -21.53
CA GLY D 693 -13.92 -2.12 -22.58
C GLY D 693 -13.99 -1.11 -23.68
N GLU D 694 -15.19 -0.57 -23.92
CA GLU D 694 -15.38 0.44 -24.96
C GLU D 694 -14.90 1.85 -24.49
N ASP D 695 -14.62 1.96 -23.18
CA ASP D 695 -14.11 3.22 -22.66
C ASP D 695 -15.07 4.40 -22.96
N ILE D 696 -14.59 5.49 -23.53
CA ILE D 696 -15.48 6.63 -23.79
C ILE D 696 -16.42 6.40 -24.98
N PHE D 697 -16.15 5.37 -25.75
CA PHE D 697 -16.96 5.09 -26.95
C PHE D 697 -18.24 4.36 -26.62
N VAL D 698 -19.20 5.12 -26.12
CA VAL D 698 -20.50 4.63 -25.69
C VAL D 698 -21.57 5.25 -26.64
N GLY D 699 -22.56 4.46 -27.03
CA GLY D 699 -23.70 5.00 -27.85
C GLY D 699 -23.18 5.51 -29.16
N TYR D 700 -23.67 6.66 -29.54
CA TYR D 700 -23.35 7.15 -30.86
C TYR D 700 -21.83 7.38 -31.01
N ARG D 701 -21.14 7.60 -29.90
CA ARG D 701 -19.67 7.79 -29.94
C ARG D 701 -19.07 6.50 -30.45
N TYR D 702 -19.68 5.38 -30.14
CA TYR D 702 -19.17 4.09 -30.64
C TYR D 702 -19.49 3.85 -32.11
N TYR D 703 -20.78 3.94 -32.46
CA TYR D 703 -21.25 3.66 -33.83
C TYR D 703 -20.58 4.60 -34.83
N GLU D 704 -20.44 5.87 -34.49
CA GLU D 704 -19.75 6.72 -35.41
C GLU D 704 -18.30 6.44 -35.61
N LYS D 705 -17.60 6.11 -34.53
CA LYS D 705 -16.20 5.78 -34.59
C LYS D 705 -15.96 4.50 -35.41
N LEU D 706 -16.84 3.53 -35.30
CA LEU D 706 -16.69 2.31 -36.08
C LEU D 706 -17.32 2.50 -37.49
N GLN D 707 -18.00 3.60 -37.74
CA GLN D 707 -18.78 3.74 -38.97
C GLN D 707 -19.72 2.54 -39.14
N ARG D 708 -20.43 2.20 -38.06
CA ARG D 708 -21.34 1.06 -38.03
C ARG D 708 -22.72 1.64 -38.13
N LYS D 709 -23.47 1.22 -39.15
CA LYS D 709 -24.83 1.77 -39.35
C LYS D 709 -25.76 1.24 -38.33
N VAL D 710 -26.70 2.05 -37.91
CA VAL D 710 -27.68 1.61 -36.91
C VAL D 710 -29.06 1.75 -37.52
N ALA D 711 -30.10 1.13 -36.92
CA ALA D 711 -31.43 1.28 -37.45
C ALA D 711 -31.85 2.72 -37.31
N PHE D 712 -31.69 3.30 -36.13
CA PHE D 712 -31.94 4.74 -35.96
C PHE D 712 -30.90 5.35 -35.03
N PRO D 713 -30.36 6.52 -35.41
CA PRO D 713 -29.24 7.17 -34.70
C PRO D 713 -29.69 8.07 -33.56
N PHE D 714 -28.79 8.31 -32.63
CA PHE D 714 -29.10 9.23 -31.53
C PHE D 714 -29.60 10.57 -32.08
N GLY D 715 -30.58 11.19 -31.45
CA GLY D 715 -31.07 12.51 -31.88
C GLY D 715 -32.01 12.55 -33.11
N TYR D 716 -32.40 11.36 -33.61
CA TYR D 716 -33.25 11.21 -34.78
C TYR D 716 -34.72 11.19 -34.45
N GLY D 717 -35.50 11.96 -35.20
CA GLY D 717 -36.97 11.85 -35.15
C GLY D 717 -37.56 12.63 -36.33
N LEU D 718 -38.75 12.22 -36.80
CA LEU D 718 -39.41 12.80 -37.97
C LEU D 718 -40.46 13.76 -37.45
N SER D 719 -41.01 14.57 -38.36
CA SER D 719 -42.15 15.46 -38.11
C SER D 719 -43.25 15.22 -39.20
N TYR D 720 -44.40 15.89 -39.10
CA TYR D 720 -45.37 15.91 -40.24
C TYR D 720 -45.15 17.14 -41.10
N THR D 721 -44.07 17.86 -40.79
CA THR D 721 -43.60 18.99 -41.58
C THR D 721 -42.12 18.79 -41.89
N THR D 722 -41.54 19.69 -42.68
CA THR D 722 -40.12 19.66 -43.03
C THR D 722 -39.51 20.93 -42.46
N PHE D 723 -38.19 20.95 -42.26
CA PHE D 723 -37.54 22.12 -41.67
C PHE D 723 -36.25 22.29 -42.38
N GLU D 724 -35.65 23.47 -42.31
CA GLU D 724 -34.33 23.66 -42.85
C GLU D 724 -33.63 24.65 -41.91
N LEU D 725 -32.32 24.55 -41.80
CA LEU D 725 -31.62 25.50 -40.92
C LEU D 725 -30.30 26.00 -41.49
N ASP D 726 -29.92 27.19 -41.03
CA ASP D 726 -28.64 27.78 -41.41
C ASP D 726 -27.99 28.34 -40.16
N ILE D 727 -26.69 28.22 -40.06
CA ILE D 727 -25.95 29.00 -39.07
C ILE D 727 -25.87 30.41 -39.63
N SER D 728 -26.40 31.37 -38.91
CA SER D 728 -26.36 32.74 -39.30
C SER D 728 -25.44 33.64 -38.50
N ASP D 729 -24.87 33.14 -37.45
CA ASP D 729 -23.86 33.87 -36.72
C ASP D 729 -22.98 32.87 -35.97
N PHE D 730 -21.69 33.13 -35.92
CA PHE D 730 -20.81 32.30 -35.19
C PHE D 730 -19.71 33.16 -34.70
N LYS D 731 -19.56 33.30 -33.40
CA LYS D 731 -18.45 34.08 -32.84
C LYS D 731 -17.77 33.30 -31.71
N VAL D 732 -16.44 33.27 -31.74
CA VAL D 732 -15.70 32.69 -30.63
C VAL D 732 -14.89 33.76 -29.90
N THR D 733 -15.13 33.90 -28.60
CA THR D 733 -14.24 34.68 -27.70
C THR D 733 -13.28 33.72 -26.92
N ASP D 734 -12.24 34.28 -26.29
CA ASP D 734 -11.24 33.44 -25.61
C ASP D 734 -11.92 32.45 -24.66
N ASP D 735 -13.21 32.67 -24.44
CA ASP D 735 -13.87 32.17 -23.27
C ASP D 735 -15.20 31.50 -23.59
N LYS D 736 -15.81 31.92 -24.69
CA LYS D 736 -17.23 31.59 -24.96
C LYS D 736 -17.49 31.40 -26.46
N ILE D 737 -18.44 30.53 -26.78
CA ILE D 737 -18.82 30.27 -28.16
C ILE D 737 -20.28 30.73 -28.36
N ALA D 738 -20.51 31.59 -29.34
CA ALA D 738 -21.87 32.10 -29.61
C ALA D 738 -22.35 31.62 -30.98
N ILE D 739 -23.43 30.85 -31.03
CA ILE D 739 -23.91 30.38 -32.31
C ILE D 739 -25.33 30.83 -32.49
N SER D 740 -25.66 31.33 -33.67
CA SER D 740 -27.05 31.60 -34.00
C SER D 740 -27.48 30.69 -35.09
N VAL D 741 -28.69 30.17 -34.96
CA VAL D 741 -29.20 29.26 -35.98
C VAL D 741 -30.59 29.66 -36.42
N ASP D 742 -30.78 29.79 -37.74
CA ASP D 742 -32.10 30.11 -38.30
C ASP D 742 -32.79 28.83 -38.68
N VAL D 743 -33.99 28.64 -38.19
CA VAL D 743 -34.72 27.45 -38.44
C VAL D 743 -36.03 27.89 -39.11
N LYS D 744 -36.37 27.25 -40.23
CA LYS D 744 -37.66 27.52 -40.89
C LYS D 744 -38.52 26.28 -41.11
N ASN D 745 -39.79 26.38 -40.78
CA ASN D 745 -40.75 25.34 -41.14
C ASN D 745 -41.14 25.53 -42.61
N THR D 746 -40.55 24.72 -43.48
CA THR D 746 -40.71 24.85 -44.93
C THR D 746 -41.83 23.96 -45.48
N GLY D 747 -42.86 23.69 -44.69
CA GLY D 747 -44.01 22.95 -45.17
C GLY D 747 -45.19 23.91 -45.16
N ASP D 748 -46.35 23.44 -45.59
CA ASP D 748 -47.52 24.35 -45.71
C ASP D 748 -48.75 23.91 -44.98
N LYS D 749 -48.71 22.77 -44.29
CA LYS D 749 -49.88 22.29 -43.57
C LYS D 749 -49.78 22.33 -42.04
N PHE D 750 -48.71 21.73 -41.49
CA PHE D 750 -48.52 21.58 -40.00
C PHE D 750 -47.53 22.53 -39.35
N ALA D 751 -47.98 23.16 -38.28
CA ALA D 751 -47.11 23.78 -37.29
C ALA D 751 -46.29 22.61 -36.64
N GLY D 752 -45.12 22.94 -36.07
CA GLY D 752 -44.29 21.95 -35.38
C GLY D 752 -42.96 22.41 -34.80
N SER D 753 -42.34 21.56 -33.97
CA SER D 753 -41.07 21.90 -33.30
C SER D 753 -39.94 21.09 -33.89
N GLU D 754 -38.81 21.74 -34.08
CA GLU D 754 -37.59 21.06 -34.54
C GLU D 754 -36.57 21.18 -33.41
N VAL D 755 -35.61 20.25 -33.36
CA VAL D 755 -34.62 20.25 -32.28
C VAL D 755 -33.28 20.49 -32.89
N VAL D 756 -32.70 21.65 -32.62
CA VAL D 756 -31.38 21.95 -33.19
C VAL D 756 -30.34 21.32 -32.21
N GLN D 757 -29.36 20.62 -32.79
CA GLN D 757 -28.35 19.87 -32.04
C GLN D 757 -27.03 20.39 -32.46
N VAL D 758 -26.20 20.73 -31.49
CA VAL D 758 -24.89 21.29 -31.74
C VAL D 758 -23.81 20.32 -31.26
N TYR D 759 -22.94 19.94 -32.19
CA TYR D 759 -21.88 18.95 -31.92
C TYR D 759 -20.54 19.59 -32.13
N PHE D 760 -19.52 19.12 -31.42
CA PHE D 760 -18.16 19.56 -31.64
C PHE D 760 -17.23 18.44 -31.93
N SER D 761 -16.17 18.73 -32.70
CA SER D 761 -15.14 17.73 -33.04
C SER D 761 -13.79 18.39 -32.90
N ALA D 762 -12.83 17.67 -32.31
CA ALA D 762 -11.45 18.07 -32.28
C ALA D 762 -10.81 17.45 -33.51
N LEU D 763 -10.24 18.28 -34.37
CA LEU D 763 -9.79 17.79 -35.69
C LEU D 763 -8.33 17.24 -35.70
N ASN D 764 -7.41 17.85 -34.98
CA ASN D 764 -6.07 17.24 -34.85
C ASN D 764 -5.58 17.06 -33.42
N SER D 765 -6.44 16.44 -32.59
CA SER D 765 -6.09 16.08 -31.22
C SER D 765 -4.96 15.07 -31.18
N LYS D 766 -4.15 15.18 -30.12
CA LYS D 766 -3.15 14.19 -29.84
C LYS D 766 -3.72 12.90 -29.27
N VAL D 767 -5.00 12.91 -28.97
CA VAL D 767 -5.62 11.86 -28.20
C VAL D 767 -6.78 11.33 -29.08
N SER D 768 -7.09 10.04 -29.02
CA SER D 768 -8.22 9.52 -29.77
C SER D 768 -9.47 10.17 -29.19
N ARG D 769 -10.35 10.74 -30.04
CA ARG D 769 -11.62 11.29 -29.59
C ARG D 769 -12.77 10.65 -30.35
N PRO D 770 -14.02 10.86 -29.87
CA PRO D 770 -15.19 10.52 -30.69
C PRO D 770 -15.23 11.45 -31.89
N VAL D 771 -15.84 11.02 -32.98
CA VAL D 771 -15.97 11.83 -34.18
C VAL D 771 -16.59 13.20 -33.85
N LYS D 772 -17.64 13.19 -33.02
CA LYS D 772 -18.24 14.43 -32.53
C LYS D 772 -19.09 14.19 -31.29
N GLU D 773 -19.33 15.27 -30.57
CA GLU D 773 -20.04 15.18 -29.29
C GLU D 773 -21.05 16.28 -29.14
N LEU D 774 -22.25 15.92 -28.70
CA LEU D 774 -23.33 16.87 -28.43
C LEU D 774 -22.96 17.77 -27.24
N LYS D 775 -23.03 19.10 -27.47
CA LYS D 775 -22.68 20.07 -26.47
C LYS D 775 -23.70 21.18 -26.34
N GLY D 776 -24.78 21.13 -27.10
CA GLY D 776 -25.82 22.17 -27.06
C GLY D 776 -27.01 21.67 -27.87
N PHE D 777 -28.20 22.13 -27.48
CA PHE D 777 -29.41 21.86 -28.21
C PHE D 777 -30.49 22.90 -27.86
N GLU D 778 -31.41 23.17 -28.80
CA GLU D 778 -32.56 24.02 -28.58
C GLU D 778 -33.71 23.47 -29.36
N LYS D 779 -34.89 23.55 -28.78
CA LYS D 779 -36.11 23.13 -29.43
C LYS D 779 -36.87 24.45 -29.77
N VAL D 780 -37.37 24.56 -31.02
CA VAL D 780 -38.00 25.79 -31.57
C VAL D 780 -39.35 25.43 -32.25
N HIS D 781 -40.44 26.12 -31.92
CA HIS D 781 -41.75 25.82 -32.52
C HIS D 781 -42.05 26.79 -33.67
N LEU D 782 -42.38 26.25 -34.83
CA LEU D 782 -42.56 27.05 -36.05
C LEU D 782 -43.85 26.69 -36.76
N GLU D 783 -44.70 27.70 -36.95
CA GLU D 783 -45.86 27.65 -37.86
C GLU D 783 -45.40 27.47 -39.33
N PRO D 784 -46.29 26.96 -40.24
CA PRO D 784 -45.83 26.76 -41.65
C PRO D 784 -45.24 28.05 -42.27
N GLY D 785 -44.12 27.93 -42.97
CA GLY D 785 -43.37 29.08 -43.41
C GLY D 785 -42.62 29.96 -42.40
N GLU D 786 -42.91 29.84 -41.09
CA GLU D 786 -42.25 30.65 -40.06
C GLU D 786 -40.74 30.41 -39.95
N LYS D 787 -40.04 31.43 -39.50
CA LYS D 787 -38.60 31.38 -39.38
C LYS D 787 -38.23 32.00 -38.06
N LYS D 788 -37.22 31.42 -37.41
CA LYS D 788 -36.79 31.93 -36.13
C LYS D 788 -35.30 31.74 -36.00
N THR D 789 -34.73 32.56 -35.14
CA THR D 789 -33.34 32.51 -34.85
C THR D 789 -33.20 32.01 -33.43
N VAL D 790 -32.46 30.92 -33.25
CA VAL D 790 -32.15 30.44 -31.87
C VAL D 790 -30.68 30.74 -31.55
N ASN D 791 -30.45 31.15 -30.32
CA ASN D 791 -29.11 31.53 -29.89
C ASN D 791 -28.56 30.49 -28.93
N ILE D 792 -27.38 29.97 -29.24
CA ILE D 792 -26.72 29.02 -28.36
C ILE D 792 -25.39 29.65 -27.90
N ASP D 793 -25.26 29.80 -26.58
CA ASP D 793 -24.05 30.34 -25.97
C ASP D 793 -23.45 29.28 -25.03
N LEU D 794 -22.12 29.11 -25.05
CA LEU D 794 -21.50 28.05 -24.21
C LEU D 794 -20.07 28.37 -23.89
N GLU D 795 -19.56 27.94 -22.73
CA GLU D 795 -18.15 28.23 -22.48
C GLU D 795 -17.32 27.18 -23.21
N LEU D 796 -16.18 27.59 -23.78
CA LEU D 796 -15.29 26.73 -24.50
C LEU D 796 -14.90 25.50 -23.72
N LYS D 797 -14.42 25.67 -22.48
CA LYS D 797 -13.92 24.52 -21.78
C LYS D 797 -15.02 23.46 -21.68
N ASP D 798 -16.25 23.83 -21.57
CA ASP D 798 -17.19 22.73 -21.42
C ASP D 798 -17.63 22.14 -22.77
N ALA D 799 -17.23 22.77 -23.87
CA ALA D 799 -17.58 22.26 -25.19
C ALA D 799 -16.54 21.36 -25.83
N ILE D 800 -15.25 21.60 -25.59
CA ILE D 800 -14.20 20.89 -26.32
C ILE D 800 -13.11 20.28 -25.44
N SER D 801 -13.34 20.22 -24.13
CA SER D 801 -12.36 19.56 -23.27
C SER D 801 -12.39 18.04 -23.45
N TYR D 802 -11.26 17.38 -23.25
CA TYR D 802 -11.34 15.94 -22.92
C TYR D 802 -10.67 15.80 -21.55
N PHE D 803 -10.87 14.63 -20.91
CA PHE D 803 -10.19 14.39 -19.65
C PHE D 803 -8.86 13.70 -19.87
N ASN D 804 -7.78 14.35 -19.44
CA ASN D 804 -6.44 13.81 -19.64
C ASN D 804 -6.16 13.01 -18.40
N GLU D 805 -6.33 11.71 -18.55
CA GLU D 805 -6.21 10.73 -17.49
C GLU D 805 -4.77 10.69 -16.98
N GLU D 806 -3.77 10.90 -17.82
CA GLU D 806 -2.39 10.86 -17.33
C GLU D 806 -2.07 12.04 -16.40
N LEU D 807 -2.54 13.25 -16.75
CA LEU D 807 -2.30 14.39 -15.91
C LEU D 807 -3.37 14.57 -14.83
N GLY D 808 -4.50 13.86 -14.95
CA GLY D 808 -5.49 13.94 -13.91
C GLY D 808 -6.26 15.26 -14.00
N LYS D 809 -6.31 15.87 -15.19
CA LYS D 809 -7.02 17.17 -15.38
C LYS D 809 -7.74 17.22 -16.72
N TRP D 810 -8.79 18.00 -16.80
CA TRP D 810 -9.44 18.30 -18.04
C TRP D 810 -8.52 19.12 -18.91
N HIS D 811 -8.64 18.96 -20.23
CA HIS D 811 -7.69 19.65 -21.10
C HIS D 811 -8.39 20.27 -22.30
N VAL D 812 -8.41 21.60 -22.37
CA VAL D 812 -8.68 22.34 -23.62
C VAL D 812 -7.41 22.36 -24.45
N GLU D 813 -7.37 21.54 -25.47
CA GLU D 813 -6.17 21.38 -26.28
C GLU D 813 -6.10 22.45 -27.40
N ALA D 814 -4.93 23.05 -27.65
CA ALA D 814 -4.70 23.96 -28.83
C ALA D 814 -5.01 23.23 -30.15
N GLY D 815 -5.63 23.89 -31.11
CA GLY D 815 -5.80 23.27 -32.42
C GLY D 815 -7.11 23.70 -33.01
N GLU D 816 -7.57 22.95 -34.00
CA GLU D 816 -8.74 23.27 -34.77
C GLU D 816 -9.87 22.38 -34.40
N TYR D 817 -11.02 22.96 -34.34
CA TYR D 817 -12.25 22.33 -33.96
C TYR D 817 -13.35 22.61 -34.97
N LEU D 818 -14.27 21.68 -35.07
CA LEU D 818 -15.40 21.81 -35.97
C LEU D 818 -16.71 21.79 -35.21
N VAL D 819 -17.62 22.73 -35.49
CA VAL D 819 -18.95 22.62 -34.97
C VAL D 819 -19.94 22.21 -36.02
N SER D 820 -20.76 21.22 -35.67
CA SER D 820 -21.76 20.64 -36.54
C SER D 820 -23.14 20.92 -35.98
N VAL D 821 -24.02 21.48 -36.78
CA VAL D 821 -25.37 21.79 -36.35
C VAL D 821 -26.31 21.00 -37.22
N GLY D 822 -27.23 20.30 -36.57
CA GLY D 822 -28.16 19.47 -37.30
C GLY D 822 -29.36 19.11 -36.50
N THR D 823 -30.11 18.16 -37.03
CA THR D 823 -31.37 17.77 -36.47
C THR D 823 -31.32 16.33 -36.05
N SER D 824 -30.14 15.69 -36.12
CA SER D 824 -29.87 14.40 -35.45
C SER D 824 -28.38 14.24 -35.50
N SER D 825 -27.82 13.17 -34.92
CA SER D 825 -26.36 12.95 -34.93
C SER D 825 -25.86 12.61 -36.31
N ASP D 826 -26.80 12.13 -37.13
CA ASP D 826 -26.51 11.67 -38.48
C ASP D 826 -27.12 12.63 -39.54
N ASP D 827 -27.48 13.86 -39.17
CA ASP D 827 -28.17 14.79 -40.07
C ASP D 827 -27.63 16.20 -39.84
N ILE D 828 -26.37 16.38 -40.14
CA ILE D 828 -25.68 17.65 -39.96
C ILE D 828 -25.95 18.53 -41.21
N LEU D 829 -26.31 19.80 -41.01
CA LEU D 829 -26.80 20.63 -42.09
C LEU D 829 -25.93 21.84 -42.33
N SER D 830 -25.00 22.10 -41.42
CA SER D 830 -24.20 23.32 -41.43
C SER D 830 -23.02 23.15 -40.47
N VAL D 831 -21.83 23.52 -40.88
CA VAL D 831 -20.66 23.38 -40.03
C VAL D 831 -19.89 24.70 -39.97
N LYS D 832 -19.14 24.87 -38.90
CA LYS D 832 -18.21 25.99 -38.77
C LYS D 832 -16.92 25.55 -38.04
N GLU D 833 -15.83 26.22 -38.36
CA GLU D 833 -14.58 25.85 -37.81
C GLU D 833 -14.04 27.04 -37.02
N PHE D 834 -13.21 26.74 -36.01
CA PHE D 834 -12.50 27.75 -35.25
C PHE D 834 -11.21 27.16 -34.74
N LYS D 835 -10.30 28.04 -34.36
CA LYS D 835 -8.95 27.58 -33.97
C LYS D 835 -8.72 27.97 -32.52
N VAL D 836 -8.16 27.08 -31.70
CA VAL D 836 -7.81 27.50 -30.33
C VAL D 836 -6.32 27.68 -30.24
N GLU D 837 -5.87 28.87 -29.88
CA GLU D 837 -4.42 29.15 -29.88
C GLU D 837 -3.73 28.62 -28.63
N LYS D 838 -4.33 28.88 -27.47
CA LYS D 838 -3.67 28.60 -26.20
C LYS D 838 -4.40 27.49 -25.39
N GLU D 839 -3.64 26.47 -24.99
CA GLU D 839 -4.19 25.37 -24.22
C GLU D 839 -4.58 25.77 -22.79
N LEU D 840 -5.56 25.05 -22.20
CA LEU D 840 -5.94 25.20 -20.79
C LEU D 840 -6.18 23.85 -20.14
N TYR D 841 -5.68 23.72 -18.90
CA TYR D 841 -5.93 22.56 -18.05
C TYR D 841 -6.81 23.04 -16.89
N TRP D 842 -7.77 22.22 -16.47
CA TRP D 842 -8.68 22.63 -15.43
C TRP D 842 -9.27 21.45 -14.65
N LYS D 843 -9.72 21.75 -13.44
CA LYS D 843 -10.46 20.78 -12.60
C LYS D 843 -11.68 21.44 -12.04
N GLY D 844 -12.60 20.66 -11.50
CA GLY D 844 -13.77 21.26 -10.89
C GLY D 844 -14.95 21.39 -11.80
N LEU D 845 -15.67 22.48 -11.60
CA LEU D 845 -16.95 22.64 -12.23
C LEU D 845 -16.80 23.47 -13.50
C1 GOL E . 30.97 16.61 2.71
O1 GOL E . 32.16 16.48 3.44
C2 GOL E . 29.71 16.35 3.55
O2 GOL E . 29.71 15.02 4.08
C3 GOL E . 29.76 17.25 4.77
O3 GOL E . 28.96 18.38 4.60
C1 GOL F . 49.32 16.94 5.03
O1 GOL F . 48.82 15.69 4.64
C2 GOL F . 49.15 17.93 3.95
O2 GOL F . 49.85 17.43 2.83
C3 GOL F . 47.74 17.67 3.59
O3 GOL F . 47.16 18.91 3.58
C1 GOL G . 24.96 28.04 39.83
O1 GOL G . 26.03 28.22 40.72
C2 GOL G . 25.58 28.07 38.43
O2 GOL G . 26.26 29.30 38.23
C3 GOL G . 24.48 27.87 37.39
O3 GOL G . 25.02 27.82 36.05
C1 GOL H . 18.11 35.83 4.58
O1 GOL H . 18.66 35.46 5.85
C2 GOL H . 17.06 34.86 4.01
O2 GOL H . 15.83 35.45 3.62
C3 GOL H . 17.64 34.09 2.82
O3 GOL H . 17.11 34.52 1.59
C1 GOL I . -14.64 -11.91 30.93
O1 GOL I . -14.32 -11.57 32.23
C2 GOL I . -13.49 -11.58 29.99
O2 GOL I . -12.52 -10.66 30.47
C3 GOL I . -12.77 -12.88 29.72
O3 GOL I . -12.04 -13.31 30.81
C1 GOL J . -23.68 -10.77 45.60
O1 GOL J . -23.49 -12.17 45.69
C2 GOL J . -24.00 -10.22 46.97
O2 GOL J . -23.54 -11.07 47.99
C3 GOL J . -23.37 -8.85 47.14
O3 GOL J . -22.86 -8.33 45.92
C1 GOL K . 17.75 -7.42 -29.31
O1 GOL K . 17.84 -6.83 -30.62
C2 GOL K . 16.34 -7.29 -28.68
O2 GOL K . 15.73 -6.10 -29.14
C3 GOL K . 15.40 -8.40 -29.14
O3 GOL K . 16.14 -9.59 -29.01
C1 GOL L . -34.22 3.69 -4.98
O1 GOL L . -34.54 5.02 -4.67
C2 GOL L . -34.10 3.06 -3.58
O2 GOL L . -33.86 1.69 -3.82
C3 GOL L . -35.42 3.24 -2.81
O3 GOL L . -36.33 2.25 -3.26
#